data_7U9V
#
_entry.id   7U9V
#
_cell.length_a   257.796
_cell.length_b   143.887
_cell.length_c   104.678
_cell.angle_alpha   90.000
_cell.angle_beta   90.000
_cell.angle_gamma   90.000
#
_symmetry.space_group_name_H-M   'P 21 21 2'
#
loop_
_entity.id
_entity.type
_entity.pdbx_description
1 polymer 'Integrin alpha-IIb'
2 polymer 'Integrin beta-3'
3 polymer '10E5 Fab heavy chain'
4 polymer '10E5 light chain'
5 branched alpha-D-mannopyranose-(1-3)-[alpha-D-mannopyranose-(1-6)]beta-D-mannopyranose-(1-4)-2-acetamido-2-deoxy-beta-D-glucopyranose-(1-4)-2-acetamido-2-deoxy-beta-D-glucopyranose
6 branched 2-acetamido-2-deoxy-beta-D-glucopyranose-(1-4)-2-acetamido-2-deoxy-beta-D-glucopyranose
7 branched alpha-D-mannopyranose-(1-3)-beta-D-mannopyranose-(1-4)-2-acetamido-2-deoxy-beta-D-glucopyranose-(1-4)-2-acetamido-2-deoxy-beta-D-glucopyranose
8 non-polymer 'SULFATE ION'
9 non-polymer 'CALCIUM ION'
10 non-polymer 'MANGANESE (II) ION'
11 non-polymer 2-acetamido-2-deoxy-beta-D-glucopyranose
12 non-polymer '(4-{[(5S)-3-(4-carbamimidoylphenyl)-4,5-dihydro-1,2-oxazol-5-yl]methyl}piperazin-1-yl)acetic acid'
13 non-polymer 'CHLORIDE ION'
14 water water
#
loop_
_entity_poly.entity_id
_entity_poly.type
_entity_poly.pdbx_seq_one_letter_code
_entity_poly.pdbx_strand_id
1 'polypeptide(L)'
;LNLDPVQLTFYAGPNGSQFGFSLDFHKDSHGRVAIVVGAPRTLGPSQEETGGVFLCPWRAEGGQCPSLLFDLRDETRNVG
SQTLQTFKARQGLGASVVSWSDVIVACAPWQHWNVLEKTEEAEKTPVGSCFLAQPESGRRAEYSPCRGNTLSRIYVENDF
SWDKRYCEAGFSSVVTQAGELVLGAPGGYYFLGLLAQAPVADIFSSYRPGILLWHVSSQSLSFDSSNPEYFDGYWGYSVA
VGEFDGDLNTTEYVVGAPTWSWTLGAVEILDSYYQRLHRLRGEQMASYFGHSVAVTDVNGDGRHDLLVGAPLYMESRADR
KLAEVGRVYLFLQPRGPHALGAPSLLLTGTQLYGRFGSAIAPLGDLDRDGYNDIAVAAPYGGPSGRGQVLVFLGQSEGLR
SRPSQVLDSPFPTGSAFGFSLRGAVDIDDNGYPDLIVGAYGANQVAVYRAQPVV
;
A,C
2 'polypeptide(L)'
;GPNICTTRGVSSCQQCLAVSPMCAWCSDEALPLGSPRCDLKENLLKDNCAPESIEFPVSEARVLEDRPLSDKGSGDSSQV
TQVSPQRIALRLRPDDSKNFSIQVRQVEDYPVDIYYLMDLSYSMKDDLWSIQNLGTKLATQMRKLTSNLRIGFGAFVDKP
VSPYMYISPPEALENPCYDMKTTCLPMFGYKHVLTLTDQVTRFNEEVKKQSVSRNRDAPEGGFDAIMQATVCDEKIGWRN
DASHLLVFTTDAKTHIALDGRLAGIVQPNDGQCHVGSDNHYSASTTMDYPSLGLMTEKLSQKNINLIFAVTENVVNLYQN
YSELIPGTTVGVLSMDSSNVLQLIVDAYGKIRSKVELEVRDLPEELSLSFNATCLNNEVIPGLKSCMGLKIGDTVSFSIE
AKVRGCPQEKEKSFTIKPVGFKDSLIVQVTFDCDCACQAQAEPNSHRCNNGNGTFECGVCRCGPGWLGSQC
;
B,D
3 'polypeptide(L)'
;EVQLQQSGAELVKPGASVKLSCTASGFNIKDTYVHWVKQRPEQGLEWIGRIDPANGYTKYDPKFQGKATITADTSSNTAY
LQLSSLTSEDTAVYYCVRPLYDYYAMDYWGQGTSVTVSSAKTTAPSVYPLAPVCTGSSVTLGCLVKGYFPEPVTLTWNSG
SLSSGVHTFPAVLQSDLYTLSSSVTVTSSTWPSQSITCNVAHPASSTKVDKKIEPR
;
E,H
4 'polypeptide(L)'
;DILMTQSPSSMSVSLGDTVSITCHASQGISSNIGWLQQKPGKSFMGLIYYGTNLVDGVPSRFSGSGSGADYSLTISSLDS
EDFADYYCVQYAQLPYTFGGGTKLEIKRADAAPTVSIFPPSSEQLTSGGASVVCFLNNFYPKDINVKWKIDGSERQNGVL
NSWTDQDSKDSTYSMSSTLTLTKDEYERHNSYTCEATHKTSTSPIVKSFNRNEC
;
F,L
#
# COMPACT_ATOMS: atom_id res chain seq x y z
N LEU A 1 16.65 -8.39 44.48
CA LEU A 1 17.90 -8.50 45.23
C LEU A 1 17.66 -8.96 46.66
N ASN A 2 16.73 -8.29 47.35
CA ASN A 2 16.55 -8.46 48.78
C ASN A 2 15.18 -9.02 49.14
N LEU A 3 14.57 -9.77 48.22
CA LEU A 3 13.40 -10.58 48.58
C LEU A 3 13.89 -11.83 49.31
N ASP A 4 13.14 -12.24 50.33
CA ASP A 4 13.52 -13.37 51.16
C ASP A 4 13.01 -14.67 50.54
N PRO A 5 13.89 -15.54 50.02
CA PRO A 5 13.44 -16.82 49.47
C PRO A 5 13.44 -17.97 50.47
N VAL A 6 13.71 -17.71 51.75
CA VAL A 6 13.78 -18.77 52.75
C VAL A 6 12.44 -18.93 53.46
N GLN A 7 11.89 -17.84 54.00
CA GLN A 7 10.66 -17.87 54.78
C GLN A 7 9.54 -17.26 53.95
N LEU A 8 8.82 -18.10 53.23
CA LEU A 8 7.72 -17.66 52.40
C LEU A 8 6.40 -17.80 53.15
N THR A 9 5.35 -17.20 52.57
CA THR A 9 3.99 -17.32 53.06
C THR A 9 3.14 -17.92 51.96
N PHE A 10 2.36 -18.95 52.29
CA PHE A 10 1.56 -19.69 51.31
C PHE A 10 0.09 -19.56 51.64
N TYR A 11 -0.70 -19.07 50.68
CA TYR A 11 -2.15 -19.13 50.70
C TYR A 11 -2.61 -20.18 49.70
N ALA A 12 -3.70 -20.87 50.03
CA ALA A 12 -4.15 -22.00 49.22
C ALA A 12 -5.66 -21.95 49.05
N GLY A 13 -6.12 -22.37 47.87
CA GLY A 13 -7.53 -22.49 47.60
C GLY A 13 -7.92 -23.93 47.32
N PRO A 14 -9.17 -24.13 46.91
CA PRO A 14 -9.64 -25.51 46.66
C PRO A 14 -8.92 -26.14 45.47
N ASN A 15 -8.86 -27.47 45.50
CA ASN A 15 -8.20 -28.21 44.43
C ASN A 15 -8.95 -28.02 43.12
N GLY A 16 -8.22 -27.73 42.05
CA GLY A 16 -8.80 -27.49 40.74
C GLY A 16 -9.46 -26.15 40.56
N SER A 17 -9.42 -25.27 41.58
CA SER A 17 -10.05 -23.97 41.48
C SER A 17 -9.20 -22.95 40.72
N GLN A 18 -7.95 -23.29 40.40
CA GLN A 18 -7.01 -22.36 39.78
C GLN A 18 -6.84 -21.09 40.62
N PHE A 19 -6.96 -21.26 41.94
CA PHE A 19 -6.63 -20.24 42.91
C PHE A 19 -5.25 -19.66 42.64
N GLY A 20 -5.19 -18.35 42.43
CA GLY A 20 -3.96 -17.69 42.07
C GLY A 20 -3.82 -17.34 40.60
N PHE A 21 -4.85 -17.61 39.79
CA PHE A 21 -4.81 -17.21 38.38
C PHE A 21 -4.65 -15.71 38.25
N SER A 22 -5.26 -14.94 39.15
CA SER A 22 -5.09 -13.50 39.22
C SER A 22 -5.05 -13.08 40.68
N LEU A 23 -4.34 -12.00 40.96
CA LEU A 23 -4.23 -11.51 42.32
C LEU A 23 -3.92 -10.01 42.31
N ASP A 24 -4.14 -9.39 43.47
CA ASP A 24 -3.78 -7.99 43.67
C ASP A 24 -3.76 -7.72 45.16
N PHE A 25 -3.06 -6.65 45.53
CA PHE A 25 -3.13 -6.16 46.90
C PHE A 25 -4.40 -5.32 47.08
N HIS A 26 -5.00 -5.41 48.26
CA HIS A 26 -6.20 -4.66 48.57
C HIS A 26 -6.03 -4.00 49.92
N LYS A 27 -6.21 -2.68 49.96
CA LYS A 27 -6.18 -1.91 51.20
C LYS A 27 -7.62 -1.55 51.58
N ASP A 28 -7.97 -1.78 52.84
CA ASP A 28 -9.29 -1.39 53.31
C ASP A 28 -9.28 0.10 53.65
N SER A 29 -10.43 0.60 54.12
CA SER A 29 -10.56 2.01 54.46
C SER A 29 -9.59 2.45 55.55
N HIS A 30 -8.92 1.52 56.21
CA HIS A 30 -7.95 1.83 57.26
C HIS A 30 -6.51 1.61 56.82
N GLY A 31 -6.27 1.30 55.55
CA GLY A 31 -4.93 1.09 55.05
C GLY A 31 -4.35 -0.29 55.30
N ARG A 32 -5.10 -1.18 55.94
CA ARG A 32 -4.62 -2.53 56.17
C ARG A 32 -4.63 -3.32 54.87
N VAL A 33 -3.50 -3.94 54.54
CA VAL A 33 -3.31 -4.58 53.25
C VAL A 33 -3.74 -6.04 53.34
N ALA A 34 -4.56 -6.47 52.40
CA ALA A 34 -4.95 -7.87 52.21
C ALA A 34 -4.61 -8.28 50.77
N ILE A 35 -4.82 -9.56 50.48
CA ILE A 35 -4.59 -10.11 49.15
C ILE A 35 -5.90 -10.62 48.59
N VAL A 36 -6.35 -10.02 47.48
CA VAL A 36 -7.50 -10.55 46.75
C VAL A 36 -7.00 -11.54 45.72
N VAL A 37 -7.61 -12.72 45.68
CA VAL A 37 -7.15 -13.81 44.82
C VAL A 37 -8.32 -14.30 43.98
N GLY A 38 -8.11 -14.39 42.67
CA GLY A 38 -9.10 -14.96 41.79
C GLY A 38 -8.87 -16.44 41.58
N ALA A 39 -9.97 -17.19 41.52
CA ALA A 39 -9.95 -18.64 41.34
C ALA A 39 -11.01 -18.99 40.30
N PRO A 40 -10.67 -18.88 39.01
CA PRO A 40 -11.69 -18.87 37.96
C PRO A 40 -12.37 -20.21 37.71
N ARG A 41 -11.99 -21.29 38.39
CA ARG A 41 -12.67 -22.58 38.21
C ARG A 41 -13.29 -23.08 39.51
N THR A 42 -13.45 -22.21 40.50
CA THR A 42 -14.13 -22.58 41.73
C THR A 42 -15.54 -23.07 41.43
N LEU A 43 -15.98 -24.09 42.17
CA LEU A 43 -17.31 -24.65 41.98
C LEU A 43 -18.37 -23.73 42.56
N GLY A 44 -19.52 -23.68 41.88
CA GLY A 44 -20.63 -22.87 42.31
C GLY A 44 -21.68 -23.67 43.05
N PRO A 45 -22.94 -23.26 42.95
CA PRO A 45 -24.01 -23.96 43.68
C PRO A 45 -24.39 -25.27 43.02
N SER A 46 -24.43 -25.29 41.68
CA SER A 46 -24.91 -26.46 40.95
C SER A 46 -23.76 -27.44 40.71
N GLN A 47 -22.76 -27.42 41.61
CA GLN A 47 -21.57 -28.26 41.49
C GLN A 47 -20.87 -28.05 40.15
N GLU A 48 -21.02 -26.87 39.57
CA GLU A 48 -20.46 -26.54 38.27
C GLU A 48 -19.46 -25.41 38.43
N GLU A 49 -18.42 -25.44 37.60
CA GLU A 49 -17.40 -24.40 37.64
C GLU A 49 -18.01 -23.05 37.25
N THR A 50 -17.86 -22.07 38.13
CA THR A 50 -18.24 -20.70 37.84
C THR A 50 -17.18 -19.68 38.21
N GLY A 51 -16.11 -20.10 38.89
CA GLY A 51 -15.12 -19.18 39.40
C GLY A 51 -15.50 -18.63 40.76
N GLY A 52 -14.53 -17.95 41.37
CA GLY A 52 -14.74 -17.38 42.69
C GLY A 52 -13.59 -16.46 43.05
N VAL A 53 -13.80 -15.69 44.11
CA VAL A 53 -12.84 -14.70 44.57
C VAL A 53 -12.62 -14.90 46.07
N PHE A 54 -11.38 -14.70 46.51
CA PHE A 54 -11.03 -14.84 47.91
C PHE A 54 -10.27 -13.60 48.36
N LEU A 55 -10.54 -13.16 49.59
CA LEU A 55 -9.91 -11.99 50.19
C LEU A 55 -9.08 -12.48 51.37
N CYS A 56 -7.77 -12.54 51.19
CA CYS A 56 -6.87 -13.17 52.16
C CYS A 56 -6.33 -12.11 53.11
N PRO A 57 -6.66 -12.16 54.41
CA PRO A 57 -5.98 -11.29 55.36
C PRO A 57 -4.49 -11.63 55.44
N TRP A 58 -3.68 -10.63 55.73
CA TRP A 58 -2.24 -10.84 55.82
C TRP A 58 -1.90 -11.58 57.10
N ARG A 59 -1.28 -12.75 56.96
CA ARG A 59 -0.73 -13.51 58.07
C ARG A 59 0.58 -14.11 57.60
N ALA A 60 1.60 -14.05 58.47
CA ALA A 60 2.88 -14.64 58.10
C ALA A 60 2.76 -16.13 57.80
N GLU A 61 1.83 -16.82 58.47
CA GLU A 61 1.64 -18.24 58.26
C GLU A 61 0.78 -18.55 57.04
N GLY A 62 0.02 -17.59 56.53
CA GLY A 62 -0.82 -17.86 55.38
C GLY A 62 -1.97 -18.75 55.76
N GLY A 63 -2.38 -19.62 54.82
CA GLY A 63 -3.40 -20.62 55.08
C GLY A 63 -4.60 -20.45 54.16
N GLN A 64 -5.79 -20.67 54.72
CA GLN A 64 -7.04 -20.57 53.97
C GLN A 64 -7.60 -19.17 54.06
N CYS A 65 -8.38 -18.79 53.04
CA CYS A 65 -8.94 -17.45 52.96
C CYS A 65 -10.46 -17.51 52.90
N PRO A 66 -11.14 -16.51 53.46
CA PRO A 66 -12.59 -16.44 53.30
C PRO A 66 -12.96 -16.03 51.88
N SER A 67 -14.19 -16.38 51.49
CA SER A 67 -14.67 -16.06 50.17
C SER A 67 -15.21 -14.63 50.12
N LEU A 68 -15.02 -13.99 48.96
CA LEU A 68 -15.70 -12.74 48.64
C LEU A 68 -16.90 -13.12 47.77
N LEU A 69 -18.08 -13.12 48.36
CA LEU A 69 -19.25 -13.73 47.75
C LEU A 69 -19.85 -12.85 46.68
N PHE A 70 -20.24 -13.48 45.56
CA PHE A 70 -20.95 -12.83 44.48
C PHE A 70 -22.11 -13.72 44.05
N ASP A 71 -23.14 -13.10 43.46
CA ASP A 71 -24.29 -13.86 42.99
C ASP A 71 -23.88 -14.71 41.80
N LEU A 72 -24.09 -16.02 41.92
CA LEU A 72 -23.70 -16.98 40.88
C LEU A 72 -24.91 -17.55 40.14
N ARG A 73 -26.10 -17.02 40.37
CA ARG A 73 -27.31 -17.54 39.77
C ARG A 73 -27.54 -16.94 38.39
N ASP A 74 -27.90 -17.79 37.43
CA ASP A 74 -28.30 -17.30 36.12
C ASP A 74 -29.57 -16.45 36.25
N GLU A 75 -29.65 -15.42 35.41
CA GLU A 75 -30.74 -14.46 35.48
C GLU A 75 -31.56 -14.48 34.20
N THR A 76 -32.84 -14.16 34.34
CA THR A 76 -33.77 -14.12 33.21
C THR A 76 -34.75 -12.98 33.43
N ARG A 77 -34.89 -12.12 32.41
CA ARG A 77 -35.80 -10.98 32.49
C ARG A 77 -36.63 -10.94 31.21
N ASN A 78 -37.95 -10.98 31.36
CA ASN A 78 -38.88 -10.85 30.24
C ASN A 78 -39.38 -9.41 30.21
N VAL A 79 -38.81 -8.61 29.31
CA VAL A 79 -39.09 -7.18 29.25
C VAL A 79 -39.01 -6.75 27.80
N GLY A 80 -39.85 -5.78 27.43
CA GLY A 80 -39.85 -5.24 26.08
C GLY A 80 -40.09 -6.27 25.01
N SER A 81 -40.97 -7.25 25.28
CA SER A 81 -41.24 -8.34 24.37
C SER A 81 -39.98 -9.11 24.01
N GLN A 82 -39.04 -9.18 24.95
CA GLN A 82 -37.79 -9.91 24.77
C GLN A 82 -37.47 -10.66 26.06
N THR A 83 -36.54 -11.61 25.96
CA THR A 83 -36.09 -12.40 27.09
C THR A 83 -34.57 -12.26 27.20
N LEU A 84 -34.11 -11.63 28.27
CA LEU A 84 -32.69 -11.45 28.52
C LEU A 84 -32.18 -12.60 29.38
N GLN A 85 -30.98 -13.09 29.06
CA GLN A 85 -30.45 -14.28 29.71
C GLN A 85 -28.96 -14.12 29.98
N THR A 86 -28.56 -14.33 31.24
CA THR A 86 -27.17 -14.44 31.62
C THR A 86 -26.86 -15.89 31.99
N PHE A 87 -25.67 -16.35 31.60
CA PHE A 87 -25.24 -17.71 31.85
C PHE A 87 -23.86 -17.67 32.51
N LYS A 88 -23.80 -18.08 33.78
CA LYS A 88 -22.58 -17.98 34.57
C LYS A 88 -21.81 -19.29 34.67
N ALA A 89 -22.29 -20.35 34.02
CA ALA A 89 -21.56 -21.61 34.00
C ALA A 89 -20.24 -21.44 33.24
N ARG A 90 -19.13 -21.77 33.90
CA ARG A 90 -17.80 -21.69 33.30
C ARG A 90 -17.46 -20.27 32.87
N GLN A 91 -17.99 -19.28 33.58
CA GLN A 91 -17.73 -17.88 33.26
C GLN A 91 -16.32 -17.45 33.64
N GLY A 92 -15.66 -18.18 34.54
CA GLY A 92 -14.32 -17.81 34.95
C GLY A 92 -14.26 -16.58 35.83
N LEU A 93 -15.19 -16.45 36.78
CA LEU A 93 -15.13 -15.37 37.74
C LEU A 93 -13.82 -15.43 38.52
N GLY A 94 -13.05 -14.36 38.45
CA GLY A 94 -11.72 -14.34 39.04
C GLY A 94 -10.60 -14.56 38.05
N ALA A 95 -10.89 -14.65 36.76
CA ALA A 95 -9.83 -14.69 35.75
C ALA A 95 -9.03 -13.39 35.71
N SER A 96 -9.55 -12.31 36.31
CA SER A 96 -8.80 -11.10 36.57
C SER A 96 -9.39 -10.44 37.81
N VAL A 97 -8.53 -9.89 38.65
CA VAL A 97 -8.95 -9.13 39.82
C VAL A 97 -8.05 -7.89 39.91
N VAL A 98 -8.64 -6.79 40.39
CA VAL A 98 -7.90 -5.55 40.60
C VAL A 98 -8.57 -4.80 41.73
N SER A 99 -7.76 -4.08 42.51
CA SER A 99 -8.23 -3.32 43.65
C SER A 99 -7.97 -1.84 43.41
N TRP A 100 -8.92 -1.02 43.83
CA TRP A 100 -8.76 0.44 43.82
C TRP A 100 -9.54 1.00 44.99
N SER A 101 -8.87 1.83 45.80
CA SER A 101 -9.43 2.38 47.04
C SER A 101 -9.91 1.18 47.88
N ASP A 102 -11.14 1.20 48.41
CA ASP A 102 -11.69 0.08 49.16
C ASP A 102 -12.64 -0.77 48.32
N VAL A 103 -12.44 -0.81 47.01
CA VAL A 103 -13.31 -1.53 46.08
C VAL A 103 -12.49 -2.62 45.39
N ILE A 104 -13.12 -3.77 45.18
CA ILE A 104 -12.52 -4.88 44.45
C ILE A 104 -13.32 -5.12 43.17
N VAL A 105 -12.62 -5.28 42.06
CA VAL A 105 -13.25 -5.57 40.77
C VAL A 105 -12.77 -6.93 40.31
N ALA A 106 -13.69 -7.89 40.27
CA ALA A 106 -13.40 -9.25 39.80
C ALA A 106 -14.26 -9.54 38.59
N CYS A 107 -13.65 -10.07 37.55
CA CYS A 107 -14.31 -10.20 36.26
C CYS A 107 -14.43 -11.65 35.83
N ALA A 108 -15.49 -11.94 35.08
CA ALA A 108 -15.76 -13.26 34.52
C ALA A 108 -15.79 -13.10 33.00
N PRO A 109 -14.64 -13.22 32.33
CA PRO A 109 -14.59 -12.89 30.89
C PRO A 109 -15.47 -13.78 30.04
N TRP A 110 -15.74 -15.00 30.47
CA TRP A 110 -16.49 -15.95 29.65
C TRP A 110 -17.92 -16.14 30.12
N GLN A 111 -18.46 -15.17 30.87
CA GLN A 111 -19.88 -15.17 31.13
C GLN A 111 -20.63 -14.99 29.82
N HIS A 112 -21.60 -15.86 29.57
CA HIS A 112 -22.35 -15.83 28.33
C HIS A 112 -23.65 -15.06 28.48
N TRP A 113 -24.22 -14.70 27.34
CA TRP A 113 -25.37 -13.79 27.29
C TRP A 113 -26.14 -14.08 26.01
N ASN A 114 -27.46 -13.92 26.10
CA ASN A 114 -28.32 -14.14 24.95
C ASN A 114 -29.60 -13.35 25.14
N VAL A 115 -30.27 -13.07 24.02
CA VAL A 115 -31.53 -12.34 24.02
C VAL A 115 -32.48 -13.03 23.05
N LEU A 116 -33.60 -13.52 23.57
CA LEU A 116 -34.59 -14.22 22.76
C LEU A 116 -35.73 -13.28 22.42
N GLU A 117 -36.20 -13.37 21.17
CA GLU A 117 -37.37 -12.62 20.73
C GLU A 117 -38.13 -13.51 19.73
N LYS A 118 -39.20 -14.14 20.22
CA LYS A 118 -39.98 -15.11 19.44
C LYS A 118 -39.06 -16.22 18.98
N THR A 119 -38.87 -16.43 17.67
CA THR A 119 -38.00 -17.49 17.17
C THR A 119 -36.58 -17.01 16.90
N GLU A 120 -36.31 -15.72 17.01
CA GLU A 120 -34.99 -15.17 16.77
C GLU A 120 -34.22 -15.05 18.08
N GLU A 121 -32.93 -14.77 17.95
CA GLU A 121 -32.07 -14.64 19.12
C GLU A 121 -30.88 -13.77 18.76
N ALA A 122 -30.23 -13.25 19.80
CA ALA A 122 -28.99 -12.50 19.62
C ALA A 122 -27.77 -13.39 19.48
N GLU A 123 -27.91 -14.68 19.83
CA GLU A 123 -26.88 -15.71 19.91
C GLU A 123 -26.22 -15.72 21.29
N LYS A 124 -26.04 -16.92 21.85
CA LYS A 124 -25.46 -17.11 23.17
C LYS A 124 -23.94 -16.97 23.06
N THR A 125 -23.40 -15.87 23.58
CA THR A 125 -22.03 -15.47 23.31
C THR A 125 -21.36 -14.96 24.58
N PRO A 126 -20.03 -15.05 24.69
CA PRO A 126 -19.31 -14.58 25.89
C PRO A 126 -19.01 -13.07 25.92
N VAL A 127 -20.03 -12.28 26.29
CA VAL A 127 -19.83 -10.85 26.44
C VAL A 127 -18.92 -10.54 27.62
N GLY A 128 -18.82 -11.46 28.58
CA GLY A 128 -18.09 -11.20 29.81
C GLY A 128 -18.83 -10.26 30.73
N SER A 129 -18.33 -10.17 31.96
CA SER A 129 -18.94 -9.31 32.96
C SER A 129 -17.96 -9.14 34.11
N CYS A 130 -18.07 -8.03 34.81
CA CYS A 130 -17.25 -7.75 35.97
C CYS A 130 -18.14 -7.50 37.18
N PHE A 131 -17.69 -8.00 38.32
CA PHE A 131 -18.39 -7.85 39.59
C PHE A 131 -17.59 -6.92 40.48
N LEU A 132 -18.26 -5.94 41.09
CA LEU A 132 -17.62 -4.96 41.93
C LEU A 132 -18.15 -5.10 43.36
N ALA A 133 -17.23 -5.06 44.32
CA ALA A 133 -17.57 -5.23 45.73
C ALA A 133 -16.89 -4.17 46.57
N GLN A 134 -17.62 -3.68 47.58
CA GLN A 134 -17.03 -2.90 48.67
C GLN A 134 -17.10 -3.79 49.90
N PRO A 135 -16.04 -4.55 50.21
CA PRO A 135 -16.15 -5.59 51.24
C PRO A 135 -16.59 -5.07 52.60
N GLU A 136 -16.10 -3.90 53.01
CA GLU A 136 -16.44 -3.40 54.35
C GLU A 136 -17.93 -3.06 54.47
N SER A 137 -18.54 -2.57 53.40
CA SER A 137 -19.95 -2.18 53.43
C SER A 137 -20.89 -3.27 52.92
N GLY A 138 -20.40 -4.23 52.16
CA GLY A 138 -21.25 -5.22 51.53
C GLY A 138 -21.89 -4.76 50.23
N ARG A 139 -21.60 -3.54 49.78
CA ARG A 139 -22.15 -3.06 48.53
C ARG A 139 -21.66 -3.91 47.37
N ARG A 140 -22.56 -4.17 46.42
CA ARG A 140 -22.25 -4.94 45.23
C ARG A 140 -22.78 -4.21 44.00
N ALA A 141 -22.09 -4.40 42.88
CA ALA A 141 -22.51 -3.85 41.60
C ALA A 141 -21.92 -4.70 40.50
N GLU A 142 -22.43 -4.51 39.29
CA GLU A 142 -21.95 -5.23 38.12
C GLU A 142 -21.72 -4.25 36.97
N TYR A 143 -20.91 -4.70 36.01
CA TYR A 143 -20.62 -3.90 34.82
C TYR A 143 -20.38 -4.87 33.67
N SER A 144 -21.22 -4.78 32.64
CA SER A 144 -21.15 -5.67 31.48
C SER A 144 -21.45 -4.83 30.24
N PRO A 145 -20.48 -4.04 29.79
CA PRO A 145 -20.77 -3.03 28.75
C PRO A 145 -21.03 -3.61 27.37
N CYS A 146 -20.80 -4.90 27.15
CA CYS A 146 -20.96 -5.47 25.83
C CYS A 146 -22.27 -6.23 25.66
N ARG A 147 -23.08 -6.31 26.71
CA ARG A 147 -24.43 -6.85 26.56
C ARG A 147 -25.24 -5.98 25.60
N GLY A 148 -25.94 -6.63 24.68
CA GLY A 148 -26.82 -5.94 23.76
C GLY A 148 -28.13 -6.70 23.61
N ASN A 149 -29.04 -6.11 22.85
CA ASN A 149 -30.33 -6.73 22.58
C ASN A 149 -30.65 -6.71 21.09
N THR A 150 -29.62 -6.71 20.25
CA THR A 150 -29.78 -6.75 18.81
C THR A 150 -29.83 -8.20 18.35
N LEU A 151 -30.81 -8.54 17.52
CA LEU A 151 -30.97 -9.90 17.06
C LEU A 151 -29.91 -10.25 16.03
N SER A 152 -29.65 -11.56 15.89
CA SER A 152 -28.53 -12.03 15.08
C SER A 152 -28.64 -11.57 13.62
N ARG A 153 -29.86 -11.53 13.09
CA ARG A 153 -30.06 -11.20 11.69
C ARG A 153 -29.51 -9.82 11.35
N ILE A 154 -29.60 -8.87 12.29
CA ILE A 154 -29.14 -7.51 12.03
C ILE A 154 -27.62 -7.48 11.83
N TYR A 155 -26.87 -8.20 12.66
CA TYR A 155 -25.43 -8.21 12.53
C TYR A 155 -25.00 -8.74 11.16
N VAL A 156 -25.72 -9.72 10.64
CA VAL A 156 -25.39 -10.28 9.33
C VAL A 156 -25.61 -9.24 8.24
N GLU A 157 -26.73 -8.50 8.31
CA GLU A 157 -27.01 -7.48 7.31
C GLU A 157 -25.93 -6.42 7.26
N ASN A 158 -25.48 -5.96 8.43
CA ASN A 158 -24.48 -4.90 8.52
C ASN A 158 -23.06 -5.43 8.57
N ASP A 159 -22.84 -6.69 8.17
CA ASP A 159 -21.51 -7.28 8.05
C ASP A 159 -20.77 -7.28 9.38
N PHE A 160 -21.51 -7.56 10.46
CA PHE A 160 -20.92 -7.74 11.79
C PHE A 160 -20.14 -6.52 12.24
N SER A 161 -20.62 -5.33 11.87
CA SER A 161 -20.02 -4.10 12.36
C SER A 161 -20.47 -3.84 13.79
N TRP A 162 -19.56 -3.32 14.61
CA TRP A 162 -19.84 -3.00 16.01
C TRP A 162 -20.44 -4.20 16.74
N ASP A 163 -19.86 -5.37 16.50
CA ASP A 163 -20.33 -6.63 17.08
C ASP A 163 -19.58 -6.86 18.38
N LYS A 164 -20.23 -6.57 19.50
CA LYS A 164 -19.63 -6.73 20.83
C LYS A 164 -20.06 -8.02 21.51
N ARG A 165 -20.62 -8.97 20.77
CA ARG A 165 -21.21 -10.15 21.39
C ARG A 165 -20.16 -11.04 22.04
N TYR A 166 -18.92 -10.98 21.58
CA TYR A 166 -17.86 -11.88 22.06
C TYR A 166 -16.75 -11.11 22.76
N CYS A 167 -17.10 -9.98 23.39
CA CYS A 167 -16.12 -9.11 24.01
C CYS A 167 -15.18 -9.85 24.94
N GLU A 168 -15.76 -10.64 25.86
CA GLU A 168 -15.05 -11.15 27.02
C GLU A 168 -14.46 -10.00 27.85
N ALA A 169 -15.31 -9.02 28.13
CA ALA A 169 -14.92 -7.88 28.94
C ALA A 169 -14.46 -8.35 30.32
N GLY A 170 -13.36 -7.76 30.80
CA GLY A 170 -12.72 -8.20 32.02
C GLY A 170 -11.63 -9.22 31.80
N PHE A 171 -11.38 -9.63 30.55
CA PHE A 171 -10.21 -10.43 30.22
C PHE A 171 -8.94 -9.82 30.82
N SER A 172 -8.81 -8.50 30.70
CA SER A 172 -7.81 -7.73 31.43
C SER A 172 -8.49 -6.51 32.03
N SER A 173 -7.87 -5.92 33.04
CA SER A 173 -8.51 -4.83 33.75
C SER A 173 -7.45 -3.95 34.42
N VAL A 174 -7.82 -2.70 34.65
CA VAL A 174 -6.99 -1.73 35.34
C VAL A 174 -7.88 -0.58 35.77
N VAL A 175 -7.48 0.12 36.84
CA VAL A 175 -8.22 1.26 37.35
C VAL A 175 -7.27 2.44 37.46
N THR A 176 -7.63 3.56 36.84
CA THR A 176 -6.85 4.78 36.98
C THR A 176 -6.91 5.26 38.43
N GLN A 177 -5.94 6.12 38.78
CA GLN A 177 -5.92 6.69 40.12
C GLN A 177 -7.18 7.48 40.42
N ALA A 178 -7.78 8.10 39.39
CA ALA A 178 -9.04 8.82 39.56
C ALA A 178 -10.24 7.89 39.74
N GLY A 179 -10.05 6.57 39.64
CA GLY A 179 -11.15 5.64 39.85
C GLY A 179 -11.93 5.28 38.61
N GLU A 180 -11.31 5.31 37.44
CA GLU A 180 -11.95 4.90 36.21
C GLU A 180 -11.54 3.46 35.90
N LEU A 181 -12.51 2.55 35.89
CA LEU A 181 -12.26 1.15 35.56
C LEU A 181 -12.11 1.01 34.05
N VAL A 182 -11.00 0.40 33.62
CA VAL A 182 -10.73 0.16 32.20
C VAL A 182 -10.65 -1.35 31.99
N LEU A 183 -11.54 -1.86 31.15
CA LEU A 183 -11.61 -3.28 30.86
C LEU A 183 -11.05 -3.56 29.47
N GLY A 184 -10.24 -4.60 29.37
CA GLY A 184 -9.82 -5.13 28.08
C GLY A 184 -10.78 -6.19 27.63
N ALA A 185 -11.19 -6.12 26.37
CA ALA A 185 -12.14 -7.05 25.77
C ALA A 185 -11.58 -7.51 24.43
N PRO A 186 -10.71 -8.54 24.44
CA PRO A 186 -9.98 -8.91 23.21
C PRO A 186 -10.87 -9.52 22.14
N GLY A 187 -12.09 -9.92 22.47
CA GLY A 187 -13.01 -10.42 21.48
C GLY A 187 -14.01 -9.42 20.96
N GLY A 188 -13.89 -8.15 21.35
CA GLY A 188 -14.82 -7.15 20.89
C GLY A 188 -14.66 -6.85 19.41
N TYR A 189 -15.76 -6.44 18.79
CA TYR A 189 -15.80 -6.10 17.37
C TYR A 189 -15.32 -7.27 16.51
N TYR A 190 -15.92 -8.44 16.76
CA TYR A 190 -15.59 -9.68 16.04
C TYR A 190 -14.09 -9.98 16.13
N PHE A 191 -13.58 -9.97 17.36
CA PHE A 191 -12.22 -10.38 17.71
C PHE A 191 -11.16 -9.39 17.27
N LEU A 192 -11.56 -8.15 16.95
CA LEU A 192 -10.56 -7.08 16.85
C LEU A 192 -10.08 -6.68 18.24
N GLY A 193 -11.00 -6.60 19.19
CA GLY A 193 -10.69 -6.18 20.55
C GLY A 193 -11.13 -4.76 20.79
N LEU A 194 -11.63 -4.49 21.99
CA LEU A 194 -12.05 -3.15 22.37
C LEU A 194 -11.71 -2.90 23.83
N LEU A 195 -11.80 -1.63 24.22
CA LEU A 195 -11.65 -1.20 25.60
C LEU A 195 -12.95 -0.55 26.06
N ALA A 196 -13.34 -0.85 27.30
CA ALA A 196 -14.50 -0.22 27.92
C ALA A 196 -14.06 0.45 29.20
N GLN A 197 -14.42 1.72 29.35
CA GLN A 197 -14.05 2.52 30.52
C GLN A 197 -15.29 3.15 31.12
N ALA A 198 -15.35 3.16 32.46
CA ALA A 198 -16.44 3.80 33.18
C ALA A 198 -15.99 4.07 34.60
N PRO A 199 -16.37 5.20 35.21
CA PRO A 199 -15.99 5.46 36.60
C PRO A 199 -16.63 4.43 37.53
N VAL A 200 -15.87 4.02 38.54
CA VAL A 200 -16.37 3.06 39.53
C VAL A 200 -17.60 3.61 40.23
N ALA A 201 -17.57 4.91 40.55
CA ALA A 201 -18.70 5.52 41.25
C ALA A 201 -19.97 5.45 40.43
N ASP A 202 -19.87 5.66 39.11
CA ASP A 202 -21.05 5.61 38.25
C ASP A 202 -21.53 4.19 38.02
N ILE A 203 -20.63 3.21 38.05
CA ILE A 203 -21.04 1.81 37.95
C ILE A 203 -21.93 1.44 39.13
N PHE A 204 -21.53 1.86 40.34
CA PHE A 204 -22.33 1.55 41.53
C PHE A 204 -23.66 2.29 41.52
N SER A 205 -23.64 3.58 41.20
CA SER A 205 -24.84 4.40 41.31
C SER A 205 -25.87 4.07 40.23
N SER A 206 -25.45 3.55 39.08
CA SER A 206 -26.36 3.24 37.99
C SER A 206 -26.83 1.79 37.98
N TYR A 207 -26.20 0.92 38.76
CA TYR A 207 -26.54 -0.49 38.76
C TYR A 207 -27.68 -0.78 39.72
N ARG A 208 -28.58 -1.67 39.31
CA ARG A 208 -29.63 -2.23 40.14
C ARG A 208 -29.76 -3.70 39.76
N PRO A 209 -29.99 -4.59 40.73
CA PRO A 209 -30.09 -6.01 40.39
C PRO A 209 -31.37 -6.32 39.61
N GLY A 210 -31.25 -7.28 38.70
CA GLY A 210 -32.37 -7.72 37.89
C GLY A 210 -32.59 -6.95 36.61
N ILE A 211 -31.91 -5.80 36.43
CA ILE A 211 -32.13 -5.00 35.22
C ILE A 211 -31.45 -5.65 34.03
N LEU A 212 -30.21 -6.14 34.21
CA LEU A 212 -29.45 -6.86 33.20
C LEU A 212 -28.96 -5.95 32.08
N LEU A 213 -29.83 -5.10 31.55
CA LEU A 213 -29.47 -4.14 30.51
C LEU A 213 -29.76 -2.74 31.01
N TRP A 214 -28.71 -1.98 31.30
CA TRP A 214 -28.86 -0.62 31.82
C TRP A 214 -27.77 0.28 31.24
N HIS A 215 -28.02 1.59 31.31
CA HIS A 215 -27.12 2.58 30.74
C HIS A 215 -26.16 3.10 31.79
N VAL A 216 -24.88 3.16 31.43
CA VAL A 216 -23.87 3.88 32.20
C VAL A 216 -23.39 5.04 31.33
N SER A 217 -24.05 6.19 31.47
CA SER A 217 -23.87 7.28 30.49
C SER A 217 -22.43 7.77 30.44
N SER A 218 -21.72 7.74 31.56
CA SER A 218 -20.35 8.22 31.60
C SER A 218 -19.35 7.21 31.04
N GLN A 219 -19.81 6.07 30.56
CA GLN A 219 -18.89 5.07 30.03
C GLN A 219 -18.40 5.48 28.64
N SER A 220 -17.28 4.88 28.25
CA SER A 220 -16.65 5.19 26.96
C SER A 220 -16.04 3.92 26.41
N LEU A 221 -16.38 3.60 25.16
CA LEU A 221 -15.89 2.41 24.49
C LEU A 221 -15.02 2.81 23.30
N SER A 222 -14.04 1.97 23.00
CA SER A 222 -13.18 2.19 21.84
C SER A 222 -13.97 1.90 20.57
N PHE A 223 -13.29 1.95 19.43
CA PHE A 223 -13.97 2.00 18.14
C PHE A 223 -13.67 0.78 17.29
N ASP A 224 -14.67 0.38 16.50
CA ASP A 224 -14.51 -0.65 15.49
C ASP A 224 -13.63 -0.11 14.34
N SER A 225 -13.21 -1.02 13.47
CA SER A 225 -12.37 -0.64 12.34
C SER A 225 -12.58 -1.61 11.20
N SER A 226 -12.32 -1.12 9.99
CA SER A 226 -12.36 -1.95 8.79
C SER A 226 -10.97 -2.31 8.30
N ASN A 227 -9.93 -1.84 8.97
CA ASN A 227 -8.56 -2.14 8.58
C ASN A 227 -8.21 -3.58 8.93
N PRO A 228 -7.86 -4.43 7.96
CA PRO A 228 -7.58 -5.84 8.27
C PRO A 228 -6.38 -6.04 9.18
N GLU A 229 -5.53 -5.02 9.36
CA GLU A 229 -4.40 -5.15 10.28
C GLU A 229 -4.87 -5.42 11.70
N TYR A 230 -6.08 -4.98 12.06
CA TYR A 230 -6.60 -5.17 13.41
C TYR A 230 -7.41 -6.44 13.56
N PHE A 231 -7.77 -7.10 12.45
CA PHE A 231 -8.60 -8.30 12.52
C PHE A 231 -7.88 -9.39 13.30
N ASP A 232 -8.58 -9.96 14.28
CA ASP A 232 -8.06 -11.07 15.10
C ASP A 232 -6.82 -10.65 15.87
N GLY A 233 -6.73 -9.37 16.24
CA GLY A 233 -5.59 -8.85 16.97
C GLY A 233 -5.68 -8.94 18.47
N TYR A 234 -6.87 -9.24 19.01
CA TYR A 234 -7.07 -9.39 20.45
C TYR A 234 -6.60 -8.14 21.21
N TRP A 235 -6.92 -6.99 20.62
CA TRP A 235 -6.67 -5.69 21.23
C TRP A 235 -7.36 -5.61 22.59
N GLY A 236 -6.57 -5.49 23.65
CA GLY A 236 -7.09 -5.59 25.00
C GLY A 236 -6.83 -6.91 25.68
N TYR A 237 -5.99 -7.76 25.09
CA TYR A 237 -5.49 -8.94 25.79
C TYR A 237 -4.84 -8.54 27.11
N SER A 238 -4.15 -7.40 27.12
CA SER A 238 -3.55 -6.82 28.31
C SER A 238 -3.75 -5.31 28.28
N VAL A 239 -3.82 -4.70 29.46
CA VAL A 239 -4.06 -3.27 29.57
CA VAL A 239 -4.07 -3.27 29.58
C VAL A 239 -3.26 -2.73 30.75
N ALA A 240 -2.94 -1.43 30.68
CA ALA A 240 -2.24 -0.71 31.73
C ALA A 240 -2.45 0.78 31.50
N VAL A 241 -2.13 1.58 32.51
CA VAL A 241 -2.28 3.03 32.44
C VAL A 241 -0.97 3.69 32.86
N GLY A 242 -0.84 4.96 32.48
CA GLY A 242 0.37 5.71 32.80
C GLY A 242 0.28 7.11 32.21
N GLU A 243 1.38 7.84 32.36
CA GLU A 243 1.49 9.22 31.89
C GLU A 243 2.55 9.27 30.79
N PHE A 244 2.11 9.48 29.55
CA PHE A 244 3.01 9.44 28.40
C PHE A 244 2.92 10.66 27.48
N ASP A 245 2.05 11.63 27.76
CA ASP A 245 1.88 12.77 26.88
C ASP A 245 2.34 14.08 27.52
N GLY A 246 2.91 14.04 28.72
CA GLY A 246 3.38 15.24 29.39
C GLY A 246 2.29 16.07 30.04
N ASP A 247 1.02 15.73 29.86
CA ASP A 247 -0.09 16.44 30.47
C ASP A 247 -0.57 15.62 31.66
N LEU A 248 -0.28 16.11 32.87
CA LEU A 248 -0.59 15.36 34.08
C LEU A 248 -2.10 15.26 34.33
N ASN A 249 -2.91 16.08 33.69
CA ASN A 249 -4.36 16.00 33.87
C ASN A 249 -4.99 14.87 33.09
N THR A 250 -4.34 14.40 32.03
CA THR A 250 -4.85 13.31 31.21
C THR A 250 -4.18 12.00 31.60
N THR A 251 -4.94 10.91 31.51
CA THR A 251 -4.42 9.57 31.79
C THR A 251 -4.39 8.79 30.49
N GLU A 252 -3.23 8.23 30.16
CA GLU A 252 -3.05 7.50 28.92
C GLU A 252 -3.21 6.00 29.15
N TYR A 253 -3.71 5.31 28.12
CA TYR A 253 -3.97 3.89 28.18
C TYR A 253 -2.92 3.13 27.38
N VAL A 254 -2.43 2.02 27.95
CA VAL A 254 -1.52 1.11 27.27
C VAL A 254 -2.27 -0.18 27.00
N VAL A 255 -2.31 -0.59 25.73
CA VAL A 255 -3.13 -1.72 25.29
C VAL A 255 -2.25 -2.72 24.55
N GLY A 256 -2.33 -3.99 24.95
CA GLY A 256 -1.65 -5.05 24.23
C GLY A 256 -2.55 -5.70 23.20
N ALA A 257 -2.01 -5.89 21.99
CA ALA A 257 -2.70 -6.57 20.90
C ALA A 257 -1.72 -7.61 20.34
N PRO A 258 -1.67 -8.79 20.95
CA PRO A 258 -0.56 -9.73 20.68
C PRO A 258 -0.67 -10.47 19.36
N THR A 259 -1.81 -10.42 18.67
CA THR A 259 -1.93 -11.00 17.35
C THR A 259 -2.21 -9.94 16.28
N TRP A 260 -1.89 -8.68 16.59
CA TRP A 260 -2.13 -7.58 15.67
C TRP A 260 -1.32 -7.77 14.38
N SER A 261 -1.94 -7.44 13.25
CA SER A 261 -1.32 -7.49 11.92
C SER A 261 -0.76 -8.88 11.63
N TRP A 262 -1.67 -9.84 11.53
CA TRP A 262 -1.34 -11.22 11.17
C TRP A 262 -0.29 -11.79 12.13
N THR A 263 -0.58 -11.69 13.42
CA THR A 263 0.20 -12.24 14.53
C THR A 263 1.58 -11.61 14.66
N LEU A 264 1.79 -10.43 14.09
CA LEU A 264 3.00 -9.69 14.41
C LEU A 264 2.97 -9.16 15.83
N GLY A 265 1.79 -8.80 16.31
CA GLY A 265 1.63 -8.29 17.66
C GLY A 265 1.94 -6.80 17.72
N ALA A 266 1.30 -6.13 18.68
CA ALA A 266 1.50 -4.70 18.84
C ALA A 266 1.10 -4.27 20.25
N VAL A 267 1.64 -3.14 20.66
CA VAL A 267 1.23 -2.43 21.86
C VAL A 267 1.01 -0.97 21.48
N GLU A 268 -0.09 -0.40 21.94
CA GLU A 268 -0.45 0.97 21.58
C GLU A 268 -0.67 1.80 22.83
N ILE A 269 -0.29 3.07 22.75
CA ILE A 269 -0.53 4.06 23.80
C ILE A 269 -1.55 5.05 23.28
N LEU A 270 -2.62 5.26 24.04
CA LEU A 270 -3.72 6.10 23.61
C LEU A 270 -4.05 7.11 24.71
N ASP A 271 -4.75 8.17 24.32
CA ASP A 271 -5.33 9.06 25.31
C ASP A 271 -6.69 8.50 25.75
N SER A 272 -7.32 9.15 26.72
CA SER A 272 -8.59 8.65 27.25
C SER A 272 -9.73 8.70 26.25
N TYR A 273 -9.50 9.26 25.05
CA TYR A 273 -10.48 9.20 23.97
C TYR A 273 -10.11 8.15 22.92
N TYR A 274 -9.21 7.23 23.27
CA TYR A 274 -8.82 6.12 22.41
C TYR A 274 -8.18 6.60 21.11
N GLN A 275 -7.57 7.78 21.13
CA GLN A 275 -6.79 8.26 20.00
C GLN A 275 -5.35 7.82 20.18
N ARG A 276 -4.77 7.27 19.12
CA ARG A 276 -3.48 6.60 19.21
C ARG A 276 -2.34 7.61 19.28
N LEU A 277 -1.54 7.54 20.34
CA LEU A 277 -0.35 8.37 20.50
C LEU A 277 0.92 7.67 20.04
N HIS A 278 1.04 6.36 20.28
CA HIS A 278 2.17 5.62 19.77
CA HIS A 278 2.20 5.59 19.88
C HIS A 278 1.75 4.18 19.51
N ARG A 279 2.54 3.51 18.68
CA ARG A 279 2.34 2.09 18.42
C ARG A 279 3.70 1.41 18.38
N LEU A 280 3.84 0.35 19.17
CA LEU A 280 5.03 -0.49 19.18
C LEU A 280 4.69 -1.79 18.47
N ARG A 281 5.42 -2.11 17.42
CA ARG A 281 5.17 -3.32 16.65
C ARG A 281 6.02 -4.47 17.18
N GLY A 282 5.49 -5.67 17.03
CA GLY A 282 6.24 -6.85 17.41
C GLY A 282 7.47 -7.06 16.55
N GLU A 283 8.45 -7.75 17.13
CA GLU A 283 9.69 -8.06 16.43
C GLU A 283 9.58 -9.34 15.60
N GLN A 284 8.72 -10.26 16.02
CA GLN A 284 8.67 -11.59 15.43
C GLN A 284 7.25 -12.11 15.48
N MET A 285 6.75 -12.61 14.35
CA MET A 285 5.40 -13.14 14.29
C MET A 285 5.25 -14.32 15.24
N ALA A 286 4.05 -14.44 15.82
CA ALA A 286 3.65 -15.47 16.77
C ALA A 286 4.39 -15.40 18.11
N SER A 287 5.22 -14.39 18.34
CA SER A 287 5.89 -14.26 19.63
C SER A 287 4.95 -13.78 20.72
N TYR A 288 3.75 -13.34 20.36
CA TYR A 288 2.76 -12.80 21.30
C TYR A 288 3.29 -11.55 22.01
N PHE A 289 3.96 -10.70 21.23
CA PHE A 289 4.36 -9.37 21.68
C PHE A 289 3.13 -8.58 22.10
N GLY A 290 3.07 -8.20 23.38
CA GLY A 290 1.89 -7.58 23.94
C GLY A 290 1.08 -8.48 24.84
N HIS A 291 1.54 -9.71 25.09
CA HIS A 291 0.86 -10.60 26.03
C HIS A 291 0.75 -9.95 27.41
N SER A 292 1.77 -9.20 27.80
CA SER A 292 1.76 -8.48 29.08
C SER A 292 2.40 -7.11 28.89
N VAL A 293 1.88 -6.12 29.58
CA VAL A 293 2.40 -4.76 29.55
C VAL A 293 2.55 -4.27 30.99
N ALA A 294 3.62 -3.52 31.24
CA ALA A 294 3.86 -2.93 32.55
C ALA A 294 4.31 -1.50 32.37
N VAL A 295 3.88 -0.63 33.29
CA VAL A 295 4.21 0.79 33.25
C VAL A 295 4.84 1.17 34.58
N THR A 296 6.09 1.63 34.52
CA THR A 296 6.79 2.12 35.70
C THR A 296 8.00 2.91 35.24
N ASP A 297 8.36 3.93 36.01
CA ASP A 297 9.57 4.70 35.74
C ASP A 297 10.75 3.95 36.35
N VAL A 298 11.57 3.34 35.51
CA VAL A 298 12.66 2.51 36.00
C VAL A 298 13.97 3.27 36.19
N ASN A 299 14.17 4.39 35.48
CA ASN A 299 15.45 5.10 35.52
C ASN A 299 15.37 6.40 36.31
N GLY A 300 14.33 6.58 37.12
CA GLY A 300 14.31 7.65 38.10
C GLY A 300 14.37 9.06 37.53
N ASP A 301 13.78 9.28 36.36
CA ASP A 301 13.66 10.61 35.78
C ASP A 301 12.24 11.16 35.88
N GLY A 302 11.34 10.45 36.56
CA GLY A 302 9.96 10.89 36.70
C GLY A 302 9.06 10.56 35.54
N ARG A 303 9.60 10.05 34.43
CA ARG A 303 8.80 9.74 33.25
C ARG A 303 8.55 8.24 33.18
N HIS A 304 7.27 7.85 33.13
CA HIS A 304 6.90 6.45 33.04
C HIS A 304 7.55 5.78 31.84
N ASP A 305 8.07 4.58 32.05
CA ASP A 305 8.65 3.77 30.99
C ASP A 305 7.74 2.57 30.74
N LEU A 306 7.95 1.92 29.59
CA LEU A 306 7.08 0.87 29.11
C LEU A 306 7.84 -0.44 29.00
N LEU A 307 7.26 -1.51 29.51
CA LEU A 307 7.80 -2.86 29.38
C LEU A 307 6.77 -3.74 28.69
N VAL A 308 7.20 -4.45 27.66
CA VAL A 308 6.34 -5.33 26.87
C VAL A 308 6.92 -6.73 26.90
N GLY A 309 6.07 -7.72 27.12
CA GLY A 309 6.48 -9.11 27.11
C GLY A 309 6.05 -9.81 25.83
N ALA A 310 6.95 -10.62 25.28
CA ALA A 310 6.69 -11.49 24.13
C ALA A 310 7.13 -12.88 24.56
N PRO A 311 6.30 -13.60 25.31
CA PRO A 311 6.74 -14.84 25.95
C PRO A 311 7.07 -15.97 24.99
N LEU A 312 6.67 -15.88 23.72
CA LEU A 312 6.93 -16.93 22.75
C LEU A 312 8.03 -16.55 21.76
N TYR A 313 8.83 -15.54 22.07
CA TYR A 313 9.89 -15.12 21.17
C TYR A 313 10.91 -16.23 21.01
N MET A 314 11.29 -16.50 19.76
CA MET A 314 12.28 -17.53 19.44
C MET A 314 13.62 -16.87 19.17
N GLU A 315 14.60 -17.14 20.03
CA GLU A 315 15.92 -16.56 19.92
C GLU A 315 16.74 -17.28 18.87
N SER A 316 17.56 -16.53 18.14
CA SER A 316 18.43 -17.11 17.12
CA SER A 316 18.43 -17.11 17.12
C SER A 316 19.64 -17.76 17.78
N ARG A 317 19.96 -18.98 17.36
CA ARG A 317 21.08 -19.71 17.92
C ARG A 317 21.89 -20.32 16.79
N ALA A 318 22.93 -21.08 17.16
CA ALA A 318 23.87 -21.61 16.19
C ALA A 318 23.19 -22.52 15.19
N ASP A 319 23.78 -22.58 13.99
CA ASP A 319 23.34 -23.49 12.92
C ASP A 319 21.93 -23.15 12.44
N ARG A 320 21.62 -21.86 12.38
CA ARG A 320 20.38 -21.36 11.79
C ARG A 320 19.15 -21.92 12.50
N LYS A 321 19.25 -22.12 13.81
CA LYS A 321 18.16 -22.69 14.58
C LYS A 321 17.59 -21.66 15.55
N LEU A 322 16.31 -21.83 15.88
CA LEU A 322 15.58 -20.94 16.75
C LEU A 322 15.15 -21.69 18.01
N ALA A 323 15.05 -20.96 19.12
CA ALA A 323 14.69 -21.55 20.41
C ALA A 323 13.69 -20.63 21.10
N GLU A 324 12.47 -21.13 21.29
CA GLU A 324 11.45 -20.35 22.00
C GLU A 324 11.84 -20.19 23.46
N VAL A 325 12.02 -18.94 23.89
CA VAL A 325 12.46 -18.65 25.25
C VAL A 325 11.69 -17.47 25.82
N GLY A 326 11.22 -16.57 24.96
CA GLY A 326 10.54 -15.38 25.40
C GLY A 326 11.48 -14.19 25.52
N ARG A 327 10.89 -12.99 25.47
CA ARG A 327 11.67 -11.77 25.48
C ARG A 327 10.86 -10.62 26.08
N VAL A 328 11.56 -9.71 26.75
CA VAL A 328 10.97 -8.51 27.35
C VAL A 328 11.65 -7.29 26.72
N TYR A 329 10.84 -6.27 26.42
CA TYR A 329 11.31 -5.05 25.77
C TYR A 329 11.10 -3.86 26.70
N LEU A 330 12.14 -3.06 26.88
CA LEU A 330 12.07 -1.85 27.69
C LEU A 330 12.12 -0.63 26.79
N PHE A 331 11.12 0.24 26.90
CA PHE A 331 11.06 1.50 26.18
C PHE A 331 11.09 2.63 27.18
N LEU A 332 12.15 3.45 27.15
CA LEU A 332 12.27 4.60 28.02
C LEU A 332 11.56 5.79 27.38
N GLN A 333 10.76 6.49 28.17
CA GLN A 333 10.05 7.65 27.65
C GLN A 333 11.02 8.82 27.50
N PRO A 334 11.08 9.43 26.32
CA PRO A 334 12.00 10.55 26.11
C PRO A 334 11.49 11.84 26.75
N ARG A 335 12.40 12.80 26.87
CA ARG A 335 12.09 14.08 27.47
C ARG A 335 11.22 14.90 26.53
N GLY A 336 10.05 15.32 27.01
CA GLY A 336 9.17 16.18 26.24
C GLY A 336 8.42 15.44 25.15
N PRO A 337 7.68 16.19 24.32
CA PRO A 337 6.86 15.56 23.28
C PRO A 337 7.70 14.90 22.18
N HIS A 338 7.99 13.61 22.35
CA HIS A 338 8.75 12.87 21.36
C HIS A 338 8.29 11.42 21.35
N ALA A 339 8.52 10.76 20.22
CA ALA A 339 8.12 9.38 20.06
C ALA A 339 9.05 8.44 20.82
N LEU A 340 8.47 7.35 21.33
CA LEU A 340 9.27 6.29 21.90
C LEU A 340 10.07 5.62 20.79
N GLY A 341 11.39 5.62 20.92
CA GLY A 341 12.26 5.08 19.89
C GLY A 341 12.34 3.57 19.91
N ALA A 342 13.51 3.06 19.55
CA ALA A 342 13.78 1.63 19.61
C ALA A 342 13.82 1.20 21.08
N PRO A 343 13.78 -0.10 21.36
CA PRO A 343 13.92 -0.55 22.74
C PRO A 343 15.27 -0.13 23.31
N SER A 344 15.25 0.28 24.58
CA SER A 344 16.50 0.61 25.27
C SER A 344 17.23 -0.63 25.77
N LEU A 345 16.52 -1.76 25.90
CA LEU A 345 17.09 -2.97 26.47
C LEU A 345 16.24 -4.16 26.05
N LEU A 346 16.89 -5.27 25.73
CA LEU A 346 16.23 -6.53 25.42
C LEU A 346 16.64 -7.56 26.45
N LEU A 347 15.66 -8.12 27.15
CA LEU A 347 15.89 -9.22 28.08
C LEU A 347 15.30 -10.48 27.46
N THR A 348 16.12 -11.51 27.30
CA THR A 348 15.74 -12.72 26.59
C THR A 348 15.89 -13.92 27.53
N GLY A 349 14.89 -14.79 27.51
CA GLY A 349 14.91 -15.98 28.34
C GLY A 349 16.00 -16.95 27.92
N THR A 350 16.19 -17.95 28.78
CA THR A 350 17.20 -18.97 28.56
CA THR A 350 17.21 -18.98 28.60
C THR A 350 16.64 -20.37 28.45
N GLN A 351 15.62 -20.70 29.24
CA GLN A 351 15.07 -22.06 29.27
C GLN A 351 14.07 -22.24 28.14
N LEU A 352 14.28 -23.28 27.32
CA LEU A 352 13.37 -23.60 26.23
C LEU A 352 11.96 -23.79 26.75
N TYR A 353 11.01 -23.13 26.10
CA TYR A 353 9.58 -23.14 26.44
C TYR A 353 9.28 -22.53 27.80
N GLY A 354 10.23 -21.78 28.38
CA GLY A 354 10.02 -21.20 29.69
C GLY A 354 9.06 -20.03 29.71
N ARG A 355 8.85 -19.39 28.56
CA ARG A 355 7.89 -18.28 28.42
C ARG A 355 8.30 -17.08 29.30
N PHE A 356 9.58 -16.76 29.27
CA PHE A 356 10.08 -15.53 29.87
C PHE A 356 9.34 -14.32 29.31
N GLY A 357 8.84 -13.49 30.21
CA GLY A 357 8.02 -12.36 29.83
C GLY A 357 6.52 -12.61 29.80
N SER A 358 6.05 -13.74 30.33
CA SER A 358 4.62 -14.00 30.41
C SER A 358 3.93 -13.05 31.36
N ALA A 359 4.64 -12.57 32.39
CA ALA A 359 4.12 -11.60 33.33
C ALA A 359 5.24 -10.66 33.74
N ILE A 360 4.91 -9.36 33.86
CA ILE A 360 5.87 -8.34 34.25
C ILE A 360 5.24 -7.50 35.34
N ALA A 361 5.88 -7.46 36.51
CA ALA A 361 5.32 -6.76 37.65
C ALA A 361 6.24 -5.63 38.08
N PRO A 362 5.77 -4.39 38.10
CA PRO A 362 6.51 -3.34 38.80
C PRO A 362 6.63 -3.69 40.28
N LEU A 363 7.83 -3.55 40.81
CA LEU A 363 8.10 -3.84 42.21
C LEU A 363 8.20 -2.60 43.07
N GLY A 364 8.08 -1.41 42.47
CA GLY A 364 8.52 -0.24 43.20
C GLY A 364 10.03 -0.29 43.34
N ASP A 365 10.54 0.45 44.30
CA ASP A 365 11.98 0.45 44.60
C ASP A 365 12.24 -0.62 45.63
N LEU A 366 12.70 -1.78 45.17
CA LEU A 366 12.86 -2.95 46.05
C LEU A 366 14.02 -2.76 47.01
N ASP A 367 15.19 -2.41 46.50
CA ASP A 367 16.39 -2.26 47.33
C ASP A 367 16.57 -0.84 47.87
N ARG A 368 15.61 0.06 47.60
CA ARG A 368 15.58 1.40 48.19
C ARG A 368 16.79 2.23 47.76
N ASP A 369 17.16 2.15 46.49
CA ASP A 369 18.28 2.91 45.96
C ASP A 369 17.85 4.11 45.13
N GLY A 370 16.55 4.36 45.01
CA GLY A 370 16.04 5.48 44.24
C GLY A 370 15.58 5.15 42.83
N TYR A 371 15.68 3.88 42.43
CA TYR A 371 15.26 3.45 41.09
C TYR A 371 14.26 2.31 41.25
N ASN A 372 13.13 2.44 40.56
CA ASN A 372 12.12 1.39 40.59
C ASN A 372 12.61 0.16 39.83
N ASP A 373 12.10 -1.00 40.26
CA ASP A 373 12.57 -2.29 39.76
C ASP A 373 11.37 -3.10 39.27
N ILE A 374 11.66 -4.23 38.63
CA ILE A 374 10.63 -5.09 38.07
C ILE A 374 10.95 -6.55 38.35
N ALA A 375 9.91 -7.38 38.25
CA ALA A 375 10.03 -8.83 38.27
C ALA A 375 9.45 -9.37 36.99
N VAL A 376 10.16 -10.29 36.34
CA VAL A 376 9.71 -10.95 35.12
C VAL A 376 9.51 -12.41 35.42
N ALA A 377 8.40 -12.96 34.94
CA ALA A 377 8.05 -14.35 35.18
C ALA A 377 8.40 -15.22 33.98
N ALA A 378 8.88 -16.42 34.26
CA ALA A 378 9.05 -17.48 33.27
C ALA A 378 8.36 -18.71 33.85
N PRO A 379 7.04 -18.82 33.66
CA PRO A 379 6.26 -19.81 34.41
C PRO A 379 6.66 -21.25 34.15
N TYR A 380 7.46 -21.52 33.11
CA TYR A 380 7.94 -22.86 32.84
C TYR A 380 9.45 -22.88 32.66
N GLY A 381 10.14 -21.88 33.21
CA GLY A 381 11.58 -21.78 33.13
C GLY A 381 12.26 -22.44 34.30
N GLY A 382 13.53 -22.09 34.48
CA GLY A 382 14.37 -22.76 35.45
C GLY A 382 14.93 -24.04 34.87
N PRO A 383 16.01 -24.55 35.46
CA PRO A 383 16.59 -25.80 34.94
C PRO A 383 15.64 -26.98 35.00
N SER A 384 14.67 -26.96 35.91
CA SER A 384 13.71 -28.05 36.04
C SER A 384 12.40 -27.79 35.29
N GLY A 385 12.23 -26.61 34.71
CA GLY A 385 10.98 -26.28 34.04
C GLY A 385 9.81 -26.00 34.97
N ARG A 386 10.06 -25.89 36.28
CA ARG A 386 8.98 -25.66 37.23
C ARG A 386 8.57 -24.19 37.31
N GLY A 387 9.40 -23.28 36.79
CA GLY A 387 9.06 -21.86 36.81
C GLY A 387 10.03 -21.00 37.59
N GLN A 388 10.23 -19.77 37.12
CA GLN A 388 11.16 -18.84 37.75
C GLN A 388 10.63 -17.42 37.66
N VAL A 389 10.94 -16.63 38.67
CA VAL A 389 10.69 -15.18 38.67
C VAL A 389 12.04 -14.49 38.84
N LEU A 390 12.33 -13.53 37.95
CA LEU A 390 13.63 -12.88 37.91
C LEU A 390 13.46 -11.39 38.20
N VAL A 391 14.24 -10.89 39.15
CA VAL A 391 14.19 -9.48 39.54
C VAL A 391 15.27 -8.72 38.78
N PHE A 392 14.87 -7.62 38.14
CA PHE A 392 15.80 -6.72 37.47
C PHE A 392 15.69 -5.35 38.13
N LEU A 393 16.84 -4.76 38.44
CA LEU A 393 16.88 -3.51 39.19
C LEU A 393 16.98 -2.32 38.23
N GLY A 394 16.34 -1.23 38.62
CA GLY A 394 16.46 0.00 37.86
C GLY A 394 17.83 0.63 38.04
N GLN A 395 18.16 1.50 37.10
CA GLN A 395 19.41 2.25 37.12
C GLN A 395 19.23 3.50 36.27
N SER A 396 20.23 4.38 36.31
CA SER A 396 20.12 5.66 35.64
C SER A 396 19.90 5.51 34.13
N GLU A 397 20.34 4.40 33.55
CA GLU A 397 20.21 4.17 32.12
C GLU A 397 19.10 3.20 31.77
N GLY A 398 18.24 2.85 32.73
CA GLY A 398 17.16 1.91 32.48
C GLY A 398 17.14 0.78 33.48
N LEU A 399 17.39 -0.44 33.01
CA LEU A 399 17.43 -1.63 33.86
C LEU A 399 18.77 -2.32 33.72
N ARG A 400 19.15 -3.05 34.76
CA ARG A 400 20.30 -3.95 34.65
C ARG A 400 19.97 -5.06 33.67
N SER A 401 20.96 -5.45 32.87
CA SER A 401 20.74 -6.50 31.87
C SER A 401 20.77 -7.89 32.47
N ARG A 402 21.31 -8.05 33.68
CA ARG A 402 21.32 -9.31 34.38
C ARG A 402 20.48 -9.23 35.65
N PRO A 403 19.82 -10.31 36.05
CA PRO A 403 18.94 -10.25 37.23
C PRO A 403 19.74 -10.17 38.52
N SER A 404 19.17 -9.43 39.48
CA SER A 404 19.76 -9.33 40.81
C SER A 404 19.39 -10.52 41.69
N GLN A 405 18.33 -11.25 41.34
CA GLN A 405 17.81 -12.33 42.16
C GLN A 405 16.88 -13.17 41.31
N VAL A 406 16.90 -14.49 41.53
CA VAL A 406 16.05 -15.43 40.81
C VAL A 406 15.29 -16.26 41.83
N LEU A 407 13.97 -16.29 41.69
CA LEU A 407 13.10 -17.03 42.61
C LEU A 407 12.64 -18.31 41.92
N ASP A 408 13.12 -19.45 42.41
CA ASP A 408 12.69 -20.74 41.89
C ASP A 408 11.36 -21.15 42.52
N SER A 409 10.51 -21.77 41.71
CA SER A 409 9.19 -22.15 42.16
C SER A 409 9.28 -23.12 43.34
N PRO A 410 8.56 -22.89 44.43
CA PRO A 410 8.50 -23.88 45.51
C PRO A 410 7.43 -24.94 45.30
N PHE A 411 6.75 -24.94 44.15
CA PHE A 411 5.63 -25.81 43.87
C PHE A 411 6.07 -26.92 42.91
N PRO A 412 5.24 -27.97 42.74
CA PRO A 412 5.60 -29.04 41.80
C PRO A 412 5.53 -28.59 40.34
N THR A 413 5.87 -29.50 39.43
CA THR A 413 5.76 -29.21 38.01
C THR A 413 4.32 -28.89 37.63
N GLY A 414 4.16 -27.94 36.71
CA GLY A 414 2.84 -27.58 36.21
C GLY A 414 2.09 -26.55 37.02
N SER A 415 2.72 -25.96 38.04
CA SER A 415 2.03 -24.99 38.86
C SER A 415 1.81 -23.66 38.15
N ALA A 416 2.54 -23.42 37.06
CA ALA A 416 2.52 -22.14 36.35
C ALA A 416 2.93 -20.99 37.26
N PHE A 417 3.89 -21.27 38.15
CA PHE A 417 4.46 -20.29 39.06
C PHE A 417 4.93 -19.04 38.32
N GLY A 418 4.35 -17.90 38.66
CA GLY A 418 4.68 -16.65 38.01
C GLY A 418 3.67 -16.19 36.97
N PHE A 419 2.75 -17.05 36.56
CA PHE A 419 1.73 -16.67 35.58
C PHE A 419 1.03 -15.38 35.97
N SER A 420 0.89 -15.12 37.27
CA SER A 420 0.38 -13.85 37.77
C SER A 420 1.32 -13.30 38.81
N LEU A 421 1.55 -11.99 38.76
CA LEU A 421 2.47 -11.32 39.67
C LEU A 421 1.84 -10.01 40.14
N ARG A 422 2.30 -9.53 41.30
CA ARG A 422 1.94 -8.20 41.76
C ARG A 422 2.94 -7.77 42.82
N GLY A 423 3.49 -6.57 42.66
CA GLY A 423 4.42 -6.04 43.64
C GLY A 423 4.12 -4.60 44.02
N ALA A 424 5.13 -3.91 44.55
CA ALA A 424 5.09 -2.48 44.88
C ALA A 424 4.18 -2.15 46.05
N VAL A 425 3.85 -3.12 46.90
CA VAL A 425 3.05 -2.87 48.09
C VAL A 425 3.70 -3.55 49.28
N ASP A 426 3.83 -2.81 50.38
CA ASP A 426 4.44 -3.28 51.62
C ASP A 426 3.35 -3.92 52.47
N ILE A 427 3.26 -5.25 52.43
CA ILE A 427 2.14 -5.93 53.07
C ILE A 427 2.37 -6.11 54.57
N ASP A 428 3.62 -6.20 55.00
CA ASP A 428 3.93 -6.39 56.42
C ASP A 428 4.40 -5.11 57.09
N ASP A 429 4.38 -3.99 56.39
CA ASP A 429 4.65 -2.67 56.97
C ASP A 429 6.07 -2.56 57.53
N ASN A 430 7.03 -3.16 56.85
CA ASN A 430 8.42 -3.08 57.27
C ASN A 430 9.22 -2.07 56.46
N GLY A 431 8.56 -1.28 55.62
CA GLY A 431 9.24 -0.26 54.85
C GLY A 431 9.81 -0.72 53.52
N TYR A 432 9.58 -1.97 53.14
CA TYR A 432 10.09 -2.52 51.89
C TYR A 432 8.94 -3.13 51.09
N PRO A 433 8.85 -2.85 49.79
CA PRO A 433 7.74 -3.38 48.99
C PRO A 433 7.93 -4.87 48.69
N ASP A 434 6.82 -5.60 48.73
CA ASP A 434 6.84 -7.05 48.69
C ASP A 434 6.20 -7.56 47.40
N LEU A 435 6.30 -8.88 47.21
CA LEU A 435 5.90 -9.51 45.96
C LEU A 435 5.01 -10.70 46.24
N ILE A 436 3.86 -10.76 45.55
CA ILE A 436 2.96 -11.92 45.60
C ILE A 436 2.99 -12.59 44.24
N VAL A 437 3.10 -13.93 44.26
CA VAL A 437 3.26 -14.72 43.04
C VAL A 437 2.17 -15.79 43.02
N GLY A 438 1.39 -15.81 41.95
CA GLY A 438 0.35 -16.81 41.78
C GLY A 438 0.89 -18.03 41.06
N ALA A 439 0.36 -19.21 41.47
CA ALA A 439 0.69 -20.49 40.85
C ALA A 439 -0.63 -21.27 40.75
N TYR A 440 -1.44 -20.89 39.77
CA TYR A 440 -2.80 -21.43 39.68
C TYR A 440 -2.81 -22.94 39.44
N GLY A 441 -1.75 -23.47 38.82
CA GLY A 441 -1.67 -24.91 38.62
C GLY A 441 -1.60 -25.68 39.92
N ALA A 442 -1.06 -25.07 40.97
CA ALA A 442 -1.02 -25.65 42.30
C ALA A 442 -2.09 -25.06 43.22
N ASN A 443 -2.91 -24.15 42.72
CA ASN A 443 -3.99 -23.53 43.49
C ASN A 443 -3.46 -22.80 44.72
N GLN A 444 -2.33 -22.12 44.56
CA GLN A 444 -1.67 -21.49 45.70
C GLN A 444 -1.08 -20.15 45.28
N VAL A 445 -0.80 -19.34 46.30
CA VAL A 445 -0.14 -18.04 46.13
C VAL A 445 1.01 -17.98 47.11
N ALA A 446 2.18 -17.56 46.63
CA ALA A 446 3.36 -17.40 47.46
C ALA A 446 3.65 -15.92 47.67
N VAL A 447 3.93 -15.54 48.91
CA VAL A 447 4.23 -14.17 49.26
C VAL A 447 5.72 -14.08 49.60
N TYR A 448 6.43 -13.20 48.89
CA TYR A 448 7.85 -12.96 49.14
C TYR A 448 7.99 -11.60 49.83
N ARG A 449 8.51 -11.62 51.04
CA ARG A 449 8.73 -10.40 51.80
C ARG A 449 10.12 -9.83 51.50
N ALA A 450 10.17 -8.54 51.21
CA ALA A 450 11.45 -7.88 51.03
C ALA A 450 12.04 -7.52 52.39
N GLN A 451 13.36 -7.64 52.49
CA GLN A 451 14.09 -7.45 53.73
C GLN A 451 15.21 -6.46 53.50
N PRO A 452 15.78 -5.91 54.57
CA PRO A 452 16.93 -5.02 54.41
C PRO A 452 18.05 -5.66 53.59
N VAL A 453 18.71 -4.84 52.78
CA VAL A 453 19.72 -5.35 51.86
C VAL A 453 20.90 -5.92 52.64
N VAL A 454 21.41 -7.05 52.17
CA VAL A 454 22.56 -7.70 52.79
C VAL A 454 23.75 -7.66 51.83
N GLY B 1 69.73 -29.43 13.02
CA GLY B 1 69.77 -28.42 14.08
C GLY B 1 68.63 -28.55 15.07
N PRO B 2 68.64 -27.70 16.10
CA PRO B 2 67.58 -27.77 17.11
C PRO B 2 66.25 -27.26 16.58
N ASN B 3 65.17 -27.75 17.17
CA ASN B 3 63.82 -27.42 16.75
C ASN B 3 62.95 -27.29 17.99
N ILE B 4 61.65 -27.09 17.79
CA ILE B 4 60.72 -26.96 18.89
C ILE B 4 60.62 -28.23 19.72
N CYS B 5 60.96 -29.38 19.15
CA CYS B 5 60.92 -30.63 19.92
C CYS B 5 62.04 -30.66 20.97
N THR B 6 63.24 -30.23 20.59
CA THR B 6 64.38 -30.23 21.51
C THR B 6 64.43 -28.96 22.36
N THR B 7 64.25 -27.79 21.74
CA THR B 7 64.36 -26.54 22.47
C THR B 7 63.32 -26.40 23.57
N ARG B 8 62.21 -27.14 23.50
CA ARG B 8 61.24 -27.13 24.58
C ARG B 8 61.74 -27.85 25.82
N GLY B 9 62.68 -28.78 25.67
CA GLY B 9 63.23 -29.51 26.80
C GLY B 9 62.17 -30.27 27.57
N VAL B 10 61.60 -31.31 26.94
CA VAL B 10 60.51 -32.07 27.54
C VAL B 10 61.05 -33.02 28.60
N SER B 11 60.15 -33.56 29.43
CA SER B 11 60.55 -34.43 30.52
C SER B 11 60.10 -35.88 30.34
N SER B 12 59.22 -36.16 29.39
CA SER B 12 58.70 -37.52 29.23
C SER B 12 58.27 -37.74 27.79
N CYS B 13 57.93 -39.00 27.48
CA CYS B 13 57.45 -39.34 26.15
C CYS B 13 56.10 -38.70 25.87
N GLN B 14 55.22 -38.63 26.88
CA GLN B 14 53.92 -38.00 26.70
C GLN B 14 54.06 -36.51 26.43
N GLN B 15 54.93 -35.83 27.19
CA GLN B 15 55.15 -34.41 26.96
C GLN B 15 55.79 -34.15 25.60
N CYS B 16 56.59 -35.10 25.10
CA CYS B 16 57.25 -34.92 23.82
C CYS B 16 56.25 -34.89 22.67
N LEU B 17 55.30 -35.83 22.68
CA LEU B 17 54.31 -35.88 21.62
C LEU B 17 53.36 -34.68 21.68
N ALA B 18 53.18 -34.10 22.86
CA ALA B 18 52.31 -32.94 23.02
C ALA B 18 52.93 -31.65 22.50
N VAL B 19 54.22 -31.64 22.19
CA VAL B 19 54.86 -30.44 21.67
C VAL B 19 54.30 -30.10 20.29
N SER B 20 54.39 -31.05 19.36
CA SER B 20 53.99 -30.82 17.97
C SER B 20 53.70 -32.17 17.34
N PRO B 21 52.80 -32.21 16.34
CA PRO B 21 52.52 -33.50 15.66
C PRO B 21 53.73 -34.08 14.95
N MET B 22 54.83 -33.34 14.80
CA MET B 22 56.01 -33.82 14.11
C MET B 22 57.04 -34.42 15.04
N CYS B 23 56.90 -34.25 16.35
CA CYS B 23 57.91 -34.71 17.28
C CYS B 23 57.80 -36.22 17.51
N ALA B 24 58.95 -36.85 17.75
CA ALA B 24 59.04 -38.27 18.05
C ALA B 24 59.92 -38.47 19.28
N TRP B 25 59.74 -39.61 19.94
CA TRP B 25 60.45 -39.93 21.17
C TRP B 25 61.23 -41.23 21.01
N CYS B 26 62.46 -41.24 21.49
CA CYS B 26 63.32 -42.41 21.45
C CYS B 26 63.41 -42.99 22.85
N SER B 27 62.98 -44.24 23.01
CA SER B 27 63.00 -44.94 24.28
C SER B 27 64.21 -45.86 24.42
N ASP B 28 65.26 -45.61 23.65
CA ASP B 28 66.42 -46.48 23.64
C ASP B 28 67.31 -46.20 24.84
N GLU B 29 67.97 -47.27 25.34
CA GLU B 29 68.91 -47.11 26.44
C GLU B 29 70.21 -46.49 25.97
N ALA B 30 70.82 -47.05 24.93
CA ALA B 30 72.11 -46.59 24.42
C ALA B 30 71.91 -45.29 23.64
N LEU B 31 71.80 -44.19 24.40
CA LEU B 31 71.62 -42.87 23.83
C LEU B 31 72.52 -41.92 24.61
N PRO B 32 73.34 -41.12 23.91
CA PRO B 32 74.27 -40.23 24.62
C PRO B 32 73.56 -39.29 25.58
N LEU B 33 74.28 -38.89 26.64
CA LEU B 33 73.71 -38.04 27.66
C LEU B 33 73.28 -36.70 27.08
N GLY B 34 74.13 -36.10 26.24
CA GLY B 34 73.82 -34.79 25.69
C GLY B 34 72.82 -34.82 24.55
N SER B 35 72.57 -35.98 23.98
CA SER B 35 71.65 -36.07 22.84
C SER B 35 70.21 -36.09 23.34
N PRO B 36 69.34 -35.26 22.79
CA PRO B 36 67.94 -35.27 23.22
C PRO B 36 67.17 -36.45 22.64
N ARG B 37 66.21 -36.94 23.43
CA ARG B 37 65.36 -38.04 23.02
C ARG B 37 64.11 -37.61 22.27
N CYS B 38 63.82 -36.31 22.26
CA CYS B 38 62.63 -35.76 21.62
C CYS B 38 63.07 -34.92 20.42
N ASP B 39 62.96 -35.50 19.23
CA ASP B 39 63.42 -34.84 18.02
C ASP B 39 62.60 -35.38 16.85
N LEU B 40 62.90 -34.88 15.65
CA LEU B 40 62.29 -35.44 14.45
C LEU B 40 62.67 -36.90 14.32
N LYS B 41 61.77 -37.69 13.73
CA LYS B 41 62.05 -39.11 13.54
C LYS B 41 63.27 -39.32 12.67
N GLU B 42 63.55 -38.40 11.75
CA GLU B 42 64.76 -38.50 10.93
C GLU B 42 66.01 -38.30 11.77
N ASN B 43 65.97 -37.36 12.72
CA ASN B 43 67.15 -37.08 13.53
C ASN B 43 67.43 -38.20 14.52
N LEU B 44 66.40 -38.87 15.02
CA LEU B 44 66.61 -39.96 15.96
C LEU B 44 67.30 -41.15 15.29
N LEU B 45 66.77 -41.58 14.14
CA LEU B 45 67.46 -42.62 13.37
C LEU B 45 68.85 -42.17 12.95
N LYS B 46 69.03 -40.87 12.71
CA LYS B 46 70.36 -40.35 12.40
C LYS B 46 71.31 -40.51 13.56
N ASP B 47 70.81 -40.48 14.79
CA ASP B 47 71.61 -40.67 16.00
C ASP B 47 71.58 -42.11 16.51
N ASN B 48 71.41 -43.07 15.60
CA ASN B 48 71.51 -44.50 15.91
C ASN B 48 70.48 -44.93 16.96
N CYS B 49 69.29 -44.33 16.94
CA CYS B 49 68.21 -44.76 17.82
C CYS B 49 67.58 -46.03 17.26
N ALA B 50 67.33 -47.00 18.14
CA ALA B 50 66.74 -48.27 17.72
C ALA B 50 65.36 -48.02 17.10
N PRO B 51 65.12 -48.48 15.87
CA PRO B 51 63.82 -48.20 15.23
C PRO B 51 62.61 -48.69 16.02
N GLU B 52 62.78 -49.75 16.81
CA GLU B 52 61.68 -50.26 17.62
C GLU B 52 61.38 -49.39 18.83
N SER B 53 62.36 -48.60 19.30
CA SER B 53 62.19 -47.74 20.45
C SER B 53 61.68 -46.35 20.09
N ILE B 54 61.27 -46.14 18.85
CA ILE B 54 60.83 -44.83 18.39
C ILE B 54 59.32 -44.72 18.54
N GLU B 55 58.87 -43.76 19.33
CA GLU B 55 57.45 -43.48 19.50
C GLU B 55 57.09 -42.30 18.60
N PHE B 56 56.29 -42.57 17.57
CA PHE B 56 55.88 -41.52 16.64
C PHE B 56 54.53 -41.86 16.03
N PRO B 57 53.43 -41.54 16.70
CA PRO B 57 52.11 -41.80 16.11
C PRO B 57 51.84 -40.88 14.93
N VAL B 58 51.00 -41.35 14.01
CA VAL B 58 50.63 -40.61 12.81
C VAL B 58 49.11 -40.58 12.73
N SER B 59 48.55 -39.37 12.64
CA SER B 59 47.11 -39.22 12.51
C SER B 59 46.65 -39.80 11.17
N GLU B 60 45.64 -40.66 11.22
CA GLU B 60 45.17 -41.36 10.03
C GLU B 60 43.64 -41.34 10.02
N ALA B 61 43.08 -41.94 8.97
CA ALA B 61 41.62 -42.01 8.81
C ALA B 61 41.32 -43.15 7.84
N ARG B 62 40.81 -44.26 8.36
CA ARG B 62 40.49 -45.42 7.54
C ARG B 62 39.01 -45.74 7.66
N VAL B 63 38.42 -46.21 6.56
CA VAL B 63 37.00 -46.53 6.54
C VAL B 63 36.79 -47.91 7.15
N LEU B 64 35.69 -48.05 7.87
CA LEU B 64 35.25 -49.34 8.41
C LEU B 64 34.06 -49.91 7.67
N GLU B 65 33.10 -49.06 7.31
CA GLU B 65 31.96 -49.44 6.48
C GLU B 65 31.91 -48.52 5.27
N ASP B 66 31.87 -49.11 4.07
CA ASP B 66 31.94 -48.35 2.84
C ASP B 66 31.01 -48.96 1.78
N ARG B 67 29.74 -49.05 2.13
CA ARG B 67 28.75 -49.58 1.19
C ARG B 67 28.62 -48.63 -0.01
N PRO B 68 28.39 -49.17 -1.20
CA PRO B 68 28.19 -48.30 -2.36
C PRO B 68 26.84 -47.63 -2.33
N LEU B 69 26.78 -46.41 -2.89
CA LEU B 69 25.53 -45.70 -2.99
C LEU B 69 24.56 -46.45 -3.89
N SER B 70 23.30 -46.51 -3.47
CA SER B 70 22.29 -47.24 -4.22
C SER B 70 21.88 -46.47 -5.46
N ASP B 71 21.69 -47.19 -6.57
CA ASP B 71 21.17 -46.59 -7.78
C ASP B 71 19.65 -46.44 -7.74
N LYS B 72 18.97 -47.19 -6.87
CA LYS B 72 17.53 -47.15 -6.76
C LYS B 72 17.12 -47.30 -5.31
N GLY B 73 16.14 -46.51 -4.89
CA GLY B 73 15.56 -46.66 -3.57
C GLY B 73 14.42 -47.63 -3.51
N SER B 74 13.99 -48.15 -4.66
CA SER B 74 12.93 -49.14 -4.71
C SER B 74 13.45 -50.48 -4.23
N GLY B 75 12.54 -51.43 -4.06
CA GLY B 75 12.89 -52.75 -3.60
C GLY B 75 13.53 -52.73 -2.22
N ASP B 76 14.05 -53.90 -1.85
CA ASP B 76 14.75 -54.12 -0.57
C ASP B 76 13.84 -53.91 0.63
N SER B 77 14.24 -54.45 1.77
CA SER B 77 13.65 -54.07 3.05
C SER B 77 14.42 -52.90 3.65
N SER B 78 14.57 -51.84 2.86
CA SER B 78 15.34 -50.65 3.22
C SER B 78 16.81 -50.99 3.50
N GLN B 79 17.43 -51.69 2.54
CA GLN B 79 18.88 -51.81 2.47
C GLN B 79 19.47 -50.73 1.55
N VAL B 80 18.79 -49.60 1.43
CA VAL B 80 19.24 -48.52 0.55
C VAL B 80 20.34 -47.73 1.24
N THR B 81 21.38 -47.39 0.47
CA THR B 81 22.49 -46.60 0.97
C THR B 81 22.45 -45.22 0.35
N GLN B 82 22.39 -44.18 1.19
CA GLN B 82 22.40 -42.81 0.75
C GLN B 82 23.68 -42.05 1.10
N VAL B 83 24.42 -42.51 2.10
CA VAL B 83 25.62 -41.85 2.58
C VAL B 83 26.78 -42.84 2.52
N SER B 84 27.92 -42.39 1.99
CA SER B 84 29.10 -43.24 1.88
C SER B 84 30.34 -42.39 2.14
N PRO B 85 31.26 -42.85 3.00
CA PRO B 85 31.14 -44.10 3.76
C PRO B 85 30.15 -43.98 4.92
N GLN B 86 29.82 -45.11 5.55
CA GLN B 86 28.90 -45.11 6.67
C GLN B 86 29.59 -45.08 8.02
N ARG B 87 30.84 -45.52 8.09
CA ARG B 87 31.58 -45.54 9.35
C ARG B 87 33.07 -45.50 9.04
N ILE B 88 33.80 -44.62 9.74
CA ILE B 88 35.25 -44.53 9.59
C ILE B 88 35.86 -44.45 10.98
N ALA B 89 37.14 -44.85 11.05
CA ALA B 89 37.93 -44.74 12.26
C ALA B 89 38.90 -43.57 12.10
N LEU B 90 38.94 -42.69 13.10
CA LEU B 90 39.75 -41.49 13.06
C LEU B 90 40.71 -41.50 14.24
N ARG B 91 42.01 -41.33 13.95
CA ARG B 91 43.05 -41.28 14.96
C ARG B 91 43.74 -39.93 14.87
N LEU B 92 43.91 -39.28 16.03
CA LEU B 92 44.48 -37.94 16.08
C LEU B 92 45.40 -37.82 17.28
N ARG B 93 46.60 -37.27 17.06
CA ARG B 93 47.52 -36.92 18.14
C ARG B 93 47.33 -35.44 18.48
N PRO B 94 47.83 -34.99 19.64
CA PRO B 94 47.48 -33.65 20.13
C PRO B 94 47.75 -32.55 19.12
N ASP B 95 46.79 -31.62 19.02
CA ASP B 95 46.88 -30.41 18.21
C ASP B 95 47.04 -30.71 16.71
N ASP B 96 46.78 -31.94 16.29
CA ASP B 96 46.91 -32.35 14.91
C ASP B 96 45.53 -32.31 14.23
N SER B 97 45.52 -32.61 12.94
CA SER B 97 44.29 -32.60 12.17
C SER B 97 44.38 -33.61 11.04
N LYS B 98 43.24 -34.24 10.74
CA LYS B 98 43.13 -35.19 9.65
C LYS B 98 41.85 -34.90 8.87
N ASN B 99 41.84 -35.29 7.60
CA ASN B 99 40.71 -35.01 6.72
C ASN B 99 40.12 -36.30 6.16
N PHE B 100 38.85 -36.21 5.79
CA PHE B 100 38.13 -37.34 5.19
C PHE B 100 36.99 -36.78 4.36
N SER B 101 36.35 -37.66 3.59
CA SER B 101 35.30 -37.28 2.67
C SER B 101 33.99 -37.99 3.02
N ILE B 102 32.92 -37.48 2.44
CA ILE B 102 31.59 -38.08 2.58
C ILE B 102 30.82 -37.81 1.30
N GLN B 103 30.12 -38.83 0.81
CA GLN B 103 29.28 -38.73 -0.38
C GLN B 103 27.82 -38.86 0.01
N VAL B 104 26.98 -38.01 -0.56
CA VAL B 104 25.54 -38.01 -0.31
C VAL B 104 24.82 -38.01 -1.64
N ARG B 105 23.85 -38.92 -1.79
CA ARG B 105 23.09 -39.05 -3.03
C ARG B 105 21.60 -38.95 -2.72
N GLN B 106 20.89 -38.18 -3.54
CA GLN B 106 19.43 -38.13 -3.49
C GLN B 106 18.92 -39.29 -4.34
N VAL B 107 18.70 -40.43 -3.69
CA VAL B 107 18.48 -41.68 -4.40
C VAL B 107 17.19 -41.62 -5.22
N GLU B 108 17.25 -42.23 -6.41
CA GLU B 108 16.09 -42.29 -7.30
C GLU B 108 15.14 -43.39 -6.86
N ASP B 109 13.84 -43.12 -7.05
CA ASP B 109 12.77 -44.10 -6.75
C ASP B 109 12.73 -44.42 -5.26
N TYR B 110 12.67 -43.39 -4.43
CA TYR B 110 12.56 -43.53 -2.99
C TYR B 110 11.10 -43.43 -2.55
N PRO B 111 10.67 -44.26 -1.60
CA PRO B 111 9.27 -44.25 -1.18
C PRO B 111 8.85 -42.91 -0.60
N VAL B 112 7.54 -42.63 -0.69
CA VAL B 112 6.97 -41.35 -0.31
C VAL B 112 5.67 -41.58 0.43
N ASP B 113 5.48 -40.89 1.56
CA ASP B 113 4.21 -40.79 2.26
C ASP B 113 3.67 -39.38 2.09
N ILE B 114 2.40 -39.26 1.75
CA ILE B 114 1.73 -37.96 1.58
C ILE B 114 0.44 -37.98 2.38
N TYR B 115 0.43 -37.29 3.51
CA TYR B 115 -0.77 -37.15 4.33
C TYR B 115 -1.42 -35.81 4.01
N TYR B 116 -2.67 -35.86 3.53
CA TYR B 116 -3.40 -34.68 3.10
C TYR B 116 -4.21 -34.15 4.28
N LEU B 117 -3.78 -33.02 4.85
CA LEU B 117 -4.42 -32.41 6.01
C LEU B 117 -5.16 -31.17 5.54
N MET B 118 -6.50 -31.21 5.60
CA MET B 118 -7.35 -30.27 4.88
C MET B 118 -8.20 -29.46 5.83
N ASP B 119 -8.16 -28.14 5.67
CA ASP B 119 -9.17 -27.27 6.24
C ASP B 119 -10.55 -27.66 5.70
N LEU B 120 -11.49 -27.93 6.60
CA LEU B 120 -12.85 -28.25 6.20
C LEU B 120 -13.86 -27.30 6.84
N SER B 121 -13.48 -26.06 7.09
CA SER B 121 -14.46 -25.04 7.39
C SER B 121 -15.26 -24.72 6.12
N TYR B 122 -16.24 -23.82 6.25
CA TYR B 122 -17.30 -23.76 5.25
C TYR B 122 -16.81 -23.33 3.87
N SER B 123 -15.77 -22.49 3.81
CA SER B 123 -15.30 -21.98 2.52
C SER B 123 -14.56 -23.03 1.69
N MET B 124 -14.30 -24.20 2.26
CA MET B 124 -13.63 -25.29 1.55
C MET B 124 -14.61 -26.30 0.96
N LYS B 125 -15.89 -25.95 0.90
CA LYS B 125 -16.89 -26.85 0.33
C LYS B 125 -16.61 -27.10 -1.15
N ASP B 126 -16.25 -26.06 -1.89
N ASP B 126 -16.25 -26.06 -1.90
CA ASP B 126 -15.87 -26.20 -3.29
CA ASP B 126 -15.90 -26.25 -3.30
C ASP B 126 -14.62 -27.05 -3.43
C ASP B 126 -14.60 -27.04 -3.45
N ASP B 127 -13.69 -26.90 -2.49
CA ASP B 127 -12.41 -27.61 -2.57
C ASP B 127 -12.59 -29.12 -2.45
N LEU B 128 -13.49 -29.56 -1.57
CA LEU B 128 -13.76 -30.99 -1.42
C LEU B 128 -14.21 -31.61 -2.74
N TRP B 129 -15.02 -30.88 -3.51
CA TRP B 129 -15.56 -31.44 -4.74
C TRP B 129 -14.47 -31.65 -5.78
N SER B 130 -13.43 -30.81 -5.80
CA SER B 130 -12.43 -30.88 -6.86
C SER B 130 -11.36 -31.93 -6.59
N ILE B 131 -11.21 -32.40 -5.37
CA ILE B 131 -10.19 -33.38 -5.03
C ILE B 131 -10.76 -34.78 -4.87
N GLN B 132 -11.99 -35.01 -5.35
N GLN B 132 -11.98 -35.01 -5.34
CA GLN B 132 -12.59 -36.34 -5.22
CA GLN B 132 -12.60 -36.33 -5.24
C GLN B 132 -11.88 -37.39 -6.07
C GLN B 132 -11.87 -37.38 -6.06
N ASN B 133 -11.08 -36.96 -7.04
CA ASN B 133 -10.27 -37.88 -7.84
C ASN B 133 -8.78 -37.67 -7.61
N LEU B 134 -8.41 -36.85 -6.62
CA LEU B 134 -7.01 -36.51 -6.41
C LEU B 134 -6.16 -37.74 -6.10
N GLY B 135 -6.73 -38.70 -5.35
CA GLY B 135 -5.97 -39.89 -5.00
C GLY B 135 -5.44 -40.63 -6.21
N THR B 136 -6.30 -40.84 -7.21
CA THR B 136 -5.86 -41.53 -8.43
C THR B 136 -5.02 -40.61 -9.31
N LYS B 137 -5.43 -39.34 -9.46
CA LYS B 137 -4.64 -38.39 -10.24
C LYS B 137 -3.24 -38.24 -9.67
N LEU B 138 -3.12 -38.15 -8.34
CA LEU B 138 -1.81 -38.04 -7.71
C LEU B 138 -1.01 -39.32 -7.87
N ALA B 139 -1.68 -40.47 -7.88
CA ALA B 139 -0.98 -41.74 -8.06
C ALA B 139 -0.34 -41.82 -9.44
N THR B 140 -1.02 -41.29 -10.46
CA THR B 140 -0.48 -41.35 -11.82
C THR B 140 0.80 -40.53 -11.94
N GLN B 141 0.81 -39.33 -11.38
CA GLN B 141 1.96 -38.44 -11.55
C GLN B 141 3.12 -38.85 -10.64
N MET B 142 2.82 -39.26 -9.40
CA MET B 142 3.87 -39.71 -8.50
C MET B 142 4.48 -41.03 -8.94
N ARG B 143 3.77 -41.80 -9.79
CA ARG B 143 4.32 -43.05 -10.32
C ARG B 143 5.56 -42.80 -11.16
N LYS B 144 5.69 -41.61 -11.73
CA LYS B 144 6.88 -41.27 -12.51
C LYS B 144 8.10 -41.03 -11.64
N LEU B 145 7.92 -40.86 -10.33
CA LEU B 145 9.02 -40.55 -9.43
C LEU B 145 9.27 -41.63 -8.39
N THR B 146 8.27 -42.44 -8.04
CA THR B 146 8.43 -43.46 -7.02
C THR B 146 7.47 -44.62 -7.31
N SER B 147 7.86 -45.80 -6.86
CA SER B 147 7.02 -46.99 -6.97
C SER B 147 6.44 -47.42 -5.63
N ASN B 148 6.66 -46.65 -4.57
CA ASN B 148 6.13 -46.94 -3.22
C ASN B 148 5.46 -45.66 -2.70
N LEU B 149 4.25 -45.41 -3.14
CA LEU B 149 3.48 -44.25 -2.73
C LEU B 149 2.38 -44.67 -1.76
N ARG B 150 2.30 -43.98 -0.63
CA ARG B 150 1.19 -44.12 0.31
C ARG B 150 0.60 -42.74 0.56
N ILE B 151 -0.72 -42.67 0.68
CA ILE B 151 -1.41 -41.41 0.91
C ILE B 151 -2.46 -41.59 1.99
N GLY B 152 -2.74 -40.51 2.72
CA GLY B 152 -3.72 -40.49 3.78
C GLY B 152 -4.42 -39.16 3.83
N PHE B 153 -5.44 -39.08 4.69
CA PHE B 153 -6.29 -37.90 4.75
C PHE B 153 -6.68 -37.58 6.18
N GLY B 154 -6.58 -36.29 6.53
CA GLY B 154 -7.11 -35.79 7.77
C GLY B 154 -7.77 -34.45 7.54
N ALA B 155 -8.58 -34.02 8.51
CA ALA B 155 -9.34 -32.81 8.35
C ALA B 155 -9.45 -32.08 9.68
N PHE B 156 -9.57 -30.75 9.59
CA PHE B 156 -9.68 -29.91 10.78
C PHE B 156 -10.63 -28.76 10.50
N VAL B 157 -11.13 -28.17 11.58
CA VAL B 157 -11.83 -26.90 11.52
C VAL B 157 -11.23 -25.98 12.57
N ASP B 158 -11.74 -26.08 13.80
CA ASP B 158 -11.25 -25.27 14.91
C ASP B 158 -11.70 -25.95 16.20
N LYS B 159 -11.25 -25.40 17.33
CA LYS B 159 -11.61 -25.96 18.62
C LYS B 159 -13.13 -25.91 18.82
N PRO B 160 -13.81 -27.06 18.96
CA PRO B 160 -15.27 -27.04 19.14
C PRO B 160 -15.68 -26.53 20.51
N VAL B 161 -15.59 -25.22 20.70
CA VAL B 161 -15.92 -24.59 21.98
C VAL B 161 -16.21 -23.13 21.71
N SER B 162 -17.14 -22.57 22.49
CA SER B 162 -17.41 -21.15 22.42
C SER B 162 -16.14 -20.36 22.76
N PRO B 163 -15.85 -19.26 22.04
CA PRO B 163 -16.66 -18.60 21.01
C PRO B 163 -16.40 -19.06 19.58
N TYR B 164 -15.44 -19.97 19.36
CA TYR B 164 -15.21 -20.46 18.00
C TYR B 164 -16.43 -21.20 17.48
N MET B 165 -17.18 -21.85 18.35
CA MET B 165 -18.32 -22.68 17.98
C MET B 165 -19.62 -21.97 18.32
N TYR B 166 -20.59 -22.07 17.40
CA TYR B 166 -21.94 -21.62 17.71
C TYR B 166 -22.59 -22.58 18.69
N ILE B 167 -23.21 -22.05 19.73
CA ILE B 167 -23.76 -22.89 20.80
C ILE B 167 -25.23 -22.56 21.05
N SER B 168 -25.89 -21.91 20.09
CA SER B 168 -27.30 -21.60 20.25
C SER B 168 -27.91 -21.39 18.87
N PRO B 169 -29.16 -21.86 18.64
CA PRO B 169 -30.02 -22.69 19.50
C PRO B 169 -29.48 -24.11 19.61
N PRO B 170 -30.14 -24.99 20.38
CA PRO B 170 -29.68 -26.39 20.43
C PRO B 170 -29.49 -27.01 19.06
N GLU B 171 -30.28 -26.60 18.06
CA GLU B 171 -30.13 -27.12 16.70
C GLU B 171 -28.76 -26.79 16.13
N ALA B 172 -28.17 -25.66 16.53
CA ALA B 172 -26.91 -25.23 15.94
C ALA B 172 -25.77 -26.17 16.29
N LEU B 173 -25.88 -26.88 17.41
CA LEU B 173 -24.84 -27.83 17.80
C LEU B 173 -24.83 -29.05 16.89
N GLU B 174 -26.01 -29.57 16.55
CA GLU B 174 -26.10 -30.67 15.60
C GLU B 174 -25.88 -30.19 14.17
N ASN B 175 -26.27 -28.96 13.86
CA ASN B 175 -26.16 -28.40 12.51
C ASN B 175 -25.78 -26.93 12.61
N PRO B 176 -24.47 -26.63 12.57
CA PRO B 176 -24.04 -25.22 12.66
C PRO B 176 -24.56 -24.36 11.53
N CYS B 177 -24.94 -24.94 10.39
CA CYS B 177 -25.47 -24.20 9.26
C CYS B 177 -26.99 -24.12 9.27
N TYR B 178 -27.61 -24.17 10.45
CA TYR B 178 -29.06 -24.22 10.53
C TYR B 178 -29.69 -22.92 10.05
N ASP B 179 -29.10 -21.76 10.41
CA ASP B 179 -29.69 -20.47 10.08
C ASP B 179 -29.48 -20.10 8.62
N MET B 180 -28.74 -20.91 7.88
CA MET B 180 -28.69 -20.85 6.42
C MET B 180 -29.73 -21.83 5.89
N LYS B 181 -29.59 -22.26 4.64
CA LYS B 181 -30.54 -23.20 4.05
C LYS B 181 -29.86 -24.50 3.66
N THR B 182 -28.91 -24.96 4.48
CA THR B 182 -28.18 -26.20 4.22
C THR B 182 -27.93 -26.91 5.55
N THR B 183 -27.28 -28.07 5.44
CA THR B 183 -26.81 -28.84 6.58
C THR B 183 -25.30 -28.99 6.47
N CYS B 184 -24.61 -28.80 7.59
CA CYS B 184 -23.18 -29.12 7.66
C CYS B 184 -22.93 -29.96 8.90
N LEU B 185 -21.74 -30.54 8.96
CA LEU B 185 -21.38 -31.39 10.08
C LEU B 185 -21.29 -30.59 11.37
N PRO B 186 -21.54 -31.23 12.52
CA PRO B 186 -21.19 -30.61 13.79
C PRO B 186 -19.71 -30.26 13.80
N MET B 187 -19.36 -29.23 14.55
N MET B 187 -19.38 -29.23 14.57
CA MET B 187 -17.99 -28.75 14.57
CA MET B 187 -18.00 -28.77 14.67
C MET B 187 -17.07 -29.81 15.18
C MET B 187 -17.09 -29.91 15.14
N PHE B 188 -15.86 -29.89 14.63
CA PHE B 188 -14.85 -30.84 15.10
C PHE B 188 -13.48 -30.16 15.02
N GLY B 189 -12.62 -30.52 15.98
CA GLY B 189 -11.29 -29.95 16.02
C GLY B 189 -10.38 -30.51 14.93
N TYR B 190 -9.93 -31.74 15.13
CA TYR B 190 -9.17 -32.47 14.12
C TYR B 190 -9.63 -33.91 14.14
N LYS B 191 -9.83 -34.49 12.96
CA LYS B 191 -10.17 -35.90 12.85
C LYS B 191 -9.29 -36.56 11.80
N HIS B 192 -8.66 -37.67 12.20
CA HIS B 192 -8.00 -38.55 11.26
C HIS B 192 -9.03 -39.34 10.49
N VAL B 193 -8.87 -39.42 9.17
CA VAL B 193 -9.82 -40.07 8.28
C VAL B 193 -9.25 -41.33 7.66
N LEU B 194 -8.05 -41.23 7.08
CA LEU B 194 -7.48 -42.33 6.32
C LEU B 194 -6.01 -42.50 6.67
N THR B 195 -5.67 -43.66 7.20
CA THR B 195 -4.28 -44.01 7.44
C THR B 195 -3.55 -44.14 6.10
N LEU B 196 -2.27 -43.75 6.09
CA LEU B 196 -1.43 -43.86 4.91
C LEU B 196 -1.51 -45.26 4.32
N THR B 197 -1.91 -45.34 3.05
CA THR B 197 -2.10 -46.61 2.36
C THR B 197 -1.71 -46.45 0.89
N ASP B 198 -1.30 -47.55 0.27
CA ASP B 198 -1.01 -47.55 -1.15
C ASP B 198 -2.24 -47.79 -2.01
N GLN B 199 -3.41 -47.99 -1.39
CA GLN B 199 -4.67 -48.19 -2.11
C GLN B 199 -5.31 -46.83 -2.31
N VAL B 200 -4.93 -46.16 -3.41
CA VAL B 200 -5.28 -44.76 -3.59
C VAL B 200 -6.77 -44.54 -3.78
N THR B 201 -7.52 -45.54 -4.24
CA THR B 201 -8.97 -45.36 -4.36
C THR B 201 -9.64 -45.25 -3.00
N ARG B 202 -8.98 -45.71 -1.92
CA ARG B 202 -9.47 -45.44 -0.59
C ARG B 202 -9.48 -43.94 -0.29
N PHE B 203 -8.51 -43.21 -0.84
CA PHE B 203 -8.50 -41.76 -0.68
C PHE B 203 -9.70 -41.13 -1.37
N ASN B 204 -9.96 -41.52 -2.62
CA ASN B 204 -11.08 -40.96 -3.38
C ASN B 204 -12.39 -41.17 -2.65
N GLU B 205 -12.65 -42.39 -2.18
CA GLU B 205 -13.95 -42.72 -1.62
C GLU B 205 -14.15 -42.14 -0.22
N GLU B 206 -13.07 -41.98 0.55
CA GLU B 206 -13.20 -41.27 1.82
C GLU B 206 -13.49 -39.80 1.60
N VAL B 207 -12.79 -39.18 0.64
CA VAL B 207 -13.00 -37.77 0.34
C VAL B 207 -14.43 -37.52 -0.11
N LYS B 208 -14.98 -38.44 -0.91
CA LYS B 208 -16.34 -38.28 -1.42
C LYS B 208 -17.38 -38.32 -0.31
N LYS B 209 -17.05 -38.90 0.85
CA LYS B 209 -17.96 -38.91 1.99
C LYS B 209 -17.71 -37.78 2.98
N GLN B 210 -16.63 -37.03 2.81
CA GLN B 210 -16.36 -35.90 3.70
C GLN B 210 -17.28 -34.73 3.38
N SER B 211 -17.42 -33.83 4.36
CA SER B 211 -18.19 -32.61 4.19
C SER B 211 -17.65 -31.56 5.15
N VAL B 212 -18.06 -30.32 4.93
CA VAL B 212 -17.53 -29.20 5.69
C VAL B 212 -18.36 -29.00 6.96
N SER B 213 -17.80 -28.23 7.89
CA SER B 213 -18.50 -27.72 9.04
C SER B 213 -18.44 -26.19 8.99
N ARG B 214 -18.79 -25.56 10.11
CA ARG B 214 -18.86 -24.10 10.14
C ARG B 214 -18.53 -23.61 11.55
N ASN B 215 -17.62 -22.65 11.65
CA ASN B 215 -17.25 -22.04 12.91
C ASN B 215 -17.30 -20.52 12.76
N ARG B 216 -17.04 -19.82 13.87
CA ARG B 216 -17.34 -18.40 13.92
C ARG B 216 -16.19 -17.52 13.44
N ASP B 217 -14.95 -17.83 13.82
CA ASP B 217 -13.83 -16.92 13.58
C ASP B 217 -12.94 -17.42 12.45
N ALA B 218 -12.45 -16.46 11.65
CA ALA B 218 -11.66 -16.77 10.46
C ALA B 218 -10.40 -17.57 10.75
N PRO B 219 -9.59 -17.28 11.77
CA PRO B 219 -8.47 -18.18 12.06
C PRO B 219 -8.98 -19.56 12.44
N GLU B 220 -8.25 -20.58 12.03
CA GLU B 220 -8.68 -21.96 12.27
C GLU B 220 -7.61 -22.71 13.05
N GLY B 221 -7.98 -23.92 13.48
CA GLY B 221 -7.14 -24.70 14.37
C GLY B 221 -6.30 -25.73 13.64
N GLY B 222 -5.71 -25.35 12.50
CA GLY B 222 -4.91 -26.29 11.73
C GLY B 222 -3.61 -26.66 12.41
N PHE B 223 -3.07 -25.77 13.24
CA PHE B 223 -1.83 -26.09 13.94
C PHE B 223 -2.04 -27.20 14.96
N ASP B 224 -3.21 -27.25 15.59
CA ASP B 224 -3.59 -28.42 16.37
C ASP B 224 -3.47 -29.70 15.55
N ALA B 225 -3.93 -29.65 14.29
CA ALA B 225 -3.93 -30.83 13.44
C ALA B 225 -2.54 -31.19 12.95
N ILE B 226 -1.71 -30.18 12.67
CA ILE B 226 -0.34 -30.45 12.27
C ILE B 226 0.40 -31.19 13.37
N MET B 227 0.19 -30.78 14.62
CA MET B 227 0.85 -31.43 15.75
C MET B 227 0.41 -32.88 15.89
N GLN B 228 -0.89 -33.13 15.80
CA GLN B 228 -1.39 -34.50 15.97
C GLN B 228 -1.01 -35.38 14.79
N ALA B 229 -1.06 -34.84 13.57
CA ALA B 229 -0.64 -35.61 12.41
C ALA B 229 0.85 -35.93 12.45
N THR B 230 1.63 -35.18 13.22
CA THR B 230 3.07 -35.39 13.32
C THR B 230 3.42 -36.41 14.40
N VAL B 231 2.82 -36.28 15.59
CA VAL B 231 3.22 -37.10 16.73
C VAL B 231 2.42 -38.39 16.86
N CYS B 232 1.30 -38.53 16.15
CA CYS B 232 0.54 -39.79 16.17
C CYS B 232 1.05 -40.70 15.06
N ASP B 233 2.28 -41.19 15.26
CA ASP B 233 2.99 -41.97 14.25
C ASP B 233 2.17 -43.15 13.77
N GLU B 234 1.78 -44.02 14.72
CA GLU B 234 1.12 -45.26 14.35
C GLU B 234 -0.22 -45.01 13.66
N LYS B 235 -0.98 -44.03 14.14
CA LYS B 235 -2.32 -43.80 13.60
C LYS B 235 -2.25 -43.24 12.18
N ILE B 236 -1.38 -42.26 11.96
CA ILE B 236 -1.24 -41.71 10.60
C ILE B 236 -0.55 -42.72 9.70
N GLY B 237 0.43 -43.45 10.23
CA GLY B 237 1.07 -44.52 9.51
C GLY B 237 2.34 -44.17 8.77
N TRP B 238 3.08 -43.16 9.23
CA TRP B 238 4.35 -42.81 8.59
C TRP B 238 5.27 -44.03 8.56
N ARG B 239 5.91 -44.25 7.42
CA ARG B 239 6.87 -45.34 7.28
C ARG B 239 8.26 -44.88 7.66
N ASN B 240 9.06 -45.83 8.18
CA ASN B 240 10.39 -45.48 8.68
C ASN B 240 11.28 -44.96 7.57
N ASP B 241 11.34 -45.67 6.45
CA ASP B 241 12.26 -45.34 5.35
C ASP B 241 11.45 -44.80 4.18
N ALA B 242 11.07 -43.53 4.28
CA ALA B 242 10.33 -42.87 3.22
C ALA B 242 10.33 -41.37 3.48
N SER B 243 10.11 -40.60 2.42
CA SER B 243 9.90 -39.16 2.54
C SER B 243 8.49 -38.91 3.04
N HIS B 244 8.38 -38.07 4.07
CA HIS B 244 7.10 -37.78 4.72
C HIS B 244 6.66 -36.38 4.32
N LEU B 245 5.58 -36.30 3.54
CA LEU B 245 5.03 -35.02 3.10
C LEU B 245 3.70 -34.78 3.81
N LEU B 246 3.60 -33.67 4.52
CA LEU B 246 2.39 -33.26 5.23
C LEU B 246 1.83 -32.05 4.51
N VAL B 247 0.77 -32.27 3.72
CA VAL B 247 0.20 -31.24 2.86
C VAL B 247 -0.92 -30.55 3.61
N PHE B 248 -0.67 -29.31 4.02
CA PHE B 248 -1.59 -28.51 4.84
C PHE B 248 -2.26 -27.49 3.94
N THR B 249 -3.56 -27.66 3.71
CA THR B 249 -4.33 -26.78 2.83
C THR B 249 -5.32 -25.96 3.64
N THR B 250 -5.36 -24.65 3.38
CA THR B 250 -6.28 -23.76 4.05
C THR B 250 -6.36 -22.47 3.24
N ASP B 251 -7.42 -21.69 3.52
CA ASP B 251 -7.62 -20.39 2.86
C ASP B 251 -7.74 -19.26 3.86
N ALA B 252 -7.31 -19.47 5.10
CA ALA B 252 -7.55 -18.52 6.17
C ALA B 252 -6.32 -18.38 7.06
N LYS B 253 -6.37 -17.40 7.95
CA LYS B 253 -5.39 -17.27 9.00
C LYS B 253 -5.45 -18.50 9.92
N THR B 254 -4.49 -18.61 10.82
CA THR B 254 -4.41 -19.75 11.71
C THR B 254 -4.25 -19.29 13.15
N HIS B 255 -4.80 -20.10 14.05
CA HIS B 255 -4.59 -19.86 15.48
C HIS B 255 -3.20 -20.30 15.89
N ILE B 256 -2.68 -19.66 16.93
CA ILE B 256 -1.34 -19.93 17.43
C ILE B 256 -1.43 -20.06 18.95
N ALA B 257 -0.33 -20.53 19.55
CA ALA B 257 -0.28 -20.69 20.99
C ALA B 257 -0.60 -19.39 21.70
N LEU B 258 -1.35 -19.50 22.80
CA LEU B 258 -1.88 -18.43 23.64
C LEU B 258 -3.15 -17.82 23.07
N ASP B 259 -3.61 -18.25 21.89
CA ASP B 259 -4.94 -17.88 21.43
C ASP B 259 -6.03 -18.59 22.22
N GLY B 260 -5.73 -19.78 22.75
CA GLY B 260 -6.72 -20.59 23.43
C GLY B 260 -7.36 -19.92 24.61
N ARG B 261 -6.73 -18.89 25.18
CA ARG B 261 -7.26 -18.22 26.36
C ARG B 261 -8.61 -17.55 26.07
N LEU B 262 -8.90 -17.23 24.82
CA LEU B 262 -10.22 -16.72 24.50
C LEU B 262 -11.31 -17.78 24.60
N ALA B 263 -10.92 -19.05 24.75
CA ALA B 263 -11.86 -20.12 25.06
C ALA B 263 -11.66 -20.66 26.47
N GLY B 264 -10.99 -19.89 27.33
CA GLY B 264 -10.71 -20.35 28.68
C GLY B 264 -9.68 -21.46 28.75
N ILE B 265 -8.87 -21.62 27.71
CA ILE B 265 -7.89 -22.69 27.62
C ILE B 265 -6.51 -22.10 27.88
N VAL B 266 -5.86 -22.54 28.95
CA VAL B 266 -4.54 -22.05 29.31
C VAL B 266 -3.48 -23.15 29.39
N GLN B 267 -3.87 -24.42 29.42
CA GLN B 267 -2.89 -25.49 29.51
C GLN B 267 -2.03 -25.53 28.25
N PRO B 268 -0.71 -25.44 28.36
CA PRO B 268 0.13 -25.50 27.16
C PRO B 268 0.00 -26.82 26.43
N ASN B 269 0.32 -26.78 25.15
CA ASN B 269 0.33 -27.99 24.33
C ASN B 269 1.47 -28.89 24.78
N ASP B 270 1.16 -30.17 25.01
CA ASP B 270 2.16 -31.10 25.51
C ASP B 270 2.90 -31.83 24.40
N GLY B 271 2.54 -31.60 23.13
CA GLY B 271 3.20 -32.26 22.03
C GLY B 271 3.04 -33.76 21.99
N GLN B 272 2.05 -34.30 22.70
CA GLN B 272 1.79 -35.72 22.73
C GLN B 272 0.57 -36.05 21.87
N CYS B 273 0.45 -37.32 21.51
CA CYS B 273 -0.66 -37.77 20.69
C CYS B 273 -1.91 -37.94 21.55
N HIS B 274 -3.03 -37.39 21.07
CA HIS B 274 -4.31 -37.46 21.77
C HIS B 274 -5.42 -37.81 20.80
N VAL B 275 -5.13 -38.67 19.83
CA VAL B 275 -6.13 -39.18 18.89
C VAL B 275 -6.31 -40.66 19.19
N GLY B 276 -7.46 -41.01 19.75
CA GLY B 276 -7.75 -42.37 20.14
C GLY B 276 -8.47 -43.16 19.06
N SER B 277 -9.29 -44.13 19.51
CA SER B 277 -9.94 -45.04 18.59
C SER B 277 -11.00 -44.34 17.74
N ASP B 278 -11.64 -43.30 18.27
CA ASP B 278 -12.66 -42.58 17.52
C ASP B 278 -12.07 -41.63 16.49
N ASN B 279 -10.74 -41.52 16.43
CA ASN B 279 -10.00 -40.76 15.42
C ASN B 279 -10.20 -39.24 15.53
N HIS B 280 -10.64 -38.76 16.68
CA HIS B 280 -10.76 -37.32 16.92
C HIS B 280 -9.74 -36.87 17.97
N TYR B 281 -9.33 -35.61 17.86
CA TYR B 281 -8.38 -35.01 18.78
C TYR B 281 -9.11 -34.66 20.07
N SER B 282 -8.89 -35.46 21.12
CA SER B 282 -9.69 -35.36 22.33
C SER B 282 -9.26 -34.23 23.25
N ALA B 283 -8.06 -33.69 23.08
CA ALA B 283 -7.60 -32.55 23.87
C ALA B 283 -7.91 -31.21 23.22
N SER B 284 -8.76 -31.20 22.20
CA SER B 284 -9.01 -29.97 21.43
C SER B 284 -9.62 -28.88 22.31
N THR B 285 -10.48 -29.27 23.25
CA THR B 285 -11.19 -28.31 24.09
C THR B 285 -10.52 -28.06 25.43
N THR B 286 -9.40 -28.72 25.71
CA THR B 286 -8.72 -28.57 26.99
C THR B 286 -7.26 -28.17 26.87
N MET B 287 -6.68 -28.17 25.68
CA MET B 287 -5.26 -27.91 25.49
C MET B 287 -5.08 -26.81 24.44
N ASP B 288 -4.14 -25.91 24.71
CA ASP B 288 -3.93 -24.75 23.87
C ASP B 288 -3.35 -25.15 22.51
N TYR B 289 -3.42 -24.23 21.55
CA TYR B 289 -2.77 -24.44 20.27
C TYR B 289 -1.26 -24.55 20.47
N PRO B 290 -0.57 -25.30 19.61
CA PRO B 290 0.88 -25.44 19.77
C PRO B 290 1.63 -24.23 19.25
N SER B 291 2.82 -24.03 19.79
CA SER B 291 3.69 -22.94 19.37
C SER B 291 4.54 -23.37 18.18
N LEU B 292 5.06 -22.38 17.46
CA LEU B 292 5.88 -22.67 16.28
C LEU B 292 7.10 -23.50 16.66
N GLY B 293 7.75 -23.16 17.78
CA GLY B 293 8.94 -23.90 18.19
C GLY B 293 8.64 -25.34 18.56
N LEU B 294 7.51 -25.58 19.21
CA LEU B 294 7.12 -26.95 19.54
C LEU B 294 6.76 -27.74 18.28
N MET B 295 6.07 -27.09 17.34
CA MET B 295 5.81 -27.73 16.05
C MET B 295 7.11 -28.09 15.35
N THR B 296 8.08 -27.17 15.34
CA THR B 296 9.35 -27.41 14.69
C THR B 296 10.07 -28.61 15.31
N GLU B 297 10.01 -28.73 16.63
CA GLU B 297 10.68 -29.83 17.31
C GLU B 297 10.12 -31.18 16.88
N LYS B 298 8.79 -31.28 16.81
CA LYS B 298 8.17 -32.57 16.48
C LYS B 298 8.31 -32.90 15.00
N LEU B 299 8.15 -31.89 14.13
CA LEU B 299 8.37 -32.11 12.70
C LEU B 299 9.78 -32.62 12.43
N SER B 300 10.78 -32.02 13.08
CA SER B 300 12.16 -32.47 12.91
C SER B 300 12.36 -33.85 13.53
N GLN B 301 11.74 -34.09 14.68
CA GLN B 301 11.88 -35.38 15.35
C GLN B 301 11.32 -36.52 14.51
N LYS B 302 10.23 -36.28 13.80
CA LYS B 302 9.56 -37.30 13.01
C LYS B 302 9.91 -37.21 11.52
N ASN B 303 10.82 -36.31 11.14
CA ASN B 303 11.24 -36.15 9.75
C ASN B 303 10.06 -35.86 8.84
N ILE B 304 9.22 -34.91 9.25
CA ILE B 304 8.03 -34.52 8.50
C ILE B 304 8.34 -33.24 7.74
N ASN B 305 8.14 -33.28 6.43
CA ASN B 305 8.27 -32.09 5.58
C ASN B 305 6.89 -31.44 5.48
N LEU B 306 6.72 -30.30 6.17
CA LEU B 306 5.44 -29.61 6.17
C LEU B 306 5.32 -28.73 4.94
N ILE B 307 4.18 -28.82 4.25
CA ILE B 307 3.91 -28.06 3.04
C ILE B 307 2.70 -27.17 3.29
N PHE B 308 2.91 -25.86 3.25
CA PHE B 308 1.83 -24.88 3.37
C PHE B 308 1.27 -24.63 1.98
N ALA B 309 0.14 -25.28 1.67
CA ALA B 309 -0.56 -25.08 0.41
C ALA B 309 -1.77 -24.19 0.69
N VAL B 310 -1.59 -22.88 0.50
CA VAL B 310 -2.58 -21.90 0.92
C VAL B 310 -2.91 -20.97 -0.24
N THR B 311 -4.04 -20.27 -0.11
CA THR B 311 -4.54 -19.40 -1.16
C THR B 311 -3.77 -18.07 -1.16
N GLU B 312 -3.94 -17.32 -2.26
N GLU B 312 -3.94 -17.32 -2.25
CA GLU B 312 -3.16 -16.11 -2.46
CA GLU B 312 -3.15 -16.11 -2.45
C GLU B 312 -3.38 -15.09 -1.36
C GLU B 312 -3.38 -15.08 -1.36
N ASN B 313 -4.55 -15.09 -0.73
CA ASN B 313 -4.87 -14.10 0.29
C ASN B 313 -4.08 -14.31 1.58
N VAL B 314 -3.37 -15.42 1.73
CA VAL B 314 -2.61 -15.69 2.95
C VAL B 314 -1.25 -16.30 2.63
N VAL B 315 -0.79 -16.16 1.38
N VAL B 315 -0.82 -16.19 1.37
CA VAL B 315 0.48 -16.78 1.01
CA VAL B 315 0.48 -16.75 0.99
C VAL B 315 1.64 -16.07 1.70
C VAL B 315 1.60 -16.08 1.76
N ASN B 316 1.55 -14.75 1.87
CA ASN B 316 2.60 -14.02 2.58
C ASN B 316 2.62 -14.39 4.06
N LEU B 317 1.44 -14.60 4.65
CA LEU B 317 1.36 -15.02 6.04
C LEU B 317 2.12 -16.33 6.26
N TYR B 318 1.84 -17.33 5.43
CA TYR B 318 2.45 -18.64 5.63
C TYR B 318 3.88 -18.69 5.11
N GLN B 319 4.24 -17.83 4.14
CA GLN B 319 5.64 -17.71 3.78
CA GLN B 319 5.64 -17.71 3.78
C GLN B 319 6.47 -17.20 4.95
N ASN B 320 5.87 -16.34 5.79
CA ASN B 320 6.57 -15.79 6.94
C ASN B 320 6.66 -16.78 8.09
N TYR B 321 5.59 -17.55 8.34
CA TYR B 321 5.71 -18.68 9.25
C TYR B 321 6.74 -19.68 8.75
N SER B 322 6.75 -19.93 7.43
CA SER B 322 7.66 -20.91 6.86
C SER B 322 9.12 -20.57 7.13
N GLU B 323 9.45 -19.29 7.23
CA GLU B 323 10.81 -18.88 7.54
C GLU B 323 11.15 -19.09 9.01
N LEU B 324 10.14 -19.17 9.88
CA LEU B 324 10.34 -19.49 11.29
C LEU B 324 10.30 -20.98 11.56
N ILE B 325 10.02 -21.79 10.55
CA ILE B 325 10.02 -23.25 10.65
C ILE B 325 10.89 -23.79 9.53
N PRO B 326 12.20 -23.88 9.71
CA PRO B 326 13.08 -24.29 8.60
C PRO B 326 12.70 -25.66 8.06
N GLY B 327 12.86 -25.82 6.74
CA GLY B 327 12.46 -27.03 6.06
C GLY B 327 11.03 -27.05 5.56
N THR B 328 10.28 -25.97 5.77
CA THR B 328 8.89 -25.90 5.34
C THR B 328 8.80 -25.30 3.94
N THR B 329 7.85 -25.80 3.15
CA THR B 329 7.64 -25.37 1.78
C THR B 329 6.27 -24.71 1.65
N VAL B 330 6.18 -23.71 0.80
CA VAL B 330 4.94 -22.98 0.55
C VAL B 330 4.59 -23.08 -0.92
N GLY B 331 3.32 -23.35 -1.20
CA GLY B 331 2.81 -23.33 -2.56
C GLY B 331 1.47 -22.62 -2.60
N VAL B 332 1.19 -22.02 -3.74
CA VAL B 332 -0.01 -21.19 -3.91
C VAL B 332 -1.16 -22.08 -4.34
N LEU B 333 -2.19 -22.15 -3.49
CA LEU B 333 -3.36 -22.98 -3.74
C LEU B 333 -4.49 -22.15 -4.34
N SER B 334 -5.16 -22.71 -5.33
N SER B 334 -5.16 -22.71 -5.33
CA SER B 334 -6.31 -22.03 -5.92
CA SER B 334 -6.32 -22.04 -5.91
C SER B 334 -7.49 -22.06 -4.95
C SER B 334 -7.49 -22.06 -4.95
N MET B 335 -8.47 -21.18 -5.21
CA MET B 335 -9.62 -21.03 -4.32
C MET B 335 -10.48 -22.29 -4.23
N ASP B 336 -10.26 -23.28 -5.09
CA ASP B 336 -10.99 -24.54 -5.03
C ASP B 336 -10.04 -25.75 -5.02
N SER B 337 -8.76 -25.52 -4.75
CA SER B 337 -7.73 -26.56 -4.69
C SER B 337 -7.59 -27.32 -6.01
N SER B 338 -7.98 -26.71 -7.13
CA SER B 338 -7.91 -27.40 -8.41
C SER B 338 -6.48 -27.64 -8.87
N ASN B 339 -5.51 -26.92 -8.31
CA ASN B 339 -4.11 -27.04 -8.70
C ASN B 339 -3.26 -27.78 -7.68
N VAL B 340 -3.87 -28.35 -6.64
CA VAL B 340 -3.12 -28.94 -5.54
C VAL B 340 -2.25 -30.10 -6.02
N LEU B 341 -2.61 -30.74 -7.12
CA LEU B 341 -1.82 -31.86 -7.62
C LEU B 341 -0.43 -31.41 -8.05
N GLN B 342 -0.36 -30.40 -8.92
CA GLN B 342 0.94 -29.89 -9.35
C GLN B 342 1.70 -29.23 -8.21
N LEU B 343 0.98 -28.63 -7.25
CA LEU B 343 1.62 -28.03 -6.09
C LEU B 343 2.38 -29.06 -5.29
N ILE B 344 1.81 -30.26 -5.12
CA ILE B 344 2.46 -31.30 -4.35
C ILE B 344 3.67 -31.85 -5.10
N VAL B 345 3.55 -32.00 -6.42
CA VAL B 345 4.67 -32.51 -7.22
C VAL B 345 5.84 -31.54 -7.19
N ASP B 346 5.55 -30.24 -7.37
CA ASP B 346 6.61 -29.24 -7.33
C ASP B 346 7.24 -29.16 -5.95
N ALA B 347 6.43 -29.34 -4.90
CA ALA B 347 6.97 -29.31 -3.53
C ALA B 347 7.86 -30.51 -3.27
N TYR B 348 7.49 -31.68 -3.78
CA TYR B 348 8.31 -32.87 -3.59
C TYR B 348 9.67 -32.71 -4.28
N GLY B 349 9.69 -32.08 -5.45
CA GLY B 349 10.96 -31.82 -6.12
C GLY B 349 11.79 -30.80 -5.37
N LYS B 350 11.16 -29.76 -4.83
CA LYS B 350 11.89 -28.76 -4.06
C LYS B 350 12.44 -29.35 -2.77
N ILE B 351 11.73 -30.30 -2.17
CA ILE B 351 12.17 -30.90 -0.91
C ILE B 351 13.44 -31.71 -1.12
N ARG B 352 13.52 -32.47 -2.21
CA ARG B 352 14.67 -33.32 -2.49
C ARG B 352 15.70 -32.63 -3.38
N SER B 353 15.68 -31.29 -3.43
CA SER B 353 16.67 -30.53 -4.19
C SER B 353 17.77 -29.97 -3.30
N LYS B 354 17.87 -30.42 -2.06
CA LYS B 354 18.84 -29.87 -1.12
C LYS B 354 19.46 -30.98 -0.30
N VAL B 355 20.77 -30.87 -0.08
CA VAL B 355 21.51 -31.69 0.86
C VAL B 355 22.20 -30.76 1.84
N GLU B 356 21.96 -30.97 3.14
CA GLU B 356 22.50 -30.10 4.18
C GLU B 356 23.06 -30.98 5.29
N LEU B 357 24.38 -30.96 5.46
CA LEU B 357 25.01 -31.79 6.48
C LEU B 357 24.73 -31.25 7.88
N GLU B 358 24.62 -32.16 8.83
CA GLU B 358 24.38 -31.83 10.23
C GLU B 358 25.25 -32.72 11.10
N VAL B 359 25.77 -32.15 12.18
CA VAL B 359 26.70 -32.84 13.07
C VAL B 359 26.05 -33.06 14.42
N ARG B 360 26.20 -34.27 14.97
CA ARG B 360 25.64 -34.64 16.25
C ARG B 360 26.73 -35.19 17.15
N ASP B 361 26.72 -34.76 18.41
CA ASP B 361 27.62 -35.27 19.45
C ASP B 361 29.08 -34.97 19.15
N LEU B 362 29.35 -33.80 18.59
CA LEU B 362 30.72 -33.39 18.33
C LEU B 362 31.40 -33.02 19.66
N PRO B 363 32.54 -33.63 19.98
CA PRO B 363 33.22 -33.28 21.23
C PRO B 363 33.64 -31.82 21.26
N GLU B 364 33.77 -31.29 22.48
CA GLU B 364 34.10 -29.87 22.64
C GLU B 364 35.44 -29.52 22.00
N GLU B 365 36.44 -30.39 22.17
CA GLU B 365 37.79 -30.11 21.68
C GLU B 365 37.95 -30.34 20.19
N LEU B 366 36.93 -30.84 19.50
CA LEU B 366 36.99 -31.08 18.06
C LEU B 366 36.26 -29.98 17.30
N SER B 367 36.88 -29.50 16.22
CA SER B 367 36.28 -28.52 15.34
C SER B 367 36.37 -29.01 13.91
N LEU B 368 35.33 -28.75 13.13
CA LEU B 368 35.20 -29.27 11.77
C LEU B 368 35.15 -28.12 10.76
N SER B 369 35.56 -28.45 9.53
CA SER B 369 35.49 -27.52 8.41
C SER B 369 35.07 -28.30 7.17
N PHE B 370 34.36 -27.63 6.26
CA PHE B 370 33.69 -28.29 5.15
C PHE B 370 33.98 -27.60 3.83
N ASN B 371 34.11 -28.41 2.78
CA ASN B 371 34.16 -27.95 1.41
C ASN B 371 33.16 -28.75 0.59
N ALA B 372 32.26 -28.06 -0.10
CA ALA B 372 31.17 -28.68 -0.84
C ALA B 372 31.52 -28.78 -2.31
N THR B 373 31.10 -29.89 -2.93
CA THR B 373 31.26 -30.13 -4.35
C THR B 373 29.87 -30.40 -4.93
N CYS B 374 29.16 -29.33 -5.27
CA CYS B 374 27.87 -29.42 -5.92
C CYS B 374 28.04 -29.20 -7.42
N LEU B 375 26.96 -29.47 -8.16
CA LEU B 375 26.91 -29.30 -9.63
C LEU B 375 27.95 -30.22 -10.25
N ASN B 376 28.88 -29.72 -11.07
CA ASN B 376 29.89 -30.54 -11.74
C ASN B 376 31.26 -30.21 -11.15
N ASN B 377 31.62 -30.93 -10.09
CA ASN B 377 32.98 -30.95 -9.55
C ASN B 377 33.46 -29.56 -9.12
N GLU B 378 32.55 -28.64 -8.81
CA GLU B 378 32.92 -27.29 -8.40
C GLU B 378 33.03 -27.24 -6.89
N VAL B 379 34.23 -27.03 -6.38
CA VAL B 379 34.45 -26.97 -4.94
C VAL B 379 33.98 -25.62 -4.41
N ILE B 380 33.28 -25.65 -3.29
CA ILE B 380 32.79 -24.43 -2.63
C ILE B 380 33.29 -24.45 -1.19
N PRO B 381 34.32 -23.68 -0.86
CA PRO B 381 34.90 -23.76 0.48
C PRO B 381 34.00 -23.15 1.54
N GLY B 382 34.15 -23.64 2.77
CA GLY B 382 33.37 -23.14 3.89
C GLY B 382 31.88 -23.34 3.74
N LEU B 383 31.45 -24.41 3.09
CA LEU B 383 30.05 -24.67 2.84
C LEU B 383 29.74 -26.14 3.11
N LYS B 384 28.61 -26.38 3.76
CA LYS B 384 28.21 -27.74 4.12
C LYS B 384 26.79 -28.04 3.65
N SER B 385 26.37 -27.45 2.53
CA SER B 385 25.02 -27.66 2.02
C SER B 385 24.99 -27.37 0.52
N CYS B 386 24.32 -28.23 -0.23
CA CYS B 386 24.11 -28.05 -1.65
C CYS B 386 22.64 -27.76 -1.94
N MET B 387 22.39 -27.05 -3.04
CA MET B 387 21.03 -26.70 -3.43
C MET B 387 20.88 -26.85 -4.95
N GLY B 388 19.65 -26.77 -5.41
CA GLY B 388 19.37 -26.89 -6.83
C GLY B 388 19.60 -28.28 -7.39
N LEU B 389 19.49 -29.30 -6.54
CA LEU B 389 19.75 -30.68 -6.93
C LEU B 389 18.51 -31.30 -7.57
N LYS B 390 18.73 -32.38 -8.31
CA LYS B 390 17.67 -33.18 -8.89
C LYS B 390 17.76 -34.60 -8.34
N ILE B 391 16.68 -35.36 -8.51
CA ILE B 391 16.67 -36.75 -8.06
C ILE B 391 17.74 -37.52 -8.80
N GLY B 392 18.52 -38.31 -8.07
CA GLY B 392 19.62 -39.07 -8.64
C GLY B 392 20.96 -38.37 -8.61
N ASP B 393 20.98 -37.06 -8.33
CA ASP B 393 22.25 -36.35 -8.24
C ASP B 393 23.05 -36.79 -7.03
N THR B 394 24.36 -36.64 -7.12
CA THR B 394 25.27 -37.00 -6.04
C THR B 394 26.20 -35.84 -5.77
N VAL B 395 26.36 -35.50 -4.48
CA VAL B 395 27.30 -34.48 -4.05
C VAL B 395 28.27 -35.11 -3.06
N SER B 396 29.35 -34.39 -2.77
CA SER B 396 30.36 -34.85 -1.85
C SER B 396 30.90 -33.67 -1.05
N PHE B 397 31.43 -33.96 0.13
CA PHE B 397 31.98 -32.95 1.02
C PHE B 397 33.32 -33.42 1.55
N SER B 398 34.33 -32.54 1.48
CA SER B 398 35.61 -32.79 2.11
C SER B 398 35.61 -32.18 3.50
N ILE B 399 35.96 -32.98 4.50
CA ILE B 399 35.86 -32.60 5.91
C ILE B 399 37.24 -32.72 6.54
N GLU B 400 37.56 -31.77 7.43
CA GLU B 400 38.79 -31.80 8.20
C GLU B 400 38.46 -31.58 9.67
N ALA B 401 38.99 -32.45 10.54
CA ALA B 401 38.78 -32.38 11.97
C ALA B 401 40.05 -31.90 12.64
N LYS B 402 39.91 -30.92 13.53
CA LYS B 402 41.04 -30.32 14.24
C LYS B 402 40.79 -30.45 15.74
N VAL B 403 41.68 -31.16 16.44
CA VAL B 403 41.57 -31.37 17.88
C VAL B 403 42.45 -30.36 18.60
N ARG B 404 41.94 -29.81 19.70
CA ARG B 404 42.66 -28.85 20.51
C ARG B 404 43.25 -29.58 21.72
N GLY B 405 44.58 -29.63 21.79
CA GLY B 405 45.23 -30.30 22.91
C GLY B 405 44.92 -31.78 22.91
N CYS B 406 44.76 -32.34 24.12
CA CYS B 406 44.40 -33.75 24.27
C CYS B 406 43.32 -33.89 25.34
N PRO B 407 42.18 -34.49 25.01
CA PRO B 407 41.10 -34.63 25.99
C PRO B 407 41.35 -35.79 26.95
N GLN B 408 40.56 -35.80 28.03
CA GLN B 408 40.68 -36.84 29.04
C GLN B 408 40.24 -38.19 28.48
N GLU B 409 39.04 -38.25 27.90
CA GLU B 409 38.55 -39.48 27.30
C GLU B 409 39.19 -39.68 25.94
N LYS B 410 39.87 -40.81 25.76
CA LYS B 410 40.66 -41.07 24.57
C LYS B 410 39.84 -41.64 23.41
N GLU B 411 38.55 -41.93 23.60
CA GLU B 411 37.73 -42.52 22.56
C GLU B 411 36.34 -41.92 22.61
N LYS B 412 35.96 -41.19 21.56
CA LYS B 412 34.63 -40.63 21.40
C LYS B 412 34.18 -40.87 19.95
N SER B 413 32.89 -40.66 19.70
CA SER B 413 32.34 -40.85 18.36
C SER B 413 31.20 -39.88 18.13
N PHE B 414 31.13 -39.34 16.91
CA PHE B 414 30.09 -38.41 16.51
C PHE B 414 29.54 -38.81 15.15
N THR B 415 28.51 -38.09 14.72
CA THR B 415 27.74 -38.46 13.53
C THR B 415 27.66 -37.28 12.56
N ILE B 416 27.78 -37.58 11.28
CA ILE B 416 27.55 -36.63 10.19
C ILE B 416 26.33 -37.13 9.42
N LYS B 417 25.23 -36.39 9.48
CA LYS B 417 23.99 -36.83 8.87
C LYS B 417 23.37 -35.70 8.06
N PRO B 418 22.94 -35.95 6.83
CA PRO B 418 22.15 -34.94 6.10
C PRO B 418 20.78 -34.78 6.72
N VAL B 419 20.26 -33.55 6.66
CA VAL B 419 18.96 -33.25 7.24
C VAL B 419 17.89 -34.05 6.50
N GLY B 420 17.03 -34.74 7.26
CA GLY B 420 15.95 -35.51 6.71
C GLY B 420 16.34 -36.89 6.20
N PHE B 421 17.64 -37.20 6.13
CA PHE B 421 18.09 -38.47 5.61
C PHE B 421 18.10 -39.54 6.71
N LYS B 422 17.98 -40.80 6.28
CA LYS B 422 18.02 -41.91 7.22
C LYS B 422 19.45 -42.29 7.57
N ASP B 423 20.28 -42.54 6.55
CA ASP B 423 21.66 -42.95 6.77
C ASP B 423 22.50 -41.78 7.25
N SER B 424 23.75 -42.09 7.62
CA SER B 424 24.66 -41.10 8.18
C SER B 424 26.06 -41.70 8.20
N LEU B 425 27.04 -40.85 8.56
CA LEU B 425 28.43 -41.25 8.71
C LEU B 425 28.81 -41.17 10.17
N ILE B 426 29.22 -42.29 10.75
CA ILE B 426 29.68 -42.36 12.12
C ILE B 426 31.20 -42.27 12.12
N VAL B 427 31.74 -41.28 12.82
CA VAL B 427 33.19 -41.07 12.91
C VAL B 427 33.61 -41.50 14.30
N GLN B 428 34.30 -42.64 14.39
CA GLN B 428 34.85 -43.13 15.65
C GLN B 428 36.24 -42.53 15.84
N VAL B 429 36.35 -41.62 16.80
CA VAL B 429 37.59 -40.89 17.05
C VAL B 429 38.37 -41.58 18.16
N THR B 430 39.68 -41.66 17.99
CA THR B 430 40.59 -42.15 19.02
C THR B 430 41.74 -41.16 19.15
N PHE B 431 41.95 -40.66 20.36
CA PHE B 431 42.97 -39.65 20.61
C PHE B 431 44.25 -40.34 21.06
N ASP B 432 45.24 -40.39 20.16
CA ASP B 432 46.51 -41.07 20.45
C ASP B 432 47.47 -40.04 21.04
N CYS B 433 47.44 -39.92 22.38
CA CYS B 433 48.34 -39.01 23.08
C CYS B 433 49.40 -39.73 23.90
N ASP B 434 49.19 -40.98 24.26
CA ASP B 434 50.12 -41.72 25.08
C ASP B 434 51.15 -42.46 24.22
N CYS B 435 52.15 -43.02 24.89
CA CYS B 435 53.18 -43.82 24.26
C CYS B 435 53.01 -45.29 24.64
N ALA B 436 53.42 -46.17 23.74
CA ALA B 436 53.32 -47.61 24.01
C ALA B 436 54.25 -48.04 25.13
N CYS B 437 55.40 -47.37 25.28
CA CYS B 437 56.36 -47.70 26.33
C CYS B 437 55.81 -47.45 27.73
N GLN B 438 54.76 -46.64 27.86
CA GLN B 438 54.21 -46.36 29.19
C GLN B 438 53.51 -47.57 29.77
N ALA B 439 52.97 -48.46 28.92
CA ALA B 439 52.34 -49.67 29.41
C ALA B 439 53.33 -50.63 30.06
N GLN B 440 54.63 -50.41 29.88
CA GLN B 440 55.66 -51.24 30.50
C GLN B 440 56.59 -50.40 31.37
N ALA B 441 56.00 -49.53 32.18
CA ALA B 441 56.79 -48.68 33.08
C ALA B 441 57.21 -49.46 34.32
N GLU B 442 58.22 -48.93 35.00
CA GLU B 442 58.80 -49.56 36.19
C GLU B 442 58.56 -48.66 37.40
N PRO B 443 57.48 -48.88 38.14
CA PRO B 443 57.27 -48.11 39.38
C PRO B 443 58.27 -48.55 40.45
N ASN B 444 58.74 -47.56 41.22
CA ASN B 444 59.76 -47.78 42.25
C ASN B 444 61.01 -48.43 41.66
N SER B 445 61.45 -47.88 40.53
CA SER B 445 62.63 -48.39 39.86
C SER B 445 63.88 -48.10 40.67
N HIS B 446 64.78 -49.08 40.74
CA HIS B 446 66.05 -48.91 41.42
C HIS B 446 67.07 -48.15 40.57
N ARG B 447 66.65 -47.64 39.42
CA ARG B 447 67.45 -46.73 38.63
C ARG B 447 67.14 -45.27 38.91
N CYS B 448 66.05 -44.99 39.64
CA CYS B 448 65.54 -43.63 39.82
C CYS B 448 65.58 -43.25 41.29
N ASN B 449 66.73 -42.73 41.74
CA ASN B 449 66.86 -42.08 43.04
C ASN B 449 66.49 -43.02 44.19
N ASN B 450 67.06 -44.23 44.16
CA ASN B 450 66.88 -45.23 45.20
C ASN B 450 65.40 -45.56 45.41
N GLY B 451 64.72 -45.83 44.30
CA GLY B 451 63.32 -46.23 44.36
C GLY B 451 62.34 -45.12 44.65
N ASN B 452 62.74 -43.86 44.51
CA ASN B 452 61.86 -42.73 44.72
C ASN B 452 61.13 -42.30 43.45
N GLY B 453 61.45 -42.90 42.30
CA GLY B 453 60.85 -42.51 41.05
C GLY B 453 60.45 -43.71 40.21
N THR B 454 59.83 -43.42 39.07
CA THR B 454 59.35 -44.43 38.13
C THR B 454 60.13 -44.31 36.82
N PHE B 455 60.55 -45.45 36.29
CA PHE B 455 61.33 -45.52 35.06
C PHE B 455 60.40 -45.94 33.92
N GLU B 456 60.13 -45.02 33.00
CA GLU B 456 59.31 -45.31 31.84
C GLU B 456 59.93 -44.68 30.60
N CYS B 457 59.86 -45.40 29.48
CA CYS B 457 60.28 -44.90 28.17
C CYS B 457 61.72 -44.41 28.16
N GLY B 458 62.55 -44.97 29.04
CA GLY B 458 63.96 -44.63 29.08
C GLY B 458 64.32 -43.43 29.91
N VAL B 459 63.42 -42.95 30.77
CA VAL B 459 63.68 -41.80 31.63
C VAL B 459 63.06 -42.05 33.00
N CYS B 460 63.51 -41.27 33.98
CA CYS B 460 63.05 -41.37 35.36
C CYS B 460 62.01 -40.28 35.65
N ARG B 461 60.85 -40.69 36.14
CA ARG B 461 59.75 -39.80 36.46
C ARG B 461 59.46 -39.83 37.95
N CYS B 462 59.11 -38.68 38.51
CA CYS B 462 58.74 -38.62 39.92
C CYS B 462 57.47 -39.43 40.16
N GLY B 463 57.51 -40.27 41.20
CA GLY B 463 56.42 -41.16 41.49
C GLY B 463 55.22 -40.42 42.06
N PRO B 464 54.14 -41.17 42.30
CA PRO B 464 52.94 -40.56 42.88
C PRO B 464 53.19 -40.06 44.28
N GLY B 465 52.65 -38.89 44.59
CA GLY B 465 52.79 -38.26 45.88
C GLY B 465 53.90 -37.23 45.96
N TRP B 466 54.81 -37.22 44.99
CA TRP B 466 55.91 -36.26 44.99
C TRP B 466 55.54 -35.01 44.22
N LEU C 1 0.70 42.95 -45.79
CA LEU C 1 0.90 41.87 -44.83
C LEU C 1 2.25 41.20 -45.04
N ASN C 2 2.65 40.36 -44.07
CA ASN C 2 3.97 39.73 -44.11
C ASN C 2 3.94 38.43 -44.89
N LEU C 3 3.32 37.40 -44.32
CA LEU C 3 3.19 36.11 -44.98
C LEU C 3 1.97 36.12 -45.89
N ASP C 4 2.16 35.75 -47.14
CA ASP C 4 1.10 35.78 -48.15
C ASP C 4 0.10 34.66 -47.90
N PRO C 5 -1.14 34.96 -47.53
CA PRO C 5 -2.15 33.91 -47.34
C PRO C 5 -3.01 33.64 -48.57
N VAL C 6 -2.67 34.22 -49.71
CA VAL C 6 -3.49 34.11 -50.91
C VAL C 6 -2.93 33.07 -51.86
N GLN C 7 -1.64 33.18 -52.21
N GLN C 7 -1.64 33.18 -52.21
CA GLN C 7 -0.98 32.26 -53.13
CA GLN C 7 -0.99 32.26 -53.13
C GLN C 7 -0.05 31.36 -52.32
C GLN C 7 -0.06 31.36 -52.32
N LEU C 8 -0.58 30.21 -51.89
CA LEU C 8 0.18 29.25 -51.11
C LEU C 8 0.79 28.19 -52.03
N THR C 9 1.70 27.41 -51.45
CA THR C 9 2.29 26.26 -52.11
C THR C 9 1.98 25.02 -51.28
N PHE C 10 1.47 23.97 -51.93
CA PHE C 10 1.05 22.76 -51.26
C PHE C 10 1.86 21.58 -51.74
N TYR C 11 2.44 20.83 -50.81
CA TYR C 11 3.04 19.53 -51.06
C TYR C 11 2.18 18.46 -50.40
N ALA C 12 2.11 17.29 -51.04
CA ALA C 12 1.23 16.23 -50.57
C ALA C 12 1.94 14.89 -50.58
N GLY C 13 1.67 14.08 -49.56
CA GLY C 13 2.16 12.73 -49.50
C GLY C 13 1.05 11.72 -49.64
N PRO C 14 1.37 10.43 -49.46
CA PRO C 14 0.35 9.39 -49.60
C PRO C 14 -0.70 9.49 -48.51
N ASN C 15 -1.87 8.92 -48.82
CA ASN C 15 -2.96 8.88 -47.85
C ASN C 15 -2.56 8.05 -46.64
N GLY C 16 -2.97 8.50 -45.46
CA GLY C 16 -2.67 7.81 -44.22
C GLY C 16 -1.21 7.79 -43.82
N SER C 17 -0.33 8.46 -44.57
CA SER C 17 1.09 8.47 -44.27
C SER C 17 1.46 9.47 -43.17
N GLN C 18 0.55 10.37 -42.80
CA GLN C 18 0.82 11.46 -41.87
C GLN C 18 1.97 12.33 -42.38
N PHE C 19 2.07 12.45 -43.70
CA PHE C 19 2.97 13.39 -44.35
C PHE C 19 2.78 14.78 -43.77
N GLY C 20 3.86 15.35 -43.22
CA GLY C 20 3.80 16.63 -42.57
C GLY C 20 3.84 16.58 -41.05
N PHE C 21 3.93 15.39 -40.47
CA PHE C 21 4.04 15.28 -39.01
C PHE C 21 5.26 16.03 -38.50
N SER C 22 6.36 15.99 -39.25
CA SER C 22 7.55 16.77 -38.96
C SER C 22 8.14 17.25 -40.28
N LEU C 23 8.91 18.33 -40.20
CA LEU C 23 9.51 18.92 -41.39
C LEU C 23 10.65 19.84 -40.98
N ASP C 24 11.45 20.23 -41.98
CA ASP C 24 12.57 21.13 -41.77
C ASP C 24 13.05 21.63 -43.13
N PHE C 25 13.81 22.72 -43.10
CA PHE C 25 14.49 23.22 -44.29
C PHE C 25 15.85 22.53 -44.43
N HIS C 26 16.19 22.17 -45.67
CA HIS C 26 17.43 21.45 -45.95
C HIS C 26 18.17 22.17 -47.07
N LYS C 27 19.41 22.58 -46.78
CA LYS C 27 20.31 23.15 -47.78
C LYS C 27 21.27 22.07 -48.26
N ASP C 28 21.37 21.92 -49.58
CA ASP C 28 22.33 21.00 -50.17
C ASP C 28 23.72 21.65 -50.12
N SER C 29 24.72 21.00 -50.72
CA SER C 29 26.07 21.56 -50.72
C SER C 29 26.17 22.84 -51.53
N HIS C 30 25.20 23.12 -52.40
CA HIS C 30 25.20 24.31 -53.23
C HIS C 30 24.32 25.42 -52.67
N GLY C 31 23.84 25.28 -51.43
CA GLY C 31 23.02 26.28 -50.80
C GLY C 31 21.57 26.30 -51.24
N ARG C 32 21.16 25.39 -52.13
CA ARG C 32 19.79 25.35 -52.60
C ARG C 32 18.88 24.76 -51.53
N VAL C 33 17.83 25.49 -51.18
CA VAL C 33 16.96 25.12 -50.07
C VAL C 33 15.86 24.18 -50.56
N ALA C 34 15.66 23.08 -49.83
CA ALA C 34 14.56 22.16 -50.07
C ALA C 34 13.84 21.91 -48.75
N ILE C 35 12.82 21.06 -48.78
CA ILE C 35 12.00 20.76 -47.61
C ILE C 35 12.02 19.25 -47.38
N VAL C 36 12.52 18.83 -46.23
CA VAL C 36 12.44 17.45 -45.81
C VAL C 36 11.16 17.27 -45.00
N VAL C 37 10.38 16.24 -45.32
CA VAL C 37 9.09 16.01 -44.70
C VAL C 37 9.06 14.59 -44.13
N GLY C 38 8.70 14.48 -42.84
CA GLY C 38 8.53 13.18 -42.22
C GLY C 38 7.09 12.71 -42.36
N ALA C 39 6.94 11.42 -42.66
CA ALA C 39 5.64 10.78 -42.83
C ALA C 39 5.68 9.47 -42.05
N PRO C 40 5.42 9.53 -40.74
CA PRO C 40 5.72 8.38 -39.86
C PRO C 40 4.79 7.18 -40.02
N ARG C 41 3.77 7.24 -40.88
CA ARG C 41 2.91 6.08 -41.11
C ARG C 41 2.93 5.64 -42.56
N THR C 42 3.99 5.97 -43.30
CA THR C 42 4.12 5.50 -44.67
C THR C 42 4.28 3.99 -44.70
N LEU C 43 3.63 3.35 -45.66
CA LEU C 43 3.73 1.90 -45.79
C LEU C 43 5.15 1.51 -46.18
N GLY C 44 5.62 0.40 -45.59
CA GLY C 44 6.90 -0.15 -45.93
C GLY C 44 6.80 -1.19 -47.02
N PRO C 45 7.85 -1.99 -47.19
CA PRO C 45 7.83 -3.02 -48.25
C PRO C 45 6.98 -4.22 -47.88
N SER C 46 6.92 -4.53 -46.58
CA SER C 46 6.11 -5.63 -46.09
C SER C 46 4.63 -5.28 -45.97
N GLN C 47 4.21 -4.18 -46.59
CA GLN C 47 2.82 -3.70 -46.57
C GLN C 47 2.35 -3.33 -45.16
N GLU C 48 3.28 -3.15 -44.24
CA GLU C 48 2.97 -2.65 -42.91
C GLU C 48 3.56 -1.26 -42.74
N GLU C 49 2.97 -0.49 -41.83
CA GLU C 49 3.42 0.88 -41.60
C GLU C 49 4.82 0.88 -40.99
N THR C 50 5.73 1.62 -41.62
CA THR C 50 7.08 1.81 -41.10
C THR C 50 7.49 3.27 -41.04
N GLY C 51 6.75 4.18 -41.67
CA GLY C 51 7.17 5.56 -41.77
C GLY C 51 8.07 5.78 -42.98
N GLY C 52 8.30 7.06 -43.27
CA GLY C 52 9.12 7.40 -44.41
C GLY C 52 9.51 8.87 -44.37
N VAL C 53 10.39 9.23 -45.29
CA VAL C 53 10.94 10.58 -45.39
C VAL C 53 10.87 11.02 -46.84
N PHE C 54 10.58 12.30 -47.05
CA PHE C 54 10.50 12.88 -48.39
C PHE C 54 11.32 14.16 -48.45
N LEU C 55 12.06 14.33 -49.54
CA LEU C 55 12.89 15.51 -49.76
C LEU C 55 12.25 16.31 -50.89
N CYS C 56 11.50 17.35 -50.53
CA CYS C 56 10.72 18.11 -51.49
C CYS C 56 11.56 19.24 -52.07
N PRO C 57 11.88 19.22 -53.37
CA PRO C 57 12.52 20.39 -53.98
C PRO C 57 11.55 21.55 -54.04
N TRP C 58 12.10 22.76 -53.96
CA TRP C 58 11.26 23.95 -53.94
C TRP C 58 10.67 24.20 -55.32
N ARG C 59 9.33 24.19 -55.39
CA ARG C 59 8.60 24.52 -56.61
C ARG C 59 7.38 25.32 -56.19
N ALA C 60 7.20 26.50 -56.81
CA ALA C 60 6.10 27.38 -56.43
C ALA C 60 4.75 26.69 -56.56
N GLU C 61 4.63 25.74 -57.49
CA GLU C 61 3.40 24.97 -57.64
C GLU C 61 3.34 23.77 -56.70
N GLY C 62 4.45 23.40 -56.07
CA GLY C 62 4.43 22.30 -55.11
C GLY C 62 4.28 20.96 -55.80
N GLY C 63 3.42 20.11 -55.23
CA GLY C 63 3.15 18.81 -55.81
C GLY C 63 3.72 17.66 -55.03
N GLN C 64 4.03 16.57 -55.74
CA GLN C 64 4.59 15.38 -55.12
C GLN C 64 6.08 15.54 -54.87
N CYS C 65 6.61 14.70 -53.99
CA CYS C 65 8.01 14.74 -53.61
C CYS C 65 8.65 13.37 -53.73
N PRO C 66 9.93 13.31 -54.09
CA PRO C 66 10.63 12.03 -54.11
C PRO C 66 10.88 11.51 -52.70
N SER C 67 11.03 10.19 -52.61
CA SER C 67 11.27 9.52 -51.34
C SER C 67 12.76 9.52 -51.02
N LEU C 68 13.10 9.84 -49.78
CA LEU C 68 14.45 9.66 -49.25
C LEU C 68 14.52 8.26 -48.66
N LEU C 69 15.18 7.35 -49.36
CA LEU C 69 15.09 5.94 -49.05
C LEU C 69 16.01 5.55 -47.89
N PHE C 70 15.49 4.71 -46.99
CA PHE C 70 16.25 4.13 -45.90
C PHE C 70 16.01 2.64 -45.87
N ASP C 71 16.89 1.93 -45.15
CA ASP C 71 16.76 0.49 -45.00
C ASP C 71 15.66 0.17 -44.00
N LEU C 72 14.65 -0.58 -44.44
CA LEU C 72 13.50 -0.90 -43.61
C LEU C 72 13.43 -2.39 -43.27
N ARG C 73 14.55 -3.11 -43.38
CA ARG C 73 14.57 -4.54 -43.09
C ARG C 73 14.78 -4.79 -41.61
N ASP C 74 14.01 -5.73 -41.06
CA ASP C 74 14.28 -6.20 -39.71
C ASP C 74 15.58 -6.98 -39.69
N GLU C 75 16.49 -6.60 -38.80
CA GLU C 75 17.83 -7.17 -38.75
C GLU C 75 17.96 -8.15 -37.60
N THR C 76 18.77 -9.19 -37.82
CA THR C 76 19.06 -10.21 -36.82
C THR C 76 20.54 -10.52 -36.85
N ARG C 77 21.15 -10.60 -35.67
CA ARG C 77 22.58 -10.92 -35.56
C ARG C 77 22.79 -11.90 -34.42
N ASN C 78 23.37 -13.05 -34.74
CA ASN C 78 23.73 -14.07 -33.75
C ASN C 78 25.21 -13.89 -33.42
N VAL C 79 25.48 -13.25 -32.28
CA VAL C 79 26.86 -12.93 -31.91
C VAL C 79 26.97 -13.00 -30.39
N GLY C 80 28.10 -13.50 -29.91
CA GLY C 80 28.35 -13.59 -28.49
C GLY C 80 27.36 -14.47 -27.74
N SER C 81 26.93 -15.57 -28.38
CA SER C 81 25.92 -16.47 -27.82
C SER C 81 24.62 -15.73 -27.53
N GLN C 82 24.37 -14.64 -28.26
CA GLN C 82 23.16 -13.86 -28.14
C GLN C 82 22.56 -13.63 -29.51
N THR C 83 21.30 -13.21 -29.54
CA THR C 83 20.58 -12.94 -30.78
C THR C 83 20.02 -11.52 -30.72
N LEU C 84 20.64 -10.61 -31.48
CA LEU C 84 20.18 -9.24 -31.54
C LEU C 84 19.10 -9.09 -32.60
N GLN C 85 18.08 -8.29 -32.29
CA GLN C 85 16.92 -8.14 -33.17
C GLN C 85 16.49 -6.69 -33.23
N THR C 86 16.24 -6.20 -34.44
CA THR C 86 15.59 -4.92 -34.65
C THR C 86 14.24 -5.14 -35.30
N PHE C 87 13.25 -4.35 -34.87
CA PHE C 87 11.90 -4.43 -35.39
C PHE C 87 11.47 -3.04 -35.83
N LYS C 88 11.19 -2.89 -37.13
CA LYS C 88 10.88 -1.59 -37.71
C LYS C 88 9.41 -1.43 -38.05
N ALA C 89 8.58 -2.42 -37.77
CA ALA C 89 7.14 -2.28 -37.99
C ALA C 89 6.58 -1.24 -37.02
N ARG C 90 5.84 -0.27 -37.57
CA ARG C 90 5.23 0.81 -36.79
C ARG C 90 6.29 1.61 -36.01
N GLN C 91 7.50 1.68 -36.55
CA GLN C 91 8.58 2.41 -35.88
C GLN C 91 8.39 3.91 -35.95
N GLY C 92 7.55 4.41 -36.85
CA GLY C 92 7.35 5.84 -36.98
C GLY C 92 8.54 6.58 -37.55
N LEU C 93 9.20 6.02 -38.57
CA LEU C 93 10.29 6.72 -39.23
C LEU C 93 9.77 8.02 -39.83
N GLY C 94 10.37 9.13 -39.42
CA GLY C 94 9.88 10.44 -39.81
C GLY C 94 9.02 11.14 -38.79
N ALA C 95 8.85 10.55 -37.60
CA ALA C 95 8.16 11.25 -36.52
C ALA C 95 8.92 12.50 -36.10
N SER C 96 10.20 12.59 -36.44
CA SER C 96 10.98 13.81 -36.27
C SER C 96 12.04 13.84 -37.36
N VAL C 97 12.29 15.03 -37.90
CA VAL C 97 13.36 15.24 -38.88
C VAL C 97 14.07 16.54 -38.54
N VAL C 98 15.36 16.59 -38.85
CA VAL C 98 16.16 17.78 -38.66
C VAL C 98 17.29 17.77 -39.68
N SER C 99 17.62 18.94 -40.20
CA SER C 99 18.69 19.09 -41.17
C SER C 99 19.84 19.88 -40.55
N TRP C 100 21.06 19.48 -40.89
CA TRP C 100 22.26 20.21 -40.50
C TRP C 100 23.32 19.99 -41.57
N SER C 101 23.84 21.09 -42.11
CA SER C 101 24.79 21.05 -43.24
C SER C 101 24.10 20.30 -44.37
N ASP C 102 24.78 19.36 -45.03
CA ASP C 102 24.19 18.55 -46.09
C ASP C 102 23.69 17.20 -45.58
N VAL C 103 23.32 17.12 -44.31
CA VAL C 103 22.94 15.88 -43.65
C VAL C 103 21.51 16.00 -43.16
N ILE C 104 20.76 14.91 -43.26
CA ILE C 104 19.39 14.82 -42.77
C ILE C 104 19.33 13.71 -41.71
N VAL C 105 18.67 14.01 -40.59
CA VAL C 105 18.52 13.06 -39.50
C VAL C 105 17.03 12.81 -39.31
N ALA C 106 16.57 11.63 -39.71
CA ALA C 106 15.18 11.21 -39.56
C ALA C 106 15.12 10.08 -38.54
N CYS C 107 14.27 10.21 -37.55
CA CYS C 107 14.24 9.30 -36.42
C CYS C 107 12.96 8.49 -36.38
N ALA C 108 13.08 7.25 -35.91
CA ALA C 108 11.96 6.34 -35.68
C ALA C 108 11.89 6.06 -34.19
N PRO C 109 11.15 6.87 -33.42
CA PRO C 109 11.19 6.73 -31.96
C PRO C 109 10.58 5.44 -31.45
N TRP C 110 9.78 4.73 -32.26
CA TRP C 110 9.13 3.51 -31.80
C TRP C 110 9.70 2.26 -32.45
N GLN C 111 10.91 2.35 -33.01
CA GLN C 111 11.60 1.14 -33.45
C GLN C 111 11.90 0.27 -32.23
N HIS C 112 11.53 -0.99 -32.32
CA HIS C 112 11.71 -1.89 -31.19
C HIS C 112 13.02 -2.67 -31.31
N TRP C 113 13.39 -3.32 -30.21
CA TRP C 113 14.69 -3.96 -30.08
C TRP C 113 14.59 -5.04 -29.03
N ASN C 114 15.32 -6.13 -29.24
CA ASN C 114 15.31 -7.23 -28.31
C ASN C 114 16.62 -8.01 -28.44
N VAL C 115 16.97 -8.71 -27.36
CA VAL C 115 18.19 -9.52 -27.31
C VAL C 115 17.83 -10.84 -26.66
N LEU C 116 17.98 -11.93 -27.41
CA LEU C 116 17.65 -13.26 -26.92
C LEU C 116 18.90 -13.99 -26.45
N GLU C 117 18.75 -14.80 -25.41
CA GLU C 117 19.83 -15.65 -24.92
C GLU C 117 19.20 -16.87 -24.27
N LYS C 118 19.26 -18.01 -24.97
CA LYS C 118 18.62 -19.25 -24.53
C LYS C 118 17.13 -19.03 -24.28
N THR C 119 16.71 -19.02 -23.02
CA THR C 119 15.33 -18.76 -22.66
C THR C 119 15.10 -17.36 -22.12
N GLU C 120 16.16 -16.62 -21.82
CA GLU C 120 16.05 -15.28 -21.28
C GLU C 120 16.05 -14.25 -22.42
N GLU C 121 15.78 -13.00 -22.06
CA GLU C 121 15.74 -11.93 -23.05
C GLU C 121 15.88 -10.59 -22.35
N ALA C 122 16.18 -9.57 -23.13
CA ALA C 122 16.22 -8.20 -22.63
C ALA C 122 14.84 -7.55 -22.58
N GLU C 123 13.87 -8.14 -23.28
CA GLU C 123 12.50 -7.66 -23.51
C GLU C 123 12.42 -6.81 -24.77
N LYS C 124 11.37 -7.01 -25.56
CA LYS C 124 11.17 -6.32 -26.83
C LYS C 124 10.56 -4.94 -26.55
N THR C 125 11.40 -3.91 -26.56
CA THR C 125 11.05 -2.58 -26.10
C THR C 125 11.40 -1.55 -27.15
N PRO C 126 10.74 -0.38 -27.14
CA PRO C 126 11.03 0.69 -28.11
C PRO C 126 12.22 1.58 -27.73
N VAL C 127 13.43 1.10 -28.01
CA VAL C 127 14.62 1.90 -27.77
C VAL C 127 14.68 3.11 -28.71
N GLY C 128 14.00 3.04 -29.85
CA GLY C 128 14.09 4.08 -30.84
C GLY C 128 15.37 4.01 -31.62
N SER C 129 15.41 4.76 -32.73
CA SER C 129 16.58 4.80 -33.58
C SER C 129 16.44 5.98 -34.53
N CYS C 130 17.57 6.56 -34.92
CA CYS C 130 17.60 7.65 -35.86
C CYS C 130 18.40 7.24 -37.10
N PHE C 131 17.90 7.61 -38.27
CA PHE C 131 18.55 7.34 -39.54
C PHE C 131 19.17 8.63 -40.05
N LEU C 132 20.45 8.56 -40.42
CA LEU C 132 21.18 9.69 -40.96
C LEU C 132 21.46 9.47 -42.44
N ALA C 133 21.36 10.53 -43.23
CA ALA C 133 21.54 10.44 -44.66
C ALA C 133 22.27 11.68 -45.17
N GLN C 134 23.15 11.47 -46.16
CA GLN C 134 23.74 12.54 -46.95
C GLN C 134 23.19 12.40 -48.35
N PRO C 135 22.10 13.10 -48.69
CA PRO C 135 21.39 12.80 -49.94
C PRO C 135 22.24 12.87 -51.20
N GLU C 136 23.16 13.84 -51.29
CA GLU C 136 23.95 14.00 -52.50
C GLU C 136 24.91 12.83 -52.70
N SER C 137 25.56 12.38 -51.63
CA SER C 137 26.51 11.29 -51.71
C SER C 137 25.87 9.92 -51.58
N GLY C 138 24.61 9.84 -51.16
CA GLY C 138 23.97 8.56 -50.92
C GLY C 138 24.42 7.82 -49.69
N ARG C 139 25.28 8.43 -48.87
CA ARG C 139 25.76 7.76 -47.67
C ARG C 139 24.66 7.66 -46.63
N ARG C 140 24.72 6.60 -45.82
CA ARG C 140 23.75 6.34 -44.78
C ARG C 140 24.45 5.95 -43.49
N ALA C 141 23.80 6.25 -42.37
CA ALA C 141 24.27 5.83 -41.07
C ALA C 141 23.09 5.83 -40.11
N GLU C 142 23.24 5.10 -39.01
CA GLU C 142 22.20 4.98 -38.01
C GLU C 142 22.78 5.31 -36.64
N TYR C 143 21.90 5.65 -35.71
CA TYR C 143 22.31 5.99 -34.34
C TYR C 143 21.20 5.55 -33.40
N SER C 144 21.50 4.56 -32.56
CA SER C 144 20.53 4.02 -31.61
C SER C 144 21.22 3.82 -30.27
N PRO C 145 21.39 4.90 -29.51
CA PRO C 145 22.24 4.87 -28.32
C PRO C 145 21.64 4.17 -27.11
N CYS C 146 20.39 3.73 -27.19
CA CYS C 146 19.76 3.08 -26.04
C CYS C 146 19.64 1.57 -26.20
N ARG C 147 20.17 1.00 -27.28
CA ARG C 147 20.24 -0.44 -27.41
C ARG C 147 21.22 -1.00 -26.37
N GLY C 148 20.88 -2.16 -25.82
CA GLY C 148 21.74 -2.82 -24.85
C GLY C 148 21.62 -4.32 -24.98
N ASN C 149 22.48 -5.02 -24.24
CA ASN C 149 22.48 -6.48 -24.23
C ASN C 149 22.29 -7.05 -22.83
N THR C 150 21.70 -6.28 -21.93
CA THR C 150 21.45 -6.72 -20.57
C THR C 150 20.09 -7.42 -20.50
N LEU C 151 20.07 -8.59 -19.88
CA LEU C 151 18.86 -9.40 -19.83
C LEU C 151 17.88 -8.85 -18.79
N SER C 152 16.61 -9.24 -18.95
CA SER C 152 15.53 -8.71 -18.11
C SER C 152 15.80 -8.95 -16.63
N ARG C 153 16.37 -10.11 -16.30
CA ARG C 153 16.60 -10.46 -14.90
C ARG C 153 17.48 -9.43 -14.20
N ILE C 154 18.45 -8.86 -14.92
CA ILE C 154 19.41 -7.96 -14.29
C ILE C 154 18.76 -6.64 -13.89
N TYR C 155 17.85 -6.13 -14.73
CA TYR C 155 17.18 -4.87 -14.39
C TYR C 155 16.33 -5.02 -13.13
N VAL C 156 15.76 -6.19 -12.90
CA VAL C 156 14.95 -6.41 -11.71
C VAL C 156 15.83 -6.40 -10.46
N GLU C 157 16.98 -7.06 -10.53
CA GLU C 157 17.87 -7.14 -9.38
C GLU C 157 18.38 -5.76 -8.97
N ASN C 158 18.48 -4.83 -9.91
CA ASN C 158 19.04 -3.51 -9.64
C ASN C 158 17.97 -2.42 -9.61
N ASP C 159 16.71 -2.79 -9.35
CA ASP C 159 15.61 -1.84 -9.17
C ASP C 159 15.40 -0.95 -10.40
N PHE C 160 15.64 -1.51 -11.59
CA PHE C 160 15.39 -0.82 -12.85
C PHE C 160 16.20 0.48 -12.96
N SER C 161 17.41 0.46 -12.42
CA SER C 161 18.30 1.60 -12.55
C SER C 161 19.00 1.57 -13.91
N TRP C 162 19.17 2.74 -14.50
CA TRP C 162 19.82 2.89 -15.80
C TRP C 162 19.15 2.01 -16.86
N ASP C 163 17.82 2.09 -16.91
CA ASP C 163 17.00 1.25 -17.79
C ASP C 163 16.65 2.08 -19.03
N LYS C 164 17.43 1.90 -20.09
CA LYS C 164 17.27 2.65 -21.33
C LYS C 164 16.45 1.89 -22.37
N ARG C 165 15.74 0.84 -21.96
CA ARG C 165 15.06 -0.02 -22.93
C ARG C 165 13.90 0.67 -23.62
N TYR C 166 13.31 1.69 -23.00
CA TYR C 166 12.11 2.34 -23.54
C TYR C 166 12.40 3.79 -23.92
N CYS C 167 13.66 4.10 -24.26
CA CYS C 167 14.07 5.47 -24.54
C CYS C 167 13.15 6.16 -25.53
N GLU C 168 12.89 5.51 -26.67
CA GLU C 168 12.30 6.15 -27.83
C GLU C 168 13.16 7.33 -28.29
N ALA C 169 14.45 7.06 -28.45
CA ALA C 169 15.39 8.07 -28.90
C ALA C 169 14.96 8.61 -30.26
N GLY C 170 15.11 9.92 -30.44
CA GLY C 170 14.61 10.59 -31.62
C GLY C 170 13.17 11.05 -31.52
N PHE C 171 12.51 10.84 -30.38
CA PHE C 171 11.20 11.44 -30.14
C PHE C 171 11.23 12.93 -30.42
N SER C 172 12.30 13.59 -30.00
CA SER C 172 12.63 14.94 -30.43
C SER C 172 14.11 14.97 -30.80
N SER C 173 14.50 15.99 -31.56
CA SER C 173 15.89 16.06 -32.00
C SER C 173 16.27 17.51 -32.30
N VAL C 174 17.57 17.74 -32.37
CA VAL C 174 18.16 19.05 -32.66
C VAL C 174 19.65 18.84 -32.89
N VAL C 175 20.27 19.71 -33.70
CA VAL C 175 21.70 19.63 -33.99
C VAL C 175 22.32 20.99 -33.72
N THR C 176 23.40 21.02 -32.95
CA THR C 176 24.10 22.26 -32.65
C THR C 176 24.76 22.81 -33.91
N GLN C 177 25.18 24.09 -33.83
N GLN C 177 25.18 24.09 -33.83
CA GLN C 177 25.90 24.70 -34.95
CA GLN C 177 25.90 24.70 -34.95
C GLN C 177 27.19 23.96 -35.25
C GLN C 177 27.20 23.97 -35.24
N ALA C 178 27.82 23.38 -34.23
CA ALA C 178 29.05 22.62 -34.43
C ALA C 178 28.81 21.23 -35.02
N GLY C 179 27.57 20.77 -35.05
CA GLY C 179 27.26 19.46 -35.57
C GLY C 179 27.09 18.35 -34.56
N GLU C 180 26.59 18.65 -33.36
CA GLU C 180 26.37 17.65 -32.33
C GLU C 180 24.90 17.27 -32.30
N LEU C 181 24.59 16.06 -32.74
CA LEU C 181 23.22 15.59 -32.73
C LEU C 181 22.78 15.33 -31.29
N VAL C 182 21.69 15.99 -30.87
CA VAL C 182 21.13 15.81 -29.54
C VAL C 182 19.75 15.21 -29.70
N LEU C 183 19.55 14.03 -29.12
CA LEU C 183 18.28 13.31 -29.22
C LEU C 183 17.55 13.34 -27.89
N GLY C 184 16.24 13.57 -27.95
CA GLY C 184 15.40 13.48 -26.78
C GLY C 184 14.78 12.11 -26.67
N ALA C 185 14.89 11.51 -25.49
CA ALA C 185 14.35 10.18 -25.22
C ALA C 185 13.47 10.25 -23.99
N PRO C 186 12.18 10.56 -24.16
CA PRO C 186 11.30 10.77 -22.99
C PRO C 186 11.06 9.49 -22.20
N GLY C 187 11.15 8.33 -22.83
CA GLY C 187 10.99 7.09 -22.10
C GLY C 187 12.24 6.57 -21.44
N GLY C 188 13.33 7.33 -21.49
CA GLY C 188 14.59 6.86 -20.95
C GLY C 188 14.55 6.75 -19.43
N TYR C 189 15.33 5.80 -18.92
CA TYR C 189 15.44 5.53 -17.48
C TYR C 189 14.06 5.28 -16.87
N TYR C 190 13.33 4.36 -17.48
CA TYR C 190 11.98 3.98 -17.06
C TYR C 190 11.08 5.21 -16.98
N PHE C 191 10.99 5.90 -18.12
CA PHE C 191 10.08 7.01 -18.35
C PHE C 191 10.42 8.26 -17.56
N LEU C 192 11.60 8.31 -16.94
CA LEU C 192 12.11 9.60 -16.47
C LEU C 192 12.47 10.49 -17.65
N GLY C 193 13.06 9.91 -18.69
CA GLY C 193 13.51 10.66 -19.84
C GLY C 193 15.00 10.93 -19.79
N LEU C 194 15.65 10.91 -20.94
CA LEU C 194 17.08 11.20 -21.00
C LEU C 194 17.40 11.91 -22.30
N LEU C 195 18.65 12.36 -22.40
CA LEU C 195 19.17 13.00 -23.60
C LEU C 195 20.39 12.23 -24.08
N ALA C 196 20.52 12.11 -25.40
CA ALA C 196 21.65 11.44 -26.02
C ALA C 196 22.30 12.39 -27.02
N GLN C 197 23.60 12.58 -26.87
CA GLN C 197 24.37 13.48 -27.72
C GLN C 197 25.52 12.73 -28.37
N ALA C 198 25.79 13.03 -29.64
CA ALA C 198 26.91 12.44 -30.35
C ALA C 198 27.21 13.27 -31.59
N PRO C 199 28.48 13.51 -31.91
CA PRO C 199 28.80 14.26 -33.14
C PRO C 199 28.34 13.50 -34.38
N VAL C 200 27.87 14.27 -35.37
CA VAL C 200 27.40 13.66 -36.62
C VAL C 200 28.52 12.89 -37.30
N ALA C 201 29.69 13.52 -37.43
CA ALA C 201 30.80 12.89 -38.12
C ALA C 201 31.24 11.61 -37.43
N ASP C 202 31.12 11.54 -36.11
CA ASP C 202 31.49 10.33 -35.40
C ASP C 202 30.45 9.23 -35.56
N ILE C 203 29.18 9.59 -35.79
CA ILE C 203 28.17 8.58 -36.07
C ILE C 203 28.45 7.92 -37.42
N PHE C 204 28.81 8.71 -38.42
CA PHE C 204 29.08 8.16 -39.74
C PHE C 204 30.34 7.31 -39.75
N SER C 205 31.40 7.76 -39.08
CA SER C 205 32.66 7.05 -39.13
C SER C 205 32.65 5.77 -38.29
N SER C 206 31.81 5.71 -37.26
CA SER C 206 31.76 4.54 -36.38
C SER C 206 30.70 3.53 -36.77
N TYR C 207 29.82 3.86 -37.72
CA TYR C 207 28.74 2.99 -38.12
C TYR C 207 29.15 2.06 -39.25
N ARG C 208 28.74 0.80 -39.14
CA ARG C 208 28.87 -0.19 -40.20
C ARG C 208 27.57 -0.99 -40.21
N PRO C 209 27.09 -1.39 -41.38
CA PRO C 209 25.82 -2.14 -41.44
C PRO C 209 25.97 -3.54 -40.85
N GLY C 210 24.95 -3.96 -40.10
CA GLY C 210 24.91 -5.29 -39.54
C GLY C 210 25.52 -5.44 -38.16
N ILE C 211 26.06 -4.37 -37.58
CA ILE C 211 26.70 -4.48 -36.27
C ILE C 211 25.65 -4.38 -35.16
N LEU C 212 24.67 -3.48 -35.32
CA LEU C 212 23.55 -3.29 -34.39
C LEU C 212 23.99 -2.72 -33.05
N LEU C 213 25.03 -3.28 -32.44
CA LEU C 213 25.56 -2.79 -31.17
C LEU C 213 27.01 -2.36 -31.38
N TRP C 214 27.25 -1.05 -31.36
CA TRP C 214 28.59 -0.51 -31.55
C TRP C 214 28.81 0.68 -30.63
N HIS C 215 30.08 0.98 -30.37
CA HIS C 215 30.48 2.00 -29.41
C HIS C 215 30.73 3.32 -30.13
N VAL C 216 30.02 4.37 -29.71
CA VAL C 216 30.34 5.73 -30.10
C VAL C 216 30.97 6.42 -28.90
N SER C 217 32.31 6.39 -28.84
CA SER C 217 33.00 6.83 -27.62
C SER C 217 32.77 8.30 -27.32
N SER C 218 32.61 9.13 -28.34
CA SER C 218 32.39 10.56 -28.14
C SER C 218 30.96 10.89 -27.74
N GLN C 219 30.07 9.90 -27.62
CA GLN C 219 28.71 10.19 -27.24
C GLN C 219 28.62 10.49 -25.75
N SER C 220 27.53 11.14 -25.36
CA SER C 220 27.34 11.57 -23.98
C SER C 220 25.85 11.55 -23.66
N LEU C 221 25.46 10.73 -22.68
CA LEU C 221 24.07 10.59 -22.29
C LEU C 221 23.84 11.25 -20.93
N SER C 222 22.61 11.73 -20.73
CA SER C 222 22.23 12.30 -19.44
C SER C 222 22.10 11.18 -18.41
N PHE C 223 21.75 11.57 -17.18
CA PHE C 223 21.87 10.69 -16.03
C PHE C 223 20.50 10.31 -15.48
N ASP C 224 20.47 9.20 -14.75
CA ASP C 224 19.31 8.72 -14.05
C ASP C 224 19.16 9.46 -12.71
N SER C 225 18.04 9.24 -12.04
CA SER C 225 17.78 9.92 -10.78
C SER C 225 16.81 9.09 -9.95
N SER C 226 16.98 9.17 -8.63
CA SER C 226 16.07 8.57 -7.67
C SER C 226 15.05 9.56 -7.14
N ASN C 227 15.13 10.82 -7.56
CA ASN C 227 14.19 11.85 -7.12
C ASN C 227 12.81 11.57 -7.73
N PRO C 228 11.78 11.34 -6.91
CA PRO C 228 10.44 11.08 -7.49
C PRO C 228 9.87 12.24 -8.26
N GLU C 229 10.41 13.45 -8.11
CA GLU C 229 9.95 14.58 -8.91
C GLU C 229 10.16 14.34 -10.40
N TYR C 230 11.13 13.50 -10.75
CA TYR C 230 11.45 13.24 -12.15
C TYR C 230 10.75 12.01 -12.71
N PHE C 231 10.07 11.23 -11.86
CA PHE C 231 9.42 10.01 -12.33
C PHE C 231 8.30 10.35 -13.31
N ASP C 232 8.27 9.65 -14.44
CA ASP C 232 7.23 9.80 -15.46
C ASP C 232 7.17 11.23 -16.00
N GLY C 233 8.31 11.93 -15.99
CA GLY C 233 8.36 13.30 -16.45
C GLY C 233 8.53 13.49 -17.93
N TYR C 234 8.88 12.43 -18.67
CA TYR C 234 9.07 12.48 -20.11
C TYR C 234 10.09 13.55 -20.50
N TRP C 235 11.15 13.64 -19.69
CA TRP C 235 12.29 14.53 -19.89
C TRP C 235 12.92 14.29 -21.26
N GLY C 236 12.77 15.24 -22.17
CA GLY C 236 13.17 15.04 -23.55
C GLY C 236 12.01 14.94 -24.52
N TYR C 237 10.77 15.17 -24.06
CA TYR C 237 9.63 15.24 -24.96
C TYR C 237 9.85 16.30 -26.05
N SER C 238 10.53 17.38 -25.71
CA SER C 238 10.97 18.39 -26.67
C SER C 238 12.39 18.81 -26.32
N VAL C 239 13.08 19.42 -27.28
CA VAL C 239 14.47 19.79 -27.08
C VAL C 239 14.82 20.94 -28.03
N ALA C 240 15.77 21.78 -27.60
CA ALA C 240 16.31 22.85 -28.42
C ALA C 240 17.67 23.22 -27.84
N VAL C 241 18.39 24.09 -28.56
CA VAL C 241 19.71 24.53 -28.15
C VAL C 241 19.77 26.05 -28.22
N GLY C 242 20.73 26.61 -27.50
CA GLY C 242 20.93 28.04 -27.50
C GLY C 242 22.15 28.43 -26.69
N GLU C 243 22.27 29.73 -26.45
CA GLU C 243 23.35 30.29 -25.64
C GLU C 243 22.74 30.99 -24.44
N PHE C 244 23.05 30.50 -23.24
CA PHE C 244 22.44 31.02 -22.03
C PHE C 244 23.41 31.22 -20.87
N ASP C 245 24.66 30.78 -20.96
CA ASP C 245 25.61 30.92 -19.86
C ASP C 245 26.61 32.04 -20.07
N GLY C 246 26.55 32.74 -21.20
CA GLY C 246 27.49 33.79 -21.52
C GLY C 246 28.73 33.32 -22.26
N ASP C 247 29.21 32.12 -21.92
CA ASP C 247 30.37 31.54 -22.60
C ASP C 247 29.95 31.08 -24.00
N LEU C 248 30.50 31.73 -25.02
CA LEU C 248 30.19 31.40 -26.39
C LEU C 248 30.88 30.13 -26.86
N ASN C 249 31.90 29.65 -26.14
CA ASN C 249 32.50 28.36 -26.48
C ASN C 249 31.56 27.21 -26.17
N THR C 250 30.81 27.30 -25.08
CA THR C 250 29.88 26.26 -24.67
C THR C 250 28.53 26.43 -25.37
N THR C 251 27.80 25.33 -25.45
CA THR C 251 26.46 25.30 -26.01
C THR C 251 25.51 24.71 -24.99
N GLU C 252 24.44 25.43 -24.68
CA GLU C 252 23.50 25.03 -23.65
C GLU C 252 22.29 24.34 -24.28
N TYR C 253 21.74 23.37 -23.55
CA TYR C 253 20.60 22.59 -24.01
C TYR C 253 19.33 23.04 -23.30
N VAL C 254 18.22 23.00 -24.02
CA VAL C 254 16.89 23.26 -23.47
C VAL C 254 16.07 21.98 -23.60
N VAL C 255 15.51 21.51 -22.48
CA VAL C 255 14.79 20.25 -22.44
C VAL C 255 13.42 20.49 -21.83
N GLY C 256 12.39 19.95 -22.47
CA GLY C 256 11.04 19.98 -21.95
C GLY C 256 10.69 18.67 -21.28
N ALA C 257 10.16 18.77 -20.05
CA ALA C 257 9.66 17.62 -19.30
C ALA C 257 8.20 17.93 -18.95
N PRO C 258 7.27 17.64 -19.86
CA PRO C 258 5.90 18.17 -19.72
C PRO C 258 5.07 17.50 -18.64
N THR C 259 5.52 16.38 -18.07
CA THR C 259 4.84 15.76 -16.95
C THR C 259 5.72 15.73 -15.70
N TRP C 260 6.75 16.57 -15.66
CA TRP C 260 7.66 16.62 -14.52
C TRP C 260 6.92 16.96 -13.24
N SER C 261 7.31 16.30 -12.15
CA SER C 261 6.76 16.51 -10.81
C SER C 261 5.24 16.39 -10.81
N TRP C 262 4.78 15.17 -11.06
CA TRP C 262 3.37 14.81 -11.00
C TRP C 262 2.54 15.69 -11.95
N THR C 263 2.97 15.73 -13.21
CA THR C 263 2.33 16.44 -14.31
C THR C 263 2.29 17.95 -14.13
N LEU C 264 3.08 18.50 -13.20
CA LEU C 264 3.23 19.95 -13.15
C LEU C 264 3.93 20.46 -14.39
N GLY C 265 4.84 19.67 -14.95
CA GLY C 265 5.57 20.07 -16.14
C GLY C 265 6.72 20.99 -15.82
N ALA C 266 7.77 20.96 -16.63
CA ALA C 266 8.92 21.82 -16.40
C ALA C 266 9.78 21.89 -17.65
N VAL C 267 10.63 22.91 -17.68
CA VAL C 267 11.66 23.08 -18.70
C VAL C 267 12.96 23.41 -17.99
N GLU C 268 14.06 22.82 -18.46
CA GLU C 268 15.35 22.98 -17.83
C GLU C 268 16.40 23.39 -18.86
N ILE C 269 17.29 24.29 -18.46
CA ILE C 269 18.42 24.72 -19.26
C ILE C 269 19.67 24.07 -18.67
N LEU C 270 20.45 23.40 -19.53
CA LEU C 270 21.60 22.63 -19.08
C LEU C 270 22.83 23.03 -19.88
N ASP C 271 24.00 22.74 -19.32
CA ASP C 271 25.23 22.83 -20.08
C ASP C 271 25.42 21.53 -20.87
N SER C 272 26.46 21.48 -21.70
CA SER C 272 26.71 20.29 -22.51
C SER C 272 26.99 19.05 -21.67
N TYR C 273 27.25 19.21 -20.37
CA TYR C 273 27.47 18.08 -19.47
C TYR C 273 26.22 17.76 -18.65
N TYR C 274 25.06 18.27 -19.06
CA TYR C 274 23.75 17.95 -18.47
C TYR C 274 23.63 18.41 -17.03
N GLN C 275 24.42 19.42 -16.62
CA GLN C 275 24.26 20.03 -15.31
C GLN C 275 23.21 21.12 -15.40
N ARG C 276 22.29 21.14 -14.45
CA ARG C 276 21.14 22.04 -14.53
C ARG C 276 21.57 23.46 -14.18
N LEU C 277 21.34 24.39 -15.11
CA LEU C 277 21.57 25.81 -14.88
C LEU C 277 20.32 26.54 -14.42
N HIS C 278 19.16 26.22 -14.98
CA HIS C 278 17.91 26.80 -14.54
CA HIS C 278 17.89 26.82 -14.59
C HIS C 278 16.79 25.78 -14.73
N ARG C 279 15.69 26.00 -14.00
CA ARG C 279 14.52 25.15 -14.12
C ARG C 279 13.28 26.04 -14.08
N LEU C 280 12.45 25.93 -15.11
CA LEU C 280 11.18 26.64 -15.17
C LEU C 280 10.06 25.65 -14.88
N ARG C 281 9.26 25.94 -13.86
CA ARG C 281 8.19 25.04 -13.45
C ARG C 281 6.89 25.42 -14.14
N GLY C 282 6.04 24.40 -14.33
CA GLY C 282 4.74 24.64 -14.90
C GLY C 282 3.84 25.44 -13.97
N GLU C 283 2.84 26.09 -14.57
CA GLU C 283 1.88 26.88 -13.82
C GLU C 283 0.66 26.08 -13.39
N GLN C 284 0.28 25.08 -14.17
CA GLN C 284 -0.96 24.35 -13.94
C GLN C 284 -0.76 22.89 -14.32
N MET C 285 -1.13 21.99 -13.40
CA MET C 285 -0.98 20.56 -13.65
C MET C 285 -1.77 20.14 -14.89
N ALA C 286 -1.22 19.18 -15.63
CA ALA C 286 -1.77 18.59 -16.84
C ALA C 286 -1.80 19.56 -18.02
N SER C 287 -1.29 20.78 -17.88
CA SER C 287 -1.26 21.71 -19.01
C SER C 287 -0.20 21.34 -20.03
N TYR C 288 0.63 20.33 -19.75
CA TYR C 288 1.73 19.92 -20.63
C TYR C 288 2.69 21.07 -20.90
N PHE C 289 2.98 21.83 -19.84
CA PHE C 289 4.03 22.85 -19.86
C PHE C 289 5.35 22.22 -20.25
N GLY C 290 5.90 22.60 -21.41
CA GLY C 290 7.09 21.97 -21.94
C GLY C 290 6.83 21.08 -23.14
N HIS C 291 5.58 20.99 -23.61
CA HIS C 291 5.29 20.22 -24.81
C HIS C 291 6.12 20.70 -25.99
N SER C 292 6.39 22.00 -26.06
CA SER C 292 7.22 22.58 -27.10
C SER C 292 8.10 23.67 -26.50
N VAL C 293 9.30 23.80 -27.05
CA VAL C 293 10.25 24.83 -26.63
C VAL C 293 10.81 25.49 -27.87
N ALA C 294 11.11 26.78 -27.76
CA ALA C 294 11.70 27.55 -28.86
C ALA C 294 12.71 28.52 -28.27
N VAL C 295 13.82 28.68 -28.98
CA VAL C 295 14.92 29.55 -28.56
C VAL C 295 15.18 30.54 -29.68
N THR C 296 15.03 31.83 -29.38
CA THR C 296 15.34 32.89 -30.32
C THR C 296 15.37 34.22 -29.57
N ASP C 297 16.23 35.13 -30.03
CA ASP C 297 16.30 36.48 -29.48
C ASP C 297 15.20 37.31 -30.11
N VAL C 298 14.16 37.63 -29.34
CA VAL C 298 13.02 38.36 -29.88
C VAL C 298 13.14 39.87 -29.71
N ASN C 299 13.91 40.34 -28.74
CA ASN C 299 13.98 41.77 -28.43
C ASN C 299 15.29 42.40 -28.88
N GLY C 300 15.99 41.78 -29.83
CA GLY C 300 17.14 42.38 -30.48
C GLY C 300 18.24 42.87 -29.54
N ASP C 301 18.45 42.19 -28.43
CA ASP C 301 19.52 42.52 -27.50
C ASP C 301 20.70 41.55 -27.58
N GLY C 302 20.67 40.61 -28.53
CA GLY C 302 21.75 39.67 -28.72
C GLY C 302 21.68 38.44 -27.84
N ARG C 303 20.83 38.43 -26.82
CA ARG C 303 20.74 37.29 -25.91
C ARG C 303 19.53 36.45 -26.26
N HIS C 304 19.73 35.14 -26.38
CA HIS C 304 18.64 34.23 -26.72
C HIS C 304 17.57 34.24 -25.64
N ASP C 305 16.31 34.27 -26.07
CA ASP C 305 15.17 34.19 -25.19
C ASP C 305 14.50 32.83 -25.34
N LEU C 306 13.68 32.48 -24.36
CA LEU C 306 13.04 31.17 -24.31
C LEU C 306 11.52 31.31 -24.36
N LEU C 307 10.90 30.46 -25.18
CA LEU C 307 9.46 30.35 -25.26
C LEU C 307 9.05 28.92 -24.94
N VAL C 308 8.03 28.76 -24.10
CA VAL C 308 7.54 27.46 -23.68
C VAL C 308 6.04 27.40 -23.97
N GLY C 309 5.60 26.27 -24.53
CA GLY C 309 4.20 26.06 -24.84
C GLY C 309 3.57 25.08 -23.87
N ALA C 310 2.37 25.44 -23.40
CA ALA C 310 1.54 24.58 -22.56
C ALA C 310 0.19 24.44 -23.26
N PRO C 311 0.07 23.50 -24.20
CA PRO C 311 -1.11 23.49 -25.08
C PRO C 311 -2.41 23.15 -24.38
N LEU C 312 -2.38 22.55 -23.19
CA LEU C 312 -3.59 22.15 -22.50
C LEU C 312 -3.90 23.03 -21.30
N TYR C 313 -3.30 24.21 -21.24
CA TYR C 313 -3.57 25.14 -20.14
C TYR C 313 -5.04 25.56 -20.16
N MET C 314 -5.67 25.52 -19.00
CA MET C 314 -7.07 25.91 -18.86
C MET C 314 -7.14 27.31 -18.28
N GLU C 315 -7.77 28.22 -19.00
CA GLU C 315 -7.88 29.61 -18.61
C GLU C 315 -9.07 29.80 -17.68
N SER C 316 -8.94 30.76 -16.76
CA SER C 316 -10.01 31.07 -15.82
C SER C 316 -11.11 31.85 -16.53
N ARG C 317 -12.34 31.39 -16.38
CA ARG C 317 -13.53 32.04 -16.92
C ARG C 317 -14.44 32.46 -15.78
N ALA C 318 -15.50 33.18 -16.13
CA ALA C 318 -16.46 33.63 -15.12
C ALA C 318 -17.16 32.44 -14.48
N ASP C 319 -17.75 32.68 -13.30
CA ASP C 319 -18.43 31.64 -12.53
C ASP C 319 -17.49 30.51 -12.15
N ARG C 320 -16.23 30.86 -11.87
CA ARG C 320 -15.19 29.90 -11.47
C ARG C 320 -15.04 28.77 -12.48
N LYS C 321 -15.23 29.08 -13.77
CA LYS C 321 -15.12 28.08 -14.82
C LYS C 321 -13.69 28.02 -15.36
N LEU C 322 -13.39 26.93 -16.05
CA LEU C 322 -12.11 26.72 -16.70
C LEU C 322 -12.35 26.35 -18.15
N ALA C 323 -11.41 26.74 -19.02
CA ALA C 323 -11.54 26.51 -20.45
C ALA C 323 -10.16 26.17 -21.01
N GLU C 324 -10.00 24.94 -21.48
CA GLU C 324 -8.74 24.52 -22.09
C GLU C 324 -8.51 25.26 -23.39
N VAL C 325 -7.44 26.05 -23.45
CA VAL C 325 -7.14 26.86 -24.63
C VAL C 325 -5.65 26.79 -24.95
N GLY C 326 -4.82 26.54 -23.95
CA GLY C 326 -3.39 26.53 -24.13
C GLY C 326 -2.76 27.90 -23.88
N ARG C 327 -1.46 27.87 -23.59
CA ARG C 327 -0.74 29.09 -23.24
C ARG C 327 0.72 28.97 -23.65
N VAL C 328 1.30 30.11 -24.04
CA VAL C 328 2.71 30.22 -24.37
C VAL C 328 3.36 31.20 -23.42
N TYR C 329 4.53 30.84 -22.90
CA TYR C 329 5.26 31.64 -21.92
C TYR C 329 6.53 32.18 -22.57
N LEU C 330 6.80 33.48 -22.37
CA LEU C 330 8.00 34.12 -22.87
C LEU C 330 8.94 34.45 -21.71
N PHE C 331 10.18 33.96 -21.80
CA PHE C 331 11.20 34.22 -20.80
C PHE C 331 12.36 34.95 -21.47
N LEU C 332 12.51 36.23 -21.16
CA LEU C 332 13.63 37.00 -21.68
C LEU C 332 14.87 36.77 -20.81
N GLN C 333 16.01 36.61 -21.46
CA GLN C 333 17.25 36.38 -20.74
C GLN C 333 17.76 37.70 -20.16
N PRO C 334 18.01 37.77 -18.85
CA PRO C 334 18.43 39.03 -18.24
C PRO C 334 19.90 39.32 -18.50
N ARG C 335 20.30 40.54 -18.12
CA ARG C 335 21.70 40.94 -18.21
C ARG C 335 22.54 40.13 -17.24
N GLY C 336 23.66 39.60 -17.73
CA GLY C 336 24.59 38.90 -16.88
C GLY C 336 24.19 37.47 -16.57
N PRO C 337 24.85 36.86 -15.60
CA PRO C 337 24.58 35.45 -15.26
C PRO C 337 23.33 35.24 -14.42
N HIS C 338 22.45 36.23 -14.31
CA HIS C 338 21.26 36.09 -13.49
C HIS C 338 20.36 34.97 -14.00
N ALA C 339 19.58 34.41 -13.09
CA ALA C 339 18.66 33.34 -13.44
C ALA C 339 17.42 33.91 -14.13
N LEU C 340 16.83 33.10 -15.01
CA LEU C 340 15.65 33.52 -15.74
C LEU C 340 14.47 33.64 -14.79
N GLY C 341 13.96 34.86 -14.63
CA GLY C 341 12.92 35.15 -13.66
C GLY C 341 11.54 34.72 -14.12
N ALA C 342 10.53 35.50 -13.71
CA ALA C 342 9.15 35.22 -14.05
C ALA C 342 8.93 35.43 -15.55
N PRO C 343 7.83 34.91 -16.10
CA PRO C 343 7.55 35.13 -17.53
C PRO C 343 7.42 36.61 -17.85
N SER C 344 8.06 37.02 -18.93
CA SER C 344 7.94 38.40 -19.39
C SER C 344 6.61 38.66 -20.09
N LEU C 345 5.97 37.63 -20.63
CA LEU C 345 4.71 37.78 -21.34
C LEU C 345 3.99 36.44 -21.37
N LEU C 346 2.67 36.48 -21.24
CA LEU C 346 1.83 35.29 -21.33
C LEU C 346 0.90 35.44 -22.52
N LEU C 347 1.03 34.53 -23.49
CA LEU C 347 0.13 34.45 -24.62
C LEU C 347 -0.83 33.28 -24.40
N THR C 348 -2.14 33.56 -24.47
CA THR C 348 -3.16 32.59 -24.15
C THR C 348 -4.09 32.41 -25.35
N GLY C 349 -4.42 31.16 -25.65
CA GLY C 349 -5.36 30.87 -26.72
C GLY C 349 -6.77 31.30 -26.36
N THR C 350 -7.64 31.31 -27.38
CA THR C 350 -9.03 31.71 -27.22
C THR C 350 -10.02 30.62 -27.60
N GLN C 351 -9.66 29.75 -28.55
CA GLN C 351 -10.56 28.71 -29.03
C GLN C 351 -10.47 27.50 -28.13
N LEU C 352 -11.62 27.02 -27.66
CA LEU C 352 -11.66 25.85 -26.80
C LEU C 352 -11.06 24.64 -27.51
N TYR C 353 -10.20 23.91 -26.79
CA TYR C 353 -9.53 22.72 -27.28
C TYR C 353 -8.59 22.99 -28.45
N GLY C 354 -8.30 24.27 -28.73
CA GLY C 354 -7.46 24.62 -29.86
C GLY C 354 -6.01 24.23 -29.71
N ARG C 355 -5.55 24.01 -28.47
CA ARG C 355 -4.18 23.60 -28.19
C ARG C 355 -3.17 24.64 -28.67
N PHE C 356 -3.47 25.90 -28.37
CA PHE C 356 -2.53 26.99 -28.61
C PHE C 356 -1.24 26.72 -27.86
N GLY C 357 -0.12 26.79 -28.58
CA GLY C 357 1.17 26.46 -28.02
C GLY C 357 1.67 25.07 -28.30
N SER C 358 1.02 24.32 -29.19
CA SER C 358 1.49 22.99 -29.54
CA SER C 358 1.49 22.99 -29.54
C SER C 358 2.83 23.04 -30.27
N ALA C 359 3.07 24.11 -31.04
CA ALA C 359 4.33 24.29 -31.74
C ALA C 359 4.68 25.77 -31.72
N ILE C 360 5.98 26.06 -31.62
CA ILE C 360 6.48 27.43 -31.58
C ILE C 360 7.71 27.50 -32.48
N ALA C 361 7.61 28.28 -33.55
CA ALA C 361 8.66 28.33 -34.57
C ALA C 361 9.27 29.72 -34.64
N PRO C 362 10.59 29.85 -34.43
CA PRO C 362 11.25 31.11 -34.78
C PRO C 362 11.16 31.37 -36.27
N LEU C 363 10.86 32.63 -36.62
CA LEU C 363 10.68 33.02 -38.00
C LEU C 363 11.82 33.87 -38.53
N GLY C 364 12.86 34.11 -37.72
CA GLY C 364 13.78 35.15 -38.10
C GLY C 364 13.08 36.49 -38.03
N ASP C 365 13.67 37.49 -38.69
CA ASP C 365 13.05 38.81 -38.80
C ASP C 365 12.15 38.81 -40.03
N LEU C 366 10.83 38.73 -39.79
CA LEU C 366 9.88 38.57 -40.88
C LEU C 366 9.73 39.86 -41.68
N ASP C 367 9.57 40.99 -40.98
CA ASP C 367 9.40 42.29 -41.62
C ASP C 367 10.70 43.07 -41.73
N ARG C 368 11.81 42.51 -41.27
CA ARG C 368 13.12 43.15 -41.37
C ARG C 368 13.12 44.52 -40.70
N ASP C 369 12.64 44.56 -39.46
CA ASP C 369 12.62 45.78 -38.66
C ASP C 369 13.69 45.81 -37.58
N GLY C 370 14.40 44.71 -37.37
CA GLY C 370 15.43 44.63 -36.35
C GLY C 370 15.14 43.65 -35.23
N TYR C 371 13.96 43.05 -35.20
CA TYR C 371 13.55 42.15 -34.13
C TYR C 371 13.03 40.85 -34.73
N ASN C 372 13.51 39.74 -34.21
CA ASN C 372 13.05 38.43 -34.67
C ASN C 372 11.63 38.17 -34.19
N ASP C 373 10.92 37.34 -34.95
CA ASP C 373 9.50 37.10 -34.74
C ASP C 373 9.25 35.60 -34.64
N ILE C 374 8.07 35.24 -34.14
CA ILE C 374 7.72 33.84 -33.90
C ILE C 374 6.36 33.54 -34.52
N ALA C 375 6.09 32.24 -34.64
CA ALA C 375 4.78 31.73 -35.04
C ALA C 375 4.35 30.69 -34.04
N VAL C 376 3.11 30.79 -33.55
CA VAL C 376 2.55 29.85 -32.60
C VAL C 376 1.37 29.16 -33.25
N ALA C 377 1.30 27.84 -33.09
CA ALA C 377 0.26 27.04 -33.71
C ALA C 377 -0.83 26.70 -32.71
N ALA C 378 -2.07 26.66 -33.21
CA ALA C 378 -3.22 26.12 -32.49
C ALA C 378 -3.84 25.11 -33.43
N PRO C 379 -3.37 23.86 -33.40
CA PRO C 379 -3.76 22.89 -34.45
C PRO C 379 -5.25 22.62 -34.52
N TYR C 380 -6.01 23.00 -33.50
CA TYR C 380 -7.46 22.84 -33.52
C TYR C 380 -8.15 24.15 -33.16
N GLY C 381 -7.47 25.27 -33.35
CA GLY C 381 -8.00 26.58 -33.04
C GLY C 381 -8.62 27.25 -34.24
N GLY C 382 -8.77 28.58 -34.14
CA GLY C 382 -9.54 29.34 -35.09
C GLY C 382 -11.01 29.23 -34.79
N PRO C 383 -11.81 30.17 -35.29
CA PRO C 383 -13.25 30.12 -35.01
C PRO C 383 -13.92 28.84 -35.49
N SER C 384 -13.36 28.17 -36.49
CA SER C 384 -13.91 26.93 -37.03
C SER C 384 -13.28 25.69 -36.43
N GLY C 385 -12.21 25.82 -35.65
CA GLY C 385 -11.55 24.66 -35.09
C GLY C 385 -10.73 23.85 -36.09
N ARG C 386 -10.49 24.37 -37.29
CA ARG C 386 -9.72 23.65 -38.29
C ARG C 386 -8.22 23.84 -38.17
N GLY C 387 -7.77 24.68 -37.26
CA GLY C 387 -6.33 24.90 -37.10
C GLY C 387 -5.96 26.32 -37.49
N GLN C 388 -5.02 26.89 -36.76
CA GLN C 388 -4.67 28.30 -36.93
C GLN C 388 -3.24 28.53 -36.49
N VAL C 389 -2.53 29.37 -37.24
CA VAL C 389 -1.16 29.77 -36.91
C VAL C 389 -1.15 31.28 -36.71
N LEU C 390 -0.55 31.72 -35.61
CA LEU C 390 -0.54 33.12 -35.21
C LEU C 390 0.88 33.65 -35.19
N VAL C 391 1.11 34.76 -35.88
CA VAL C 391 2.41 35.39 -35.97
C VAL C 391 2.50 36.50 -34.92
N PHE C 392 3.56 36.49 -34.12
CA PHE C 392 3.81 37.53 -33.13
C PHE C 392 5.15 38.19 -33.46
N LEU C 393 5.13 39.50 -33.66
CA LEU C 393 6.32 40.24 -34.02
C LEU C 393 7.11 40.65 -32.77
N GLY C 394 8.43 40.67 -32.92
CA GLY C 394 9.28 41.07 -31.83
C GLY C 394 9.28 42.58 -31.63
N GLN C 395 9.74 42.98 -30.45
CA GLN C 395 9.84 44.38 -30.10
C GLN C 395 10.89 44.51 -29.01
N SER C 396 11.26 45.77 -28.71
CA SER C 396 12.29 46.01 -27.70
C SER C 396 11.87 45.47 -26.33
N GLU C 397 10.56 45.47 -26.05
CA GLU C 397 10.06 44.95 -24.79
C GLU C 397 9.80 43.45 -24.81
N GLY C 398 9.95 42.80 -25.96
CA GLY C 398 9.75 41.36 -26.05
C GLY C 398 8.95 40.96 -27.26
N LEU C 399 7.65 40.72 -27.07
CA LEU C 399 6.74 40.37 -28.15
C LEU C 399 5.45 41.16 -28.00
N ARG C 400 4.79 41.39 -29.13
CA ARG C 400 3.48 42.01 -29.10
C ARG C 400 2.47 41.09 -28.43
N SER C 401 1.58 41.67 -27.63
CA SER C 401 0.57 40.87 -26.95
C SER C 401 -0.44 40.29 -27.92
N ARG C 402 -0.61 40.92 -29.08
CA ARG C 402 -1.60 40.53 -30.05
C ARG C 402 -0.94 40.16 -31.38
N PRO C 403 -1.48 39.18 -32.10
CA PRO C 403 -0.83 38.75 -33.34
C PRO C 403 -0.93 39.80 -34.44
N SER C 404 0.15 39.93 -35.21
CA SER C 404 0.13 40.79 -36.38
C SER C 404 -0.57 40.14 -37.56
N GLN C 405 -0.66 38.82 -37.58
CA GLN C 405 -1.22 38.09 -38.71
C GLN C 405 -1.69 36.73 -38.22
N VAL C 406 -2.65 36.17 -38.93
CA VAL C 406 -3.27 34.90 -38.56
C VAL C 406 -3.42 34.06 -39.82
N LEU C 407 -2.95 32.82 -39.78
CA LEU C 407 -3.00 31.89 -40.91
C LEU C 407 -4.02 30.79 -40.59
N ASP C 408 -5.23 30.93 -41.11
CA ASP C 408 -6.24 29.90 -40.94
C ASP C 408 -5.96 28.73 -41.85
N SER C 409 -6.29 27.53 -41.38
CA SER C 409 -5.98 26.32 -42.12
C SER C 409 -6.72 26.31 -43.45
N PRO C 410 -6.03 26.04 -44.57
CA PRO C 410 -6.72 25.84 -45.85
C PRO C 410 -7.25 24.43 -46.05
N PHE C 411 -7.07 23.56 -45.07
CA PHE C 411 -7.41 22.15 -45.16
C PHE C 411 -8.72 21.87 -44.45
N PRO C 412 -9.34 20.70 -44.72
CA PRO C 412 -10.58 20.36 -43.99
C PRO C 412 -10.35 20.15 -42.51
N THR C 413 -11.44 19.88 -41.78
CA THR C 413 -11.35 19.57 -40.36
C THR C 413 -10.44 18.36 -40.14
N GLY C 414 -9.71 18.39 -39.03
CA GLY C 414 -8.90 17.26 -38.62
C GLY C 414 -7.52 17.18 -39.22
N SER C 415 -7.09 18.20 -39.96
CA SER C 415 -5.77 18.16 -40.59
C SER C 415 -4.64 18.34 -39.59
N ALA C 416 -4.94 18.81 -38.38
CA ALA C 416 -3.91 19.15 -37.39
C ALA C 416 -2.95 20.20 -37.92
N PHE C 417 -3.46 21.10 -38.74
CA PHE C 417 -2.70 22.19 -39.33
C PHE C 417 -1.98 22.99 -38.26
N GLY C 418 -0.65 23.04 -38.34
CA GLY C 418 0.17 23.74 -37.38
C GLY C 418 0.92 22.83 -36.41
N PHE C 419 0.54 21.56 -36.31
CA PHE C 419 1.19 20.63 -35.40
C PHE C 419 2.71 20.66 -35.55
N SER C 420 3.20 20.93 -36.76
CA SER C 420 4.63 21.09 -37.02
C SER C 420 4.86 22.40 -37.74
N LEU C 421 5.83 23.18 -37.28
CA LEU C 421 6.16 24.47 -37.85
C LEU C 421 7.66 24.57 -38.05
N ARG C 422 8.06 25.46 -38.97
CA ARG C 422 9.47 25.75 -39.22
C ARG C 422 9.60 27.00 -40.08
N GLY C 423 10.44 27.93 -39.66
CA GLY C 423 10.64 29.15 -40.40
C GLY C 423 12.09 29.60 -40.44
N ALA C 424 12.31 30.91 -40.51
CA ALA C 424 13.62 31.54 -40.49
C ALA C 424 14.51 31.13 -41.66
N VAL C 425 13.92 30.72 -42.77
CA VAL C 425 14.69 30.32 -43.95
C VAL C 425 14.00 30.90 -45.19
N ASP C 426 14.80 31.54 -46.05
CA ASP C 426 14.30 32.09 -47.31
C ASP C 426 14.42 31.01 -48.38
N ILE C 427 13.29 30.36 -48.68
CA ILE C 427 13.31 29.24 -49.61
C ILE C 427 13.24 29.69 -51.07
N ASP C 428 12.66 30.85 -51.35
CA ASP C 428 12.56 31.37 -52.71
C ASP C 428 13.58 32.45 -53.02
N ASP C 429 14.48 32.76 -52.07
CA ASP C 429 15.58 33.69 -52.28
C ASP C 429 15.08 35.08 -52.68
N ASN C 430 14.08 35.58 -51.95
CA ASN C 430 13.59 36.93 -52.12
C ASN C 430 14.06 37.86 -51.01
N GLY C 431 14.96 37.39 -50.14
CA GLY C 431 15.46 38.19 -49.05
C GLY C 431 14.63 38.16 -47.78
N TYR C 432 13.54 37.41 -47.77
CA TYR C 432 12.63 37.39 -46.63
C TYR C 432 12.40 35.97 -46.15
N PRO C 433 12.44 35.73 -44.84
CA PRO C 433 12.31 34.36 -44.32
C PRO C 433 10.88 33.86 -44.42
N ASP C 434 10.74 32.60 -44.82
CA ASP C 434 9.46 31.99 -45.13
C ASP C 434 9.07 30.98 -44.05
N LEU C 435 7.86 30.46 -44.19
CA LEU C 435 7.26 29.58 -43.18
C LEU C 435 6.66 28.35 -43.85
N ILE C 436 6.96 27.18 -43.30
CA ILE C 436 6.36 25.92 -43.73
C ILE C 436 5.52 25.38 -42.58
N VAL C 437 4.34 24.85 -42.91
CA VAL C 437 3.39 24.37 -41.92
C VAL C 437 2.96 22.96 -42.32
N GLY C 438 3.03 22.04 -41.37
CA GLY C 438 2.58 20.68 -41.60
C GLY C 438 1.14 20.47 -41.17
N ALA C 439 0.46 19.56 -41.87
CA ALA C 439 -0.91 19.16 -41.54
C ALA C 439 -1.00 17.66 -41.82
N TYR C 440 -0.47 16.87 -40.89
CA TYR C 440 -0.34 15.43 -41.12
C TYR C 440 -1.70 14.76 -41.27
N GLY C 441 -2.75 15.35 -40.68
CA GLY C 441 -4.08 14.78 -40.84
C GLY C 441 -4.59 14.85 -42.26
N ALA C 442 -4.13 15.83 -43.02
CA ALA C 442 -4.43 15.95 -44.44
C ALA C 442 -3.29 15.44 -45.32
N ASN C 443 -2.19 14.97 -44.73
CA ASN C 443 -1.04 14.46 -45.46
C ASN C 443 -0.47 15.50 -46.41
N GLN C 444 -0.40 16.74 -45.95
CA GLN C 444 0.06 17.85 -46.78
C GLN C 444 0.89 18.83 -45.96
N VAL C 445 1.65 19.65 -46.68
CA VAL C 445 2.46 20.71 -46.09
C VAL C 445 2.17 21.99 -46.87
N ALA C 446 1.94 23.08 -46.14
CA ALA C 446 1.66 24.38 -46.73
C ALA C 446 2.85 25.30 -46.54
N VAL C 447 3.24 26.01 -47.60
CA VAL C 447 4.38 26.91 -47.58
C VAL C 447 3.87 28.33 -47.74
N TYR C 448 4.24 29.21 -46.81
CA TYR C 448 3.88 30.62 -46.84
C TYR C 448 5.11 31.44 -47.17
N ARG C 449 5.03 32.21 -48.25
CA ARG C 449 6.14 33.06 -48.68
C ARG C 449 5.99 34.46 -48.10
N ALA C 450 7.06 34.96 -47.49
CA ALA C 450 7.06 36.33 -46.96
C ALA C 450 7.23 37.33 -48.10
N GLN C 451 6.44 38.39 -48.06
CA GLN C 451 6.44 39.39 -49.12
C GLN C 451 7.17 40.65 -48.67
N PRO C 452 7.72 41.41 -49.61
CA PRO C 452 8.42 42.64 -49.24
C PRO C 452 7.48 43.63 -48.54
N VAL C 453 8.04 44.34 -47.56
CA VAL C 453 7.28 45.33 -46.81
C VAL C 453 7.46 46.71 -47.44
N GLY D 1 -42.44 69.82 -6.56
CA GLY D 1 -42.69 70.42 -7.87
C GLY D 1 -41.69 70.01 -8.92
N PRO D 2 -40.49 70.57 -8.87
CA PRO D 2 -39.46 70.24 -9.87
C PRO D 2 -38.76 68.93 -9.54
N ASN D 3 -38.44 68.18 -10.58
CA ASN D 3 -37.75 66.90 -10.44
C ASN D 3 -37.21 66.49 -11.81
N ILE D 4 -36.52 65.35 -11.85
CA ILE D 4 -35.92 64.86 -13.09
C ILE D 4 -36.98 64.52 -14.13
N CYS D 5 -38.21 64.25 -13.72
CA CYS D 5 -39.25 63.92 -14.69
C CYS D 5 -39.66 65.14 -15.50
N THR D 6 -39.80 66.29 -14.84
CA THR D 6 -40.22 67.51 -15.52
C THR D 6 -39.05 68.21 -16.20
N THR D 7 -37.93 68.34 -15.48
CA THR D 7 -36.79 69.10 -15.97
C THR D 7 -36.11 68.45 -17.17
N ARG D 8 -36.42 67.19 -17.47
CA ARG D 8 -35.82 66.54 -18.63
C ARG D 8 -36.37 67.09 -19.94
N GLY D 9 -37.64 67.49 -19.96
CA GLY D 9 -38.27 67.93 -21.19
C GLY D 9 -38.42 66.80 -22.19
N VAL D 10 -39.24 65.82 -21.84
CA VAL D 10 -39.41 64.64 -22.67
C VAL D 10 -40.39 64.94 -23.80
N SER D 11 -40.20 64.28 -24.94
CA SER D 11 -41.03 64.48 -26.11
C SER D 11 -42.10 63.41 -26.28
N SER D 12 -42.10 62.36 -25.46
CA SER D 12 -43.03 61.27 -25.65
C SER D 12 -43.24 60.53 -24.34
N CYS D 13 -44.35 59.79 -24.28
CA CYS D 13 -44.63 58.96 -23.10
C CYS D 13 -43.57 57.89 -22.92
N GLN D 14 -43.12 57.29 -24.03
CA GLN D 14 -42.07 56.28 -23.95
C GLN D 14 -40.77 56.87 -23.41
N GLN D 15 -40.40 58.06 -23.87
CA GLN D 15 -39.22 58.73 -23.37
C GLN D 15 -39.37 59.13 -21.91
N CYS D 16 -40.60 59.39 -21.47
CA CYS D 16 -40.82 59.78 -20.07
C CYS D 16 -40.56 58.63 -19.12
N LEU D 17 -41.07 57.43 -19.43
CA LEU D 17 -40.83 56.28 -18.57
C LEU D 17 -39.35 55.93 -18.51
N ALA D 18 -38.60 56.18 -19.59
CA ALA D 18 -37.18 55.89 -19.62
C ALA D 18 -36.37 56.82 -18.72
N VAL D 19 -36.94 57.94 -18.28
CA VAL D 19 -36.21 58.85 -17.40
C VAL D 19 -35.89 58.16 -16.08
N SER D 20 -36.90 57.55 -15.46
CA SER D 20 -36.76 56.93 -14.15
C SER D 20 -37.96 56.05 -13.87
N PRO D 21 -37.81 54.97 -13.09
CA PRO D 21 -38.99 54.20 -12.66
C PRO D 21 -39.96 55.01 -11.83
N MET D 22 -39.55 56.21 -11.40
CA MET D 22 -40.38 57.06 -10.56
C MET D 22 -41.35 57.91 -11.39
N CYS D 23 -41.02 58.17 -12.65
CA CYS D 23 -41.79 59.10 -13.47
C CYS D 23 -43.07 58.46 -14.00
N ALA D 24 -44.10 59.29 -14.16
CA ALA D 24 -45.36 58.90 -14.75
C ALA D 24 -45.71 59.85 -15.87
N TRP D 25 -46.71 59.48 -16.67
CA TRP D 25 -47.11 60.25 -17.83
C TRP D 25 -48.61 60.46 -17.84
N CYS D 26 -49.04 61.65 -18.26
CA CYS D 26 -50.45 61.99 -18.41
C CYS D 26 -50.74 62.20 -19.89
N SER D 27 -51.70 61.43 -20.42
CA SER D 27 -52.08 61.52 -21.82
C SER D 27 -53.40 62.25 -22.02
N ASP D 28 -53.91 62.91 -20.98
CA ASP D 28 -55.20 63.58 -21.06
C ASP D 28 -55.11 64.77 -22.03
N GLU D 29 -55.94 64.77 -23.07
CA GLU D 29 -55.92 65.84 -24.04
C GLU D 29 -56.29 67.18 -23.42
N ALA D 30 -57.18 67.17 -22.43
CA ALA D 30 -57.63 68.40 -21.76
C ALA D 30 -56.75 68.78 -20.58
N LEU D 31 -55.43 68.64 -20.70
CA LEU D 31 -54.49 69.05 -19.68
C LEU D 31 -54.12 70.52 -19.89
N PRO D 32 -53.95 71.29 -18.81
CA PRO D 32 -53.52 72.68 -18.96
C PRO D 32 -52.21 72.79 -19.73
N LEU D 33 -52.10 73.82 -20.57
CA LEU D 33 -50.89 74.02 -21.36
C LEU D 33 -49.68 74.22 -20.47
N GLY D 34 -49.79 75.12 -19.50
CA GLY D 34 -48.72 75.32 -18.54
C GLY D 34 -48.69 74.21 -17.50
N SER D 35 -48.36 72.99 -17.94
CA SER D 35 -48.35 71.84 -17.04
C SER D 35 -47.52 70.74 -17.67
N PRO D 36 -46.65 70.08 -16.90
CA PRO D 36 -45.84 69.01 -17.47
C PRO D 36 -46.61 67.69 -17.56
N ARG D 37 -46.41 67.00 -18.67
CA ARG D 37 -47.03 65.69 -18.85
C ARG D 37 -46.23 64.56 -18.19
N CYS D 38 -44.97 64.82 -17.85
CA CYS D 38 -44.08 63.83 -17.25
C CYS D 38 -43.72 64.29 -15.85
N ASP D 39 -44.23 63.58 -14.84
CA ASP D 39 -44.00 63.96 -13.45
C ASP D 39 -44.34 62.76 -12.58
N LEU D 40 -44.24 62.95 -11.27
CA LEU D 40 -44.66 61.92 -10.33
C LEU D 40 -46.17 61.71 -10.45
N LYS D 41 -46.60 60.47 -10.16
CA LYS D 41 -48.02 60.16 -10.30
C LYS D 41 -48.89 61.07 -9.43
N GLU D 42 -48.37 61.52 -8.29
CA GLU D 42 -49.14 62.41 -7.42
C GLU D 42 -49.28 63.79 -8.04
N ASN D 43 -48.18 64.35 -8.55
CA ASN D 43 -48.22 65.68 -9.14
C ASN D 43 -49.17 65.75 -10.33
N LEU D 44 -49.28 64.65 -11.09
CA LEU D 44 -50.21 64.63 -12.22
C LEU D 44 -51.65 64.64 -11.74
N LEU D 45 -51.96 63.82 -10.71
CA LEU D 45 -53.31 63.79 -10.17
C LEU D 45 -53.73 65.13 -9.56
N LYS D 46 -52.77 65.97 -9.18
CA LYS D 46 -53.12 67.28 -8.65
C LYS D 46 -53.68 68.20 -9.74
N ASP D 47 -53.19 68.06 -10.98
CA ASP D 47 -53.62 68.89 -12.10
C ASP D 47 -54.86 68.34 -12.79
N ASN D 48 -55.73 67.66 -12.06
CA ASN D 48 -56.98 67.11 -12.58
C ASN D 48 -56.76 66.17 -13.76
N CYS D 49 -55.57 65.58 -13.88
CA CYS D 49 -55.32 64.61 -14.93
C CYS D 49 -56.20 63.40 -14.72
N ALA D 50 -56.93 63.01 -15.77
CA ALA D 50 -57.85 61.89 -15.72
C ALA D 50 -57.14 60.64 -15.21
N PRO D 51 -57.57 60.07 -14.08
CA PRO D 51 -56.85 58.91 -13.53
C PRO D 51 -56.69 57.76 -14.51
N GLU D 52 -57.70 57.51 -15.36
CA GLU D 52 -57.56 56.47 -16.37
C GLU D 52 -56.58 56.85 -17.46
N SER D 53 -56.30 58.14 -17.63
CA SER D 53 -55.36 58.62 -18.65
C SER D 53 -53.93 58.69 -18.14
N ILE D 54 -53.64 58.09 -16.99
CA ILE D 54 -52.31 58.14 -16.39
C ILE D 54 -51.58 56.84 -16.72
N GLU D 55 -50.38 56.97 -17.29
CA GLU D 55 -49.53 55.83 -17.59
C GLU D 55 -48.43 55.74 -16.54
N PHE D 56 -48.40 54.64 -15.80
CA PHE D 56 -47.39 54.44 -14.77
C PHE D 56 -47.22 52.96 -14.47
N PRO D 57 -46.47 52.23 -15.29
CA PRO D 57 -46.27 50.80 -15.02
C PRO D 57 -45.43 50.56 -13.79
N VAL D 58 -45.71 49.45 -13.10
CA VAL D 58 -45.03 49.06 -11.88
C VAL D 58 -44.33 47.74 -12.11
N SER D 59 -43.05 47.68 -11.78
CA SER D 59 -42.32 46.42 -11.86
C SER D 59 -42.87 45.43 -10.84
N GLU D 60 -43.19 44.23 -11.30
CA GLU D 60 -43.83 43.24 -10.45
C GLU D 60 -43.26 41.86 -10.73
N ALA D 61 -43.40 40.98 -9.74
CA ALA D 61 -43.06 39.57 -9.86
C ALA D 61 -44.31 38.76 -9.53
N ARG D 62 -44.64 37.79 -10.39
CA ARG D 62 -45.86 37.01 -10.26
C ARG D 62 -45.54 35.54 -10.44
N VAL D 63 -46.01 34.72 -9.51
CA VAL D 63 -45.75 33.28 -9.56
C VAL D 63 -46.76 32.62 -10.48
N LEU D 64 -46.27 31.75 -11.36
CA LEU D 64 -47.11 31.01 -12.30
C LEU D 64 -47.25 29.54 -11.93
N GLU D 65 -46.15 28.88 -11.64
CA GLU D 65 -46.14 27.49 -11.19
C GLU D 65 -45.48 27.44 -9.82
N ASP D 66 -46.18 26.86 -8.84
CA ASP D 66 -45.75 26.88 -7.45
C ASP D 66 -46.07 25.54 -6.78
N ARG D 67 -45.55 24.46 -7.36
CA ARG D 67 -45.76 23.15 -6.76
C ARG D 67 -44.98 23.04 -5.46
N PRO D 68 -45.55 22.39 -4.44
CA PRO D 68 -44.84 22.25 -3.17
C PRO D 68 -43.61 21.36 -3.30
N LEU D 69 -42.63 21.64 -2.45
CA LEU D 69 -41.44 20.80 -2.40
C LEU D 69 -41.80 19.40 -1.91
N SER D 70 -41.28 18.39 -2.59
CA SER D 70 -41.59 17.01 -2.21
C SER D 70 -40.89 16.64 -0.90
N ASP D 71 -41.54 15.77 -0.14
CA ASP D 71 -40.96 15.24 1.09
C ASP D 71 -40.09 14.01 0.82
N LYS D 72 -40.54 13.13 -0.07
CA LYS D 72 -39.80 11.94 -0.45
C LYS D 72 -39.55 11.96 -1.95
N GLY D 73 -38.45 11.36 -2.37
CA GLY D 73 -38.09 11.27 -3.76
C GLY D 73 -38.44 9.97 -4.44
N SER D 74 -39.11 9.06 -3.74
CA SER D 74 -39.48 7.76 -4.29
C SER D 74 -40.71 7.91 -5.18
N GLY D 75 -41.26 6.79 -5.63
CA GLY D 75 -42.47 6.83 -6.45
C GLY D 75 -42.14 7.20 -7.88
N ASP D 76 -42.92 8.12 -8.44
CA ASP D 76 -42.71 8.57 -9.81
C ASP D 76 -41.73 9.74 -9.82
N SER D 77 -40.77 9.69 -10.75
CA SER D 77 -39.80 10.77 -10.86
C SER D 77 -40.45 12.06 -11.36
N SER D 78 -41.51 11.95 -12.16
CA SER D 78 -42.22 13.13 -12.64
C SER D 78 -42.88 13.90 -11.51
N GLN D 79 -43.17 13.24 -10.39
CA GLN D 79 -43.81 13.89 -9.26
C GLN D 79 -42.84 14.60 -8.33
N VAL D 80 -41.54 14.40 -8.49
CA VAL D 80 -40.55 14.94 -7.57
C VAL D 80 -40.34 16.42 -7.88
N THR D 81 -40.42 17.25 -6.84
CA THR D 81 -40.20 18.69 -6.96
C THR D 81 -39.08 19.09 -6.01
N GLN D 82 -37.98 19.58 -6.57
CA GLN D 82 -36.84 20.02 -5.77
C GLN D 82 -36.70 21.53 -5.70
N VAL D 83 -37.35 22.27 -6.59
CA VAL D 83 -37.21 23.72 -6.69
C VAL D 83 -38.60 24.35 -6.59
N SER D 84 -38.68 25.47 -5.86
CA SER D 84 -39.95 26.18 -5.71
C SER D 84 -39.67 27.68 -5.57
N PRO D 85 -40.35 28.53 -6.36
CA PRO D 85 -41.31 28.14 -7.40
C PRO D 85 -40.62 27.62 -8.66
N GLN D 86 -41.41 27.14 -9.62
CA GLN D 86 -40.87 26.59 -10.85
C GLN D 86 -40.94 27.57 -12.01
N ARG D 87 -41.88 28.50 -12.00
CA ARG D 87 -42.04 29.47 -13.08
C ARG D 87 -42.63 30.75 -12.51
N ILE D 88 -42.04 31.90 -12.85
CA ILE D 88 -42.54 33.19 -12.44
C ILE D 88 -42.49 34.14 -13.64
N ALA D 89 -43.35 35.16 -13.60
CA ALA D 89 -43.38 36.21 -14.62
C ALA D 89 -42.83 37.49 -14.01
N LEU D 90 -41.79 38.05 -14.63
CA LEU D 90 -41.13 39.24 -14.14
C LEU D 90 -41.40 40.40 -15.10
N ARG D 91 -41.87 41.52 -14.55
CA ARG D 91 -42.11 42.72 -15.33
C ARG D 91 -41.18 43.82 -14.83
N LEU D 92 -40.46 44.45 -15.76
CA LEU D 92 -39.48 45.47 -15.41
C LEU D 92 -39.59 46.64 -16.37
N ARG D 93 -39.72 47.84 -15.83
CA ARG D 93 -39.61 49.05 -16.62
C ARG D 93 -38.16 49.50 -16.69
N PRO D 94 -37.80 50.40 -17.62
CA PRO D 94 -36.38 50.72 -17.83
C PRO D 94 -35.66 51.13 -16.56
N ASP D 95 -34.43 50.61 -16.41
CA ASP D 95 -33.51 50.94 -15.33
C ASP D 95 -34.10 50.65 -13.94
N ASP D 96 -35.10 49.79 -13.87
CA ASP D 96 -35.73 49.42 -12.61
C ASP D 96 -35.20 48.05 -12.17
N SER D 97 -35.63 47.61 -10.99
CA SER D 97 -35.23 46.32 -10.47
C SER D 97 -36.30 45.77 -9.55
N LYS D 98 -36.62 44.49 -9.72
CA LYS D 98 -37.56 43.78 -8.87
C LYS D 98 -36.88 42.55 -8.30
N ASN D 99 -37.46 42.01 -7.23
CA ASN D 99 -36.86 40.90 -6.51
C ASN D 99 -37.84 39.74 -6.39
N PHE D 100 -37.28 38.54 -6.26
CA PHE D 100 -38.05 37.33 -6.10
C PHE D 100 -37.21 36.32 -5.31
N SER D 101 -37.81 35.17 -5.01
CA SER D 101 -37.18 34.17 -4.16
C SER D 101 -37.28 32.79 -4.78
N ILE D 102 -36.46 31.88 -4.27
CA ILE D 102 -36.42 30.51 -4.73
C ILE D 102 -36.04 29.62 -3.55
N GLN D 103 -36.66 28.44 -3.48
CA GLN D 103 -36.34 27.44 -2.46
C GLN D 103 -35.79 26.20 -3.13
N VAL D 104 -34.73 25.63 -2.55
CA VAL D 104 -34.11 24.42 -3.04
C VAL D 104 -34.03 23.42 -1.89
N ARG D 105 -34.36 22.17 -2.17
CA ARG D 105 -34.37 21.11 -1.17
C ARG D 105 -33.63 19.89 -1.70
N GLN D 106 -32.72 19.35 -0.88
CA GLN D 106 -32.13 18.04 -1.14
C GLN D 106 -33.16 17.00 -0.72
N VAL D 107 -33.97 16.56 -1.68
CA VAL D 107 -35.11 15.70 -1.37
C VAL D 107 -34.63 14.39 -0.77
N GLU D 108 -35.27 13.97 0.32
CA GLU D 108 -34.96 12.71 0.96
C GLU D 108 -35.42 11.54 0.10
N ASP D 109 -34.66 10.45 0.13
CA ASP D 109 -34.98 9.21 -0.57
C ASP D 109 -35.01 9.43 -2.09
N TYR D 110 -33.90 9.93 -2.61
CA TYR D 110 -33.78 10.14 -4.05
C TYR D 110 -32.99 9.00 -4.68
N PRO D 111 -33.39 8.54 -5.87
CA PRO D 111 -32.69 7.41 -6.50
C PRO D 111 -31.21 7.69 -6.71
N VAL D 112 -30.42 6.62 -6.67
CA VAL D 112 -28.95 6.71 -6.72
C VAL D 112 -28.42 5.65 -7.66
N ASP D 113 -27.52 6.05 -8.57
CA ASP D 113 -26.74 5.14 -9.39
C ASP D 113 -25.29 5.20 -8.92
N ILE D 114 -24.65 4.04 -8.78
CA ILE D 114 -23.26 3.95 -8.35
C ILE D 114 -22.54 3.01 -9.31
N TYR D 115 -21.68 3.57 -10.17
CA TYR D 115 -20.85 2.79 -11.06
C TYR D 115 -19.45 2.69 -10.47
N TYR D 116 -19.00 1.47 -10.20
CA TYR D 116 -17.72 1.21 -9.56
C TYR D 116 -16.68 0.97 -10.66
N LEU D 117 -15.79 1.94 -10.85
CA LEU D 117 -14.74 1.87 -11.87
C LEU D 117 -13.42 1.61 -11.19
N MET D 118 -12.87 0.41 -11.39
CA MET D 118 -11.79 -0.10 -10.57
C MET D 118 -10.51 -0.28 -11.39
N ASP D 119 -9.41 0.24 -10.85
CA ASP D 119 -8.08 -0.13 -11.33
C ASP D 119 -7.86 -1.62 -11.08
N LEU D 120 -7.48 -2.34 -12.13
CA LEU D 120 -7.17 -3.75 -12.01
C LEU D 120 -5.76 -4.08 -12.51
N SER D 121 -4.85 -3.11 -12.40
CA SER D 121 -3.44 -3.45 -12.54
C SER D 121 -2.99 -4.25 -11.31
N TYR D 122 -1.74 -4.73 -11.36
CA TYR D 122 -1.35 -5.86 -10.52
C TYR D 122 -1.47 -5.54 -9.03
N SER D 123 -1.19 -4.30 -8.64
CA SER D 123 -1.19 -3.96 -7.21
C SER D 123 -2.57 -3.92 -6.60
N MET D 124 -3.63 -4.07 -7.38
CA MET D 124 -4.99 -4.09 -6.89
C MET D 124 -5.50 -5.51 -6.66
N LYS D 125 -4.60 -6.49 -6.66
CA LYS D 125 -5.01 -7.88 -6.49
C LYS D 125 -5.57 -8.13 -5.09
N ASP D 126 -4.94 -7.53 -4.06
CA ASP D 126 -5.47 -7.65 -2.71
C ASP D 126 -6.72 -6.82 -2.50
N ASP D 127 -6.93 -5.79 -3.33
CA ASP D 127 -8.15 -5.00 -3.24
C ASP D 127 -9.37 -5.81 -3.67
N LEU D 128 -9.20 -6.75 -4.59
CA LEU D 128 -10.32 -7.56 -5.05
C LEU D 128 -10.85 -8.45 -3.93
N TRP D 129 -9.97 -8.99 -3.10
CA TRP D 129 -10.42 -9.88 -2.04
CA TRP D 129 -10.38 -9.88 -2.01
C TRP D 129 -11.30 -9.17 -1.02
N SER D 130 -11.24 -7.85 -0.93
CA SER D 130 -12.05 -7.11 0.02
C SER D 130 -13.46 -6.83 -0.50
N ILE D 131 -13.59 -6.59 -1.80
CA ILE D 131 -14.86 -6.18 -2.38
C ILE D 131 -15.65 -7.37 -2.93
N GLN D 132 -15.33 -8.58 -2.50
CA GLN D 132 -16.02 -9.77 -3.01
C GLN D 132 -17.53 -9.67 -2.79
N ASN D 133 -17.95 -9.11 -1.66
CA ASN D 133 -19.36 -8.98 -1.32
C ASN D 133 -19.75 -7.52 -1.15
N LEU D 134 -19.03 -6.61 -1.81
CA LEU D 134 -19.30 -5.19 -1.66
C LEU D 134 -20.70 -4.82 -2.15
N GLY D 135 -21.21 -5.53 -3.15
CA GLY D 135 -22.55 -5.24 -3.64
C GLY D 135 -23.61 -5.40 -2.57
N THR D 136 -23.56 -6.51 -1.83
CA THR D 136 -24.50 -6.73 -0.74
C THR D 136 -24.30 -5.73 0.38
N LYS D 137 -23.05 -5.57 0.83
CA LYS D 137 -22.77 -4.70 1.96
C LYS D 137 -23.09 -3.24 1.65
N LEU D 138 -22.74 -2.77 0.44
CA LEU D 138 -23.03 -1.39 0.07
C LEU D 138 -24.53 -1.16 -0.06
N ALA D 139 -25.26 -2.14 -0.61
CA ALA D 139 -26.71 -2.00 -0.74
C ALA D 139 -27.37 -1.84 0.63
N THR D 140 -26.88 -2.56 1.63
CA THR D 140 -27.46 -2.49 2.97
C THR D 140 -27.38 -1.07 3.53
N GLN D 141 -26.20 -0.44 3.43
CA GLN D 141 -26.05 0.89 3.98
C GLN D 141 -26.77 1.93 3.14
N MET D 142 -26.76 1.78 1.81
CA MET D 142 -27.39 2.77 0.95
C MET D 142 -28.92 2.73 1.07
N ARG D 143 -29.49 1.56 1.36
CA ARG D 143 -30.94 1.47 1.52
C ARG D 143 -31.43 2.20 2.76
N LYS D 144 -30.54 2.57 3.69
CA LYS D 144 -30.92 3.50 4.74
C LYS D 144 -31.23 4.88 4.17
N LEU D 145 -30.58 5.25 3.06
CA LEU D 145 -30.68 6.57 2.47
C LEU D 145 -31.65 6.63 1.29
N THR D 146 -31.73 5.58 0.48
CA THR D 146 -32.53 5.60 -0.73
C THR D 146 -33.28 4.29 -0.91
N SER D 147 -34.43 4.37 -1.60
CA SER D 147 -35.22 3.21 -1.95
C SER D 147 -34.95 2.71 -3.35
N ASN D 148 -34.30 3.51 -4.20
CA ASN D 148 -34.03 3.18 -5.59
C ASN D 148 -32.53 3.21 -5.83
N LEU D 149 -31.86 2.09 -5.58
CA LEU D 149 -30.42 1.97 -5.75
C LEU D 149 -30.11 1.07 -6.95
N ARG D 150 -29.11 1.48 -7.73
CA ARG D 150 -28.58 0.67 -8.82
C ARG D 150 -27.06 0.73 -8.79
N ILE D 151 -26.42 -0.41 -9.01
CA ILE D 151 -24.96 -0.48 -8.98
C ILE D 151 -24.46 -1.23 -10.20
N GLY D 152 -23.29 -0.81 -10.70
CA GLY D 152 -22.63 -1.49 -11.80
C GLY D 152 -21.14 -1.50 -11.59
N PHE D 153 -20.43 -2.17 -12.51
CA PHE D 153 -19.00 -2.38 -12.34
C PHE D 153 -18.27 -2.26 -13.67
N GLY D 154 -17.09 -1.64 -13.62
CA GLY D 154 -16.19 -1.59 -14.76
C GLY D 154 -14.77 -1.58 -14.25
N ALA D 155 -13.84 -1.90 -15.15
CA ALA D 155 -12.45 -2.06 -14.75
C ALA D 155 -11.53 -1.57 -15.87
N PHE D 156 -10.32 -1.18 -15.47
CA PHE D 156 -9.35 -0.64 -16.41
C PHE D 156 -7.94 -1.01 -15.95
N VAL D 157 -7.00 -0.95 -16.90
CA VAL D 157 -5.58 -1.06 -16.59
C VAL D 157 -4.86 0.10 -17.27
N ASP D 158 -4.54 -0.05 -18.54
CA ASP D 158 -3.84 0.96 -19.33
C ASP D 158 -4.00 0.56 -20.79
N LYS D 159 -3.51 1.42 -21.68
CA LYS D 159 -3.62 1.16 -23.12
C LYS D 159 -2.85 -0.10 -23.50
N PRO D 160 -3.50 -1.12 -24.08
CA PRO D 160 -2.81 -2.39 -24.42
C PRO D 160 -1.92 -2.25 -25.66
N VAL D 161 -0.80 -1.55 -25.48
CA VAL D 161 0.14 -1.31 -26.58
C VAL D 161 1.50 -1.00 -25.97
N SER D 162 2.56 -1.42 -26.66
CA SER D 162 3.90 -1.06 -26.23
C SER D 162 4.05 0.45 -26.20
N PRO D 163 4.78 1.02 -25.22
CA PRO D 163 5.54 0.35 -24.16
C PRO D 163 4.75 0.06 -22.88
N TYR D 164 3.49 0.46 -22.83
CA TYR D 164 2.67 0.17 -21.66
C TYR D 164 2.53 -1.34 -21.45
N MET D 165 2.45 -2.09 -22.53
CA MET D 165 2.16 -3.52 -22.51
C MET D 165 3.42 -4.31 -22.82
N TYR D 166 3.61 -5.42 -22.10
CA TYR D 166 4.66 -6.35 -22.43
C TYR D 166 4.29 -7.12 -23.69
N ILE D 167 5.21 -7.14 -24.67
CA ILE D 167 4.90 -7.70 -25.98
C ILE D 167 5.86 -8.84 -26.34
N SER D 168 6.60 -9.38 -25.37
CA SER D 168 7.52 -10.47 -25.65
C SER D 168 7.77 -11.27 -24.39
N PRO D 169 7.92 -12.61 -24.48
CA PRO D 169 7.69 -13.47 -25.64
C PRO D 169 6.20 -13.59 -25.97
N PRO D 170 5.81 -14.37 -26.99
CA PRO D 170 4.37 -14.54 -27.26
C PRO D 170 3.57 -14.96 -26.04
N GLU D 171 4.21 -15.63 -25.07
CA GLU D 171 3.53 -16.03 -23.84
C GLU D 171 3.08 -14.83 -23.03
N ALA D 172 3.85 -13.73 -23.06
CA ALA D 172 3.53 -12.55 -22.27
C ALA D 172 2.24 -11.86 -22.73
N LEU D 173 1.86 -12.03 -24.00
CA LEU D 173 0.62 -11.42 -24.47
C LEU D 173 -0.60 -12.12 -23.91
N GLU D 174 -0.53 -13.46 -23.77
CA GLU D 174 -1.61 -14.22 -23.17
C GLU D 174 -1.54 -14.25 -21.65
N ASN D 175 -0.35 -14.05 -21.09
CA ASN D 175 -0.17 -14.06 -19.64
C ASN D 175 0.93 -13.07 -19.30
N PRO D 176 0.58 -11.80 -19.06
CA PRO D 176 1.60 -10.80 -18.69
C PRO D 176 2.39 -11.17 -17.44
N CYS D 177 1.92 -12.14 -16.66
CA CYS D 177 2.59 -12.62 -15.46
C CYS D 177 3.33 -13.93 -15.70
N TYR D 178 3.91 -14.09 -16.90
CA TYR D 178 4.56 -15.36 -17.24
C TYR D 178 5.89 -15.51 -16.50
N ASP D 179 6.71 -14.45 -16.48
CA ASP D 179 8.01 -14.53 -15.83
C ASP D 179 7.89 -14.66 -14.32
N MET D 180 6.72 -14.33 -13.77
CA MET D 180 6.39 -14.62 -12.39
C MET D 180 5.66 -15.95 -12.30
N LYS D 181 5.80 -16.62 -11.16
CA LYS D 181 5.22 -17.95 -10.97
C LYS D 181 3.71 -17.85 -10.70
N THR D 182 3.00 -17.27 -11.67
CA THR D 182 1.57 -17.05 -11.52
C THR D 182 0.97 -16.75 -12.90
N THR D 183 -0.32 -16.47 -12.90
CA THR D 183 -1.08 -16.19 -14.11
C THR D 183 -1.96 -14.95 -13.88
N CYS D 184 -2.07 -14.11 -14.89
CA CYS D 184 -2.99 -12.98 -14.85
C CYS D 184 -3.57 -12.76 -16.23
N LEU D 185 -4.65 -11.99 -16.27
CA LEU D 185 -5.38 -11.75 -17.52
C LEU D 185 -4.51 -11.02 -18.52
N PRO D 186 -4.77 -11.20 -19.82
CA PRO D 186 -4.16 -10.31 -20.82
C PRO D 186 -4.54 -8.87 -20.53
N MET D 187 -3.65 -7.96 -20.94
CA MET D 187 -3.86 -6.55 -20.65
C MET D 187 -5.07 -6.03 -21.42
N PHE D 188 -5.82 -5.13 -20.78
CA PHE D 188 -6.99 -4.51 -21.39
C PHE D 188 -7.05 -3.05 -20.99
N GLY D 189 -7.51 -2.21 -21.91
CA GLY D 189 -7.66 -0.79 -21.63
C GLY D 189 -8.78 -0.51 -20.66
N TYR D 190 -10.02 -0.67 -21.11
CA TYR D 190 -11.19 -0.52 -20.26
C TYR D 190 -12.27 -1.47 -20.73
N LYS D 191 -12.92 -2.16 -19.79
CA LYS D 191 -13.99 -3.08 -20.12
C LYS D 191 -15.18 -2.83 -19.20
N HIS D 192 -16.37 -2.79 -19.80
CA HIS D 192 -17.61 -2.72 -19.04
C HIS D 192 -18.01 -4.13 -18.63
N VAL D 193 -18.33 -4.30 -17.35
CA VAL D 193 -18.62 -5.62 -16.77
C VAL D 193 -20.10 -5.77 -16.44
N LEU D 194 -20.65 -4.86 -15.66
CA LEU D 194 -22.02 -4.96 -15.19
C LEU D 194 -22.73 -3.63 -15.37
N THR D 195 -23.80 -3.63 -16.18
CA THR D 195 -24.66 -2.47 -16.29
C THR D 195 -25.37 -2.21 -14.96
N LEU D 196 -25.61 -0.94 -14.66
CA LEU D 196 -26.32 -0.53 -13.45
C LEU D 196 -27.62 -1.30 -13.32
N THR D 197 -27.80 -1.97 -12.19
CA THR D 197 -28.97 -2.79 -11.95
C THR D 197 -29.32 -2.75 -10.47
N ASP D 198 -30.60 -3.00 -10.19
CA ASP D 198 -31.08 -3.03 -8.81
C ASP D 198 -30.85 -4.40 -8.16
N GLN D 199 -30.37 -5.39 -8.92
CA GLN D 199 -30.06 -6.71 -8.38
C GLN D 199 -28.61 -6.70 -7.94
N VAL D 200 -28.38 -6.36 -6.67
CA VAL D 200 -27.03 -6.17 -6.17
C VAL D 200 -26.25 -7.47 -6.04
N THR D 201 -26.92 -8.63 -6.12
CA THR D 201 -26.19 -9.89 -6.14
C THR D 201 -25.41 -10.07 -7.44
N ARG D 202 -25.91 -9.48 -8.53
CA ARG D 202 -25.16 -9.50 -9.79
C ARG D 202 -23.79 -8.86 -9.61
N PHE D 203 -23.71 -7.83 -8.76
CA PHE D 203 -22.43 -7.19 -8.49
C PHE D 203 -21.44 -8.16 -7.86
N ASN D 204 -21.87 -8.88 -6.82
CA ASN D 204 -20.98 -9.85 -6.17
C ASN D 204 -20.60 -10.98 -7.12
N GLU D 205 -21.54 -11.39 -7.99
CA GLU D 205 -21.26 -12.47 -8.92
C GLU D 205 -20.16 -12.07 -9.91
N GLU D 206 -20.26 -10.87 -10.49
CA GLU D 206 -19.30 -10.45 -11.50
C GLU D 206 -17.96 -10.08 -10.88
N VAL D 207 -17.97 -9.51 -9.67
CA VAL D 207 -16.73 -9.13 -9.01
C VAL D 207 -15.89 -10.36 -8.69
N LYS D 208 -16.53 -11.44 -8.25
CA LYS D 208 -15.80 -12.67 -7.96
C LYS D 208 -15.14 -13.25 -9.20
N LYS D 209 -15.70 -13.00 -10.37
CA LYS D 209 -15.13 -13.50 -11.62
C LYS D 209 -13.97 -12.63 -12.13
N GLN D 210 -13.70 -11.50 -11.49
CA GLN D 210 -12.67 -10.59 -11.96
C GLN D 210 -11.29 -11.00 -11.45
N SER D 211 -10.27 -10.58 -12.20
CA SER D 211 -8.88 -10.76 -11.80
C SER D 211 -8.06 -9.64 -12.42
N VAL D 212 -6.85 -9.45 -11.89
CA VAL D 212 -6.01 -8.32 -12.29
C VAL D 212 -5.22 -8.66 -13.54
N SER D 213 -4.61 -7.62 -14.14
CA SER D 213 -3.64 -7.80 -15.21
C SER D 213 -2.32 -7.20 -14.78
N ARG D 214 -1.47 -6.85 -15.75
CA ARG D 214 -0.16 -6.30 -15.43
C ARG D 214 0.35 -5.46 -16.60
N ASN D 215 0.89 -4.28 -16.30
CA ASN D 215 1.46 -3.42 -17.31
C ASN D 215 2.78 -2.86 -16.80
N ARG D 216 3.47 -2.12 -17.67
CA ARG D 216 4.86 -1.79 -17.39
C ARG D 216 5.01 -0.52 -16.56
N ASP D 217 4.24 0.52 -16.86
CA ASP D 217 4.48 1.84 -16.30
C ASP D 217 3.44 2.20 -15.25
N ALA D 218 3.90 2.92 -14.22
CA ALA D 218 3.08 3.22 -13.05
C ALA D 218 1.83 4.03 -13.37
N PRO D 219 1.89 5.10 -14.16
CA PRO D 219 0.63 5.80 -14.51
C PRO D 219 -0.28 4.89 -15.29
N GLU D 220 -1.58 4.97 -15.04
CA GLU D 220 -2.54 4.06 -15.64
C GLU D 220 -3.53 4.85 -16.48
N GLY D 221 -4.36 4.10 -17.21
CA GLY D 221 -5.28 4.69 -18.17
C GLY D 221 -6.70 4.81 -17.65
N GLY D 222 -6.85 5.22 -16.40
CA GLY D 222 -8.18 5.35 -15.82
C GLY D 222 -8.99 6.47 -16.42
N PHE D 223 -8.33 7.53 -16.90
CA PHE D 223 -9.05 8.65 -17.48
C PHE D 223 -9.76 8.25 -18.77
N ASP D 224 -9.16 7.33 -19.54
CA ASP D 224 -9.88 6.73 -20.66
C ASP D 224 -11.19 6.10 -20.18
N ALA D 225 -11.12 5.37 -19.07
CA ALA D 225 -12.30 4.66 -18.57
C ALA D 225 -13.34 5.62 -18.03
N ILE D 226 -12.91 6.66 -17.31
CA ILE D 226 -13.83 7.68 -16.81
C ILE D 226 -14.63 8.27 -17.95
N MET D 227 -13.94 8.60 -19.06
CA MET D 227 -14.62 9.17 -20.21
C MET D 227 -15.65 8.21 -20.78
N GLN D 228 -15.28 6.93 -20.94
CA GLN D 228 -16.20 5.95 -21.51
C GLN D 228 -17.35 5.67 -20.56
N ALA D 229 -17.07 5.52 -19.26
CA ALA D 229 -18.14 5.34 -18.29
C ALA D 229 -19.08 6.54 -18.25
N THR D 230 -18.61 7.72 -18.69
CA THR D 230 -19.43 8.92 -18.65
C THR D 230 -20.33 9.03 -19.88
N VAL D 231 -19.77 8.82 -21.08
CA VAL D 231 -20.49 9.10 -22.31
C VAL D 231 -21.23 7.88 -22.88
N CYS D 232 -20.92 6.67 -22.42
CA CYS D 232 -21.61 5.48 -22.90
C CYS D 232 -22.89 5.30 -22.08
N ASP D 233 -23.89 6.10 -22.41
CA ASP D 233 -25.09 6.20 -21.59
C ASP D 233 -25.83 4.87 -21.53
N GLU D 234 -26.12 4.28 -22.68
CA GLU D 234 -26.97 3.09 -22.70
C GLU D 234 -26.29 1.89 -22.06
N LYS D 235 -24.98 1.75 -22.24
CA LYS D 235 -24.28 0.58 -21.72
C LYS D 235 -24.08 0.67 -20.21
N ILE D 236 -23.63 1.82 -19.72
CA ILE D 236 -23.50 1.99 -18.27
C ILE D 236 -24.87 1.97 -17.61
N GLY D 237 -25.87 2.55 -18.27
CA GLY D 237 -27.23 2.50 -17.76
C GLY D 237 -27.57 3.58 -16.75
N TRP D 238 -26.97 4.77 -16.88
CA TRP D 238 -27.35 5.87 -16.01
C TRP D 238 -28.82 6.19 -16.17
N ARG D 239 -29.48 6.44 -15.05
CA ARG D 239 -30.90 6.79 -15.07
C ARG D 239 -31.08 8.29 -15.16
N ASN D 240 -32.22 8.69 -15.75
CA ASN D 240 -32.48 10.11 -15.97
C ASN D 240 -32.65 10.85 -14.64
N ASP D 241 -33.44 10.29 -13.73
CA ASP D 241 -33.81 10.97 -12.50
C ASP D 241 -33.17 10.26 -11.31
N ALA D 242 -31.86 10.43 -11.18
CA ALA D 242 -31.12 9.81 -10.08
C ALA D 242 -29.76 10.48 -9.95
N SER D 243 -29.21 10.40 -8.75
CA SER D 243 -27.84 10.83 -8.52
C SER D 243 -26.88 9.83 -9.16
N HIS D 244 -25.86 10.34 -9.84
CA HIS D 244 -24.92 9.52 -10.58
C HIS D 244 -23.56 9.60 -9.90
N LEU D 245 -23.16 8.50 -9.27
CA LEU D 245 -21.87 8.41 -8.59
C LEU D 245 -20.94 7.52 -9.42
N LEU D 246 -19.80 8.08 -9.83
CA LEU D 246 -18.75 7.33 -10.50
C LEU D 246 -17.61 7.15 -9.51
N VAL D 247 -17.43 5.94 -9.01
CA VAL D 247 -16.41 5.64 -8.01
C VAL D 247 -15.15 5.18 -8.74
N PHE D 248 -14.10 6.00 -8.67
CA PHE D 248 -12.85 5.77 -9.38
C PHE D 248 -11.78 5.38 -8.36
N THR D 249 -11.39 4.11 -8.36
CA THR D 249 -10.44 3.59 -7.38
C THR D 249 -9.12 3.25 -8.08
N THR D 250 -8.02 3.73 -7.51
CA THR D 250 -6.69 3.45 -8.01
C THR D 250 -5.66 3.79 -6.93
N ASP D 251 -4.45 3.26 -7.10
CA ASP D 251 -3.36 3.53 -6.18
C ASP D 251 -2.13 4.11 -6.87
N ALA D 252 -2.31 4.72 -8.03
CA ALA D 252 -1.18 5.16 -8.84
C ALA D 252 -1.49 6.47 -9.53
N LYS D 253 -0.49 6.99 -10.23
CA LYS D 253 -0.67 8.14 -11.10
C LYS D 253 -1.64 7.79 -12.22
N THR D 254 -1.97 8.79 -13.02
CA THR D 254 -2.85 8.60 -14.16
C THR D 254 -2.26 9.24 -15.40
N HIS D 255 -2.47 8.60 -16.55
CA HIS D 255 -2.07 9.19 -17.82
C HIS D 255 -3.05 10.30 -18.19
N ILE D 256 -2.52 11.33 -18.84
CA ILE D 256 -3.28 12.50 -19.23
C ILE D 256 -3.11 12.70 -20.74
N ALA D 257 -3.89 13.63 -21.28
CA ALA D 257 -3.84 13.89 -22.71
C ALA D 257 -2.44 14.33 -23.13
N LEU D 258 -2.00 13.84 -24.29
CA LEU D 258 -0.70 14.00 -24.92
C LEU D 258 0.32 13.00 -24.38
N ASP D 259 -0.01 12.21 -23.35
CA ASP D 259 0.85 11.09 -22.97
C ASP D 259 0.86 10.01 -24.04
N GLY D 260 -0.24 9.87 -24.78
CA GLY D 260 -0.37 8.78 -25.73
C GLY D 260 0.68 8.78 -26.83
N ARG D 261 1.36 9.90 -27.03
CA ARG D 261 2.40 9.97 -28.06
C ARG D 261 3.54 9.00 -27.81
N LEU D 262 3.72 8.57 -26.55
CA LEU D 262 4.73 7.54 -26.28
C LEU D 262 4.30 6.17 -26.79
N ALA D 263 3.04 6.00 -27.18
CA ALA D 263 2.57 4.78 -27.83
C ALA D 263 2.23 5.01 -29.30
N GLY D 264 2.74 6.09 -29.88
CA GLY D 264 2.40 6.45 -31.24
C GLY D 264 1.02 7.02 -31.42
N ILE D 265 0.32 7.32 -30.33
CA ILE D 265 -1.05 7.83 -30.40
C ILE D 265 -1.01 9.35 -30.40
N VAL D 266 -1.57 9.95 -31.44
CA VAL D 266 -1.66 11.40 -31.53
C VAL D 266 -3.07 11.90 -31.74
N GLN D 267 -4.01 11.06 -32.15
CA GLN D 267 -5.38 11.52 -32.38
C GLN D 267 -6.00 12.00 -31.08
N PRO D 268 -6.56 13.20 -31.04
CA PRO D 268 -7.19 13.68 -29.80
C PRO D 268 -8.41 12.87 -29.44
N ASN D 269 -8.71 12.83 -28.14
CA ASN D 269 -9.90 12.15 -27.66
C ASN D 269 -11.15 12.88 -28.17
N ASP D 270 -12.05 12.14 -28.79
CA ASP D 270 -13.24 12.72 -29.37
C ASP D 270 -14.42 12.80 -28.40
N GLY D 271 -14.28 12.26 -27.20
CA GLY D 271 -15.35 12.34 -26.23
C GLY D 271 -16.60 11.57 -26.59
N GLN D 272 -16.49 10.58 -27.48
CA GLN D 272 -17.62 9.77 -27.89
C GLN D 272 -17.46 8.34 -27.37
N CYS D 273 -18.56 7.60 -27.37
CA CYS D 273 -18.55 6.24 -26.87
C CYS D 273 -17.96 5.30 -27.92
N HIS D 274 -17.03 4.44 -27.48
CA HIS D 274 -16.37 3.47 -28.35
C HIS D 274 -16.33 2.10 -27.68
N VAL D 275 -17.37 1.77 -26.95
CA VAL D 275 -17.52 0.47 -26.31
C VAL D 275 -18.60 -0.29 -27.05
N GLY D 276 -18.20 -1.34 -27.79
CA GLY D 276 -19.12 -2.12 -28.58
C GLY D 276 -19.62 -3.36 -27.85
N SER D 277 -20.20 -4.27 -28.64
CA SER D 277 -20.83 -5.46 -28.09
C SER D 277 -19.89 -6.27 -27.22
N ASP D 278 -18.60 -6.27 -27.54
CA ASP D 278 -17.62 -6.99 -26.73
C ASP D 278 -17.33 -6.29 -25.40
N ASN D 279 -17.92 -5.13 -25.15
CA ASN D 279 -17.84 -4.40 -23.89
C ASN D 279 -16.44 -3.88 -23.57
N HIS D 280 -15.53 -3.86 -24.54
CA HIS D 280 -14.22 -3.27 -24.36
C HIS D 280 -14.13 -1.94 -25.10
N TYR D 281 -13.23 -1.08 -24.62
CA TYR D 281 -12.99 0.23 -25.23
C TYR D 281 -12.14 0.01 -26.47
N SER D 282 -12.77 0.10 -27.65
CA SER D 282 -12.11 -0.29 -28.89
C SER D 282 -11.08 0.74 -29.34
N ALA D 283 -11.27 2.01 -29.01
CA ALA D 283 -10.37 3.07 -29.41
C ALA D 283 -9.19 3.25 -28.45
N SER D 284 -8.90 2.24 -27.62
CA SER D 284 -7.86 2.38 -26.60
C SER D 284 -6.48 2.55 -27.23
N THR D 285 -6.22 1.84 -28.33
CA THR D 285 -4.91 1.86 -28.96
C THR D 285 -4.84 2.77 -30.19
N THR D 286 -5.85 3.61 -30.40
CA THR D 286 -5.85 4.54 -31.52
C THR D 286 -6.18 5.97 -31.12
N MET D 287 -6.62 6.22 -29.89
CA MET D 287 -7.08 7.53 -29.47
C MET D 287 -6.39 7.92 -28.16
N ASP D 288 -6.00 9.18 -28.07
CA ASP D 288 -5.23 9.65 -26.93
C ASP D 288 -6.09 9.71 -25.67
N TYR D 289 -5.42 9.77 -24.52
CA TYR D 289 -6.11 9.97 -23.26
C TYR D 289 -6.87 11.30 -23.31
N PRO D 290 -8.00 11.39 -22.61
CA PRO D 290 -8.74 12.66 -22.60
C PRO D 290 -8.01 13.71 -21.79
N SER D 291 -8.37 14.97 -22.04
CA SER D 291 -7.86 16.07 -21.26
C SER D 291 -8.80 16.37 -20.11
N LEU D 292 -8.29 17.11 -19.12
CA LEU D 292 -9.12 17.46 -17.96
C LEU D 292 -10.34 18.26 -18.38
N GLY D 293 -10.17 19.21 -19.31
CA GLY D 293 -11.30 20.02 -19.74
C GLY D 293 -12.37 19.20 -20.43
N LEU D 294 -11.96 18.24 -21.27
CA LEU D 294 -12.94 17.41 -21.95
C LEU D 294 -13.69 16.53 -20.96
N MET D 295 -12.98 15.95 -19.99
CA MET D 295 -13.63 15.19 -18.94
C MET D 295 -14.65 16.03 -18.18
N THR D 296 -14.26 17.25 -17.82
CA THR D 296 -15.17 18.17 -17.13
C THR D 296 -16.44 18.39 -17.94
N GLU D 297 -16.29 18.63 -19.24
CA GLU D 297 -17.45 18.90 -20.09
C GLU D 297 -18.44 17.73 -20.09
N LYS D 298 -17.92 16.50 -20.27
CA LYS D 298 -18.81 15.35 -20.37
C LYS D 298 -19.43 15.00 -19.03
N LEU D 299 -18.65 15.05 -17.95
CA LEU D 299 -19.21 14.83 -16.62
C LEU D 299 -20.31 15.83 -16.31
N SER D 300 -20.14 17.09 -16.71
CA SER D 300 -21.18 18.09 -16.51
C SER D 300 -22.39 17.83 -17.40
N GLN D 301 -22.14 17.47 -18.67
CA GLN D 301 -23.24 17.23 -19.59
C GLN D 301 -24.08 16.02 -19.15
N LYS D 302 -23.42 14.98 -18.65
CA LYS D 302 -24.10 13.76 -18.21
C LYS D 302 -24.48 13.77 -16.74
N ASN D 303 -24.10 14.82 -16.01
CA ASN D 303 -24.40 14.95 -14.58
C ASN D 303 -23.84 13.77 -13.78
N ILE D 304 -22.53 13.61 -13.87
CA ILE D 304 -21.81 12.53 -13.19
C ILE D 304 -20.99 13.14 -12.07
N ASN D 305 -21.15 12.61 -10.86
CA ASN D 305 -20.35 13.01 -9.71
C ASN D 305 -19.15 12.06 -9.63
N LEU D 306 -18.02 12.49 -10.20
CA LEU D 306 -16.82 11.67 -10.16
C LEU D 306 -16.20 11.70 -8.78
N ILE D 307 -15.94 10.52 -8.23
CA ILE D 307 -15.34 10.37 -6.91
C ILE D 307 -13.96 9.75 -7.09
N PHE D 308 -12.93 10.48 -6.70
CA PHE D 308 -11.56 9.97 -6.72
C PHE D 308 -11.30 9.24 -5.40
N ALA D 309 -11.37 7.91 -5.44
CA ALA D 309 -11.07 7.07 -4.29
C ALA D 309 -9.66 6.54 -4.47
N VAL D 310 -8.68 7.27 -3.97
CA VAL D 310 -7.28 6.98 -4.23
C VAL D 310 -6.56 6.75 -2.91
N THR D 311 -5.38 6.13 -3.00
CA THR D 311 -4.61 5.78 -1.82
C THR D 311 -3.75 6.95 -1.34
N GLU D 312 -3.21 6.79 -0.14
CA GLU D 312 -2.51 7.87 0.56
C GLU D 312 -1.38 8.47 -0.26
N ASN D 313 -0.72 7.66 -1.09
CA ASN D 313 0.45 8.14 -1.82
C ASN D 313 0.10 9.07 -2.98
N VAL D 314 -1.18 9.18 -3.36
CA VAL D 314 -1.55 10.02 -4.49
C VAL D 314 -2.77 10.87 -4.16
N VAL D 315 -3.06 11.04 -2.87
CA VAL D 315 -4.21 11.87 -2.50
C VAL D 315 -3.98 13.32 -2.92
N ASN D 316 -2.79 13.85 -2.63
CA ASN D 316 -2.48 15.23 -3.01
C ASN D 316 -2.51 15.41 -4.52
N LEU D 317 -2.16 14.37 -5.28
CA LEU D 317 -2.22 14.45 -6.73
C LEU D 317 -3.66 14.63 -7.21
N TYR D 318 -4.56 13.75 -6.75
CA TYR D 318 -5.95 13.81 -7.21
C TYR D 318 -6.76 14.87 -6.50
N GLN D 319 -6.36 15.30 -5.30
CA GLN D 319 -6.97 16.49 -4.71
C GLN D 319 -6.73 17.71 -5.57
N ASN D 320 -5.57 17.76 -6.23
CA ASN D 320 -5.24 18.87 -7.13
C ASN D 320 -5.98 18.76 -8.45
N TYR D 321 -6.10 17.55 -9.00
CA TYR D 321 -6.96 17.34 -10.16
C TYR D 321 -8.40 17.68 -9.83
N SER D 322 -8.84 17.38 -8.61
CA SER D 322 -10.21 17.66 -8.19
C SER D 322 -10.50 19.15 -8.21
N GLU D 323 -9.50 19.98 -7.92
CA GLU D 323 -9.70 21.42 -7.97
C GLU D 323 -9.79 21.93 -9.40
N LEU D 324 -9.21 21.21 -10.35
CA LEU D 324 -9.32 21.56 -11.76
C LEU D 324 -10.54 20.94 -12.43
N ILE D 325 -11.27 20.07 -11.74
CA ILE D 325 -12.53 19.53 -12.22
C ILE D 325 -13.57 19.79 -11.13
N PRO D 326 -14.23 20.95 -11.12
CA PRO D 326 -15.18 21.26 -10.06
C PRO D 326 -16.31 20.24 -9.97
N GLY D 327 -16.75 19.97 -8.75
CA GLY D 327 -17.79 19.01 -8.50
C GLY D 327 -17.29 17.60 -8.21
N THR D 328 -15.98 17.36 -8.29
CA THR D 328 -15.43 16.05 -7.99
C THR D 328 -15.09 15.93 -6.51
N THR D 329 -15.08 14.70 -6.02
CA THR D 329 -14.83 14.41 -4.62
C THR D 329 -13.62 13.48 -4.49
N VAL D 330 -12.88 13.63 -3.40
CA VAL D 330 -11.68 12.85 -3.14
C VAL D 330 -11.80 12.19 -1.78
N GLY D 331 -11.60 10.87 -1.74
CA GLY D 331 -11.55 10.14 -0.49
C GLY D 331 -10.33 9.26 -0.44
N VAL D 332 -9.85 9.01 0.78
CA VAL D 332 -8.63 8.25 0.98
C VAL D 332 -8.98 6.76 0.96
N LEU D 333 -8.54 6.05 -0.06
CA LEU D 333 -8.73 4.62 -0.15
C LEU D 333 -7.58 3.89 0.53
N SER D 334 -7.89 2.75 1.14
CA SER D 334 -6.85 1.91 1.70
C SER D 334 -6.12 1.17 0.58
N MET D 335 -4.95 0.62 0.93
CA MET D 335 -4.19 -0.16 -0.04
C MET D 335 -4.88 -1.46 -0.42
N ASP D 336 -5.93 -1.84 0.30
CA ASP D 336 -6.72 -3.03 -0.02
C ASP D 336 -8.19 -2.72 -0.23
N SER D 337 -8.56 -1.43 -0.32
CA SER D 337 -9.94 -0.98 -0.52
C SER D 337 -10.87 -1.49 0.58
N SER D 338 -10.34 -1.78 1.76
CA SER D 338 -11.16 -2.30 2.85
C SER D 338 -12.12 -1.26 3.40
N ASN D 339 -11.86 0.02 3.14
CA ASN D 339 -12.70 1.11 3.64
C ASN D 339 -13.55 1.74 2.54
N VAL D 340 -13.65 1.11 1.37
CA VAL D 340 -14.29 1.76 0.23
C VAL D 340 -15.78 1.96 0.46
N LEU D 341 -16.41 1.08 1.26
CA LEU D 341 -17.83 1.23 1.52
C LEU D 341 -18.12 2.55 2.22
N GLN D 342 -17.43 2.81 3.34
CA GLN D 342 -17.63 4.06 4.06
C GLN D 342 -17.16 5.25 3.24
N LEU D 343 -16.17 5.07 2.38
CA LEU D 343 -15.74 6.15 1.50
C LEU D 343 -16.86 6.55 0.54
N ILE D 344 -17.59 5.57 0.02
CA ILE D 344 -18.70 5.87 -0.89
C ILE D 344 -19.83 6.56 -0.15
N VAL D 345 -20.18 6.05 1.04
CA VAL D 345 -21.28 6.62 1.80
C VAL D 345 -20.97 8.05 2.19
N ASP D 346 -19.73 8.32 2.62
CA ASP D 346 -19.36 9.68 3.00
C ASP D 346 -19.36 10.61 1.79
N ALA D 347 -18.90 10.12 0.65
CA ALA D 347 -18.87 10.96 -0.56
C ALA D 347 -20.26 11.30 -1.03
N TYR D 348 -21.19 10.34 -0.96
CA TYR D 348 -22.58 10.61 -1.34
C TYR D 348 -23.18 11.69 -0.45
N GLY D 349 -22.85 11.68 0.85
CA GLY D 349 -23.32 12.73 1.73
C GLY D 349 -22.66 14.06 1.45
N LYS D 350 -21.35 14.05 1.18
CA LYS D 350 -20.64 15.27 0.84
C LYS D 350 -21.13 15.85 -0.49
N ILE D 351 -21.51 14.98 -1.43
CA ILE D 351 -22.02 15.45 -2.72
C ILE D 351 -23.34 16.18 -2.54
N ARG D 352 -24.20 15.66 -1.67
CA ARG D 352 -25.52 16.23 -1.45
C ARG D 352 -25.55 17.22 -0.28
N SER D 353 -24.39 17.68 0.17
CA SER D 353 -24.31 18.72 1.19
C SER D 353 -24.24 20.12 0.61
N LYS D 354 -24.30 20.26 -0.71
CA LYS D 354 -24.05 21.52 -1.38
C LYS D 354 -25.18 21.83 -2.36
N VAL D 355 -25.65 23.08 -2.33
CA VAL D 355 -26.60 23.60 -3.29
C VAL D 355 -25.99 24.85 -3.89
N GLU D 356 -25.76 24.83 -5.20
CA GLU D 356 -25.10 25.93 -5.90
C GLU D 356 -25.93 26.32 -7.12
N LEU D 357 -26.38 27.56 -7.15
CA LEU D 357 -27.21 28.05 -8.25
C LEU D 357 -26.34 28.45 -9.44
N GLU D 358 -26.82 28.12 -10.64
CA GLU D 358 -26.25 28.61 -11.87
C GLU D 358 -27.36 29.23 -12.72
N VAL D 359 -26.99 30.19 -13.54
CA VAL D 359 -27.94 30.95 -14.35
C VAL D 359 -27.65 30.66 -15.82
N ARG D 360 -28.69 30.30 -16.56
CA ARG D 360 -28.58 29.98 -17.97
C ARG D 360 -29.46 30.90 -18.80
N ASP D 361 -28.92 31.38 -19.91
CA ASP D 361 -29.64 32.21 -20.89
C ASP D 361 -30.02 33.57 -20.32
N LEU D 362 -29.20 34.11 -19.42
CA LEU D 362 -29.46 35.44 -18.90
C LEU D 362 -29.16 36.47 -19.98
N PRO D 363 -30.10 37.37 -20.29
CA PRO D 363 -29.84 38.37 -21.33
C PRO D 363 -28.75 39.34 -20.93
N GLU D 364 -28.20 40.01 -21.94
CA GLU D 364 -27.02 40.87 -21.74
C GLU D 364 -27.32 42.00 -20.77
N GLU D 365 -28.54 42.54 -20.81
CA GLU D 365 -28.89 43.73 -20.05
C GLU D 365 -29.37 43.43 -18.63
N LEU D 366 -29.54 42.16 -18.27
CA LEU D 366 -29.96 41.78 -16.93
C LEU D 366 -28.76 41.41 -16.07
N SER D 367 -28.79 41.84 -14.81
CA SER D 367 -27.77 41.49 -13.83
C SER D 367 -28.47 41.05 -12.55
N LEU D 368 -27.96 40.00 -11.93
CA LEU D 368 -28.60 39.38 -10.77
C LEU D 368 -27.70 39.46 -9.54
N SER D 369 -28.34 39.57 -8.38
CA SER D 369 -27.67 39.51 -7.09
C SER D 369 -28.41 38.50 -6.21
N PHE D 370 -27.67 37.85 -5.31
CA PHE D 370 -28.18 36.71 -4.57
C PHE D 370 -27.92 36.87 -3.08
N ASN D 371 -28.85 36.34 -2.28
CA ASN D 371 -28.71 36.29 -0.82
C ASN D 371 -29.09 34.89 -0.35
N ALA D 372 -28.13 34.14 0.14
CA ALA D 372 -28.36 32.77 0.58
C ALA D 372 -28.81 32.74 2.03
N THR D 373 -29.83 31.94 2.32
CA THR D 373 -30.26 31.61 3.67
C THR D 373 -30.00 30.12 3.85
N CYS D 374 -28.79 29.77 4.30
CA CYS D 374 -28.38 28.38 4.38
C CYS D 374 -28.73 27.79 5.75
N LEU D 375 -27.71 27.38 6.50
CA LEU D 375 -27.91 26.78 7.82
C LEU D 375 -28.72 27.71 8.71
N ASN D 376 -29.78 27.15 9.32
CA ASN D 376 -30.73 27.94 10.08
C ASN D 376 -31.28 29.08 9.23
N ASN D 377 -31.39 30.27 9.81
CA ASN D 377 -31.84 31.46 9.10
C ASN D 377 -30.72 32.50 9.00
N GLU D 378 -29.50 32.03 8.75
CA GLU D 378 -28.34 32.92 8.64
C GLU D 378 -28.27 33.46 7.21
N VAL D 379 -28.66 34.72 7.04
CA VAL D 379 -28.63 35.35 5.73
C VAL D 379 -27.20 35.71 5.38
N ILE D 380 -26.76 35.28 4.20
CA ILE D 380 -25.38 35.53 3.75
C ILE D 380 -25.42 36.35 2.47
N PRO D 381 -25.07 37.63 2.51
CA PRO D 381 -25.18 38.47 1.31
C PRO D 381 -24.13 38.13 0.27
N GLY D 382 -24.47 38.42 -0.99
CA GLY D 382 -23.55 38.22 -2.10
C GLY D 382 -23.19 36.79 -2.39
N LEU D 383 -24.02 35.84 -1.96
CA LEU D 383 -23.71 34.42 -2.11
C LEU D 383 -24.89 33.71 -2.78
N LYS D 384 -24.56 32.79 -3.70
CA LYS D 384 -25.56 32.01 -4.43
C LYS D 384 -25.36 30.51 -4.23
N SER D 385 -24.79 30.13 -3.09
CA SER D 385 -24.51 28.72 -2.82
C SER D 385 -24.57 28.47 -1.32
N CYS D 386 -24.76 27.20 -0.97
CA CYS D 386 -24.80 26.77 0.43
C CYS D 386 -23.98 25.51 0.60
N MET D 387 -23.42 25.34 1.80
CA MET D 387 -22.60 24.18 2.11
C MET D 387 -22.98 23.67 3.50
N GLY D 388 -22.40 22.54 3.87
CA GLY D 388 -22.66 21.95 5.17
C GLY D 388 -24.08 21.47 5.35
N LEU D 389 -24.80 21.19 4.27
CA LEU D 389 -26.19 20.77 4.34
C LEU D 389 -26.29 19.26 4.56
N LYS D 390 -27.44 18.85 5.09
CA LYS D 390 -27.78 17.44 5.23
C LYS D 390 -28.96 17.12 4.32
N ILE D 391 -29.12 15.83 4.02
CA ILE D 391 -30.22 15.40 3.17
C ILE D 391 -31.55 15.71 3.85
N GLY D 392 -32.45 16.35 3.11
CA GLY D 392 -33.73 16.78 3.64
C GLY D 392 -33.79 18.25 4.01
N ASP D 393 -32.65 18.92 4.09
CA ASP D 393 -32.63 20.34 4.42
C ASP D 393 -33.15 21.17 3.25
N THR D 394 -33.62 22.37 3.57
CA THR D 394 -34.12 23.32 2.58
C THR D 394 -33.44 24.66 2.78
N VAL D 395 -32.89 25.21 1.71
CA VAL D 395 -32.30 26.55 1.71
C VAL D 395 -33.13 27.43 0.77
N SER D 396 -32.92 28.74 0.91
CA SER D 396 -33.64 29.70 0.10
C SER D 396 -32.69 30.80 -0.36
N PHE D 397 -33.04 31.45 -1.47
CA PHE D 397 -32.26 32.52 -2.04
C PHE D 397 -33.17 33.68 -2.41
N SER D 398 -32.79 34.88 -2.01
CA SER D 398 -33.44 36.10 -2.47
C SER D 398 -32.66 36.64 -3.67
N ILE D 399 -33.37 36.96 -4.73
CA ILE D 399 -32.75 37.32 -6.02
C ILE D 399 -33.36 38.63 -6.50
N GLU D 400 -32.51 39.57 -6.89
CA GLU D 400 -32.92 40.86 -7.44
C GLU D 400 -32.43 40.97 -8.88
N ALA D 401 -33.36 41.24 -9.80
CA ALA D 401 -33.04 41.40 -11.20
C ALA D 401 -33.05 42.90 -11.53
N LYS D 402 -31.92 43.40 -12.02
CA LYS D 402 -31.76 44.80 -12.38
C LYS D 402 -31.48 44.89 -13.88
N VAL D 403 -32.40 45.49 -14.62
CA VAL D 403 -32.24 45.70 -16.05
C VAL D 403 -31.64 47.08 -16.28
N ARG D 404 -30.76 47.19 -17.27
CA ARG D 404 -30.14 48.44 -17.66
C ARG D 404 -30.70 48.86 -19.00
N GLY D 405 -31.40 49.99 -19.03
CA GLY D 405 -32.01 50.47 -20.26
C GLY D 405 -33.23 49.65 -20.64
N CYS D 406 -33.59 49.75 -21.91
CA CYS D 406 -34.70 48.97 -22.47
C CYS D 406 -34.20 48.13 -23.64
N PRO D 407 -34.20 46.80 -23.53
CA PRO D 407 -33.69 45.98 -24.64
C PRO D 407 -34.65 45.97 -25.81
N GLN D 408 -34.10 45.57 -26.96
CA GLN D 408 -34.88 45.52 -28.20
C GLN D 408 -36.03 44.52 -28.09
N GLU D 409 -35.73 43.30 -27.64
CA GLU D 409 -36.76 42.29 -27.44
C GLU D 409 -37.47 42.54 -26.12
N LYS D 410 -38.80 42.62 -26.17
CA LYS D 410 -39.59 42.93 -24.99
C LYS D 410 -39.91 41.71 -24.13
N GLU D 411 -39.66 40.51 -24.63
CA GLU D 411 -39.96 39.29 -23.88
C GLU D 411 -38.80 38.31 -24.03
N LYS D 412 -38.24 37.89 -22.89
CA LYS D 412 -37.21 36.86 -22.85
C LYS D 412 -37.48 35.98 -21.63
N SER D 413 -36.66 34.95 -21.46
CA SER D 413 -36.79 34.06 -20.31
C SER D 413 -35.48 33.33 -20.08
N PHE D 414 -35.06 33.24 -18.83
CA PHE D 414 -33.85 32.54 -18.44
C PHE D 414 -34.17 31.52 -17.36
N THR D 415 -33.16 30.73 -17.00
CA THR D 415 -33.33 29.61 -16.08
C THR D 415 -32.36 29.75 -14.91
N ILE D 416 -32.87 29.53 -13.70
CA ILE D 416 -32.04 29.42 -12.51
C ILE D 416 -32.18 27.98 -12.02
N LYS D 417 -31.09 27.21 -12.11
CA LYS D 417 -31.09 25.81 -11.76
C LYS D 417 -29.94 25.48 -10.82
N PRO D 418 -30.20 24.71 -9.76
CA PRO D 418 -29.08 24.25 -8.92
C PRO D 418 -28.23 23.25 -9.68
N VAL D 419 -26.91 23.34 -9.49
CA VAL D 419 -25.98 22.46 -10.17
C VAL D 419 -26.30 21.01 -9.82
N GLY D 420 -26.47 20.17 -10.84
CA GLY D 420 -26.76 18.77 -10.66
C GLY D 420 -28.23 18.44 -10.49
N PHE D 421 -29.07 19.43 -10.27
CA PHE D 421 -30.50 19.19 -10.04
C PHE D 421 -31.25 19.11 -11.36
N LYS D 422 -32.38 18.39 -11.32
CA LYS D 422 -33.25 18.30 -12.50
C LYS D 422 -34.17 19.51 -12.59
N ASP D 423 -34.87 19.83 -11.51
CA ASP D 423 -35.82 20.93 -11.51
C ASP D 423 -35.10 22.27 -11.59
N SER D 424 -35.83 23.28 -12.03
CA SER D 424 -35.26 24.60 -12.24
C SER D 424 -36.36 25.65 -12.21
N LEU D 425 -35.97 26.90 -12.09
CA LEU D 425 -36.87 28.04 -12.08
C LEU D 425 -36.76 28.76 -13.41
N ILE D 426 -37.87 28.83 -14.14
CA ILE D 426 -37.93 29.53 -15.42
C ILE D 426 -38.51 30.92 -15.15
N VAL D 427 -37.69 31.94 -15.36
CA VAL D 427 -38.08 33.32 -15.13
C VAL D 427 -38.45 33.94 -16.47
N GLN D 428 -39.73 34.19 -16.69
CA GLN D 428 -40.21 34.83 -17.91
C GLN D 428 -40.24 36.33 -17.69
N VAL D 429 -39.36 37.06 -18.36
CA VAL D 429 -39.20 38.49 -18.17
C VAL D 429 -39.97 39.23 -19.26
N THR D 430 -40.67 40.29 -18.87
CA THR D 430 -41.32 41.21 -19.80
C THR D 430 -40.85 42.62 -19.48
N PHE D 431 -40.34 43.32 -20.49
CA PHE D 431 -39.80 44.66 -20.32
C PHE D 431 -40.89 45.67 -20.62
N ASP D 432 -41.32 46.40 -19.59
CA ASP D 432 -42.41 47.37 -19.72
C ASP D 432 -41.81 48.73 -20.10
N CYS D 433 -41.52 48.87 -21.39
CA CYS D 433 -40.95 50.10 -21.92
C CYS D 433 -41.96 51.03 -22.56
N ASP D 434 -43.03 50.47 -23.12
CA ASP D 434 -44.00 51.25 -23.88
C ASP D 434 -45.23 51.55 -23.04
N CYS D 435 -45.94 52.60 -23.44
CA CYS D 435 -47.17 53.01 -22.79
C CYS D 435 -48.37 52.36 -23.48
N ALA D 436 -49.44 52.16 -22.71
CA ALA D 436 -50.64 51.54 -23.26
C ALA D 436 -51.33 52.44 -24.28
N CYS D 437 -51.22 53.76 -24.12
CA CYS D 437 -51.82 54.70 -25.06
C CYS D 437 -51.20 54.65 -26.45
N GLN D 438 -50.05 53.99 -26.61
CA GLN D 438 -49.41 53.91 -27.91
C GLN D 438 -50.18 53.03 -28.90
N ALA D 439 -51.07 52.16 -28.39
CA ALA D 439 -51.90 51.36 -29.30
C ALA D 439 -52.94 52.22 -30.00
N GLN D 440 -53.44 53.25 -29.33
CA GLN D 440 -54.39 54.18 -29.92
C GLN D 440 -53.70 55.32 -30.66
N ALA D 441 -52.43 55.15 -31.01
CA ALA D 441 -51.71 56.18 -31.75
C ALA D 441 -52.37 56.40 -33.11
N GLU D 442 -52.45 57.66 -33.52
CA GLU D 442 -53.09 58.03 -34.77
C GLU D 442 -52.03 58.48 -35.78
N PRO D 443 -51.64 57.63 -36.73
CA PRO D 443 -50.68 58.07 -37.74
C PRO D 443 -51.31 59.05 -38.71
N ASN D 444 -50.49 59.99 -39.19
CA ASN D 444 -50.91 61.00 -40.16
C ASN D 444 -52.12 61.78 -39.66
N SER D 445 -52.07 62.15 -38.38
CA SER D 445 -53.22 62.79 -37.75
C SER D 445 -53.38 64.23 -38.24
N HIS D 446 -54.63 64.63 -38.46
CA HIS D 446 -54.92 66.02 -38.82
C HIS D 446 -54.43 66.98 -37.74
N ARG D 447 -54.38 66.52 -36.50
CA ARG D 447 -54.01 67.36 -35.36
C ARG D 447 -52.52 67.66 -35.31
N CYS D 448 -51.72 67.05 -36.18
CA CYS D 448 -50.26 67.23 -36.16
C CYS D 448 -49.80 67.65 -37.56
N ASN D 449 -49.56 68.96 -37.72
CA ASN D 449 -48.97 69.52 -38.94
C ASN D 449 -49.82 69.21 -40.17
N ASN D 450 -51.14 69.27 -40.03
CA ASN D 450 -52.13 69.04 -41.09
C ASN D 450 -52.14 67.58 -41.56
N GLY D 451 -51.26 66.73 -41.04
CA GLY D 451 -51.25 65.33 -41.43
C GLY D 451 -49.87 64.76 -41.63
N ASN D 452 -48.85 65.44 -41.10
CA ASN D 452 -47.46 65.02 -41.26
C ASN D 452 -46.89 64.29 -40.05
N GLY D 453 -47.57 64.34 -38.90
CA GLY D 453 -47.09 63.73 -37.69
C GLY D 453 -48.05 62.69 -37.13
N THR D 454 -47.61 62.04 -36.05
CA THR D 454 -48.37 61.02 -35.36
C THR D 454 -48.84 61.54 -34.02
N PHE D 455 -50.12 61.36 -33.71
CA PHE D 455 -50.70 61.80 -32.45
C PHE D 455 -50.86 60.59 -31.53
N GLU D 456 -50.03 60.54 -30.49
CA GLU D 456 -50.11 59.46 -29.51
C GLU D 456 -49.95 60.03 -28.11
N CYS D 457 -50.74 59.50 -27.17
CA CYS D 457 -50.64 59.83 -25.75
C CYS D 457 -50.73 61.34 -25.52
N GLY D 458 -51.51 62.02 -26.35
CA GLY D 458 -51.81 63.43 -26.16
C GLY D 458 -50.82 64.42 -26.74
N VAL D 459 -49.81 63.95 -27.48
CA VAL D 459 -48.80 64.83 -28.07
C VAL D 459 -48.54 64.38 -29.50
N CYS D 460 -47.84 65.24 -30.24
CA CYS D 460 -47.52 65.00 -31.65
C CYS D 460 -46.07 64.56 -31.80
N ARG D 461 -45.87 63.43 -32.46
CA ARG D 461 -44.54 62.90 -32.76
C ARG D 461 -44.27 63.05 -34.26
N CYS D 462 -43.02 63.33 -34.61
CA CYS D 462 -42.63 63.35 -36.01
C CYS D 462 -42.65 61.91 -36.55
N GLY D 463 -43.35 61.72 -37.67
CA GLY D 463 -43.61 60.40 -38.17
C GLY D 463 -42.38 59.77 -38.80
N PRO D 464 -42.55 58.55 -39.30
CA PRO D 464 -41.41 57.83 -39.87
C PRO D 464 -40.96 58.45 -41.19
N GLY D 465 -39.64 58.59 -41.34
CA GLY D 465 -39.03 59.19 -42.51
C GLY D 465 -38.61 60.64 -42.31
N TRP D 466 -39.08 61.28 -41.26
CA TRP D 466 -38.72 62.67 -40.99
C TRP D 466 -37.51 62.74 -40.06
N LEU D 467 -36.71 63.78 -40.25
CA LEU D 467 -35.52 64.03 -39.43
C LEU D 467 -35.74 65.25 -38.56
N GLY D 468 -35.24 65.19 -37.34
CA GLY D 468 -35.39 66.27 -36.38
C GLY D 468 -36.52 66.00 -35.39
N SER D 469 -36.35 66.53 -34.18
CA SER D 469 -37.38 66.40 -33.16
C SER D 469 -38.59 67.29 -33.41
N GLN D 470 -38.43 68.33 -34.23
CA GLN D 470 -39.53 69.19 -34.61
C GLN D 470 -39.68 69.29 -36.12
N CYS D 471 -38.93 68.51 -36.88
CA CYS D 471 -39.10 68.37 -38.33
C CYS D 471 -38.87 69.72 -39.03
N GLU E 1 43.87 8.97 -27.49
CA GLU E 1 44.25 7.73 -28.13
C GLU E 1 44.06 6.54 -27.19
N VAL E 2 43.60 5.43 -27.74
CA VAL E 2 43.34 4.22 -26.96
C VAL E 2 44.63 3.42 -26.85
N GLN E 3 44.96 2.99 -25.62
CA GLN E 3 46.15 2.18 -25.39
C GLN E 3 45.98 1.43 -24.08
N LEU E 4 46.29 0.14 -24.10
CA LEU E 4 46.17 -0.73 -22.92
C LEU E 4 47.55 -0.97 -22.35
N GLN E 5 47.77 -0.51 -21.12
CA GLN E 5 49.07 -0.63 -20.45
C GLN E 5 48.94 -1.67 -19.33
N GLN E 6 49.64 -2.80 -19.49
CA GLN E 6 49.58 -3.89 -18.54
C GLN E 6 50.77 -3.81 -17.57
N SER E 7 50.81 -4.76 -16.64
CA SER E 7 51.87 -4.82 -15.64
C SER E 7 53.14 -5.41 -16.25
N GLY E 8 54.20 -5.46 -15.45
CA GLY E 8 55.46 -6.01 -15.89
C GLY E 8 55.51 -7.53 -15.75
N ALA E 9 56.58 -8.10 -16.28
CA ALA E 9 56.75 -9.55 -16.27
C ALA E 9 56.77 -10.07 -14.84
N GLU E 10 56.10 -11.20 -14.63
CA GLU E 10 55.97 -11.81 -13.32
C GLU E 10 56.73 -13.13 -13.26
N LEU E 11 57.41 -13.35 -12.14
CA LEU E 11 58.17 -14.57 -11.90
C LEU E 11 57.80 -15.09 -10.52
N VAL E 12 57.09 -16.22 -10.49
CA VAL E 12 56.53 -16.77 -9.27
C VAL E 12 56.80 -18.28 -9.24
N LYS E 13 56.44 -18.90 -8.13
CA LYS E 13 56.67 -20.31 -7.89
C LYS E 13 55.37 -21.10 -7.98
N PRO E 14 55.44 -22.42 -8.20
CA PRO E 14 54.21 -23.22 -8.30
C PRO E 14 53.39 -23.16 -7.02
N GLY E 15 52.07 -23.18 -7.17
CA GLY E 15 51.16 -23.08 -6.07
C GLY E 15 50.86 -21.68 -5.60
N ALA E 16 51.62 -20.68 -6.07
CA ALA E 16 51.40 -19.29 -5.68
C ALA E 16 50.21 -18.73 -6.45
N SER E 17 49.99 -17.42 -6.32
CA SER E 17 48.85 -16.77 -6.97
C SER E 17 49.23 -15.34 -7.31
N VAL E 18 49.28 -15.01 -8.59
CA VAL E 18 49.66 -13.69 -9.07
C VAL E 18 48.44 -12.99 -9.63
N LYS E 19 48.44 -11.66 -9.54
CA LYS E 19 47.32 -10.82 -9.98
C LYS E 19 47.84 -9.81 -10.99
N LEU E 20 47.56 -10.05 -12.27
CA LEU E 20 48.01 -9.17 -13.34
C LEU E 20 47.12 -7.94 -13.43
N SER E 21 47.59 -6.93 -14.16
CA SER E 21 46.92 -5.64 -14.26
C SER E 21 46.85 -5.19 -15.72
N CYS E 22 45.83 -4.39 -16.02
CA CYS E 22 45.66 -3.83 -17.36
C CYS E 22 45.01 -2.46 -17.20
N THR E 23 45.83 -1.42 -17.21
CA THR E 23 45.36 -0.06 -17.00
C THR E 23 45.01 0.60 -18.33
N ALA E 24 43.87 1.28 -18.36
CA ALA E 24 43.44 2.00 -19.55
C ALA E 24 44.11 3.36 -19.63
N SER E 25 44.38 3.80 -20.86
CA SER E 25 45.05 5.06 -21.11
C SER E 25 44.36 5.78 -22.25
N GLY E 26 43.83 6.97 -21.97
CA GLY E 26 43.13 7.75 -22.98
C GLY E 26 41.65 7.46 -23.10
N PHE E 27 41.09 6.67 -22.19
CA PHE E 27 39.67 6.32 -22.22
C PHE E 27 39.30 5.68 -20.91
N ASN E 28 38.03 5.81 -20.53
CA ASN E 28 37.53 5.20 -19.31
C ASN E 28 37.32 3.71 -19.53
N ILE E 29 37.83 2.89 -18.60
CA ILE E 29 37.73 1.44 -18.75
C ILE E 29 36.28 0.98 -18.67
N LYS E 30 35.39 1.81 -18.13
CA LYS E 30 33.96 1.48 -18.06
C LYS E 30 33.31 1.40 -19.44
N ASP E 31 34.00 1.83 -20.49
CA ASP E 31 33.36 2.01 -21.80
C ASP E 31 32.92 0.67 -22.39
N THR E 32 33.81 -0.32 -22.43
CA THR E 32 33.57 -1.53 -23.20
C THR E 32 33.90 -2.78 -22.38
N TYR E 33 33.60 -3.93 -22.97
CA TYR E 33 34.07 -5.21 -22.46
C TYR E 33 35.60 -5.22 -22.43
N VAL E 34 36.15 -5.96 -21.48
CA VAL E 34 37.59 -6.18 -21.39
C VAL E 34 37.84 -7.68 -21.30
N HIS E 35 38.53 -8.23 -22.29
CA HIS E 35 38.84 -9.65 -22.35
C HIS E 35 40.27 -9.92 -21.92
N TRP E 36 40.53 -11.16 -21.55
CA TRP E 36 41.88 -11.63 -21.24
C TRP E 36 42.19 -12.83 -22.13
N VAL E 37 43.37 -12.80 -22.75
CA VAL E 37 43.79 -13.82 -23.70
C VAL E 37 45.14 -14.38 -23.26
N LYS E 38 45.31 -15.69 -23.43
CA LYS E 38 46.54 -16.39 -23.09
C LYS E 38 47.21 -16.89 -24.37
N GLN E 39 48.53 -16.75 -24.43
CA GLN E 39 49.30 -17.16 -25.60
C GLN E 39 50.49 -18.00 -25.19
N ARG E 40 50.52 -19.24 -25.64
CA ARG E 40 51.65 -20.15 -25.50
C ARG E 40 52.27 -20.44 -26.86
N PRO E 41 53.55 -20.81 -26.91
CA PRO E 41 54.17 -21.10 -28.22
C PRO E 41 53.52 -22.28 -28.93
N GLU E 42 53.33 -23.40 -28.24
CA GLU E 42 52.82 -24.60 -28.90
C GLU E 42 51.30 -24.58 -29.04
N GLN E 43 50.59 -24.43 -27.91
CA GLN E 43 49.14 -24.54 -27.95
C GLN E 43 48.50 -23.42 -28.74
N GLY E 44 49.00 -22.19 -28.58
CA GLY E 44 48.47 -21.06 -29.33
C GLY E 44 47.72 -20.06 -28.46
N LEU E 45 46.72 -19.40 -29.06
CA LEU E 45 45.93 -18.40 -28.35
C LEU E 45 44.71 -19.03 -27.72
N GLU E 46 44.41 -18.63 -26.48
CA GLU E 46 43.28 -19.16 -25.74
C GLU E 46 42.55 -18.03 -25.03
N TRP E 47 41.24 -17.95 -25.26
CA TRP E 47 40.40 -16.93 -24.62
C TRP E 47 40.10 -17.35 -23.19
N ILE E 48 40.49 -16.52 -22.23
CA ILE E 48 40.25 -16.83 -20.82
C ILE E 48 38.84 -16.42 -20.42
N GLY E 49 38.49 -15.16 -20.64
CA GLY E 49 37.18 -14.66 -20.26
C GLY E 49 37.09 -13.18 -20.50
N ARG E 50 36.02 -12.58 -19.97
CA ARG E 50 35.78 -11.16 -20.16
C ARG E 50 35.13 -10.60 -18.90
N ILE E 51 35.06 -9.26 -18.84
CA ILE E 51 34.40 -8.56 -17.75
C ILE E 51 33.77 -7.29 -18.32
N ASP E 52 32.68 -6.87 -17.68
CA ASP E 52 32.04 -5.58 -17.96
C ASP E 52 32.33 -4.65 -16.79
N PRO E 53 33.35 -3.79 -16.87
CA PRO E 53 33.69 -2.93 -15.73
C PRO E 53 32.58 -1.99 -15.32
N ALA E 54 31.52 -1.83 -16.12
CA ALA E 54 30.40 -0.98 -15.78
C ALA E 54 29.46 -1.61 -14.76
N ASN E 55 29.71 -2.85 -14.36
CA ASN E 55 28.84 -3.54 -13.40
C ASN E 55 29.57 -4.67 -12.68
N GLY E 56 30.60 -5.22 -13.33
CA GLY E 56 31.38 -6.28 -12.75
C GLY E 56 30.99 -7.69 -13.19
N TYR E 57 30.01 -7.83 -14.07
CA TYR E 57 29.63 -9.15 -14.54
C TYR E 57 30.69 -9.75 -15.45
N THR E 58 30.89 -11.06 -15.35
CA THR E 58 32.00 -11.73 -16.01
C THR E 58 31.52 -12.96 -16.76
N LYS E 59 32.36 -13.38 -17.71
CA LYS E 59 32.19 -14.64 -18.42
C LYS E 59 33.55 -15.33 -18.49
N TYR E 60 33.53 -16.66 -18.51
CA TYR E 60 34.77 -17.43 -18.51
C TYR E 60 34.65 -18.62 -19.46
N ASP E 61 35.77 -19.00 -20.04
CA ASP E 61 35.90 -20.30 -20.68
C ASP E 61 35.94 -21.36 -19.59
N PRO E 62 35.06 -22.37 -19.61
CA PRO E 62 34.97 -23.32 -18.49
C PRO E 62 36.27 -24.04 -18.18
N LYS E 63 37.22 -24.00 -19.11
CA LYS E 63 38.53 -24.59 -18.86
C LYS E 63 39.26 -23.86 -17.74
N PHE E 64 39.11 -22.54 -17.67
CA PHE E 64 39.84 -21.71 -16.72
C PHE E 64 39.04 -21.47 -15.43
N GLN E 65 38.04 -22.29 -15.15
CA GLN E 65 37.24 -22.11 -13.94
C GLN E 65 38.06 -22.43 -12.70
N GLY E 66 37.96 -21.57 -11.68
CA GLY E 66 38.72 -21.73 -10.46
C GLY E 66 40.08 -21.08 -10.54
N LYS E 67 40.78 -21.31 -11.66
CA LYS E 67 42.12 -20.74 -11.83
C LYS E 67 42.03 -19.24 -12.13
N ALA E 68 41.32 -18.87 -13.19
CA ALA E 68 41.27 -17.49 -13.63
C ALA E 68 40.13 -16.75 -12.94
N THR E 69 40.44 -15.55 -12.44
CA THR E 69 39.44 -14.69 -11.82
C THR E 69 39.66 -13.27 -12.32
N ILE E 70 38.66 -12.70 -12.98
CA ILE E 70 38.75 -11.38 -13.58
C ILE E 70 37.94 -10.41 -12.73
N THR E 71 38.55 -9.27 -12.39
CA THR E 71 37.91 -8.22 -11.63
C THR E 71 38.26 -6.87 -12.26
N ALA E 72 37.70 -5.80 -11.72
CA ALA E 72 37.96 -4.46 -12.23
C ALA E 72 37.60 -3.43 -11.17
N ASP E 73 38.31 -2.30 -11.20
CA ASP E 73 38.05 -1.17 -10.32
C ASP E 73 37.98 0.08 -11.19
N THR E 74 36.80 0.68 -11.27
CA THR E 74 36.63 1.88 -12.10
C THR E 74 37.45 3.04 -11.55
N SER E 75 37.68 3.07 -10.24
CA SER E 75 38.49 4.14 -9.65
C SER E 75 39.92 4.08 -10.16
N SER E 76 40.53 2.88 -10.13
CA SER E 76 41.87 2.70 -10.68
C SER E 76 41.88 2.71 -12.20
N ASN E 77 40.71 2.62 -12.84
CA ASN E 77 40.61 2.54 -14.31
C ASN E 77 41.40 1.35 -14.84
N THR E 78 41.30 0.21 -14.14
CA THR E 78 42.14 -0.94 -14.40
C THR E 78 41.35 -2.23 -14.21
N ALA E 79 41.59 -3.20 -15.09
CA ALA E 79 41.02 -4.54 -14.98
C ALA E 79 42.13 -5.53 -14.64
N TYR E 80 41.83 -6.45 -13.74
CA TYR E 80 42.82 -7.38 -13.22
C TYR E 80 42.51 -8.81 -13.65
N LEU E 81 43.52 -9.68 -13.54
CA LEU E 81 43.37 -11.11 -13.82
C LEU E 81 44.14 -11.86 -12.73
N GLN E 82 43.42 -12.40 -11.76
CA GLN E 82 44.02 -13.14 -10.66
C GLN E 82 44.08 -14.61 -11.02
N LEU E 83 45.31 -15.14 -11.12
CA LEU E 83 45.53 -16.57 -11.34
C LEU E 83 45.96 -17.22 -10.04
N SER E 84 45.35 -18.35 -9.71
CA SER E 84 45.60 -19.05 -8.47
C SER E 84 45.99 -20.50 -8.73
N SER E 85 46.77 -21.06 -7.82
CA SER E 85 47.25 -22.44 -7.90
C SER E 85 47.97 -22.69 -9.23
N LEU E 86 49.10 -22.01 -9.37
CA LEU E 86 49.81 -21.98 -10.64
C LEU E 86 50.57 -23.28 -10.89
N THR E 87 50.80 -23.57 -12.17
CA THR E 87 51.54 -24.75 -12.61
C THR E 87 52.49 -24.32 -13.71
N SER E 88 53.26 -25.30 -14.21
CA SER E 88 54.13 -25.04 -15.35
C SER E 88 53.34 -24.80 -16.62
N GLU E 89 52.13 -25.37 -16.71
CA GLU E 89 51.29 -25.17 -17.89
C GLU E 89 50.70 -23.76 -17.94
N ASP E 90 50.69 -23.05 -16.82
CA ASP E 90 50.21 -21.67 -16.79
C ASP E 90 51.26 -20.67 -17.25
N THR E 91 52.47 -21.13 -17.58
CA THR E 91 53.53 -20.27 -18.09
C THR E 91 53.18 -19.80 -19.49
N ALA E 92 52.83 -18.53 -19.63
CA ALA E 92 52.39 -17.99 -20.92
C ALA E 92 52.37 -16.47 -20.85
N VAL E 93 52.11 -15.86 -22.00
CA VAL E 93 51.91 -14.42 -22.11
C VAL E 93 50.42 -14.14 -22.07
N TYR E 94 50.02 -13.12 -21.33
CA TYR E 94 48.61 -12.79 -21.12
C TYR E 94 48.34 -11.38 -21.60
N TYR E 95 47.32 -11.24 -22.45
CA TYR E 95 46.95 -9.97 -23.05
C TYR E 95 45.54 -9.57 -22.62
N CYS E 96 45.33 -8.27 -22.41
CA CYS E 96 43.99 -7.73 -22.25
C CYS E 96 43.53 -7.09 -23.55
N VAL E 97 42.26 -7.29 -23.88
CA VAL E 97 41.71 -6.93 -25.18
C VAL E 97 40.39 -6.19 -24.99
N ARG E 98 40.14 -5.24 -25.86
CA ARG E 98 38.87 -4.53 -25.93
C ARG E 98 38.57 -4.23 -27.39
N PRO E 99 37.29 -4.06 -27.74
CA PRO E 99 36.93 -3.79 -29.14
C PRO E 99 37.07 -2.32 -29.48
N LEU E 100 37.00 -2.04 -30.78
CA LEU E 100 36.98 -0.66 -31.29
C LEU E 100 35.54 -0.15 -31.31
N TYR E 101 34.75 -0.63 -32.27
CA TYR E 101 33.35 -0.26 -32.40
C TYR E 101 32.43 -1.42 -32.04
N ASP E 102 32.51 -2.53 -32.79
CA ASP E 102 31.68 -3.70 -32.55
C ASP E 102 31.78 -4.16 -31.11
N TYR E 103 30.62 -4.22 -30.43
CA TYR E 103 30.58 -4.59 -29.01
C TYR E 103 31.34 -5.88 -28.71
N TYR E 104 31.38 -6.81 -29.67
CA TYR E 104 31.88 -8.15 -29.44
C TYR E 104 33.24 -8.41 -30.07
N ALA E 105 33.87 -7.40 -30.66
CA ALA E 105 35.10 -7.59 -31.42
C ALA E 105 36.31 -7.65 -30.49
N MET E 106 37.48 -7.92 -31.08
CA MET E 106 38.76 -8.05 -30.36
C MET E 106 39.79 -7.27 -31.17
N ASP E 107 39.84 -5.95 -30.97
CA ASP E 107 40.60 -5.05 -31.82
C ASP E 107 41.82 -4.46 -31.15
N TYR E 108 41.68 -3.91 -29.94
CA TYR E 108 42.79 -3.27 -29.23
C TYR E 108 43.38 -4.24 -28.23
N TRP E 109 44.71 -4.36 -28.24
CA TRP E 109 45.42 -5.31 -27.40
C TRP E 109 46.50 -4.59 -26.61
N GLY E 110 46.71 -5.05 -25.37
CA GLY E 110 47.82 -4.58 -24.59
C GLY E 110 49.13 -5.18 -25.06
N GLN E 111 50.23 -4.68 -24.49
CA GLN E 111 51.55 -5.19 -24.87
C GLN E 111 51.79 -6.59 -24.32
N GLY E 112 51.00 -7.04 -23.36
CA GLY E 112 51.13 -8.39 -22.84
C GLY E 112 52.07 -8.47 -21.65
N THR E 113 51.82 -9.47 -20.81
CA THR E 113 52.62 -9.72 -19.62
C THR E 113 53.07 -11.16 -19.62
N SER E 114 54.38 -11.38 -19.52
CA SER E 114 54.94 -12.73 -19.47
C SER E 114 54.96 -13.22 -18.03
N VAL E 115 54.36 -14.39 -17.80
CA VAL E 115 54.28 -14.99 -16.47
C VAL E 115 55.02 -16.31 -16.51
N THR E 116 56.10 -16.40 -15.73
CA THR E 116 56.94 -17.59 -15.67
C THR E 116 56.78 -18.23 -14.30
N VAL E 117 56.40 -19.50 -14.28
CA VAL E 117 56.22 -20.26 -13.05
C VAL E 117 57.33 -21.29 -12.96
N SER E 118 58.14 -21.21 -11.92
CA SER E 118 59.26 -22.12 -11.75
C SER E 118 59.68 -22.15 -10.29
N SER E 119 60.28 -23.26 -9.88
CA SER E 119 60.75 -23.43 -8.50
C SER E 119 62.20 -23.04 -8.31
N ALA E 120 63.02 -23.07 -9.37
CA ALA E 120 64.44 -22.81 -9.23
C ALA E 120 64.69 -21.36 -8.79
N LYS E 121 65.68 -21.19 -7.92
CA LYS E 121 66.05 -19.90 -7.40
C LYS E 121 67.03 -19.22 -8.36
N THR E 122 67.55 -18.06 -7.98
CA THR E 122 68.52 -17.36 -8.80
C THR E 122 69.78 -18.20 -8.98
N THR E 123 70.23 -18.32 -10.23
CA THR E 123 71.37 -19.17 -10.56
C THR E 123 72.20 -18.51 -11.65
N ALA E 124 73.52 -18.45 -11.44
CA ALA E 124 74.42 -17.87 -12.42
C ALA E 124 74.81 -18.91 -13.48
N PRO E 125 75.01 -18.48 -14.72
CA PRO E 125 75.28 -19.42 -15.80
C PRO E 125 76.73 -19.88 -15.83
N SER E 126 76.94 -21.01 -16.50
CA SER E 126 78.27 -21.51 -16.80
C SER E 126 78.66 -21.12 -18.22
N VAL E 127 79.95 -21.26 -18.53
CA VAL E 127 80.47 -20.92 -19.85
C VAL E 127 81.45 -22.00 -20.26
N TYR E 128 81.24 -22.61 -21.43
CA TYR E 128 82.07 -23.69 -21.93
C TYR E 128 82.54 -23.36 -23.34
N PRO E 129 83.85 -23.36 -23.60
CA PRO E 129 84.34 -23.05 -24.94
C PRO E 129 84.24 -24.26 -25.87
N LEU E 130 83.95 -23.99 -27.14
CA LEU E 130 83.76 -25.03 -28.15
C LEU E 130 84.64 -24.72 -29.35
N ALA E 131 85.68 -25.53 -29.55
CA ALA E 131 86.61 -25.43 -30.65
C ALA E 131 86.47 -26.63 -31.58
N PRO E 132 86.92 -26.52 -32.83
CA PRO E 132 86.78 -27.63 -33.77
C PRO E 132 87.55 -28.87 -33.32
N VAL E 133 87.15 -30.01 -33.90
CA VAL E 133 87.77 -31.29 -33.57
C VAL E 133 89.16 -31.38 -34.22
N CYS E 134 90.06 -32.11 -33.55
CA CYS E 134 91.39 -32.36 -34.06
C CYS E 134 91.36 -32.94 -35.47
N SER E 137 89.25 -22.93 -45.36
CA SER E 137 88.98 -21.57 -45.80
C SER E 137 88.14 -20.81 -44.79
N SER E 138 87.42 -21.55 -43.94
CA SER E 138 86.56 -20.95 -42.93
C SER E 138 86.42 -21.92 -41.77
N VAL E 139 86.14 -21.36 -40.58
CA VAL E 139 86.07 -22.14 -39.36
C VAL E 139 84.96 -21.58 -38.47
N THR E 140 84.31 -22.47 -37.72
CA THR E 140 83.21 -22.12 -36.84
C THR E 140 83.58 -22.46 -35.40
N LEU E 141 83.30 -21.54 -34.48
CA LEU E 141 83.54 -21.71 -33.06
C LEU E 141 82.20 -21.88 -32.33
N GLY E 142 82.25 -21.87 -31.01
CA GLY E 142 81.05 -22.04 -30.21
C GLY E 142 81.27 -21.61 -28.78
N CYS E 143 80.17 -21.32 -28.09
CA CYS E 143 80.21 -20.82 -26.72
C CYS E 143 78.92 -21.24 -26.01
N LEU E 144 78.97 -22.39 -25.36
CA LEU E 144 77.79 -22.94 -24.71
C LEU E 144 77.60 -22.33 -23.32
N VAL E 145 76.38 -21.92 -23.02
CA VAL E 145 76.00 -21.37 -21.73
C VAL E 145 74.84 -22.19 -21.19
N LYS E 146 74.93 -22.60 -19.92
CA LYS E 146 73.94 -23.51 -19.36
C LYS E 146 73.82 -23.28 -17.86
N GLY E 147 72.62 -23.56 -17.34
CA GLY E 147 72.37 -23.56 -15.92
C GLY E 147 72.25 -22.18 -15.32
N TYR E 148 71.14 -21.50 -15.58
CA TYR E 148 70.93 -20.18 -15.04
C TYR E 148 69.44 -19.89 -14.95
N PHE E 149 69.09 -18.96 -14.07
CA PHE E 149 67.72 -18.53 -13.85
C PHE E 149 67.74 -17.22 -13.06
N PRO E 150 66.89 -16.26 -13.41
CA PRO E 150 65.99 -16.33 -14.58
C PRO E 150 66.58 -15.71 -15.85
N GLU E 151 65.73 -15.55 -16.86
CA GLU E 151 66.14 -14.89 -18.08
C GLU E 151 66.23 -13.38 -17.86
N PRO E 152 66.96 -12.65 -18.73
CA PRO E 152 67.76 -13.12 -19.86
C PRO E 152 69.27 -13.03 -19.62
N VAL E 153 70.04 -13.25 -20.68
CA VAL E 153 71.50 -13.16 -20.63
C VAL E 153 71.98 -12.45 -21.89
N THR E 154 73.15 -11.81 -21.79
CA THR E 154 73.76 -11.10 -22.90
C THR E 154 75.03 -11.82 -23.32
N LEU E 155 75.03 -12.35 -24.54
CA LEU E 155 76.19 -13.04 -25.10
C LEU E 155 76.78 -12.20 -26.22
N THR E 156 78.05 -11.86 -26.08
CA THR E 156 78.79 -11.13 -27.10
C THR E 156 80.14 -11.80 -27.32
N TRP E 157 80.78 -11.48 -28.44
CA TRP E 157 82.09 -12.01 -28.79
C TRP E 157 83.12 -10.89 -28.79
N ASN E 158 84.19 -11.09 -28.02
CA ASN E 158 85.20 -10.05 -27.80
C ASN E 158 84.55 -8.76 -27.31
N SER E 159 83.64 -8.93 -26.34
CA SER E 159 82.95 -7.81 -25.68
C SER E 159 82.15 -6.98 -26.67
N GLY E 160 81.45 -7.65 -27.58
CA GLY E 160 80.65 -6.98 -28.58
C GLY E 160 81.41 -6.47 -29.79
N SER E 161 82.64 -6.93 -29.99
CA SER E 161 83.43 -6.47 -31.13
C SER E 161 82.81 -6.93 -32.44
N LEU E 162 82.72 -8.24 -32.65
CA LEU E 162 82.17 -8.81 -33.87
C LEU E 162 80.72 -9.18 -33.64
N SER E 163 79.83 -8.63 -34.48
CA SER E 163 78.43 -9.00 -34.49
C SER E 163 77.99 -9.59 -35.82
N SER E 164 78.60 -9.19 -36.93
CA SER E 164 78.27 -9.70 -38.25
C SER E 164 78.62 -11.19 -38.35
N GLY E 165 77.61 -12.05 -38.25
CA GLY E 165 77.83 -13.48 -38.32
C GLY E 165 77.85 -14.15 -36.97
N VAL E 166 76.88 -13.82 -36.11
CA VAL E 166 76.79 -14.36 -34.75
C VAL E 166 75.36 -14.86 -34.57
N HIS E 167 75.16 -16.17 -34.68
CA HIS E 167 73.84 -16.78 -34.53
C HIS E 167 73.66 -17.17 -33.06
N THR E 168 73.08 -16.27 -32.28
CA THR E 168 72.77 -16.53 -30.88
C THR E 168 71.38 -17.15 -30.80
N PHE E 169 71.33 -18.42 -30.42
CA PHE E 169 70.07 -19.16 -30.40
C PHE E 169 69.25 -18.84 -29.15
N PRO E 170 67.93 -18.91 -29.24
CA PRO E 170 67.09 -18.65 -28.06
C PRO E 170 67.32 -19.72 -26.98
N ALA E 171 67.21 -19.28 -25.73
CA ALA E 171 67.38 -20.18 -24.60
C ALA E 171 66.24 -21.21 -24.55
N VAL E 172 66.57 -22.39 -24.04
CA VAL E 172 65.63 -23.51 -23.95
C VAL E 172 65.52 -23.94 -22.50
N LEU E 173 64.30 -24.24 -22.06
CA LEU E 173 64.07 -24.66 -20.69
C LEU E 173 64.50 -26.11 -20.50
N GLN E 174 65.30 -26.36 -19.47
CA GLN E 174 65.81 -27.70 -19.15
C GLN E 174 65.71 -27.89 -17.63
N SER E 175 64.58 -28.43 -17.18
CA SER E 175 64.32 -28.73 -15.78
C SER E 175 64.60 -27.52 -14.89
N ASP E 176 63.75 -26.51 -15.07
CA ASP E 176 63.77 -25.26 -14.29
C ASP E 176 65.07 -24.47 -14.48
N LEU E 177 65.83 -24.77 -15.53
CA LEU E 177 67.05 -24.03 -15.82
C LEU E 177 67.21 -23.92 -17.33
N TYR E 178 67.83 -22.84 -17.77
CA TYR E 178 67.92 -22.51 -19.19
C TYR E 178 69.28 -22.90 -19.75
N THR E 179 69.34 -23.01 -21.08
CA THR E 179 70.56 -23.38 -21.80
C THR E 179 70.60 -22.59 -23.11
N LEU E 180 71.46 -21.59 -23.18
CA LEU E 180 71.61 -20.75 -24.37
C LEU E 180 72.95 -21.06 -25.04
N SER E 181 72.94 -21.04 -26.37
CA SER E 181 74.14 -21.33 -27.15
C SER E 181 74.24 -20.35 -28.32
N SER E 182 75.47 -20.04 -28.70
CA SER E 182 75.73 -19.13 -29.82
C SER E 182 76.94 -19.63 -30.59
N SER E 183 77.12 -19.07 -31.80
CA SER E 183 78.18 -19.50 -32.68
C SER E 183 78.64 -18.31 -33.53
N VAL E 184 79.83 -18.46 -34.12
CA VAL E 184 80.44 -17.41 -34.93
C VAL E 184 81.36 -18.08 -35.95
N THR E 185 81.46 -17.48 -37.13
CA THR E 185 82.25 -18.02 -38.23
C THR E 185 83.19 -16.95 -38.76
N VAL E 186 84.45 -17.34 -39.00
CA VAL E 186 85.47 -16.47 -39.57
C VAL E 186 86.31 -17.29 -40.55
N THR E 187 87.25 -16.63 -41.21
CA THR E 187 88.14 -17.29 -42.14
C THR E 187 89.27 -18.00 -41.38
N SER E 188 90.02 -18.83 -42.13
CA SER E 188 91.15 -19.53 -41.54
C SER E 188 92.29 -18.58 -41.16
N SER E 189 92.31 -17.38 -41.74
CA SER E 189 93.31 -16.36 -41.40
C SER E 189 92.84 -15.44 -40.28
N THR E 190 91.98 -15.95 -39.38
CA THR E 190 91.49 -15.15 -38.27
C THR E 190 91.69 -15.89 -36.95
N TRP E 191 91.64 -17.22 -36.99
CA TRP E 191 91.76 -18.05 -35.82
C TRP E 191 92.42 -19.37 -36.21
N PRO E 192 93.42 -19.85 -35.46
CA PRO E 192 93.98 -19.22 -34.26
C PRO E 192 95.13 -18.27 -34.54
N SER E 193 94.93 -17.32 -35.46
CA SER E 193 95.90 -16.26 -35.69
C SER E 193 95.64 -15.04 -34.82
N GLN E 194 94.46 -14.94 -34.21
CA GLN E 194 94.10 -13.82 -33.36
C GLN E 194 93.32 -14.33 -32.15
N SER E 195 93.55 -13.72 -31.00
CA SER E 195 92.88 -14.15 -29.78
C SER E 195 91.39 -13.85 -29.84
N ILE E 196 90.59 -14.81 -29.38
CA ILE E 196 89.14 -14.72 -29.42
C ILE E 196 88.56 -15.28 -28.13
N THR E 197 87.71 -14.50 -27.47
CA THR E 197 87.07 -14.88 -26.22
C THR E 197 85.58 -14.62 -26.32
N CYS E 198 84.77 -15.49 -25.71
CA CYS E 198 83.32 -15.35 -25.71
C CYS E 198 82.87 -14.72 -24.39
N ASN E 199 82.20 -13.57 -24.49
CA ASN E 199 81.71 -12.85 -23.32
C ASN E 199 80.27 -13.25 -23.02
N VAL E 200 79.96 -13.34 -21.72
CA VAL E 200 78.63 -13.70 -21.23
C VAL E 200 78.31 -12.81 -20.03
N ALA E 201 77.04 -12.43 -19.89
CA ALA E 201 76.59 -11.61 -18.77
C ALA E 201 75.18 -12.06 -18.35
N HIS E 202 74.95 -12.06 -17.04
CA HIS E 202 73.65 -12.44 -16.47
C HIS E 202 73.25 -11.40 -15.43
N PRO E 203 72.42 -10.43 -15.80
CA PRO E 203 72.08 -9.35 -14.85
C PRO E 203 71.40 -9.82 -13.58
N ALA E 204 70.71 -10.97 -13.61
CA ALA E 204 69.97 -11.42 -12.44
C ALA E 204 70.90 -11.71 -11.27
N SER E 205 72.04 -12.35 -11.54
CA SER E 205 73.04 -12.62 -10.51
C SER E 205 74.23 -11.67 -10.59
N SER E 206 74.20 -10.70 -11.50
CA SER E 206 75.25 -9.67 -11.61
C SER E 206 76.62 -10.29 -11.85
N THR E 207 76.69 -11.22 -12.81
CA THR E 207 77.93 -11.89 -13.16
C THR E 207 78.29 -11.60 -14.61
N LYS E 208 79.60 -11.55 -14.88
CA LYS E 208 80.12 -11.16 -16.19
C LYS E 208 81.37 -11.99 -16.51
N VAL E 209 81.21 -13.31 -16.57
CA VAL E 209 82.32 -14.23 -16.81
C VAL E 209 82.44 -14.50 -18.30
N ASP E 210 83.67 -14.78 -18.74
CA ASP E 210 83.96 -15.10 -20.13
C ASP E 210 85.03 -16.19 -20.19
N LYS E 211 85.06 -16.90 -21.31
CA LYS E 211 86.01 -17.99 -21.53
C LYS E 211 86.67 -17.84 -22.89
N LYS E 212 87.99 -18.02 -22.92
CA LYS E 212 88.77 -17.87 -24.14
C LYS E 212 88.80 -19.18 -24.91
N ILE E 213 88.44 -19.12 -26.20
CA ILE E 213 88.43 -20.32 -27.03
C ILE E 213 89.86 -20.75 -27.32
N GLU E 214 90.16 -22.02 -27.07
CA GLU E 214 91.49 -22.57 -27.29
C GLU E 214 91.45 -23.67 -28.34
N PRO E 215 92.43 -23.73 -29.23
CA PRO E 215 92.46 -24.82 -30.22
C PRO E 215 92.70 -26.17 -29.57
N ARG E 216 92.17 -27.21 -30.20
CA ARG E 216 92.33 -28.57 -29.69
C ARG E 216 93.53 -29.25 -30.35
N ASP F 1 32.60 -26.04 -28.23
CA ASP F 1 33.28 -24.85 -28.73
C ASP F 1 33.46 -24.91 -30.24
N ILE F 2 33.54 -23.75 -30.87
CA ILE F 2 33.72 -23.66 -32.31
C ILE F 2 35.21 -23.82 -32.63
N LEU F 3 35.53 -24.72 -33.54
CA LEU F 3 36.91 -24.95 -33.94
C LEU F 3 37.25 -24.10 -35.17
N MET F 4 38.36 -23.39 -35.10
CA MET F 4 38.80 -22.49 -36.17
C MET F 4 40.05 -23.10 -36.82
N THR F 5 39.89 -23.55 -38.08
CA THR F 5 40.96 -24.17 -38.83
C THR F 5 41.55 -23.12 -39.77
N GLN F 6 42.79 -22.72 -39.52
CA GLN F 6 43.48 -21.69 -40.29
C GLN F 6 44.60 -22.32 -41.11
N SER F 7 44.59 -22.05 -42.41
CA SER F 7 45.57 -22.62 -43.33
C SER F 7 46.01 -21.55 -44.31
N PRO F 8 47.27 -21.61 -44.78
CA PRO F 8 48.28 -22.60 -44.40
C PRO F 8 48.94 -22.26 -43.06
N SER F 9 49.66 -23.23 -42.48
CA SER F 9 50.38 -22.95 -41.24
C SER F 9 51.51 -21.96 -41.46
N SER F 10 52.06 -21.91 -42.67
CA SER F 10 53.12 -20.98 -43.02
C SER F 10 53.28 -20.99 -44.54
N MET F 11 53.68 -19.84 -45.09
CA MET F 11 53.85 -19.70 -46.53
C MET F 11 55.10 -18.88 -46.83
N SER F 12 55.89 -19.34 -47.79
CA SER F 12 57.09 -18.65 -48.24
C SER F 12 56.73 -17.79 -49.46
N VAL F 13 56.80 -16.48 -49.30
CA VAL F 13 56.38 -15.52 -50.31
C VAL F 13 57.38 -14.37 -50.36
N SER F 14 57.17 -13.46 -51.30
CA SER F 14 58.09 -12.35 -51.56
C SER F 14 57.33 -11.03 -51.51
N LEU F 15 58.08 -9.93 -51.63
CA LEU F 15 57.50 -8.60 -51.62
C LEU F 15 56.71 -8.34 -52.90
N GLY F 16 55.67 -7.53 -52.78
CA GLY F 16 54.79 -7.23 -53.89
C GLY F 16 53.83 -8.33 -54.27
N ASP F 17 53.90 -9.49 -53.62
CA ASP F 17 52.99 -10.58 -53.91
C ASP F 17 51.61 -10.31 -53.31
N THR F 18 50.61 -11.00 -53.86
CA THR F 18 49.24 -10.93 -53.38
C THR F 18 48.86 -12.30 -52.83
N VAL F 19 48.74 -12.40 -51.51
CA VAL F 19 48.53 -13.67 -50.83
C VAL F 19 47.16 -13.64 -50.15
N SER F 20 46.72 -14.82 -49.72
CA SER F 20 45.43 -14.97 -49.05
C SER F 20 45.54 -16.05 -47.99
N ILE F 21 44.92 -15.80 -46.83
CA ILE F 21 44.89 -16.73 -45.72
C ILE F 21 43.44 -17.11 -45.47
N THR F 22 43.15 -18.42 -45.50
CA THR F 22 41.81 -18.93 -45.28
C THR F 22 41.63 -19.34 -43.83
N CYS F 23 40.36 -19.40 -43.40
CA CYS F 23 40.00 -19.77 -42.04
C CYS F 23 38.66 -20.47 -42.10
N HIS F 24 38.61 -21.70 -41.57
CA HIS F 24 37.42 -22.54 -41.64
C HIS F 24 36.90 -22.79 -40.24
N ALA F 25 35.64 -22.44 -40.00
CA ALA F 25 34.97 -22.73 -38.74
C ALA F 25 34.18 -24.02 -38.84
N SER F 26 34.05 -24.72 -37.71
CA SER F 26 33.29 -25.96 -37.68
C SER F 26 31.80 -25.75 -37.90
N GLN F 27 31.33 -24.50 -37.89
CA GLN F 27 29.95 -24.18 -38.16
C GLN F 27 29.89 -22.75 -38.66
N GLY F 28 28.72 -22.37 -39.18
CA GLY F 28 28.54 -21.00 -39.67
C GLY F 28 28.63 -20.00 -38.54
N ILE F 29 29.29 -18.87 -38.81
CA ILE F 29 29.45 -17.81 -37.83
C ILE F 29 28.95 -16.47 -38.33
N SER F 30 28.49 -16.38 -39.58
CA SER F 30 27.83 -15.20 -40.13
C SER F 30 28.68 -13.94 -39.97
N SER F 31 29.89 -14.02 -40.50
CA SER F 31 30.85 -12.91 -40.56
C SER F 31 31.28 -12.42 -39.18
N ASN F 32 30.99 -13.16 -38.11
CA ASN F 32 31.44 -12.79 -36.77
C ASN F 32 32.87 -13.26 -36.55
N ILE F 33 33.79 -12.71 -37.36
CA ILE F 33 35.17 -13.13 -37.36
C ILE F 33 36.07 -11.89 -37.34
N GLY F 34 37.23 -12.03 -36.70
CA GLY F 34 38.22 -10.98 -36.68
C GLY F 34 39.57 -11.52 -37.12
N TRP F 35 40.41 -10.61 -37.59
CA TRP F 35 41.76 -10.93 -38.04
C TRP F 35 42.77 -10.11 -37.27
N LEU F 36 43.88 -10.74 -36.91
CA LEU F 36 44.89 -10.14 -36.04
C LEU F 36 46.27 -10.30 -36.66
N GLN F 37 47.16 -9.38 -36.31
CA GLN F 37 48.55 -9.41 -36.74
C GLN F 37 49.46 -9.31 -35.53
N GLN F 38 50.53 -10.10 -35.53
CA GLN F 38 51.54 -10.06 -34.47
C GLN F 38 52.92 -9.98 -35.11
N LYS F 39 53.50 -8.79 -35.13
CA LYS F 39 54.83 -8.62 -35.68
C LYS F 39 55.86 -9.28 -34.76
N PRO F 40 57.03 -9.64 -35.30
CA PRO F 40 58.04 -10.35 -34.48
C PRO F 40 58.40 -9.64 -33.18
N GLY F 41 58.17 -10.31 -32.06
CA GLY F 41 58.47 -9.77 -30.76
C GLY F 41 57.47 -8.77 -30.21
N LYS F 42 56.68 -8.15 -31.09
CA LYS F 42 55.73 -7.13 -30.68
C LYS F 42 54.37 -7.76 -30.38
N SER F 43 53.43 -6.94 -29.95
CA SER F 43 52.13 -7.42 -29.50
C SER F 43 51.18 -7.55 -30.71
N PHE F 44 49.89 -7.61 -30.45
CA PHE F 44 48.88 -7.82 -31.49
C PHE F 44 48.29 -6.50 -31.95
N MET F 45 47.97 -6.45 -33.24
CA MET F 45 47.28 -5.31 -33.84
C MET F 45 46.06 -5.84 -34.57
N GLY F 46 44.91 -5.19 -34.38
CA GLY F 46 43.69 -5.60 -35.05
C GLY F 46 43.68 -5.18 -36.51
N LEU F 47 43.28 -6.10 -37.38
CA LEU F 47 43.18 -5.84 -38.81
C LEU F 47 41.73 -5.72 -39.27
N ILE F 48 40.94 -6.79 -39.08
CA ILE F 48 39.57 -6.86 -39.56
C ILE F 48 38.66 -7.16 -38.37
N TYR F 49 37.46 -6.57 -38.39
CA TYR F 49 36.40 -6.94 -37.47
C TYR F 49 35.11 -7.12 -38.27
N TYR F 50 34.30 -8.10 -37.85
CA TYR F 50 33.06 -8.45 -38.53
C TYR F 50 33.30 -8.77 -40.00
N GLY F 51 34.33 -9.58 -40.25
CA GLY F 51 34.56 -10.13 -41.58
C GLY F 51 35.24 -9.28 -42.63
N THR F 52 34.78 -8.04 -42.84
CA THR F 52 35.26 -7.22 -43.94
C THR F 52 35.68 -5.81 -43.55
N ASN F 53 35.46 -5.38 -42.32
CA ASN F 53 35.66 -3.98 -41.94
C ASN F 53 37.07 -3.79 -41.41
N LEU F 54 37.84 -2.93 -42.08
CA LEU F 54 39.19 -2.61 -41.64
C LEU F 54 39.15 -1.81 -40.34
N VAL F 55 40.02 -2.18 -39.40
CA VAL F 55 40.21 -1.37 -38.21
C VAL F 55 40.83 -0.03 -38.60
N ASP F 56 40.49 1.02 -37.86
CA ASP F 56 41.05 2.34 -38.14
C ASP F 56 42.57 2.31 -38.11
N GLY F 57 43.20 2.80 -39.18
CA GLY F 57 44.63 2.83 -39.31
C GLY F 57 45.22 1.73 -40.17
N VAL F 58 44.50 0.63 -40.35
CA VAL F 58 45.02 -0.48 -41.16
C VAL F 58 45.12 -0.03 -42.62
N PRO F 59 46.25 -0.27 -43.29
CA PRO F 59 46.35 0.11 -44.71
C PRO F 59 45.30 -0.59 -45.55
N SER F 60 44.83 0.11 -46.58
CA SER F 60 43.76 -0.41 -47.43
C SER F 60 44.18 -1.61 -48.26
N ARG F 61 45.47 -1.97 -48.27
CA ARG F 61 45.89 -3.17 -48.99
C ARG F 61 45.42 -4.45 -48.31
N PHE F 62 44.99 -4.36 -47.05
CA PHE F 62 44.36 -5.48 -46.37
C PHE F 62 42.87 -5.51 -46.72
N SER F 63 42.30 -6.71 -46.70
CA SER F 63 40.88 -6.87 -47.01
C SER F 63 40.42 -8.25 -46.54
N GLY F 64 39.23 -8.29 -45.95
CA GLY F 64 38.62 -9.54 -45.55
C GLY F 64 37.40 -9.86 -46.40
N SER F 65 37.03 -11.14 -46.46
CA SER F 65 35.92 -11.58 -47.28
C SER F 65 35.49 -12.97 -46.83
N GLY F 66 34.33 -13.39 -47.31
CA GLY F 66 33.79 -14.71 -47.04
C GLY F 66 32.44 -14.64 -46.34
N SER F 67 31.87 -15.81 -46.14
CA SER F 67 30.58 -15.95 -45.46
C SER F 67 30.43 -17.39 -44.97
N GLY F 68 29.39 -17.62 -44.19
CA GLY F 68 29.12 -18.94 -43.66
C GLY F 68 30.17 -19.42 -42.68
N ALA F 69 30.92 -20.45 -43.08
CA ALA F 69 31.98 -21.01 -42.25
C ALA F 69 33.35 -20.95 -42.91
N ASP F 70 33.50 -20.15 -43.98
CA ASP F 70 34.74 -20.05 -44.72
C ASP F 70 35.02 -18.59 -45.02
N TYR F 71 36.17 -18.09 -44.55
CA TYR F 71 36.51 -16.69 -44.67
C TYR F 71 37.97 -16.57 -45.09
N SER F 72 38.34 -15.39 -45.58
CA SER F 72 39.68 -15.20 -46.12
C SER F 72 40.16 -13.78 -45.86
N LEU F 73 41.43 -13.67 -45.46
CA LEU F 73 42.15 -12.40 -45.41
C LEU F 73 43.06 -12.31 -46.62
N THR F 74 43.26 -11.09 -47.12
CA THR F 74 44.02 -10.87 -48.34
C THR F 74 44.89 -9.63 -48.20
N ILE F 75 46.15 -9.75 -48.58
CA ILE F 75 47.10 -8.64 -48.55
C ILE F 75 47.62 -8.45 -49.97
N SER F 76 47.24 -7.35 -50.61
CA SER F 76 47.70 -7.02 -51.96
C SER F 76 49.00 -6.24 -51.88
N SER F 77 49.99 -6.69 -52.64
CA SER F 77 51.32 -6.08 -52.66
C SER F 77 51.95 -6.09 -51.27
N LEU F 78 52.59 -7.20 -50.90
CA LEU F 78 53.15 -7.33 -49.56
C LEU F 78 54.24 -6.30 -49.32
N ASP F 79 54.24 -5.74 -48.12
CA ASP F 79 55.27 -4.80 -47.67
C ASP F 79 56.19 -5.50 -46.68
N SER F 80 57.38 -4.93 -46.50
CA SER F 80 58.35 -5.50 -45.57
C SER F 80 57.79 -5.63 -44.16
N GLU F 81 56.84 -4.77 -43.80
CA GLU F 81 56.23 -4.85 -42.47
C GLU F 81 55.24 -6.01 -42.36
N ASP F 82 54.69 -6.47 -43.49
CA ASP F 82 53.63 -7.47 -43.44
C ASP F 82 54.13 -8.87 -43.11
N PHE F 83 55.45 -9.09 -43.08
CA PHE F 83 55.99 -10.40 -42.71
C PHE F 83 55.84 -10.62 -41.22
N ALA F 84 54.74 -11.27 -40.81
CA ALA F 84 54.44 -11.46 -39.40
C ALA F 84 53.46 -12.62 -39.25
N ASP F 85 53.04 -12.85 -38.02
CA ASP F 85 52.05 -13.88 -37.72
C ASP F 85 50.64 -13.30 -37.82
N TYR F 86 49.70 -14.15 -38.25
CA TYR F 86 48.31 -13.74 -38.43
C TYR F 86 47.40 -14.81 -37.86
N TYR F 87 46.30 -14.37 -37.24
CA TYR F 87 45.35 -15.27 -36.61
C TYR F 87 43.93 -14.81 -36.92
N CYS F 88 43.03 -15.78 -37.09
CA CYS F 88 41.60 -15.49 -37.15
C CYS F 88 40.95 -15.85 -35.82
N VAL F 89 39.92 -15.09 -35.45
CA VAL F 89 39.19 -15.29 -34.21
C VAL F 89 37.71 -15.15 -34.49
N GLN F 90 36.91 -16.05 -33.92
CA GLN F 90 35.47 -15.97 -34.02
C GLN F 90 34.89 -15.50 -32.69
N TYR F 91 33.82 -14.71 -32.77
CA TYR F 91 33.08 -14.31 -31.59
C TYR F 91 31.58 -14.46 -31.83
N ALA F 92 31.20 -15.45 -32.65
CA ALA F 92 29.78 -15.77 -32.82
C ALA F 92 29.23 -16.46 -31.58
N GLN F 93 30.06 -17.25 -30.89
CA GLN F 93 29.65 -17.94 -29.68
C GLN F 93 30.73 -17.81 -28.63
N LEU F 94 30.31 -17.86 -27.36
CA LEU F 94 31.24 -18.02 -26.26
C LEU F 94 31.48 -19.50 -26.01
N PRO F 95 32.73 -19.92 -25.74
CA PRO F 95 33.94 -19.10 -25.65
C PRO F 95 34.49 -18.69 -27.02
N TYR F 96 35.12 -17.51 -27.08
CA TYR F 96 35.82 -17.13 -28.28
C TYR F 96 36.96 -18.11 -28.56
N THR F 97 37.19 -18.39 -29.85
CA THR F 97 38.23 -19.33 -30.23
C THR F 97 39.04 -18.76 -31.38
N PHE F 98 40.34 -19.05 -31.38
CA PHE F 98 41.29 -18.52 -32.35
C PHE F 98 41.72 -19.61 -33.32
N GLY F 99 42.26 -19.18 -34.46
CA GLY F 99 42.82 -20.10 -35.43
C GLY F 99 44.21 -20.54 -35.04
N GLY F 100 44.70 -21.56 -35.77
CA GLY F 100 46.01 -22.10 -35.46
C GLY F 100 47.14 -21.13 -35.72
N GLY F 101 46.93 -20.18 -36.60
CA GLY F 101 47.94 -19.18 -36.90
C GLY F 101 48.62 -19.42 -38.23
N THR F 102 49.08 -18.34 -38.85
CA THR F 102 49.79 -18.39 -40.12
C THR F 102 51.03 -17.50 -40.03
N LYS F 103 52.16 -18.01 -40.50
CA LYS F 103 53.43 -17.31 -40.45
C LYS F 103 53.92 -17.05 -41.87
N LEU F 104 54.04 -15.78 -42.23
CA LEU F 104 54.52 -15.39 -43.56
C LEU F 104 56.04 -15.23 -43.51
N GLU F 105 56.73 -15.95 -44.40
CA GLU F 105 58.18 -15.97 -44.43
C GLU F 105 58.68 -15.55 -45.81
N ILE F 106 59.92 -15.09 -45.86
CA ILE F 106 60.50 -14.59 -47.09
C ILE F 106 60.97 -15.75 -47.95
N LYS F 107 60.51 -15.80 -49.20
CA LYS F 107 60.97 -16.81 -50.14
C LYS F 107 62.36 -16.46 -50.67
N ARG F 108 63.16 -17.48 -50.91
CA ARG F 108 64.52 -17.29 -51.42
C ARG F 108 65.03 -18.62 -51.96
N ALA F 109 66.26 -18.60 -52.46
CA ALA F 109 66.87 -19.81 -52.99
C ALA F 109 67.21 -20.78 -51.86
N ASP F 110 67.14 -22.07 -52.18
CA ASP F 110 67.43 -23.10 -51.18
C ASP F 110 68.91 -23.13 -50.86
N ALA F 111 69.23 -23.31 -49.58
CA ALA F 111 70.61 -23.34 -49.11
C ALA F 111 70.82 -24.52 -48.16
N ALA F 112 71.94 -25.21 -48.33
CA ALA F 112 72.28 -26.36 -47.51
C ALA F 112 72.86 -25.92 -46.16
N PRO F 113 72.65 -26.71 -45.12
CA PRO F 113 73.14 -26.32 -43.79
C PRO F 113 74.63 -26.56 -43.62
N THR F 114 75.26 -25.70 -42.82
CA THR F 114 76.67 -25.82 -42.47
C THR F 114 76.77 -26.54 -41.13
N VAL F 115 76.97 -27.84 -41.19
CA VAL F 115 77.02 -28.67 -39.98
C VAL F 115 78.39 -28.52 -39.32
N SER F 116 78.39 -28.41 -38.00
CA SER F 116 79.63 -28.22 -37.24
C SER F 116 79.46 -28.86 -35.88
N ILE F 117 80.17 -29.96 -35.63
CA ILE F 117 80.06 -30.68 -34.37
C ILE F 117 81.17 -30.22 -33.44
N PHE F 118 80.88 -30.22 -32.13
CA PHE F 118 81.84 -29.77 -31.14
C PHE F 118 81.78 -30.65 -29.89
N PRO F 119 82.91 -31.22 -29.46
CA PRO F 119 82.90 -32.11 -28.30
C PRO F 119 82.88 -31.33 -26.99
N PRO F 120 82.72 -32.00 -25.85
CA PRO F 120 82.67 -31.27 -24.58
C PRO F 120 83.98 -30.56 -24.27
N SER F 121 83.87 -29.42 -23.59
CA SER F 121 85.03 -28.65 -23.17
C SER F 121 85.68 -29.31 -21.96
N SER F 122 86.91 -28.89 -21.67
CA SER F 122 87.59 -29.38 -20.48
C SER F 122 86.98 -28.82 -19.20
N GLU F 123 86.48 -27.58 -19.25
CA GLU F 123 85.82 -26.99 -18.10
C GLU F 123 84.48 -27.65 -17.79
N GLN F 124 83.87 -28.32 -18.77
CA GLN F 124 82.63 -29.06 -18.58
C GLN F 124 82.86 -30.47 -18.06
N LEU F 125 83.85 -31.18 -18.63
CA LEU F 125 84.17 -32.52 -18.17
C LEU F 125 84.73 -32.55 -16.75
N THR F 126 85.13 -31.40 -16.21
CA THR F 126 85.60 -31.35 -14.83
C THR F 126 84.45 -31.31 -13.83
N SER F 127 83.30 -30.77 -14.23
CA SER F 127 82.13 -30.67 -13.36
C SER F 127 81.26 -31.92 -13.42
N GLY F 128 81.78 -33.04 -13.92
CA GLY F 128 81.03 -34.27 -13.99
C GLY F 128 79.87 -34.22 -14.96
N GLY F 129 80.13 -33.75 -16.17
CA GLY F 129 79.11 -33.65 -17.20
C GLY F 129 79.74 -33.57 -18.57
N ALA F 130 78.88 -33.59 -19.59
CA ALA F 130 79.34 -33.54 -20.98
C ALA F 130 78.17 -33.21 -21.88
N SER F 131 78.41 -32.32 -22.86
CA SER F 131 77.40 -31.95 -23.84
C SER F 131 78.07 -31.79 -25.20
N VAL F 132 77.53 -32.48 -26.20
CA VAL F 132 78.03 -32.40 -27.58
C VAL F 132 77.09 -31.50 -28.36
N VAL F 133 77.62 -30.40 -28.89
CA VAL F 133 76.84 -29.41 -29.62
C VAL F 133 77.05 -29.64 -31.12
N CYS F 134 76.03 -29.33 -31.91
CA CYS F 134 76.08 -29.52 -33.36
C CYS F 134 75.29 -28.39 -34.00
N PHE F 135 76.00 -27.41 -34.58
CA PHE F 135 75.37 -26.24 -35.19
C PHE F 135 75.09 -26.49 -36.66
N LEU F 136 73.90 -26.03 -37.10
CA LEU F 136 73.47 -26.14 -38.50
C LEU F 136 73.06 -24.73 -38.94
N ASN F 137 74.05 -23.92 -39.31
CA ASN F 137 73.83 -22.50 -39.54
C ASN F 137 73.51 -22.22 -41.00
N ASN F 138 72.59 -21.28 -41.22
CA ASN F 138 72.28 -20.73 -42.53
C ASN F 138 71.82 -21.78 -43.53
N PHE F 139 70.53 -22.10 -43.53
CA PHE F 139 69.95 -23.02 -44.49
C PHE F 139 68.54 -22.55 -44.83
N TYR F 140 68.00 -23.11 -45.91
CA TYR F 140 66.65 -22.77 -46.36
C TYR F 140 66.13 -23.91 -47.22
N PRO F 141 64.87 -24.32 -47.07
CA PRO F 141 63.86 -23.82 -46.12
C PRO F 141 64.11 -24.23 -44.68
N LYS F 142 63.20 -23.81 -43.79
CA LYS F 142 63.37 -24.07 -42.36
C LYS F 142 63.29 -25.54 -42.01
N ASP F 143 62.63 -26.36 -42.83
CA ASP F 143 62.43 -27.76 -42.52
C ASP F 143 63.75 -28.50 -42.47
N ILE F 144 64.01 -29.20 -41.36
CA ILE F 144 65.26 -29.92 -41.18
C ILE F 144 65.07 -30.90 -40.03
N ASN F 145 65.78 -32.03 -40.11
CA ASN F 145 65.72 -33.08 -39.10
C ASN F 145 67.15 -33.46 -38.70
N VAL F 146 67.47 -33.32 -37.43
CA VAL F 146 68.77 -33.72 -36.88
C VAL F 146 68.61 -35.09 -36.24
N LYS F 147 69.64 -35.92 -36.38
CA LYS F 147 69.63 -37.27 -35.84
C LYS F 147 70.98 -37.56 -35.19
N TRP F 148 70.94 -38.15 -34.00
CA TRP F 148 72.15 -38.50 -33.26
C TRP F 148 72.32 -40.02 -33.25
N LYS F 149 73.55 -40.46 -33.51
CA LYS F 149 73.89 -41.88 -33.53
C LYS F 149 75.16 -42.10 -32.72
N ILE F 150 75.03 -42.73 -31.56
CA ILE F 150 76.17 -43.11 -30.75
C ILE F 150 76.61 -44.50 -31.20
N ASP F 151 77.71 -44.56 -31.95
CA ASP F 151 78.23 -45.81 -32.52
C ASP F 151 77.18 -46.47 -33.41
N GLY F 152 76.57 -45.67 -34.28
CA GLY F 152 75.56 -46.17 -35.19
C GLY F 152 74.18 -46.25 -34.57
N SER F 153 74.11 -46.55 -33.28
CA SER F 153 72.83 -46.67 -32.60
C SER F 153 72.20 -45.29 -32.41
N GLU F 154 70.96 -45.14 -32.86
CA GLU F 154 70.26 -43.86 -32.80
C GLU F 154 70.11 -43.41 -31.36
N ARG F 155 70.02 -42.09 -31.18
CA ARG F 155 69.88 -41.48 -29.86
C ARG F 155 68.71 -40.52 -29.87
N GLN F 156 67.79 -40.71 -28.92
CA GLN F 156 66.62 -39.83 -28.77
C GLN F 156 66.48 -39.31 -27.34
N ASN F 157 67.47 -39.54 -26.48
CA ASN F 157 67.38 -39.23 -25.06
C ASN F 157 68.27 -38.05 -24.72
N GLY F 158 67.70 -37.04 -24.06
CA GLY F 158 68.48 -35.92 -23.58
C GLY F 158 68.97 -34.96 -24.64
N VAL F 159 68.11 -34.60 -25.59
CA VAL F 159 68.46 -33.71 -26.69
C VAL F 159 67.77 -32.37 -26.45
N LEU F 160 68.48 -31.28 -26.72
CA LEU F 160 67.97 -29.92 -26.57
C LEU F 160 68.20 -29.17 -27.87
N ASN F 161 67.12 -28.87 -28.59
CA ASN F 161 67.20 -28.18 -29.87
C ASN F 161 66.64 -26.77 -29.75
N SER F 162 67.25 -25.83 -30.46
CA SER F 162 66.83 -24.43 -30.45
C SER F 162 66.92 -23.89 -31.87
N TRP F 163 65.87 -23.20 -32.30
CA TRP F 163 65.80 -22.61 -33.64
C TRP F 163 65.81 -21.10 -33.55
N THR F 164 66.54 -20.46 -34.46
CA THR F 164 66.49 -19.02 -34.61
C THR F 164 65.45 -18.64 -35.66
N ASP F 165 64.91 -17.43 -35.54
CA ASP F 165 63.98 -16.92 -36.51
C ASP F 165 64.68 -16.70 -37.85
N GLN F 166 63.88 -16.39 -38.88
CA GLN F 166 64.45 -16.13 -40.20
C GLN F 166 65.36 -14.91 -40.13
N ASP F 167 66.65 -15.12 -40.36
CA ASP F 167 67.65 -14.07 -40.16
C ASP F 167 67.36 -12.87 -41.04
N SER F 168 67.22 -11.69 -40.41
CA SER F 168 66.99 -10.47 -41.16
C SER F 168 68.13 -10.14 -42.10
N LYS F 169 69.30 -10.74 -41.90
CA LYS F 169 70.45 -10.45 -42.74
C LYS F 169 70.30 -11.06 -44.12
N ASP F 170 70.15 -12.39 -44.18
CA ASP F 170 70.11 -13.10 -45.46
C ASP F 170 68.92 -14.03 -45.59
N SER F 171 67.94 -13.95 -44.69
CA SER F 171 66.72 -14.74 -44.75
C SER F 171 67.02 -16.24 -44.68
N THR F 172 67.91 -16.62 -43.76
CA THR F 172 68.29 -18.00 -43.56
C THR F 172 67.96 -18.43 -42.13
N TYR F 173 67.77 -19.73 -41.95
CA TYR F 173 67.46 -20.31 -40.66
C TYR F 173 68.68 -21.07 -40.14
N SER F 174 68.81 -21.12 -38.81
CA SER F 174 69.90 -21.84 -38.16
C SER F 174 69.31 -22.70 -37.04
N MET F 175 70.06 -23.73 -36.65
CA MET F 175 69.59 -24.70 -35.69
C MET F 175 70.71 -25.16 -34.77
N SER F 176 70.42 -25.25 -33.48
CA SER F 176 71.34 -25.75 -32.48
C SER F 176 70.80 -27.05 -31.89
N SER F 177 71.71 -27.89 -31.40
CA SER F 177 71.33 -29.19 -30.86
C SER F 177 72.38 -29.63 -29.85
N THR F 178 71.95 -29.92 -28.62
CA THR F 178 72.84 -30.25 -27.52
C THR F 178 72.42 -31.59 -26.93
N LEU F 179 73.28 -32.59 -27.08
CA LEU F 179 73.06 -33.91 -26.48
C LEU F 179 73.81 -33.97 -25.16
N THR F 180 73.07 -33.96 -24.06
CA THR F 180 73.65 -33.85 -22.72
C THR F 180 73.55 -35.19 -21.99
N LEU F 181 74.59 -35.51 -21.21
CA LEU F 181 74.59 -36.67 -20.34
C LEU F 181 75.70 -36.51 -19.30
N THR F 182 75.88 -37.53 -18.49
CA THR F 182 76.88 -37.49 -17.42
C THR F 182 78.26 -37.82 -17.96
N LYS F 183 79.28 -37.34 -17.25
CA LYS F 183 80.66 -37.64 -17.62
C LYS F 183 80.91 -39.14 -17.61
N ASP F 184 80.31 -39.86 -16.65
CA ASP F 184 80.48 -41.30 -16.58
C ASP F 184 79.92 -41.99 -17.82
N GLU F 185 78.77 -41.53 -18.31
CA GLU F 185 78.17 -42.13 -19.49
C GLU F 185 78.92 -41.72 -20.77
N TYR F 186 79.48 -40.51 -20.79
CA TYR F 186 80.22 -40.06 -21.96
C TYR F 186 81.46 -40.92 -22.20
N GLU F 187 82.16 -41.27 -21.13
CA GLU F 187 83.37 -42.09 -21.23
C GLU F 187 83.05 -43.58 -21.40
N ARG F 188 82.04 -43.90 -22.19
CA ARG F 188 81.68 -45.27 -22.51
C ARG F 188 81.81 -45.59 -24.00
N HIS F 189 81.74 -44.60 -24.87
CA HIS F 189 81.76 -44.79 -26.31
C HIS F 189 82.86 -43.95 -26.93
N ASN F 190 82.99 -44.02 -28.25
CA ASN F 190 84.03 -43.26 -28.95
C ASN F 190 83.44 -42.42 -30.08
N SER F 191 82.72 -43.06 -30.99
CA SER F 191 82.17 -42.39 -32.16
C SER F 191 80.83 -41.76 -31.83
N TYR F 192 80.67 -40.47 -32.16
CA TYR F 192 79.44 -39.72 -31.92
C TYR F 192 79.05 -39.02 -33.22
N THR F 193 78.06 -39.57 -33.91
CA THR F 193 77.61 -39.06 -35.20
C THR F 193 76.59 -37.93 -35.00
N CYS F 194 76.54 -37.00 -35.96
CA CYS F 194 75.53 -35.92 -36.00
C CYS F 194 75.00 -35.82 -37.43
N GLU F 195 73.92 -36.55 -37.70
CA GLU F 195 73.30 -36.52 -39.02
C GLU F 195 72.36 -35.32 -39.15
N ALA F 196 71.90 -35.09 -40.37
CA ALA F 196 71.01 -33.97 -40.68
C ALA F 196 70.33 -34.15 -42.03
N THR F 197 69.00 -34.14 -42.04
CA THR F 197 68.22 -34.34 -43.26
C THR F 197 67.68 -33.00 -43.74
N HIS F 198 67.86 -32.73 -45.04
CA HIS F 198 67.41 -31.48 -45.63
C HIS F 198 67.01 -31.74 -47.08
N LYS F 199 66.26 -30.80 -47.66
CA LYS F 199 65.80 -30.98 -49.03
C LYS F 199 66.89 -30.67 -50.05
N THR F 200 67.83 -29.79 -49.71
CA THR F 200 68.93 -29.49 -50.62
C THR F 200 69.89 -30.66 -50.78
N SER F 201 69.81 -31.67 -49.91
CA SER F 201 70.73 -32.80 -49.92
C SER F 201 69.92 -34.08 -50.00
N THR F 202 70.12 -34.84 -51.07
CA THR F 202 69.48 -36.16 -51.18
C THR F 202 69.97 -37.09 -50.08
N SER F 203 71.20 -36.89 -49.62
CA SER F 203 71.82 -37.70 -48.57
C SER F 203 71.97 -36.90 -47.29
N PRO F 204 72.03 -37.56 -46.14
CA PRO F 204 72.20 -36.83 -44.87
C PRO F 204 73.65 -36.43 -44.63
N ILE F 205 73.85 -35.16 -44.31
CA ILE F 205 75.18 -34.67 -43.96
C ILE F 205 75.57 -35.21 -42.58
N VAL F 206 76.86 -35.49 -42.40
CA VAL F 206 77.37 -36.20 -41.24
C VAL F 206 78.59 -35.48 -40.68
N LYS F 207 78.71 -35.47 -39.34
CA LYS F 207 79.89 -34.98 -38.65
C LYS F 207 80.13 -35.86 -37.44
N SER F 208 81.30 -36.51 -37.38
CA SER F 208 81.62 -37.44 -36.31
C SER F 208 82.99 -37.11 -35.72
N PHE F 209 83.32 -37.80 -34.62
CA PHE F 209 84.60 -37.63 -33.95
C PHE F 209 84.78 -38.79 -32.97
N ASN F 210 86.03 -39.00 -32.57
CA ASN F 210 86.40 -40.00 -31.57
C ASN F 210 86.58 -39.33 -30.22
N ARG F 211 86.20 -40.03 -29.16
CA ARG F 211 86.26 -39.47 -27.81
C ARG F 211 87.70 -39.28 -27.37
N ASN F 212 88.09 -38.03 -27.11
CA ASN F 212 89.42 -37.67 -26.64
C ASN F 212 90.49 -38.22 -27.58
N GLU F 213 90.74 -37.51 -28.68
CA GLU F 213 91.65 -37.99 -29.73
C GLU F 213 93.07 -37.52 -29.46
N CYS F 214 93.30 -36.21 -29.58
CA CYS F 214 94.64 -35.64 -29.44
C CYS F 214 95.30 -35.99 -28.11
N GLU G 1 -26.81 18.01 32.74
CA GLU G 1 -28.11 17.51 33.15
C GLU G 1 -28.95 17.11 31.94
N VAL G 2 -29.73 16.05 32.09
CA VAL G 2 -30.55 15.53 30.99
C VAL G 2 -31.80 16.38 30.85
N GLN G 3 -32.01 16.93 29.66
CA GLN G 3 -33.22 17.70 29.35
C GLN G 3 -33.63 17.42 27.92
N LEU G 4 -34.93 17.27 27.71
CA LEU G 4 -35.51 17.02 26.39
C LEU G 4 -36.34 18.23 26.01
N GLN G 5 -35.86 18.99 25.02
CA GLN G 5 -36.48 20.25 24.62
C GLN G 5 -37.20 20.04 23.30
N GLN G 6 -38.53 20.05 23.35
CA GLN G 6 -39.35 19.81 22.17
C GLN G 6 -39.70 21.12 21.48
N SER G 7 -40.27 20.99 20.28
CA SER G 7 -40.64 22.16 19.50
C SER G 7 -41.89 22.83 20.09
N GLY G 8 -42.21 24.01 19.56
CA GLY G 8 -43.36 24.76 20.04
C GLY G 8 -44.68 24.17 19.57
N ALA G 9 -45.76 24.73 20.12
CA ALA G 9 -47.09 24.24 19.79
C ALA G 9 -47.40 24.45 18.32
N GLU G 10 -48.02 23.43 17.71
CA GLU G 10 -48.36 23.47 16.30
C GLU G 10 -49.85 23.69 16.12
N LEU G 11 -50.21 24.39 15.03
CA LEU G 11 -51.60 24.71 14.71
C LEU G 11 -51.77 24.48 13.22
N VAL G 12 -52.38 23.34 12.87
CA VAL G 12 -52.45 22.89 11.49
C VAL G 12 -53.89 22.53 11.15
N LYS G 13 -54.11 22.20 9.87
CA LYS G 13 -55.41 21.88 9.30
C LYS G 13 -55.53 20.38 9.06
N PRO G 14 -56.75 19.85 9.01
CA PRO G 14 -56.92 18.42 8.74
C PRO G 14 -56.45 18.04 7.33
N GLY G 15 -55.94 16.81 7.23
CA GLY G 15 -55.37 16.32 5.99
C GLY G 15 -53.92 16.71 5.76
N ALA G 16 -53.42 17.70 6.48
CA ALA G 16 -52.05 18.15 6.31
C ALA G 16 -51.11 17.26 7.14
N SER G 17 -49.83 17.62 7.19
CA SER G 17 -48.84 16.86 7.94
C SER G 17 -48.01 17.81 8.78
N VAL G 18 -47.47 17.28 9.88
CA VAL G 18 -46.65 18.06 10.81
C VAL G 18 -45.52 17.16 11.29
N LYS G 19 -44.39 17.79 11.64
CA LYS G 19 -43.19 17.08 12.07
C LYS G 19 -42.66 17.73 13.34
N LEU G 20 -42.87 17.07 14.47
CA LEU G 20 -42.38 17.57 15.75
C LEU G 20 -40.93 17.15 15.96
N SER G 21 -40.25 17.89 16.83
CA SER G 21 -38.83 17.65 17.10
C SER G 21 -38.60 17.54 18.60
N CYS G 22 -37.54 16.81 18.97
CA CYS G 22 -37.15 16.60 20.36
C CYS G 22 -35.63 16.63 20.41
N THR G 23 -35.08 17.73 20.89
CA THR G 23 -33.64 17.95 20.91
C THR G 23 -33.06 17.57 22.26
N ALA G 24 -31.98 16.79 22.23
CA ALA G 24 -31.30 16.39 23.46
C ALA G 24 -30.43 17.53 23.98
N SER G 25 -30.45 17.70 25.31
CA SER G 25 -29.68 18.75 25.97
C SER G 25 -28.92 18.16 27.14
N GLY G 26 -27.60 18.29 27.13
CA GLY G 26 -26.77 17.74 28.17
C GLY G 26 -26.40 16.28 27.98
N PHE G 27 -26.68 15.70 26.83
CA PHE G 27 -26.36 14.30 26.56
C PHE G 27 -26.49 14.06 25.07
N ASN G 28 -25.99 12.91 24.63
CA ASN G 28 -26.06 12.50 23.23
C ASN G 28 -27.36 11.77 22.97
N ILE G 29 -28.11 12.20 21.96
CA ILE G 29 -29.39 11.56 21.62
C ILE G 29 -29.18 10.10 21.28
N LYS G 30 -27.98 9.74 20.82
CA LYS G 30 -27.66 8.38 20.39
C LYS G 30 -27.55 7.40 21.55
N ASP G 31 -27.60 7.89 22.80
CA ASP G 31 -27.28 7.04 23.94
C ASP G 31 -28.35 5.99 24.20
N THR G 32 -29.63 6.37 24.12
CA THR G 32 -30.71 5.50 24.58
C THR G 32 -31.81 5.44 23.54
N TYR G 33 -32.84 4.63 23.85
CA TYR G 33 -34.09 4.68 23.13
C TYR G 33 -34.76 6.03 23.31
N VAL G 34 -35.54 6.44 22.31
CA VAL G 34 -36.35 7.65 22.37
C VAL G 34 -37.77 7.28 21.99
N HIS G 35 -38.70 7.44 22.93
CA HIS G 35 -40.10 7.09 22.72
C HIS G 35 -40.92 8.35 22.49
N TRP G 36 -42.10 8.15 21.89
CA TRP G 36 -43.09 9.22 21.71
C TRP G 36 -44.41 8.76 22.32
N VAL G 37 -45.01 9.65 23.12
CA VAL G 37 -46.23 9.33 23.85
C VAL G 37 -47.27 10.39 23.54
N LYS G 38 -48.53 9.96 23.42
CA LYS G 38 -49.65 10.84 23.12
C LYS G 38 -50.55 10.92 24.35
N GLN G 39 -50.99 12.14 24.69
CA GLN G 39 -51.85 12.34 25.85
C GLN G 39 -53.08 13.15 25.44
N ARG G 40 -54.24 12.67 25.84
CA ARG G 40 -55.52 13.35 25.69
C ARG G 40 -56.28 13.30 27.00
N PRO G 41 -57.12 14.31 27.27
CA PRO G 41 -57.83 14.32 28.56
C PRO G 41 -58.73 13.12 28.78
N GLU G 42 -59.42 12.66 27.73
CA GLU G 42 -60.33 11.52 27.84
C GLU G 42 -59.60 10.20 27.68
N GLN G 43 -58.90 10.02 26.56
CA GLN G 43 -58.27 8.75 26.25
C GLN G 43 -57.03 8.48 27.09
N GLY G 44 -56.49 9.52 27.75
CA GLY G 44 -55.32 9.31 28.59
C GLY G 44 -54.02 9.22 27.80
N LEU G 45 -53.11 8.40 28.31
CA LEU G 45 -51.78 8.25 27.73
C LEU G 45 -51.74 7.07 26.78
N GLU G 46 -51.03 7.24 25.66
CA GLU G 46 -50.90 6.19 24.66
C GLU G 46 -49.49 6.21 24.09
N TRP G 47 -48.90 5.03 23.94
CA TRP G 47 -47.54 4.88 23.44
C TRP G 47 -47.57 4.81 21.91
N ILE G 48 -46.84 5.72 21.27
CA ILE G 48 -46.82 5.76 19.82
C ILE G 48 -45.76 4.80 19.27
N GLY G 49 -44.53 4.93 19.76
CA GLY G 49 -43.44 4.11 19.27
C GLY G 49 -42.13 4.59 19.84
N ARG G 50 -41.05 3.98 19.35
CA ARG G 50 -39.70 4.29 19.82
C ARG G 50 -38.75 4.29 18.63
N ILE G 51 -37.55 4.83 18.86
CA ILE G 51 -36.48 4.78 17.87
C ILE G 51 -35.16 4.65 18.61
N ASP G 52 -34.24 3.87 18.02
CA ASP G 52 -32.85 3.84 18.45
C ASP G 52 -32.07 4.77 17.52
N PRO G 53 -31.76 6.00 17.93
CA PRO G 53 -31.09 6.94 17.01
C PRO G 53 -29.70 6.49 16.57
N ALA G 54 -29.12 5.50 17.23
CA ALA G 54 -27.81 4.98 16.81
C ALA G 54 -27.89 4.26 15.48
N ASN G 55 -29.06 3.73 15.11
CA ASN G 55 -29.22 2.98 13.87
C ASN G 55 -30.49 3.30 13.12
N GLY G 56 -31.49 3.94 13.72
CA GLY G 56 -32.70 4.30 13.04
C GLY G 56 -33.81 3.29 13.10
N TYR G 57 -33.60 2.15 13.75
CA TYR G 57 -34.64 1.13 13.84
C TYR G 57 -35.76 1.60 14.76
N THR G 58 -37.00 1.31 14.35
CA THR G 58 -38.17 1.83 15.03
C THR G 58 -39.14 0.70 15.36
N LYS G 59 -39.95 0.95 16.39
CA LYS G 59 -41.08 0.11 16.75
C LYS G 59 -42.31 0.99 16.90
N TYR G 60 -43.48 0.46 16.57
CA TYR G 60 -44.71 1.23 16.61
C TYR G 60 -45.83 0.41 17.23
N ASP G 61 -46.75 1.10 17.88
CA ASP G 61 -48.04 0.52 18.20
C ASP G 61 -48.85 0.39 16.92
N PRO G 62 -49.42 -0.77 16.62
CA PRO G 62 -50.15 -0.93 15.35
C PRO G 62 -51.31 0.04 15.17
N LYS G 63 -51.74 0.73 16.24
CA LYS G 63 -52.79 1.74 16.10
C LYS G 63 -52.29 2.96 15.34
N PHE G 64 -51.01 3.29 15.47
CA PHE G 64 -50.43 4.46 14.83
C PHE G 64 -49.69 4.15 13.54
N GLN G 65 -49.72 2.89 13.09
CA GLN G 65 -49.06 2.51 11.85
C GLN G 65 -49.68 3.23 10.66
N GLY G 66 -48.93 4.11 10.02
CA GLY G 66 -49.45 4.91 8.92
C GLY G 66 -49.36 6.39 9.17
N LYS G 67 -49.86 6.83 10.32
CA LYS G 67 -49.82 8.25 10.65
C LYS G 67 -48.48 8.66 11.27
N ALA G 68 -47.95 7.84 12.18
CA ALA G 68 -46.76 8.20 12.93
C ALA G 68 -45.51 7.71 12.20
N THR G 69 -44.54 8.61 12.06
CA THR G 69 -43.24 8.27 11.47
C THR G 69 -42.16 8.91 12.33
N ILE G 70 -41.39 8.08 13.03
CA ILE G 70 -40.36 8.54 13.95
C ILE G 70 -39.01 8.45 13.25
N THR G 71 -38.22 9.53 13.34
CA THR G 71 -36.90 9.60 12.75
C THR G 71 -35.95 10.28 13.73
N ALA G 72 -34.67 10.33 13.37
CA ALA G 72 -33.67 10.93 14.25
C ALA G 72 -32.47 11.37 13.43
N ASP G 73 -31.85 12.47 13.85
CA ASP G 73 -30.63 12.99 13.24
C ASP G 73 -29.61 13.19 14.35
N THR G 74 -28.64 12.27 14.45
CA THR G 74 -27.60 12.38 15.46
C THR G 74 -26.77 13.64 15.31
N SER G 75 -26.71 14.20 14.10
CA SER G 75 -25.94 15.43 13.88
C SER G 75 -26.50 16.57 14.72
N SER G 76 -27.78 16.89 14.56
CA SER G 76 -28.43 17.94 15.34
C SER G 76 -28.89 17.45 16.70
N ASN G 77 -28.60 16.18 17.06
CA ASN G 77 -28.94 15.63 18.37
C ASN G 77 -30.44 15.66 18.61
N THR G 78 -31.21 15.43 17.55
CA THR G 78 -32.66 15.62 17.58
C THR G 78 -33.36 14.37 17.08
N ALA G 79 -34.50 14.06 17.71
CA ALA G 79 -35.42 13.03 17.27
C ALA G 79 -36.73 13.68 16.85
N TYR G 80 -37.39 13.08 15.86
CA TYR G 80 -38.57 13.67 15.25
C TYR G 80 -39.77 12.73 15.30
N LEU G 81 -40.96 13.32 15.25
CA LEU G 81 -42.22 12.60 15.14
C LEU G 81 -43.04 13.27 14.05
N GLN G 82 -43.21 12.60 12.92
CA GLN G 82 -44.02 13.10 11.82
C GLN G 82 -45.42 12.49 11.90
N LEU G 83 -46.44 13.32 11.74
CA LEU G 83 -47.83 12.89 11.71
C LEU G 83 -48.43 13.31 10.39
N SER G 84 -49.13 12.38 9.73
CA SER G 84 -49.67 12.60 8.40
C SER G 84 -51.17 12.39 8.38
N SER G 85 -51.82 12.97 7.38
CA SER G 85 -53.27 12.88 7.20
C SER G 85 -54.00 13.23 8.49
N LEU G 86 -53.70 14.43 9.00
CA LEU G 86 -54.10 14.81 10.34
C LEU G 86 -55.62 14.88 10.47
N THR G 87 -56.10 14.54 11.67
CA THR G 87 -57.52 14.50 11.98
C THR G 87 -57.73 15.20 13.32
N SER G 88 -59.00 15.54 13.61
CA SER G 88 -59.34 16.15 14.89
C SER G 88 -58.90 15.29 16.06
N GLU G 89 -58.95 13.96 15.92
CA GLU G 89 -58.52 13.08 17.00
C GLU G 89 -57.02 13.14 17.22
N ASP G 90 -56.25 13.65 16.26
CA ASP G 90 -54.82 13.86 16.45
C ASP G 90 -54.52 15.09 17.30
N THR G 91 -55.54 15.83 17.72
CA THR G 91 -55.35 16.96 18.63
C THR G 91 -54.99 16.42 20.01
N ALA G 92 -53.73 16.60 20.40
CA ALA G 92 -53.23 16.03 21.65
C ALA G 92 -51.90 16.69 21.99
N VAL G 93 -51.38 16.36 23.16
CA VAL G 93 -50.04 16.76 23.59
C VAL G 93 -49.11 15.58 23.38
N TYR G 94 -47.94 15.84 22.80
CA TYR G 94 -47.01 14.79 22.43
C TYR G 94 -45.70 14.98 23.19
N TYR G 95 -45.24 13.91 23.84
CA TYR G 95 -44.04 13.93 24.65
C TYR G 95 -43.01 12.96 24.09
N CYS G 96 -41.75 13.36 24.12
CA CYS G 96 -40.64 12.47 23.85
C CYS G 96 -40.03 11.99 25.17
N VAL G 97 -39.71 10.70 25.23
CA VAL G 97 -39.32 10.04 26.47
C VAL G 97 -38.07 9.22 26.24
N ARG G 98 -37.23 9.16 27.26
CA ARG G 98 -36.05 8.30 27.27
C ARG G 98 -35.87 7.76 28.67
N PRO G 99 -35.18 6.62 28.82
CA PRO G 99 -34.97 6.05 30.15
C PRO G 99 -33.77 6.65 30.86
N LEU G 100 -33.70 6.39 32.16
CA LEU G 100 -32.56 6.80 32.97
C LEU G 100 -31.46 5.74 32.90
N TYR G 101 -31.67 4.60 33.56
CA TYR G 101 -30.73 3.50 33.55
C TYR G 101 -31.29 2.30 32.79
N ASP G 102 -32.42 1.75 33.24
CA ASP G 102 -33.06 0.61 32.59
C ASP G 102 -33.26 0.89 31.11
N TYR G 103 -32.81 -0.06 30.26
CA TYR G 103 -32.92 0.11 28.81
C TYR G 103 -34.35 0.35 28.36
N TYR G 104 -35.32 -0.24 29.07
CA TYR G 104 -36.71 -0.26 28.61
C TYR G 104 -37.62 0.69 29.39
N ALA G 105 -37.05 1.54 30.24
CA ALA G 105 -37.84 2.37 31.13
C ALA G 105 -38.27 3.68 30.44
N MET G 106 -39.09 4.47 31.15
CA MET G 106 -39.68 5.71 30.64
C MET G 106 -39.57 6.77 31.75
N ASP G 107 -38.38 7.33 31.91
CA ASP G 107 -38.04 8.15 33.08
C ASP G 107 -37.95 9.63 32.79
N TYR G 108 -37.25 10.03 31.72
CA TYR G 108 -37.09 11.44 31.39
C TYR G 108 -38.08 11.84 30.31
N TRP G 109 -38.73 12.99 30.50
CA TRP G 109 -39.79 13.45 29.62
C TRP G 109 -39.53 14.89 29.19
N GLY G 110 -39.79 15.17 27.92
CA GLY G 110 -39.78 16.54 27.45
C GLY G 110 -40.97 17.31 27.97
N GLN G 111 -40.95 18.62 27.75
CA GLN G 111 -42.02 19.47 28.25
C GLN G 111 -43.33 19.25 27.50
N GLY G 112 -43.29 18.65 26.31
CA GLY G 112 -44.50 18.35 25.57
C GLY G 112 -44.82 19.37 24.49
N THR G 113 -45.33 18.90 23.37
CA THR G 113 -45.71 19.75 22.24
C THR G 113 -47.21 19.65 22.04
N SER G 114 -47.89 20.80 22.08
CA SER G 114 -49.33 20.85 21.88
C SER G 114 -49.65 20.91 20.40
N VAL G 115 -50.57 20.06 19.96
CA VAL G 115 -51.01 20.00 18.56
C VAL G 115 -52.51 20.21 18.51
N THR G 116 -52.95 21.04 17.58
CA THR G 116 -54.37 21.32 17.39
C THR G 116 -54.69 21.30 15.90
N VAL G 117 -55.57 20.40 15.50
CA VAL G 117 -55.98 20.24 14.11
C VAL G 117 -57.37 20.82 13.96
N SER G 118 -57.51 21.83 13.09
CA SER G 118 -58.81 22.48 12.93
C SER G 118 -58.84 23.20 11.59
N SER G 119 -60.03 23.33 11.03
CA SER G 119 -60.27 24.12 9.83
C SER G 119 -60.63 25.57 10.15
N ALA G 120 -60.75 25.92 11.42
CA ALA G 120 -61.21 27.24 11.81
C ALA G 120 -60.20 28.31 11.41
N LYS G 121 -60.71 29.45 10.95
CA LYS G 121 -59.90 30.61 10.64
C LYS G 121 -59.69 31.46 11.89
N THR G 122 -58.76 32.40 11.80
CA THR G 122 -58.47 33.31 12.91
C THR G 122 -59.67 34.22 13.12
N THR G 123 -60.47 33.91 14.15
CA THR G 123 -61.69 34.64 14.44
C THR G 123 -61.56 35.35 15.78
N ALA G 124 -62.03 36.59 15.83
CA ALA G 124 -61.98 37.39 17.05
C ALA G 124 -63.15 37.04 17.97
N PRO G 125 -62.97 37.14 19.28
CA PRO G 125 -64.03 36.78 20.21
C PRO G 125 -65.15 37.82 20.24
N SER G 126 -66.31 37.36 20.73
CA SER G 126 -67.47 38.22 20.96
C SER G 126 -67.69 38.31 22.46
N VAL G 127 -67.37 39.48 23.03
CA VAL G 127 -67.43 39.68 24.48
C VAL G 127 -68.81 40.21 24.85
N TYR G 128 -69.44 39.57 25.83
CA TYR G 128 -70.79 39.93 26.26
C TYR G 128 -70.79 40.14 27.77
N PRO G 129 -71.33 41.26 28.25
CA PRO G 129 -71.43 41.46 29.70
C PRO G 129 -72.56 40.64 30.31
N LEU G 130 -72.34 40.21 31.54
CA LEU G 130 -73.28 39.36 32.26
C LEU G 130 -73.64 40.02 33.59
N ALA G 131 -74.74 40.77 33.58
CA ALA G 131 -75.27 41.38 34.80
C ALA G 131 -76.39 40.54 35.39
N PRO G 132 -76.57 40.56 36.71
CA PRO G 132 -77.64 39.76 37.31
C PRO G 132 -79.02 40.27 36.98
N VAL G 133 -80.05 39.58 37.46
CA VAL G 133 -81.43 39.95 37.18
C VAL G 133 -81.95 40.83 38.31
N CYS G 134 -82.97 41.62 37.99
CA CYS G 134 -83.63 42.50 38.96
C CYS G 134 -84.05 41.75 40.22
N THR G 135 -79.86 41.89 45.81
CA THR G 135 -80.83 41.60 46.87
C THR G 135 -80.14 41.09 48.12
N GLY G 136 -79.02 40.38 47.94
CA GLY G 136 -78.25 39.85 49.04
C GLY G 136 -77.09 40.75 49.41
N SER G 137 -76.21 40.22 50.26
CA SER G 137 -75.01 40.95 50.66
C SER G 137 -73.87 40.78 49.67
N SER G 138 -73.91 39.74 48.85
CA SER G 138 -72.88 39.47 47.86
C SER G 138 -73.47 39.51 46.46
N VAL G 139 -72.72 40.07 45.52
CA VAL G 139 -73.15 40.20 44.13
C VAL G 139 -72.11 39.51 43.25
N THR G 140 -72.57 38.97 42.12
CA THR G 140 -71.72 38.23 41.21
C THR G 140 -72.01 38.65 39.79
N LEU G 141 -70.98 39.11 39.08
CA LEU G 141 -71.06 39.49 37.67
C LEU G 141 -70.41 38.40 36.82
N GLY G 142 -70.34 38.64 35.51
CA GLY G 142 -69.76 37.67 34.61
C GLY G 142 -69.39 38.29 33.28
N CYS G 143 -68.69 37.50 32.47
CA CYS G 143 -68.21 37.94 31.17
C CYS G 143 -68.07 36.73 30.26
N LEU G 144 -68.72 36.78 29.10
CA LEU G 144 -68.78 35.65 28.17
C LEU G 144 -67.94 35.97 26.94
N VAL G 145 -66.96 35.11 26.67
CA VAL G 145 -66.07 35.24 25.52
C VAL G 145 -66.39 34.07 24.59
N LYS G 146 -66.99 34.37 23.44
CA LYS G 146 -67.57 33.34 22.59
C LYS G 146 -67.07 33.46 21.15
N GLY G 147 -66.84 32.31 20.52
CA GLY G 147 -66.55 32.24 19.10
C GLY G 147 -65.22 32.82 18.67
N TYR G 148 -64.14 32.44 19.34
CA TYR G 148 -62.80 32.88 18.96
C TYR G 148 -61.93 31.68 18.63
N PHE G 149 -60.89 31.94 17.84
CA PHE G 149 -59.94 30.91 17.42
C PHE G 149 -58.70 31.58 16.87
N PRO G 150 -57.49 31.10 17.20
CA PRO G 150 -57.25 29.99 18.12
C PRO G 150 -57.05 30.45 19.56
N GLU G 151 -56.65 29.52 20.43
CA GLU G 151 -56.33 29.86 21.81
C GLU G 151 -54.99 30.58 21.86
N PRO G 152 -54.70 31.28 22.98
CA PRO G 152 -55.52 31.53 24.16
C PRO G 152 -56.06 32.96 24.22
N VAL G 153 -56.68 33.31 25.35
CA VAL G 153 -57.14 34.66 25.62
C VAL G 153 -56.82 35.00 27.07
N THR G 154 -56.47 36.25 27.32
CA THR G 154 -56.22 36.75 28.66
C THR G 154 -57.41 37.58 29.10
N LEU G 155 -57.98 37.25 30.27
CA LEU G 155 -59.14 37.93 30.81
C LEU G 155 -58.82 38.47 32.19
N THR G 156 -59.09 39.77 32.38
CA THR G 156 -58.89 40.43 33.66
C THR G 156 -60.09 41.32 33.95
N TRP G 157 -60.14 41.87 35.16
CA TRP G 157 -61.18 42.77 35.58
C TRP G 157 -60.55 44.09 36.03
N ASN G 158 -61.02 45.20 35.45
CA ASN G 158 -60.48 46.53 35.74
C ASN G 158 -58.99 46.60 35.47
N SER G 159 -58.54 45.90 34.43
CA SER G 159 -57.15 45.87 34.00
C SER G 159 -56.24 45.32 35.11
N GLY G 160 -56.56 44.11 35.56
CA GLY G 160 -55.79 43.44 36.58
C GLY G 160 -56.01 43.95 37.99
N SER G 161 -56.76 45.04 38.17
CA SER G 161 -57.02 45.59 39.49
C SER G 161 -57.77 44.59 40.37
N LEU G 162 -59.00 44.27 39.98
CA LEU G 162 -59.83 43.31 40.72
C LEU G 162 -59.36 41.91 40.37
N SER G 163 -58.64 41.27 41.29
CA SER G 163 -58.08 39.95 41.06
C SER G 163 -58.64 38.91 42.01
N SER G 164 -58.73 39.20 43.30
CA SER G 164 -59.21 38.23 44.27
C SER G 164 -60.71 38.00 44.10
N GLY G 165 -61.14 36.76 44.32
CA GLY G 165 -62.54 36.42 44.16
C GLY G 165 -63.01 36.31 42.72
N VAL G 166 -62.19 35.70 41.85
CA VAL G 166 -62.47 35.61 40.43
C VAL G 166 -62.28 34.16 39.99
N HIS G 167 -63.13 33.71 39.06
CA HIS G 167 -63.06 32.36 38.51
C HIS G 167 -63.17 32.44 36.99
N THR G 168 -62.03 32.32 36.31
CA THR G 168 -61.98 32.26 34.85
C THR G 168 -61.91 30.79 34.46
N PHE G 169 -62.96 30.30 33.81
CA PHE G 169 -63.09 28.89 33.51
C PHE G 169 -62.32 28.52 32.24
N PRO G 170 -61.86 27.28 32.14
CA PRO G 170 -61.12 26.87 30.94
C PRO G 170 -61.99 26.95 29.69
N ALA G 171 -61.35 27.28 28.57
CA ALA G 171 -62.05 27.39 27.30
C ALA G 171 -62.55 26.02 26.86
N VAL G 172 -63.65 26.03 26.09
CA VAL G 172 -64.27 24.82 25.56
C VAL G 172 -64.50 25.01 24.07
N LEU G 173 -64.30 23.94 23.30
CA LEU G 173 -64.43 23.99 21.86
C LEU G 173 -65.89 23.83 21.46
N GLN G 174 -66.47 24.88 20.88
CA GLN G 174 -67.86 24.88 20.44
C GLN G 174 -67.88 25.08 18.92
N SER G 175 -67.96 23.97 18.18
CA SER G 175 -68.03 23.97 16.72
C SER G 175 -66.85 24.72 16.12
N ASP G 176 -65.67 24.11 16.29
CA ASP G 176 -64.41 24.61 15.74
C ASP G 176 -63.99 25.95 16.32
N LEU G 177 -64.80 26.52 17.21
CA LEU G 177 -64.51 27.78 17.86
C LEU G 177 -64.55 27.60 19.37
N TYR G 178 -63.86 28.48 20.09
CA TYR G 178 -63.71 28.37 21.53
C TYR G 178 -64.66 29.31 22.26
N THR G 179 -65.06 28.91 23.46
CA THR G 179 -65.93 29.68 24.32
C THR G 179 -65.36 29.66 25.73
N LEU G 180 -65.29 30.84 26.35
CA LEU G 180 -64.76 31.00 27.69
C LEU G 180 -65.65 31.95 28.47
N SER G 181 -65.66 31.78 29.79
CA SER G 181 -66.42 32.65 30.68
C SER G 181 -65.65 32.87 31.97
N SER G 182 -65.99 33.95 32.66
CA SER G 182 -65.33 34.30 33.92
C SER G 182 -66.32 35.00 34.83
N SER G 183 -66.24 34.69 36.12
CA SER G 183 -67.12 35.27 37.13
C SER G 183 -66.30 36.00 38.17
N VAL G 184 -66.96 36.90 38.89
CA VAL G 184 -66.32 37.70 39.93
C VAL G 184 -67.37 38.04 40.98
N THR G 185 -66.95 38.04 42.25
CA THR G 185 -67.85 38.24 43.38
C THR G 185 -67.32 39.34 44.29
N VAL G 186 -68.18 40.30 44.62
CA VAL G 186 -67.85 41.35 45.59
C VAL G 186 -69.07 41.59 46.47
N THR G 187 -69.04 42.66 47.27
CA THR G 187 -70.16 43.02 48.12
C THR G 187 -71.17 43.86 47.36
N SER G 188 -72.37 44.00 47.94
CA SER G 188 -73.42 44.78 47.30
C SER G 188 -73.07 46.27 47.27
N SER G 189 -72.31 46.75 48.25
CA SER G 189 -71.92 48.15 48.29
C SER G 189 -70.87 48.50 47.23
N THR G 190 -70.30 47.51 46.54
CA THR G 190 -69.30 47.76 45.52
C THR G 190 -69.92 48.00 44.15
N TRP G 191 -70.98 47.27 43.82
CA TRP G 191 -71.59 47.35 42.51
C TRP G 191 -73.09 47.55 42.63
N PRO G 192 -73.71 48.39 41.78
CA PRO G 192 -73.09 49.17 40.69
C PRO G 192 -72.42 50.46 41.17
N SER G 193 -72.04 50.51 42.45
CA SER G 193 -71.38 51.70 42.98
C SER G 193 -70.07 51.98 42.27
N GLN G 194 -69.28 50.93 42.00
CA GLN G 194 -67.99 51.06 41.36
C GLN G 194 -68.00 50.34 40.02
N SER G 195 -67.43 50.99 39.01
CA SER G 195 -67.42 50.45 37.66
C SER G 195 -66.57 49.19 37.59
N ILE G 196 -67.11 48.15 36.95
CA ILE G 196 -66.42 46.88 36.77
C ILE G 196 -66.37 46.57 35.28
N THR G 197 -65.17 46.45 34.74
CA THR G 197 -64.95 46.22 33.31
C THR G 197 -64.32 44.85 33.09
N CYS G 198 -64.65 44.23 31.95
CA CYS G 198 -64.10 42.94 31.55
C CYS G 198 -63.14 43.15 30.39
N ASN G 199 -61.85 43.00 30.65
CA ASN G 199 -60.82 43.21 29.64
C ASN G 199 -60.43 41.86 29.03
N VAL G 200 -60.68 41.71 27.73
CA VAL G 200 -60.41 40.48 27.01
C VAL G 200 -59.46 40.79 25.86
N ALA G 201 -58.31 40.11 25.83
CA ALA G 201 -57.32 40.28 24.79
C ALA G 201 -57.18 38.98 24.01
N HIS G 202 -57.13 39.08 22.68
CA HIS G 202 -56.94 37.94 21.79
C HIS G 202 -55.77 38.26 20.86
N PRO G 203 -54.55 37.97 21.30
CA PRO G 203 -53.37 38.35 20.49
C PRO G 203 -53.33 37.73 19.10
N ALA G 204 -54.07 36.64 18.87
CA ALA G 204 -54.06 36.01 17.56
C ALA G 204 -54.59 36.96 16.49
N SER G 205 -55.77 37.53 16.72
CA SER G 205 -56.32 38.55 15.85
C SER G 205 -55.93 39.96 16.29
N SER G 206 -55.19 40.09 17.38
CA SER G 206 -54.72 41.38 17.90
C SER G 206 -55.90 42.30 18.21
N THR G 207 -56.70 41.86 19.18
CA THR G 207 -57.88 42.60 19.62
C THR G 207 -57.92 42.61 21.14
N LYS G 208 -58.17 43.78 21.73
CA LYS G 208 -58.27 43.93 23.18
C LYS G 208 -59.54 44.73 23.50
N VAL G 209 -60.69 44.07 23.38
CA VAL G 209 -61.97 44.70 23.67
C VAL G 209 -62.22 44.69 25.17
N ASP G 210 -62.98 45.67 25.65
CA ASP G 210 -63.36 45.75 27.06
C ASP G 210 -64.81 46.16 27.17
N LYS G 211 -65.58 45.40 27.96
CA LYS G 211 -67.01 45.63 28.16
C LYS G 211 -67.28 45.93 29.62
N LYS G 212 -67.93 47.06 29.88
CA LYS G 212 -68.32 47.44 31.23
C LYS G 212 -69.65 46.81 31.57
N ILE G 213 -69.72 46.17 32.73
CA ILE G 213 -70.95 45.51 33.18
C ILE G 213 -71.96 46.57 33.63
N GLU G 214 -73.14 46.55 33.05
CA GLU G 214 -74.19 47.48 33.39
C GLU G 214 -75.42 46.74 33.92
N PRO G 215 -76.08 47.26 34.96
CA PRO G 215 -77.25 46.58 35.51
C PRO G 215 -78.43 46.57 34.55
N ARG G 216 -79.51 45.90 34.92
CA ARG G 216 -80.69 45.80 34.07
C ARG G 216 -81.82 46.66 34.61
N ASP H 1 -52.90 -6.56 23.70
CA ASP H 1 -52.07 -5.66 24.50
C ASP H 1 -52.38 -5.82 25.99
N ILE H 2 -51.42 -5.44 26.83
CA ILE H 2 -51.58 -5.57 28.27
C ILE H 2 -52.41 -4.40 28.78
N LEU H 3 -53.51 -4.70 29.45
CA LEU H 3 -54.38 -3.69 30.02
C LEU H 3 -53.91 -3.33 31.42
N MET H 4 -53.75 -2.03 31.68
CA MET H 4 -53.27 -1.53 32.97
C MET H 4 -54.44 -0.84 33.68
N THR H 5 -55.05 -1.55 34.62
CA THR H 5 -56.17 -1.02 35.39
C THR H 5 -55.63 -0.36 36.65
N GLN H 6 -55.63 0.96 36.68
CA GLN H 6 -55.10 1.74 37.79
C GLN H 6 -56.25 2.24 38.66
N SER H 7 -56.10 2.10 39.97
CA SER H 7 -57.12 2.48 40.93
C SER H 7 -56.47 3.09 42.16
N PRO H 8 -57.13 4.07 42.81
CA PRO H 8 -58.41 4.63 42.39
C PRO H 8 -58.27 5.74 41.35
N SER H 9 -59.39 6.18 40.78
CA SER H 9 -59.33 7.27 39.81
C SER H 9 -58.95 8.59 40.47
N SER H 10 -59.26 8.76 41.75
CA SER H 10 -58.94 9.96 42.50
C SER H 10 -59.15 9.67 43.98
N MET H 11 -58.54 10.51 44.82
CA MET H 11 -58.68 10.37 46.27
C MET H 11 -58.52 11.73 46.92
N SER H 12 -59.32 11.98 47.95
CA SER H 12 -59.28 13.22 48.72
C SER H 12 -58.57 12.96 50.04
N VAL H 13 -57.39 13.56 50.21
CA VAL H 13 -56.53 13.31 51.36
C VAL H 13 -55.91 14.62 51.81
N SER H 14 -55.18 14.57 52.92
CA SER H 14 -54.62 15.74 53.56
C SER H 14 -53.10 15.60 53.69
N LEU H 15 -52.47 16.71 54.04
CA LEU H 15 -51.02 16.74 54.24
C LEU H 15 -50.62 15.82 55.39
N GLY H 16 -49.56 15.03 55.17
CA GLY H 16 -49.07 14.11 56.16
C GLY H 16 -49.67 12.72 56.10
N ASP H 17 -50.67 12.51 55.25
CA ASP H 17 -51.28 11.19 55.14
C ASP H 17 -50.36 10.22 54.42
N THR H 18 -50.61 8.92 54.65
CA THR H 18 -49.91 7.85 53.97
C THR H 18 -50.91 7.16 53.04
N VAL H 19 -50.75 7.37 51.74
CA VAL H 19 -51.70 6.89 50.75
C VAL H 19 -51.01 5.86 49.86
N SER H 20 -51.83 5.11 49.13
CA SER H 20 -51.34 4.02 48.28
C SER H 20 -52.16 3.95 47.01
N ILE H 21 -51.49 4.03 45.86
CA ILE H 21 -52.11 3.86 44.55
C ILE H 21 -51.76 2.46 44.05
N THR H 22 -52.75 1.77 43.49
CA THR H 22 -52.55 0.41 43.00
C THR H 22 -52.73 0.37 41.48
N CYS H 23 -52.11 -0.65 40.87
CA CYS H 23 -52.13 -0.83 39.42
C CYS H 23 -52.17 -2.33 39.14
N HIS H 24 -53.17 -2.77 38.39
CA HIS H 24 -53.38 -4.18 38.09
C HIS H 24 -53.26 -4.40 36.60
N ALA H 25 -52.42 -5.35 36.21
CA ALA H 25 -52.23 -5.70 34.81
C ALA H 25 -53.10 -6.90 34.45
N SER H 26 -53.32 -7.07 33.14
CA SER H 26 -54.08 -8.21 32.64
C SER H 26 -53.27 -9.48 32.61
N GLN H 27 -51.97 -9.41 32.93
CA GLN H 27 -51.11 -10.58 32.98
C GLN H 27 -49.86 -10.21 33.77
N GLY H 28 -49.09 -11.23 34.16
CA GLY H 28 -47.85 -10.98 34.86
C GLY H 28 -46.90 -10.13 34.02
N ILE H 29 -46.23 -9.21 34.70
CA ILE H 29 -45.23 -8.35 34.06
C ILE H 29 -43.91 -8.33 34.80
N SER H 30 -43.78 -9.06 35.91
CA SER H 30 -42.53 -9.24 36.63
C SER H 30 -41.79 -7.92 36.87
N SER H 31 -42.46 -7.03 37.59
CA SER H 31 -41.91 -5.77 38.08
C SER H 31 -41.47 -4.83 36.97
N ASN H 32 -41.79 -5.13 35.71
CA ASN H 32 -41.44 -4.24 34.60
C ASN H 32 -42.46 -3.10 34.50
N ILE H 33 -42.52 -2.32 35.57
CA ILE H 33 -43.53 -1.26 35.71
C ILE H 33 -42.84 0.02 36.18
N GLY H 34 -43.30 1.15 35.67
CA GLY H 34 -42.82 2.45 36.11
C GLY H 34 -43.94 3.31 36.64
N TRP H 35 -43.61 4.27 37.49
CA TRP H 35 -44.58 5.20 38.06
C TRP H 35 -44.21 6.63 37.68
N LEU H 36 -45.21 7.42 37.33
CA LEU H 36 -45.01 8.76 36.80
C LEU H 36 -45.81 9.77 37.60
N GLN H 37 -45.36 11.02 37.54
CA GLN H 37 -46.02 12.14 38.20
C GLN H 37 -46.14 13.30 37.23
N GLN H 38 -47.31 13.92 37.20
CA GLN H 38 -47.57 15.10 36.37
C GLN H 38 -48.22 16.17 37.23
N LYS H 39 -47.43 17.16 37.64
CA LYS H 39 -47.97 18.26 38.42
C LYS H 39 -48.91 19.10 37.55
N PRO H 40 -49.89 19.78 38.16
CA PRO H 40 -50.90 20.52 37.38
C PRO H 40 -50.32 21.46 36.32
N GLY H 41 -50.72 21.23 35.07
CA GLY H 41 -50.27 22.06 33.97
C GLY H 41 -48.78 22.01 33.71
N LYS H 42 -48.17 20.84 33.87
CA LYS H 42 -46.73 20.68 33.64
C LYS H 42 -46.48 19.32 33.02
N SER H 43 -45.20 19.05 32.71
CA SER H 43 -44.80 17.80 32.07
C SER H 43 -44.73 16.66 33.08
N PHE H 44 -44.09 15.56 32.69
CA PHE H 44 -44.01 14.36 33.52
C PHE H 44 -42.65 14.25 34.18
N MET H 45 -42.64 13.62 35.36
CA MET H 45 -41.43 13.30 36.09
C MET H 45 -41.48 11.84 36.50
N GLY H 46 -40.41 11.11 36.23
CA GLY H 46 -40.36 9.70 36.59
C GLY H 46 -40.13 9.52 38.09
N LEU H 47 -40.91 8.62 38.69
CA LEU H 47 -40.79 8.30 40.10
C LEU H 47 -40.10 6.96 40.33
N ILE H 48 -40.64 5.89 39.77
CA ILE H 48 -40.17 4.54 40.00
C ILE H 48 -39.91 3.87 38.66
N TYR H 49 -38.87 3.05 38.59
CA TYR H 49 -38.66 2.16 37.47
C TYR H 49 -38.34 0.76 37.99
N TYR H 50 -38.70 -0.25 37.19
CA TYR H 50 -38.55 -1.65 37.58
C TYR H 50 -39.21 -1.93 38.94
N GLY H 51 -40.41 -1.37 39.12
CA GLY H 51 -41.23 -1.71 40.26
C GLY H 51 -40.87 -1.05 41.58
N THR H 52 -39.59 -0.97 41.90
CA THR H 52 -39.17 -0.50 43.23
C THR H 52 -38.07 0.54 43.23
N ASN H 53 -37.40 0.79 42.10
CA ASN H 53 -36.19 1.62 42.08
C ASN H 53 -36.56 3.09 41.91
N LEU H 54 -36.13 3.91 42.86
CA LEU H 54 -36.38 5.35 42.80
C LEU H 54 -35.57 5.99 41.67
N VAL H 55 -36.23 6.87 40.92
CA VAL H 55 -35.51 7.69 39.94
C VAL H 55 -34.63 8.70 40.69
N ASP H 56 -33.46 8.98 40.13
CA ASP H 56 -32.52 9.89 40.79
C ASP H 56 -33.15 11.26 41.02
N GLY H 57 -33.13 11.70 42.28
CA GLY H 57 -33.70 12.96 42.68
C GLY H 57 -35.04 12.86 43.39
N VAL H 58 -35.69 11.70 43.32
CA VAL H 58 -37.01 11.51 43.91
C VAL H 58 -36.86 11.30 45.42
N PRO H 59 -37.69 11.95 46.24
CA PRO H 59 -37.60 11.74 47.69
C PRO H 59 -37.91 10.30 48.06
N SER H 60 -37.37 9.90 49.22
CA SER H 60 -37.55 8.53 49.72
C SER H 60 -38.94 8.26 50.27
N ARG H 61 -39.75 9.31 50.50
CA ARG H 61 -41.12 9.07 50.94
C ARG H 61 -41.94 8.36 49.88
N PHE H 62 -41.52 8.41 48.62
CA PHE H 62 -42.11 7.59 47.58
C PHE H 62 -41.52 6.18 47.64
N SER H 63 -42.35 5.19 47.32
CA SER H 63 -41.90 3.81 47.30
C SER H 63 -42.86 2.98 46.45
N GLY H 64 -42.30 2.02 45.73
CA GLY H 64 -43.09 1.11 44.92
C GLY H 64 -42.89 -0.32 45.38
N SER H 65 -43.92 -1.14 45.17
CA SER H 65 -43.88 -2.54 45.59
C SER H 65 -44.88 -3.32 44.75
N GLY H 66 -44.87 -4.63 44.94
CA GLY H 66 -45.74 -5.53 44.21
C GLY H 66 -44.96 -6.50 43.35
N SER H 67 -45.70 -7.48 42.83
CA SER H 67 -45.12 -8.51 41.98
C SER H 67 -46.22 -9.10 41.12
N GLY H 68 -45.82 -9.96 40.19
CA GLY H 68 -46.75 -10.61 39.29
C GLY H 68 -47.54 -9.64 38.43
N ALA H 69 -48.80 -9.40 38.81
CA ALA H 69 -49.67 -8.50 38.06
C ALA H 69 -50.28 -7.40 38.93
N ASP H 70 -49.84 -7.26 40.17
CA ASP H 70 -50.42 -6.31 41.12
C ASP H 70 -49.30 -5.52 41.77
N TYR H 71 -49.33 -4.19 41.62
CA TYR H 71 -48.27 -3.33 42.09
C TYR H 71 -48.89 -2.12 42.79
N SER H 72 -48.06 -1.38 43.52
CA SER H 72 -48.55 -0.28 44.33
C SER H 72 -47.51 0.83 44.42
N LEU H 73 -47.99 2.06 44.46
CA LEU H 73 -47.18 3.24 44.73
C LEU H 73 -47.65 3.87 46.03
N THR H 74 -46.73 4.07 46.96
CA THR H 74 -47.04 4.56 48.29
C THR H 74 -46.28 5.85 48.56
N ILE H 75 -46.97 6.82 49.18
CA ILE H 75 -46.39 8.10 49.55
C ILE H 75 -46.61 8.30 51.04
N SER H 76 -45.54 8.19 51.82
CA SER H 76 -45.61 8.39 53.26
C SER H 76 -45.47 9.87 53.58
N SER H 77 -46.41 10.39 54.37
CA SER H 77 -46.44 11.80 54.76
C SER H 77 -46.50 12.70 53.53
N LEU H 78 -47.70 12.97 53.04
CA LEU H 78 -47.87 13.74 51.82
C LEU H 78 -47.37 15.18 52.00
N ASP H 79 -46.69 15.68 50.97
CA ASP H 79 -46.24 17.06 50.91
C ASP H 79 -47.18 17.87 50.02
N SER H 80 -47.13 19.19 50.17
CA SER H 80 -47.97 20.06 49.36
C SER H 80 -47.69 19.93 47.86
N GLU H 81 -46.49 19.48 47.49
CA GLU H 81 -46.16 19.28 46.09
C GLU H 81 -46.66 17.94 45.56
N ASP H 82 -47.02 17.01 46.44
CA ASP H 82 -47.42 15.67 46.01
C ASP H 82 -48.82 15.63 45.40
N PHE H 83 -49.63 16.66 45.58
CA PHE H 83 -50.98 16.69 45.02
C PHE H 83 -50.87 16.91 43.51
N ALA H 84 -51.01 15.84 42.74
CA ALA H 84 -50.86 15.88 41.29
C ALA H 84 -51.45 14.61 40.70
N ASP H 85 -51.22 14.39 39.42
CA ASP H 85 -51.65 13.18 38.72
C ASP H 85 -50.55 12.13 38.76
N TYR H 86 -50.94 10.87 38.81
CA TYR H 86 -50.01 9.75 38.85
C TYR H 86 -50.46 8.66 37.89
N TYR H 87 -49.52 8.11 37.14
CA TYR H 87 -49.79 7.08 36.14
C TYR H 87 -48.80 5.93 36.32
N CYS H 88 -49.28 4.71 36.07
CA CYS H 88 -48.40 3.56 35.93
C CYS H 88 -48.22 3.23 34.46
N VAL H 89 -47.09 2.59 34.15
CA VAL H 89 -46.78 2.17 32.78
C VAL H 89 -46.01 0.87 32.84
N GLN H 90 -46.46 -0.11 32.07
CA GLN H 90 -45.77 -1.38 31.94
C GLN H 90 -44.90 -1.35 30.69
N TYR H 91 -43.73 -1.98 30.78
CA TYR H 91 -42.89 -2.17 29.61
C TYR H 91 -42.41 -3.62 29.51
N ALA H 92 -43.22 -4.55 30.05
CA ALA H 92 -42.91 -5.96 29.89
C ALA H 92 -43.12 -6.41 28.45
N GLN H 93 -44.04 -5.76 27.73
CA GLN H 93 -44.34 -6.13 26.35
C GLN H 93 -44.62 -4.87 25.53
N LEU H 94 -44.19 -4.91 24.28
CA LEU H 94 -44.59 -3.89 23.32
C LEU H 94 -45.97 -4.24 22.76
N PRO H 95 -46.87 -3.27 22.61
CA PRO H 95 -46.67 -1.84 22.91
C PRO H 95 -46.75 -1.50 24.39
N TYR H 96 -45.97 -0.52 24.82
CA TYR H 96 -46.10 -0.02 26.18
C TYR H 96 -47.51 0.51 26.40
N THR H 97 -48.07 0.24 27.58
CA THR H 97 -49.41 0.68 27.91
C THR H 97 -49.40 1.36 29.28
N PHE H 98 -50.30 2.32 29.44
CA PHE H 98 -50.35 3.17 30.63
C PHE H 98 -51.63 2.90 31.42
N GLY H 99 -51.55 3.14 32.73
CA GLY H 99 -52.74 3.13 33.55
C GLY H 99 -53.60 4.34 33.31
N GLY H 100 -54.85 4.25 33.77
CA GLY H 100 -55.80 5.32 33.54
C GLY H 100 -55.42 6.63 34.22
N GLY H 101 -54.77 6.55 35.37
CA GLY H 101 -54.36 7.75 36.09
C GLY H 101 -55.02 7.90 37.44
N THR H 102 -54.36 8.63 38.34
CA THR H 102 -54.87 8.85 39.69
C THR H 102 -54.53 10.27 40.10
N LYS H 103 -55.54 11.02 40.54
CA LYS H 103 -55.39 12.42 40.91
C LYS H 103 -55.56 12.56 42.42
N LEU H 104 -54.50 13.01 43.08
CA LEU H 104 -54.54 13.28 44.51
C LEU H 104 -55.06 14.70 44.73
N GLU H 105 -56.16 14.82 45.47
CA GLU H 105 -56.84 16.10 45.67
C GLU H 105 -56.88 16.42 47.16
N ILE H 106 -57.01 17.72 47.45
CA ILE H 106 -56.99 18.21 48.81
C ILE H 106 -58.37 17.98 49.45
N LYS H 107 -58.38 17.37 50.63
CA LYS H 107 -59.61 17.12 51.35
C LYS H 107 -59.96 18.31 52.24
N ARG H 108 -61.26 18.57 52.36
CA ARG H 108 -61.74 19.67 53.20
C ARG H 108 -63.20 19.40 53.56
N ALA H 109 -63.77 20.33 54.33
CA ALA H 109 -65.16 20.21 54.72
C ALA H 109 -66.08 20.51 53.54
N ASP H 110 -67.25 19.88 53.54
CA ASP H 110 -68.20 20.07 52.45
C ASP H 110 -68.68 21.52 52.41
N ALA H 111 -69.08 21.97 51.22
CA ALA H 111 -69.52 23.34 51.03
C ALA H 111 -70.49 23.40 49.86
N ALA H 112 -71.65 24.02 50.09
CA ALA H 112 -72.65 24.14 49.05
C ALA H 112 -72.22 25.20 48.03
N PRO H 113 -72.64 25.06 46.78
CA PRO H 113 -72.24 26.02 45.75
C PRO H 113 -73.08 27.29 45.79
N THR H 114 -72.50 28.36 45.23
CA THR H 114 -73.16 29.64 45.09
C THR H 114 -73.61 29.78 43.64
N VAL H 115 -74.89 29.56 43.40
CA VAL H 115 -75.45 29.54 42.05
C VAL H 115 -75.79 30.96 41.62
N SER H 116 -75.65 31.23 40.33
CA SER H 116 -75.97 32.54 39.77
C SER H 116 -76.31 32.36 38.29
N ILE H 117 -77.49 32.82 37.89
CA ILE H 117 -77.95 32.70 36.52
C ILE H 117 -77.90 34.07 35.85
N PHE H 118 -77.60 34.06 34.54
CA PHE H 118 -77.43 35.30 33.80
C PHE H 118 -78.11 35.21 32.43
N PRO H 119 -79.11 36.06 32.18
CA PRO H 119 -79.81 36.03 30.88
C PRO H 119 -78.91 36.47 29.76
N PRO H 120 -79.33 36.31 28.50
CA PRO H 120 -78.51 36.80 27.39
C PRO H 120 -78.32 38.31 27.45
N SER H 121 -77.13 38.74 27.06
CA SER H 121 -76.84 40.17 27.01
C SER H 121 -77.59 40.81 25.84
N SER H 122 -77.70 42.14 25.89
CA SER H 122 -78.34 42.87 24.81
C SER H 122 -77.55 42.75 23.52
N GLU H 123 -76.22 42.78 23.61
CA GLU H 123 -75.38 42.71 22.42
C GLU H 123 -75.57 41.39 21.68
N GLN H 124 -75.63 40.28 22.41
CA GLN H 124 -75.76 38.97 21.77
C GLN H 124 -77.13 38.81 21.12
N LEU H 125 -78.18 39.31 21.78
CA LEU H 125 -79.53 39.20 21.22
C LEU H 125 -79.66 39.96 19.90
N THR H 126 -79.05 41.15 19.83
CA THR H 126 -79.10 41.93 18.60
C THR H 126 -78.31 41.28 17.47
N SER H 127 -77.40 40.36 17.77
CA SER H 127 -76.65 39.65 16.75
C SER H 127 -77.34 38.38 16.25
N GLY H 128 -78.36 37.91 16.97
CA GLY H 128 -79.08 36.72 16.58
C GLY H 128 -78.83 35.49 17.43
N GLY H 129 -78.20 35.64 18.60
CA GLY H 129 -77.94 34.52 19.47
C GLY H 129 -78.49 34.78 20.88
N ALA H 130 -78.48 33.73 21.69
CA ALA H 130 -79.00 33.83 23.05
C ALA H 130 -78.34 32.75 23.89
N SER H 131 -77.55 33.16 24.88
CA SER H 131 -76.82 32.24 25.74
C SER H 131 -77.15 32.55 27.20
N VAL H 132 -77.74 31.59 27.89
CA VAL H 132 -78.00 31.70 29.32
C VAL H 132 -76.84 31.02 30.06
N VAL H 133 -76.22 31.77 30.97
CA VAL H 133 -75.07 31.29 31.72
C VAL H 133 -75.49 31.00 33.16
N CYS H 134 -74.91 29.96 33.75
CA CYS H 134 -75.21 29.54 35.11
C CYS H 134 -73.88 29.19 35.80
N PHE H 135 -73.47 30.02 36.75
CA PHE H 135 -72.24 29.79 37.50
C PHE H 135 -72.54 29.02 38.78
N LEU H 136 -71.65 28.09 39.12
CA LEU H 136 -71.74 27.30 40.36
C LEU H 136 -70.36 27.34 41.00
N ASN H 137 -70.17 28.24 41.95
CA ASN H 137 -68.84 28.59 42.45
C ASN H 137 -68.61 28.10 43.86
N ASN H 138 -67.37 27.69 44.12
CA ASN H 138 -66.87 27.39 45.47
C ASN H 138 -67.70 26.33 46.18
N PHE H 139 -67.54 25.07 45.78
CA PHE H 139 -68.23 23.97 46.43
C PHE H 139 -67.27 22.81 46.63
N TYR H 140 -67.66 21.90 47.53
CA TYR H 140 -66.88 20.69 47.79
C TYR H 140 -67.85 19.63 48.31
N PRO H 141 -67.73 18.37 47.87
CA PRO H 141 -66.73 17.85 46.93
C PRO H 141 -66.99 18.23 45.47
N LYS H 142 -66.19 17.66 44.56
CA LYS H 142 -66.25 18.06 43.16
C LYS H 142 -67.51 17.54 42.47
N ASP H 143 -68.06 16.43 42.95
CA ASP H 143 -69.18 15.78 42.29
C ASP H 143 -70.41 16.68 42.30
N ILE H 144 -70.91 17.05 41.12
CA ILE H 144 -72.05 17.94 41.01
C ILE H 144 -72.75 17.67 39.68
N ASN H 145 -74.06 17.90 39.67
CA ASN H 145 -74.88 17.71 38.48
C ASN H 145 -75.71 18.95 38.23
N VAL H 146 -75.63 19.48 37.01
CA VAL H 146 -76.42 20.64 36.59
C VAL H 146 -77.52 20.16 35.65
N LYS H 147 -78.69 20.79 35.74
CA LYS H 147 -79.84 20.43 34.92
C LYS H 147 -80.51 21.70 34.46
N TRP H 148 -80.63 21.87 33.14
CA TRP H 148 -81.30 23.03 32.56
C TRP H 148 -82.76 22.71 32.31
N LYS H 149 -83.63 23.67 32.63
CA LYS H 149 -85.07 23.53 32.44
C LYS H 149 -85.61 24.76 31.72
N ILE H 150 -86.32 24.51 30.62
CA ILE H 150 -87.01 25.56 29.87
C ILE H 150 -88.49 25.36 30.07
N ASP H 151 -89.15 26.36 30.67
CA ASP H 151 -90.56 26.26 31.04
C ASP H 151 -90.82 25.01 31.88
N GLY H 152 -89.93 24.76 32.83
CA GLY H 152 -90.03 23.62 33.73
C GLY H 152 -89.57 22.30 33.16
N SER H 153 -89.38 22.20 31.85
CA SER H 153 -89.03 20.94 31.20
C SER H 153 -87.53 20.88 30.93
N GLU H 154 -86.94 19.70 31.17
CA GLU H 154 -85.50 19.55 31.05
C GLU H 154 -85.04 19.76 29.61
N ARG H 155 -83.86 20.35 29.46
CA ARG H 155 -83.25 20.61 28.17
C ARG H 155 -81.81 20.14 28.19
N GLN H 156 -81.43 19.30 27.21
CA GLN H 156 -80.09 18.74 27.17
C GLN H 156 -79.29 19.14 25.94
N ASN H 157 -79.94 19.61 24.88
CA ASN H 157 -79.25 19.97 23.65
C ASN H 157 -78.75 21.41 23.72
N GLY H 158 -77.47 21.60 23.44
CA GLY H 158 -76.88 22.92 23.44
C GLY H 158 -76.30 23.39 24.76
N VAL H 159 -75.93 22.45 25.64
CA VAL H 159 -75.37 22.78 26.95
C VAL H 159 -73.86 22.61 26.89
N LEU H 160 -73.13 23.56 27.46
CA LEU H 160 -71.68 23.60 27.40
C LEU H 160 -71.14 23.85 28.80
N ASN H 161 -70.47 22.86 29.36
CA ASN H 161 -69.99 22.92 30.74
C ASN H 161 -68.48 23.06 30.79
N SER H 162 -67.99 23.60 31.91
CA SER H 162 -66.58 23.83 32.13
C SER H 162 -66.29 23.83 33.62
N TRP H 163 -65.23 23.13 34.03
CA TRP H 163 -64.86 23.00 35.43
C TRP H 163 -63.45 23.54 35.65
N THR H 164 -63.23 24.09 36.84
CA THR H 164 -61.91 24.57 37.25
C THR H 164 -61.22 23.53 38.10
N ASP H 165 -59.89 23.55 38.09
CA ASP H 165 -59.13 22.73 39.00
C ASP H 165 -59.36 23.20 40.43
N GLN H 166 -58.94 22.37 41.39
CA GLN H 166 -59.13 22.70 42.80
C GLN H 166 -58.42 24.01 43.12
N ASP H 167 -59.17 24.95 43.71
CA ASP H 167 -58.63 26.28 43.97
C ASP H 167 -57.45 26.22 44.91
N SER H 168 -56.48 27.11 44.69
CA SER H 168 -55.29 27.13 45.53
C SER H 168 -55.57 27.71 46.90
N LYS H 169 -56.58 28.57 47.02
CA LYS H 169 -56.85 29.24 48.29
C LYS H 169 -57.72 28.38 49.21
N ASP H 170 -58.98 28.16 48.82
CA ASP H 170 -59.95 27.49 49.66
C ASP H 170 -60.12 26.01 49.32
N SER H 171 -59.41 25.51 48.31
CA SER H 171 -59.48 24.09 47.93
C SER H 171 -60.90 23.68 47.54
N THR H 172 -61.62 24.58 46.87
CA THR H 172 -62.96 24.31 46.38
C THR H 172 -62.94 24.20 44.86
N TYR H 173 -64.09 23.82 44.31
CA TYR H 173 -64.27 23.67 42.87
C TYR H 173 -65.37 24.61 42.40
N SER H 174 -65.35 24.92 41.11
CA SER H 174 -66.34 25.79 40.51
C SER H 174 -66.71 25.24 39.13
N MET H 175 -67.90 25.62 38.67
CA MET H 175 -68.44 25.10 37.41
C MET H 175 -69.17 26.20 36.66
N SER H 176 -69.08 26.16 35.34
CA SER H 176 -69.76 27.11 34.46
C SER H 176 -70.56 26.32 33.43
N SER H 177 -71.87 26.54 33.40
CA SER H 177 -72.76 25.89 32.44
C SER H 177 -73.39 26.95 31.56
N THR H 178 -73.42 26.71 30.25
CA THR H 178 -73.90 27.68 29.28
C THR H 178 -74.87 27.00 28.32
N LEU H 179 -76.12 27.46 28.31
CA LEU H 179 -77.13 26.99 27.37
C LEU H 179 -77.25 28.01 26.24
N THR H 180 -76.96 27.58 25.02
CA THR H 180 -76.98 28.46 23.86
C THR H 180 -78.15 28.09 22.96
N LEU H 181 -78.99 29.09 22.67
CA LEU H 181 -80.12 28.93 21.76
C LEU H 181 -80.06 30.02 20.71
N THR H 182 -80.90 29.89 19.69
CA THR H 182 -81.08 30.98 18.75
C THR H 182 -81.94 32.07 19.39
N LYS H 183 -81.90 33.26 18.78
CA LYS H 183 -82.76 34.34 19.26
C LYS H 183 -84.23 33.98 19.11
N ASP H 184 -84.59 33.43 17.96
CA ASP H 184 -85.99 33.09 17.70
C ASP H 184 -86.49 32.03 18.69
N GLU H 185 -85.69 31.00 18.94
CA GLU H 185 -86.11 29.93 19.85
C GLU H 185 -86.10 30.40 21.30
N TYR H 186 -85.20 31.32 21.66
CA TYR H 186 -85.16 31.82 23.03
C TYR H 186 -86.43 32.57 23.40
N GLU H 187 -87.11 33.16 22.42
CA GLU H 187 -88.32 33.93 22.66
C GLU H 187 -89.58 33.08 22.60
N ARG H 188 -89.48 31.81 22.21
CA ARG H 188 -90.63 30.91 22.25
C ARG H 188 -91.00 30.52 23.68
N HIS H 189 -90.14 30.80 24.65
CA HIS H 189 -90.35 30.38 26.03
C HIS H 189 -90.11 31.56 26.97
N ASN H 190 -90.52 31.38 28.21
CA ASN H 190 -90.45 32.43 29.22
C ASN H 190 -89.51 32.10 30.38
N SER H 191 -89.67 30.93 30.99
CA SER H 191 -88.92 30.56 32.18
C SER H 191 -87.64 29.83 31.81
N TYR H 192 -86.55 30.15 32.50
CA TYR H 192 -85.24 29.54 32.28
C TYR H 192 -84.61 29.24 33.62
N THR H 193 -84.25 27.98 33.84
CA THR H 193 -83.84 27.49 35.14
C THR H 193 -82.61 26.58 35.01
N CYS H 194 -81.72 26.66 35.99
CA CYS H 194 -80.64 25.68 36.15
C CYS H 194 -80.67 25.13 37.56
N GLU H 195 -80.80 23.81 37.68
CA GLU H 195 -80.86 23.13 38.98
C GLU H 195 -79.51 22.52 39.30
N ALA H 196 -79.06 22.70 40.53
CA ALA H 196 -77.78 22.20 41.00
C ALA H 196 -78.00 21.10 42.03
N THR H 197 -77.54 19.89 41.73
CA THR H 197 -77.66 18.75 42.63
C THR H 197 -76.30 18.46 43.25
N HIS H 198 -76.22 18.64 44.57
CA HIS H 198 -74.99 18.45 45.32
C HIS H 198 -75.28 17.63 46.56
N LYS H 199 -74.25 16.98 47.10
CA LYS H 199 -74.45 16.16 48.29
C LYS H 199 -74.69 16.98 49.55
N THR H 200 -74.46 18.30 49.49
CA THR H 200 -74.71 19.16 50.64
C THR H 200 -76.19 19.45 50.86
N SER H 201 -77.07 18.95 50.01
CA SER H 201 -78.50 19.20 50.14
C SER H 201 -79.28 18.17 49.33
N THR H 202 -80.28 17.56 49.97
CA THR H 202 -81.14 16.63 49.25
C THR H 202 -82.00 17.36 48.21
N SER H 203 -82.32 18.63 48.48
CA SER H 203 -83.10 19.44 47.54
C SER H 203 -82.16 20.16 46.57
N PRO H 204 -82.44 20.13 45.27
CA PRO H 204 -81.56 20.82 44.32
C PRO H 204 -81.66 22.33 44.47
N ILE H 205 -80.50 22.99 44.42
CA ILE H 205 -80.45 24.45 44.50
C ILE H 205 -80.90 25.01 43.16
N VAL H 206 -81.98 25.79 43.18
CA VAL H 206 -82.65 26.26 41.98
C VAL H 206 -82.44 27.76 41.85
N LYS H 207 -82.10 28.20 40.64
CA LYS H 207 -82.03 29.63 40.30
C LYS H 207 -82.57 29.82 38.90
N SER H 208 -83.41 30.83 38.73
CA SER H 208 -84.13 31.00 37.47
C SER H 208 -84.54 32.46 37.30
N PHE H 209 -85.03 32.77 36.10
CA PHE H 209 -85.56 34.08 35.77
C PHE H 209 -86.62 33.90 34.69
N ASN H 210 -87.33 34.99 34.39
CA ASN H 210 -88.35 35.00 33.35
C ASN H 210 -87.99 36.05 32.32
N ARG H 211 -88.08 35.67 31.04
CA ARG H 211 -87.84 36.60 29.95
C ARG H 211 -88.84 37.76 30.02
N ASN H 212 -88.44 38.90 29.45
CA ASN H 212 -89.20 40.15 29.46
C ASN H 212 -89.34 40.69 30.89
N GLU H 213 -89.82 39.85 31.80
CA GLU H 213 -90.01 40.27 33.19
C GLU H 213 -88.68 40.56 33.86
N CYS H 214 -88.63 41.66 34.61
CA CYS H 214 -87.48 41.99 35.45
C CYS H 214 -87.90 42.98 36.53
#